data_6QZV
#
_entry.id   6QZV
#
_cell.length_a   119.516
_cell.length_b   117.219
_cell.length_c   163.401
_cell.angle_alpha   90.00
_cell.angle_beta   105.72
_cell.angle_gamma   90.00
#
_symmetry.space_group_name_H-M   'P 1 21 1'
#
loop_
_entity.id
_entity.type
_entity.pdbx_description
1 polymer 'Dipeptidyl peptidase 9'
2 polymer MET-PRO
3 water water
#
loop_
_entity_poly.entity_id
_entity_poly.type
_entity_poly.pdbx_seq_one_letter_code
_entity_poly.pdbx_strand_id
1 'polypeptide(L)'
;MRKVKKLRLDKENTGSWRSFSLNSEGAERMATTGTPTADRGDAAATDDPAARFQVQKHSWDGLRSIIHGSRKYSGLIVNK
APHDFQFVQKTDESGPHSHRLYYLGMPYGSRENSLLYSEIPKKVRKEALLLLSWKQMLDHFQATPHHGVYSREEELLRER
KRLGVFGITSYDFHSESGLFLFQASNSLFHCRDGGKNGFMVSPMKPLEIKTQCSGPRMDPKICPADPAFFSFINNSDLWV
ANIETGEERRLTFCHQGLSNVLDDPKSAGVATFVIQEEFDRFTGYWWCPTASWEGSEGLKTLRILYEEVDESEVEVIHVP
SPALEERKTDSYRYPRTGSKNPKIALKLAEFQTDSQGKIVSTQEKELVQPFSSLFPKVEYIARAGWTRDGKYAWAMFLDR
PQQWLQLVLLPPALFIPSTENEEQRLASARAVPRNVQPYVVYEEVTNVWINVHDIFYPFPQSEGEDELCFLRANECKTGF
CHLYKVTAVLKSQGYDWSEPFSPGEDEFKCPIKEEIALTSGEWEVLARHGSKIWVNEETKLVYFQGTKDTPLEHHLYVVS
YEAAGEIVRLTTPGFSHSCSMSQNFDMFVSHYSSVSTPPCVHVYKLSGPDDDPLHKQPRFWASMMEAASCPPDYVPPEIF
HFHTRSDVRLYGMIYKPHALQPGKKHPTVLFVYGGPQVQLVNNSFKGIKYLRLNTLASLGYAVVVIDGRGSCQRGLRFEG
ALKNQMGQVEIEDQVEGLQFVAEKYGFIDLSRVAIHGWSYGGFLSLMGLIHKPQVFKVAIAGAPVTVWMAYDTGYTERYM
DVPENNQHGYEAGSVALHVEKLPNEPNRLLILHGFLDENVHFFHTNFLVSQLIRAGKPYQLQIYPNERHSIRCPESGEHY
EVTLLHFLQEYLHHHHHH
;
A,B,C,D
2 'polypeptide(L)' MP E,F,G,H
#
# COMPACT_ATOMS: atom_id res chain seq x y z
N ALA A 50 65.49 -25.94 -56.58
CA ALA A 50 64.89 -25.64 -55.26
C ALA A 50 65.30 -26.73 -54.24
N ALA A 51 65.82 -26.30 -53.07
CA ALA A 51 66.05 -27.18 -51.91
C ALA A 51 65.09 -26.80 -50.78
N ARG A 52 63.98 -26.14 -51.14
CA ARG A 52 62.92 -25.73 -50.18
C ARG A 52 61.95 -26.89 -49.93
N PHE A 53 61.96 -27.45 -48.72
CA PHE A 53 61.04 -28.58 -48.39
C PHE A 53 59.61 -28.12 -48.62
N GLN A 54 58.76 -29.00 -49.17
CA GLN A 54 57.33 -28.66 -49.36
C GLN A 54 56.46 -29.65 -48.57
N VAL A 55 55.67 -29.14 -47.60
CA VAL A 55 54.78 -30.02 -46.80
C VAL A 55 53.77 -30.66 -47.76
N GLN A 56 53.46 -31.94 -47.59
CA GLN A 56 52.43 -32.60 -48.45
C GLN A 56 51.10 -31.84 -48.28
N LYS A 57 50.42 -31.55 -49.38
CA LYS A 57 49.10 -30.87 -49.33
C LYS A 57 48.03 -31.96 -49.15
N HIS A 58 47.48 -32.05 -47.94
CA HIS A 58 46.40 -33.03 -47.62
C HIS A 58 45.03 -32.38 -47.80
N SER A 59 44.06 -33.17 -48.29
CA SER A 59 42.62 -32.81 -48.28
C SER A 59 42.18 -32.51 -46.83
N TRP A 60 40.99 -31.94 -46.63
CA TRP A 60 40.54 -31.60 -45.25
C TRP A 60 40.31 -32.91 -44.47
N ASP A 61 39.68 -33.91 -45.09
CA ASP A 61 39.51 -35.25 -44.44
C ASP A 61 40.88 -35.82 -44.08
N GLY A 62 41.86 -35.63 -44.98
CA GLY A 62 43.25 -36.09 -44.75
C GLY A 62 43.83 -35.54 -43.44
N LEU A 63 43.74 -34.22 -43.24
CA LEU A 63 44.29 -33.58 -42.02
C LEU A 63 43.48 -34.03 -40.79
N ARG A 64 42.17 -34.22 -40.93
CA ARG A 64 41.36 -34.71 -39.78
C ARG A 64 41.87 -36.09 -39.35
N SER A 65 42.23 -36.94 -40.32
CA SER A 65 42.68 -38.33 -40.00
C SER A 65 44.10 -38.32 -39.43
N ILE A 66 44.93 -37.34 -39.85
CA ILE A 66 46.28 -37.16 -39.24
C ILE A 66 46.11 -36.75 -37.78
N ILE A 67 45.48 -35.59 -37.53
CA ILE A 67 45.31 -35.09 -36.13
C ILE A 67 44.68 -36.20 -35.29
N HIS A 68 43.59 -36.82 -35.78
CA HIS A 68 42.91 -37.91 -35.03
C HIS A 68 43.90 -39.04 -34.70
N GLY A 69 44.80 -39.35 -35.64
CA GLY A 69 45.87 -40.33 -35.39
C GLY A 69 46.73 -39.93 -34.20
N SER A 70 47.35 -38.74 -34.26
CA SER A 70 48.36 -38.32 -33.24
C SER A 70 47.78 -38.41 -31.83
N ARG A 71 46.47 -38.15 -31.66
CA ARG A 71 45.81 -38.15 -30.33
C ARG A 71 45.17 -39.51 -30.07
N LYS A 72 45.96 -40.60 -30.03
CA LYS A 72 45.44 -41.93 -29.62
C LYS A 72 46.24 -42.39 -28.40
N ALA A 81 48.73 -37.54 -13.29
CA ALA A 81 49.84 -37.99 -12.41
C ALA A 81 49.47 -37.74 -10.94
N PRO A 82 49.65 -38.73 -10.04
CA PRO A 82 49.29 -38.57 -8.62
C PRO A 82 49.67 -37.19 -8.07
N HIS A 83 48.72 -36.54 -7.40
CA HIS A 83 48.94 -35.18 -6.84
C HIS A 83 48.13 -35.05 -5.55
N ASP A 84 48.29 -33.92 -4.84
CA ASP A 84 47.60 -33.71 -3.54
C ASP A 84 47.92 -34.89 -2.61
N PHE A 85 49.21 -35.11 -2.32
CA PHE A 85 49.65 -36.28 -1.50
C PHE A 85 49.43 -36.01 -0.02
N GLN A 86 49.05 -37.04 0.74
CA GLN A 86 48.98 -36.95 2.23
C GLN A 86 49.66 -38.17 2.84
N PHE A 87 50.79 -37.97 3.51
CA PHE A 87 51.54 -39.06 4.20
C PHE A 87 50.95 -39.33 5.58
N VAL A 88 50.71 -40.60 5.92
CA VAL A 88 50.22 -40.99 7.28
C VAL A 88 51.04 -42.19 7.77
N GLN A 89 51.40 -42.20 9.06
CA GLN A 89 52.29 -43.24 9.65
C GLN A 89 51.44 -44.38 10.22
N LYS A 90 52.08 -45.39 10.82
CA LYS A 90 51.33 -46.53 11.46
C LYS A 90 52.05 -46.94 12.75
N SER A 94 51.37 -52.43 14.17
CA SER A 94 52.32 -52.22 13.04
C SER A 94 52.67 -53.57 12.38
N GLY A 95 52.54 -53.65 11.05
CA GLY A 95 52.86 -54.86 10.27
C GLY A 95 53.80 -54.57 9.10
N PRO A 96 53.42 -54.94 7.85
CA PRO A 96 54.34 -54.84 6.70
C PRO A 96 54.49 -53.44 6.07
N HIS A 97 53.49 -52.57 6.23
CA HIS A 97 53.49 -51.21 5.63
C HIS A 97 53.84 -50.16 6.69
N SER A 98 54.75 -49.23 6.36
CA SER A 98 55.21 -48.17 7.30
C SER A 98 54.27 -46.97 7.26
N HIS A 99 53.98 -46.48 6.05
CA HIS A 99 53.07 -45.33 5.84
C HIS A 99 51.85 -45.74 5.01
N ARG A 100 50.94 -44.79 4.77
CA ARG A 100 49.95 -44.88 3.67
C ARG A 100 49.91 -43.52 2.96
N LEU A 101 50.28 -43.49 1.68
CA LEU A 101 50.20 -42.23 0.89
C LEU A 101 48.79 -42.10 0.31
N TYR A 102 48.01 -41.15 0.82
CA TYR A 102 46.71 -40.79 0.18
C TYR A 102 46.99 -39.78 -0.93
N TYR A 103 46.23 -39.82 -2.03
CA TYR A 103 46.44 -38.84 -3.13
C TYR A 103 45.23 -38.79 -4.08
N LEU A 104 45.22 -37.78 -4.95
CA LEU A 104 44.26 -37.74 -6.08
C LEU A 104 44.95 -38.30 -7.33
N GLY A 105 44.24 -39.12 -8.11
CA GLY A 105 44.80 -39.68 -9.35
C GLY A 105 43.72 -40.13 -10.31
N MET A 106 44.06 -40.29 -11.59
CA MET A 106 43.06 -40.68 -12.62
C MET A 106 43.55 -41.97 -13.30
N PRO A 107 43.34 -43.16 -12.69
CA PRO A 107 43.89 -44.40 -13.23
C PRO A 107 43.33 -44.73 -14.63
N TYR A 108 44.21 -45.18 -15.53
CA TYR A 108 43.86 -45.43 -16.96
C TYR A 108 42.64 -46.35 -17.04
N ARG A 111 39.69 -42.45 -16.70
CA ARG A 111 38.23 -42.34 -16.42
C ARG A 111 37.93 -40.96 -15.82
N GLU A 112 38.35 -40.73 -14.57
CA GLU A 112 38.11 -39.45 -13.84
C GLU A 112 39.03 -39.38 -12.61
N ASN A 113 39.35 -38.16 -12.16
CA ASN A 113 40.26 -37.96 -11.00
C ASN A 113 39.54 -38.44 -9.73
N SER A 114 40.21 -39.21 -8.87
CA SER A 114 39.53 -39.83 -7.70
C SER A 114 40.50 -39.99 -6.51
N LEU A 115 39.95 -40.26 -5.32
CA LEU A 115 40.76 -40.41 -4.08
C LEU A 115 41.37 -41.81 -4.03
N LEU A 116 42.70 -41.89 -4.08
CA LEU A 116 43.42 -43.19 -4.11
C LEU A 116 44.35 -43.27 -2.90
N TYR A 117 44.93 -44.46 -2.66
CA TYR A 117 45.97 -44.62 -1.62
C TYR A 117 46.96 -45.71 -2.06
N SER A 118 48.25 -45.50 -1.78
CA SER A 118 49.27 -46.57 -1.95
C SER A 118 49.75 -47.00 -0.55
N GLU A 119 50.41 -48.16 -0.47
CA GLU A 119 50.81 -48.77 0.82
C GLU A 119 52.34 -48.85 0.90
N ILE A 120 52.98 -47.84 1.47
CA ILE A 120 54.48 -47.76 1.49
C ILE A 120 55.01 -48.89 2.38
N PRO A 121 55.68 -49.93 1.82
CA PRO A 121 56.08 -51.10 2.59
C PRO A 121 57.50 -51.03 3.17
N LYS A 122 58.04 -52.18 3.58
CA LYS A 122 59.48 -52.30 3.96
C LYS A 122 60.09 -53.51 3.23
N LEU A 130 60.22 -52.40 -7.61
CA LEU A 130 58.98 -52.39 -6.78
C LEU A 130 58.08 -51.22 -7.21
N LEU A 131 56.83 -51.52 -7.60
CA LEU A 131 55.86 -50.49 -8.07
C LEU A 131 54.63 -50.53 -7.15
N LEU A 132 54.19 -49.36 -6.64
CA LEU A 132 53.04 -49.32 -5.70
C LEU A 132 51.73 -49.42 -6.49
N SER A 133 50.78 -50.21 -5.98
CA SER A 133 49.41 -50.28 -6.56
C SER A 133 48.62 -49.04 -6.15
N TRP A 134 47.79 -48.53 -7.06
CA TRP A 134 46.83 -47.43 -6.75
C TRP A 134 45.51 -48.05 -6.27
N LYS A 135 45.30 -48.08 -4.96
CA LYS A 135 44.08 -48.71 -4.38
C LYS A 135 42.93 -47.70 -4.42
N GLN A 136 41.71 -48.20 -4.67
CA GLN A 136 40.50 -47.33 -4.69
C GLN A 136 40.09 -47.03 -3.24
N MET A 137 39.91 -45.74 -2.91
CA MET A 137 39.41 -45.35 -1.57
C MET A 137 37.88 -45.19 -1.62
N LEU A 138 37.32 -44.82 -2.77
CA LEU A 138 35.84 -44.68 -2.92
C LEU A 138 35.28 -45.76 -3.85
N ASP A 139 34.18 -46.39 -3.44
CA ASP A 139 33.63 -47.60 -4.14
C ASP A 139 32.66 -47.15 -5.24
N HIS A 140 32.97 -47.52 -6.49
CA HIS A 140 32.06 -47.30 -7.66
C HIS A 140 31.40 -45.91 -7.56
N PHE A 141 32.19 -44.88 -7.26
CA PHE A 141 31.65 -43.51 -7.01
C PHE A 141 32.01 -42.61 -8.19
N GLN A 142 30.99 -41.94 -8.76
CA GLN A 142 31.18 -40.88 -9.79
C GLN A 142 31.13 -39.51 -9.10
N ALA A 143 32.21 -38.72 -9.23
CA ALA A 143 32.34 -37.44 -8.51
C ALA A 143 32.00 -36.26 -9.42
N THR A 144 31.73 -36.52 -10.71
CA THR A 144 31.43 -35.45 -11.71
C THR A 144 29.96 -35.54 -12.10
N PRO A 145 29.24 -34.41 -12.30
CA PRO A 145 27.79 -34.43 -12.54
C PRO A 145 27.45 -34.95 -13.94
N HIS A 146 26.19 -34.88 -14.34
CA HIS A 146 25.75 -35.33 -15.69
C HIS A 146 26.74 -34.85 -16.76
N HIS A 147 27.33 -35.78 -17.52
CA HIS A 147 28.43 -35.48 -18.48
C HIS A 147 29.49 -34.61 -17.78
N GLY A 148 29.69 -33.36 -18.21
CA GLY A 148 30.56 -32.40 -17.49
C GLY A 148 29.76 -31.18 -17.05
N VAL A 149 28.43 -31.31 -16.94
CA VAL A 149 27.52 -30.15 -16.69
C VAL A 149 27.70 -29.73 -15.22
N TYR A 150 28.59 -28.75 -14.98
CA TYR A 150 28.86 -28.24 -13.61
C TYR A 150 27.90 -27.08 -13.29
N SER A 151 27.83 -26.65 -12.03
CA SER A 151 27.14 -25.38 -11.70
C SER A 151 27.94 -24.22 -12.29
N ARG A 152 27.38 -23.00 -12.32
CA ARG A 152 28.12 -21.87 -12.93
C ARG A 152 29.26 -21.44 -12.01
N GLU A 153 29.03 -21.43 -10.69
CA GLU A 153 30.04 -20.96 -9.72
C GLU A 153 31.25 -21.91 -9.70
N GLU A 154 31.01 -23.23 -9.73
CA GLU A 154 32.12 -24.22 -9.63
C GLU A 154 32.93 -24.25 -10.93
N GLU A 155 32.26 -24.19 -12.08
CA GLU A 155 32.97 -24.32 -13.39
C GLU A 155 33.83 -23.07 -13.63
N LEU A 156 33.49 -21.93 -13.02
CA LEU A 156 34.39 -20.74 -13.11
C LEU A 156 35.57 -20.95 -12.14
N LEU A 157 35.28 -21.36 -10.89
CA LEU A 157 36.34 -21.85 -9.94
C LEU A 157 37.27 -22.83 -10.69
N ARG A 158 36.72 -23.64 -11.61
CA ARG A 158 37.52 -24.65 -12.37
C ARG A 158 38.28 -24.00 -13.52
N GLU A 159 37.79 -22.90 -14.09
CA GLU A 159 38.56 -22.19 -15.16
C GLU A 159 39.66 -21.36 -14.49
N ARG A 160 39.38 -20.76 -13.33
CA ARG A 160 40.36 -19.85 -12.67
C ARG A 160 41.54 -20.67 -12.14
N LYS A 161 41.32 -21.94 -11.77
CA LYS A 161 42.45 -22.82 -11.38
C LYS A 161 43.00 -23.50 -12.65
N ARG A 162 42.45 -23.18 -13.82
CA ARG A 162 42.84 -23.82 -15.10
C ARG A 162 42.78 -25.35 -14.93
N LEU A 163 41.65 -25.87 -14.44
CA LEU A 163 41.49 -27.29 -14.06
C LEU A 163 40.73 -28.04 -15.17
N GLY A 164 41.38 -29.02 -15.82
CA GLY A 164 40.77 -29.74 -16.96
C GLY A 164 40.64 -31.24 -16.72
N VAL A 165 40.13 -31.62 -15.54
CA VAL A 165 39.91 -33.06 -15.21
C VAL A 165 38.56 -33.21 -14.49
N PHE A 166 37.70 -34.12 -14.97
CA PHE A 166 36.41 -34.40 -14.29
C PHE A 166 36.68 -35.27 -13.04
N GLY A 167 35.92 -35.03 -11.96
CA GLY A 167 36.05 -35.82 -10.72
C GLY A 167 36.51 -34.97 -9.54
N ILE A 168 37.13 -35.59 -8.52
CA ILE A 168 37.59 -34.87 -7.30
C ILE A 168 38.92 -34.17 -7.61
N THR A 169 38.97 -32.85 -7.40
CA THR A 169 40.10 -31.99 -7.85
C THR A 169 40.84 -31.45 -6.62
N SER A 170 40.07 -30.97 -5.64
CA SER A 170 40.64 -30.44 -4.38
C SER A 170 39.91 -31.12 -3.21
N TYR A 171 40.66 -31.58 -2.21
CA TYR A 171 40.05 -32.23 -1.02
C TYR A 171 40.74 -31.73 0.24
N ASP A 172 40.00 -31.82 1.36
CA ASP A 172 40.51 -31.41 2.68
C ASP A 172 40.68 -32.66 3.55
N PHE A 173 41.68 -32.66 4.42
CA PHE A 173 42.04 -33.86 5.23
C PHE A 173 42.45 -33.42 6.63
N HIS A 174 42.03 -34.17 7.65
CA HIS A 174 42.36 -33.87 9.07
C HIS A 174 43.05 -35.08 9.68
N SER A 175 44.40 -35.06 9.74
CA SER A 175 45.21 -36.27 10.00
C SER A 175 44.80 -36.95 11.32
N GLU A 176 44.62 -36.15 12.39
CA GLU A 176 44.32 -36.72 13.73
C GLU A 176 43.08 -37.61 13.64
N SER A 177 41.96 -37.05 13.16
CA SER A 177 40.67 -37.81 13.07
C SER A 177 40.59 -38.58 11.76
N GLY A 178 41.47 -38.29 10.80
CA GLY A 178 41.48 -39.00 9.50
C GLY A 178 40.29 -38.62 8.63
N LEU A 179 39.80 -37.38 8.79
CA LEU A 179 38.58 -36.91 8.09
C LEU A 179 38.96 -36.43 6.69
N PHE A 180 38.35 -37.02 5.65
CA PHE A 180 38.44 -36.50 4.26
C PHE A 180 37.14 -35.78 3.91
N LEU A 181 37.22 -34.60 3.27
CA LEU A 181 36.01 -33.79 2.93
C LEU A 181 36.24 -33.09 1.59
N PHE A 182 35.27 -33.17 0.67
CA PHE A 182 35.49 -32.72 -0.74
C PHE A 182 34.17 -32.32 -1.41
N GLN A 183 34.20 -31.34 -2.32
CA GLN A 183 33.05 -31.08 -3.24
C GLN A 183 32.89 -32.28 -4.18
N ALA A 184 31.68 -32.83 -4.32
CA ALA A 184 31.43 -33.89 -5.34
C ALA A 184 30.02 -33.72 -5.91
N SER A 185 29.86 -34.08 -7.20
CA SER A 185 28.57 -33.97 -7.94
C SER A 185 27.87 -32.64 -7.63
N ASN A 186 26.75 -32.67 -6.89
CA ASN A 186 26.08 -31.43 -6.41
C ASN A 186 26.74 -31.00 -5.09
N SER A 187 26.69 -31.88 -4.10
CA SER A 187 26.81 -31.48 -2.67
C SER A 187 28.22 -31.79 -2.14
N LEU A 188 28.36 -31.85 -0.81
CA LEU A 188 29.63 -32.24 -0.15
C LEU A 188 29.59 -33.73 0.21
N PHE A 189 30.76 -34.38 0.19
CA PHE A 189 30.89 -35.80 0.58
C PHE A 189 32.10 -35.96 1.52
N HIS A 190 32.15 -37.08 2.25
CA HIS A 190 33.27 -37.34 3.19
C HIS A 190 33.38 -38.84 3.47
N CYS A 191 34.51 -39.25 4.04
CA CYS A 191 34.79 -40.66 4.42
C CYS A 191 35.95 -40.68 5.41
N ARG A 192 35.74 -41.26 6.60
CA ARG A 192 36.84 -41.36 7.58
C ARG A 192 37.77 -42.50 7.15
N ASP A 193 39.05 -42.42 7.52
CA ASP A 193 40.00 -43.56 7.39
C ASP A 193 41.27 -43.24 8.17
N GLY A 194 41.82 -44.24 8.85
CA GLY A 194 43.07 -44.06 9.63
C GLY A 194 42.78 -43.48 11.01
N GLY A 195 43.84 -43.21 11.78
CA GLY A 195 43.72 -42.68 13.15
C GLY A 195 42.97 -43.65 14.06
N LYS A 196 41.87 -43.19 14.66
CA LYS A 196 41.14 -43.96 15.71
C LYS A 196 40.07 -44.84 15.06
N ASN A 197 39.84 -44.67 13.75
CA ASN A 197 38.80 -45.46 13.03
C ASN A 197 39.39 -46.80 12.59
N GLY A 198 40.59 -46.78 12.01
CA GLY A 198 41.24 -47.99 11.46
C GLY A 198 41.43 -47.87 9.96
N PHE A 199 42.35 -48.68 9.39
CA PHE A 199 42.72 -48.56 7.96
C PHE A 199 41.84 -49.50 7.11
N MET A 200 41.33 -48.98 5.98
CA MET A 200 40.46 -49.75 5.05
C MET A 200 41.32 -50.64 4.14
N VAL A 201 40.72 -51.71 3.60
CA VAL A 201 41.39 -52.59 2.59
C VAL A 201 40.49 -52.74 1.35
N SER A 202 39.17 -52.58 1.52
CA SER A 202 38.21 -52.52 0.38
C SER A 202 37.75 -51.07 0.18
N PRO A 203 37.47 -50.63 -1.08
CA PRO A 203 36.99 -49.26 -1.30
C PRO A 203 35.78 -48.90 -0.43
N MET A 204 35.78 -47.68 0.11
CA MET A 204 34.71 -47.21 1.05
C MET A 204 33.62 -46.49 0.25
N LYS A 205 32.40 -46.42 0.80
CA LYS A 205 31.31 -45.61 0.17
C LYS A 205 31.32 -44.23 0.83
N PRO A 206 31.38 -43.12 0.04
CA PRO A 206 31.40 -41.78 0.62
C PRO A 206 30.03 -41.40 1.20
N LEU A 207 30.03 -40.78 2.38
CA LEU A 207 28.76 -40.38 3.06
C LEU A 207 28.33 -39.01 2.54
N GLU A 208 27.03 -38.80 2.33
CA GLU A 208 26.52 -37.45 1.95
C GLU A 208 26.29 -36.62 3.21
N ILE A 209 26.75 -35.35 3.20
CA ILE A 209 26.41 -34.36 4.25
C ILE A 209 25.18 -33.58 3.76
N LYS A 210 23.99 -33.90 4.27
CA LYS A 210 22.74 -33.21 3.87
C LYS A 210 22.90 -31.69 4.06
N THR A 211 22.04 -30.90 3.41
CA THR A 211 22.03 -29.42 3.62
C THR A 211 20.60 -28.89 3.51
N GLN A 212 20.23 -28.01 4.44
CA GLN A 212 18.96 -27.24 4.33
C GLN A 212 19.21 -26.02 3.44
N CYS A 213 20.48 -25.66 3.19
CA CYS A 213 20.81 -24.59 2.20
C CYS A 213 20.29 -25.00 0.82
N SER A 214 20.07 -24.01 -0.06
CA SER A 214 19.45 -24.27 -1.39
C SER A 214 20.54 -24.45 -2.46
N GLY A 215 21.44 -23.48 -2.61
CA GLY A 215 22.38 -23.45 -3.76
C GLY A 215 23.51 -24.47 -3.62
N PRO A 216 24.58 -24.36 -4.44
CA PRO A 216 25.81 -25.14 -4.22
C PRO A 216 26.64 -24.64 -3.02
N ARG A 217 27.47 -25.52 -2.46
CA ARG A 217 28.34 -25.18 -1.31
C ARG A 217 29.81 -25.14 -1.78
N MET A 218 30.33 -23.93 -2.01
CA MET A 218 31.72 -23.74 -2.51
C MET A 218 32.71 -23.85 -1.33
N ASP A 219 33.91 -24.37 -1.58
CA ASP A 219 35.10 -24.17 -0.69
C ASP A 219 34.86 -24.78 0.68
N PRO A 220 34.74 -26.12 0.80
CA PRO A 220 34.63 -26.78 2.10
C PRO A 220 35.99 -26.83 2.81
N LYS A 221 35.99 -26.63 4.13
CA LYS A 221 37.22 -26.79 4.96
C LYS A 221 36.84 -27.31 6.36
N ILE A 222 37.56 -28.31 6.86
CA ILE A 222 37.34 -28.85 8.23
C ILE A 222 37.91 -27.84 9.22
N CYS A 223 37.24 -27.64 10.36
CA CYS A 223 37.83 -26.83 11.47
C CYS A 223 39.04 -27.57 12.03
N PRO A 224 40.26 -27.00 11.95
CA PRO A 224 41.47 -27.69 12.43
C PRO A 224 41.38 -28.06 13.91
N ALA A 225 40.83 -27.17 14.73
CA ALA A 225 40.80 -27.36 16.21
C ALA A 225 39.76 -28.40 16.61
N ASP A 226 38.72 -28.64 15.80
CA ASP A 226 37.67 -29.65 16.13
C ASP A 226 37.09 -30.23 14.84
N PRO A 227 37.30 -31.55 14.57
CA PRO A 227 36.86 -32.15 13.31
C PRO A 227 35.34 -32.44 13.21
N ALA A 228 34.59 -32.20 14.29
CA ALA A 228 33.12 -32.36 14.23
C ALA A 228 32.52 -31.24 13.37
N PHE A 229 33.26 -30.14 13.18
CA PHE A 229 32.74 -28.96 12.43
C PHE A 229 33.49 -28.77 11.11
N PHE A 230 32.88 -28.00 10.21
CA PHE A 230 33.50 -27.64 8.91
C PHE A 230 32.81 -26.39 8.36
N SER A 231 33.40 -25.73 7.36
CA SER A 231 32.84 -24.48 6.79
C SER A 231 32.56 -24.66 5.29
N PHE A 232 31.75 -23.74 4.74
CA PHE A 232 31.55 -23.63 3.27
C PHE A 232 30.91 -22.28 2.95
N ILE A 233 31.14 -21.75 1.75
CA ILE A 233 30.36 -20.57 1.26
C ILE A 233 29.10 -21.12 0.60
N ASN A 234 27.95 -20.50 0.89
CA ASN A 234 26.68 -20.79 0.20
C ASN A 234 25.96 -19.45 -0.07
N ASN A 235 25.80 -19.10 -1.35
CA ASN A 235 25.17 -17.81 -1.72
C ASN A 235 25.97 -16.66 -1.11
N SER A 236 27.27 -16.60 -1.45
CA SER A 236 28.14 -15.44 -1.13
C SER A 236 28.17 -15.16 0.38
N ASP A 237 27.93 -16.19 1.21
CA ASP A 237 27.91 -16.05 2.68
C ASP A 237 28.67 -17.21 3.31
N LEU A 238 29.28 -16.98 4.48
CA LEU A 238 29.96 -18.07 5.23
C LEU A 238 28.90 -18.89 5.98
N TRP A 239 29.00 -20.22 5.88
CA TRP A 239 28.23 -21.15 6.75
C TRP A 239 29.22 -22.00 7.56
N VAL A 240 28.78 -22.47 8.75
CA VAL A 240 29.50 -23.56 9.46
C VAL A 240 28.49 -24.67 9.76
N ALA A 241 28.90 -25.93 9.65
CA ALA A 241 28.00 -27.08 9.92
C ALA A 241 28.69 -28.07 10.87
N ASN A 242 27.99 -29.16 11.20
CA ASN A 242 28.54 -30.24 12.06
C ASN A 242 28.26 -31.59 11.37
N ILE A 243 29.31 -32.30 10.95
CA ILE A 243 29.15 -33.60 10.23
C ILE A 243 28.36 -34.58 11.10
N GLU A 244 28.59 -34.56 12.42
CA GLU A 244 27.93 -35.54 13.33
C GLU A 244 26.44 -35.19 13.48
N THR A 245 26.12 -33.97 13.90
CA THR A 245 24.75 -33.61 14.34
C THR A 245 23.84 -33.30 13.14
N GLY A 246 24.42 -32.98 11.99
CA GLY A 246 23.65 -32.48 10.82
C GLY A 246 23.33 -30.99 10.95
N GLU A 247 23.77 -30.34 12.04
CA GLU A 247 23.37 -28.95 12.37
C GLU A 247 24.13 -27.94 11.49
N GLU A 248 23.39 -27.20 10.65
CA GLU A 248 23.95 -26.07 9.87
C GLU A 248 23.77 -24.77 10.66
N ARG A 249 24.46 -23.70 10.22
CA ARG A 249 24.33 -22.35 10.84
C ARG A 249 25.02 -21.29 9.97
N ARG A 250 24.36 -20.15 9.75
CA ARG A 250 24.90 -19.05 8.91
C ARG A 250 25.55 -17.99 9.81
N LEU A 251 26.71 -17.45 9.37
CA LEU A 251 27.53 -16.51 10.20
C LEU A 251 27.65 -15.13 9.54
N THR A 252 27.33 -15.02 8.25
CA THR A 252 27.61 -13.76 7.49
C THR A 252 26.35 -13.43 6.68
N PHE A 253 25.93 -12.17 6.66
CA PHE A 253 24.62 -11.81 6.06
C PHE A 253 24.80 -10.65 5.07
N CYS A 254 25.69 -10.85 4.10
CA CYS A 254 26.00 -9.83 3.06
C CYS A 254 25.07 -10.00 1.86
N HIS A 255 24.47 -11.19 1.70
CA HIS A 255 23.55 -11.50 0.56
C HIS A 255 22.11 -11.58 1.03
N GLN A 256 21.21 -10.81 0.42
CA GLN A 256 19.76 -10.88 0.74
C GLN A 256 19.13 -12.06 -0.03
N ASN A 260 19.97 -10.73 -5.01
CA ASN A 260 19.64 -10.24 -6.38
C ASN A 260 20.94 -9.92 -7.14
N VAL A 261 20.81 -9.34 -8.35
CA VAL A 261 21.98 -9.07 -9.23
C VAL A 261 22.74 -7.84 -8.69
N LEU A 262 22.73 -6.68 -9.38
CA LEU A 262 23.50 -5.48 -8.94
C LEU A 262 22.99 -4.98 -7.58
N ASP A 263 21.80 -5.43 -7.15
CA ASP A 263 21.15 -4.93 -5.89
C ASP A 263 21.72 -5.68 -4.68
N ASP A 264 22.61 -6.66 -4.92
CA ASP A 264 23.16 -7.53 -3.86
C ASP A 264 24.69 -7.53 -3.99
N PRO A 265 25.35 -6.36 -3.98
CA PRO A 265 26.79 -6.29 -4.24
C PRO A 265 27.71 -6.72 -3.08
N LYS A 266 27.15 -6.90 -1.88
CA LYS A 266 27.96 -7.28 -0.69
C LYS A 266 28.23 -8.79 -0.73
N SER A 267 29.31 -9.25 -0.09
CA SER A 267 29.59 -10.71 0.01
C SER A 267 30.72 -10.95 1.01
N ALA A 268 30.69 -12.08 1.71
CA ALA A 268 31.76 -12.42 2.67
C ALA A 268 32.23 -13.86 2.44
N GLY A 269 33.55 -14.09 2.62
CA GLY A 269 34.17 -15.40 2.41
C GLY A 269 34.64 -15.62 0.98
N VAL A 270 34.09 -14.88 0.01
CA VAL A 270 34.39 -15.16 -1.43
C VAL A 270 35.55 -14.29 -1.89
N ALA A 271 36.43 -14.86 -2.72
CA ALA A 271 37.54 -14.11 -3.35
C ALA A 271 37.07 -13.68 -4.73
N THR A 272 37.11 -12.36 -5.00
CA THR A 272 36.42 -11.77 -6.18
C THR A 272 37.17 -12.14 -7.47
N PHE A 273 36.53 -12.03 -8.63
CA PHE A 273 37.07 -12.56 -9.91
C PHE A 273 38.59 -12.31 -9.97
N VAL A 274 39.02 -11.05 -9.92
CA VAL A 274 40.45 -10.67 -10.11
C VAL A 274 41.33 -11.44 -9.13
N ILE A 275 40.98 -11.43 -7.84
CA ILE A 275 41.79 -12.16 -6.82
C ILE A 275 42.09 -13.56 -7.38
N GLN A 276 41.06 -14.22 -7.92
CA GLN A 276 41.21 -15.60 -8.45
C GLN A 276 42.16 -15.60 -9.65
N GLU A 277 41.94 -14.69 -10.62
CA GLU A 277 42.67 -14.69 -11.92
C GLU A 277 44.06 -14.05 -11.83
N GLU A 278 44.35 -13.25 -10.80
CA GLU A 278 45.59 -12.42 -10.85
C GLU A 278 46.47 -12.65 -9.63
N PHE A 279 45.89 -13.00 -8.48
CA PHE A 279 46.68 -13.20 -7.25
C PHE A 279 46.62 -14.66 -6.78
N ASP A 280 45.96 -15.56 -7.53
CA ASP A 280 46.06 -17.03 -7.26
C ASP A 280 45.53 -17.35 -5.85
N ARG A 281 44.47 -16.67 -5.42
CA ARG A 281 43.73 -17.00 -4.18
C ARG A 281 42.28 -17.37 -4.56
N PHE A 282 41.81 -18.55 -4.17
CA PHE A 282 40.39 -18.97 -4.42
C PHE A 282 39.71 -19.30 -3.09
N THR A 283 40.02 -18.53 -2.03
CA THR A 283 39.31 -18.62 -0.72
C THR A 283 39.47 -17.32 0.08
N GLY A 284 38.36 -16.77 0.61
CA GLY A 284 38.38 -15.48 1.32
C GLY A 284 38.09 -15.60 2.80
N TYR A 285 38.19 -16.82 3.35
CA TYR A 285 38.06 -17.05 4.81
C TYR A 285 39.17 -18.01 5.27
N TRP A 286 39.47 -18.00 6.57
CA TRP A 286 40.60 -18.79 7.13
C TRP A 286 40.25 -19.22 8.56
N TRP A 287 40.10 -20.53 8.79
CA TRP A 287 39.84 -21.08 10.16
C TRP A 287 40.94 -20.66 11.12
N CYS A 288 40.58 -20.32 12.37
CA CYS A 288 41.58 -20.31 13.46
C CYS A 288 42.01 -21.75 13.70
N PRO A 289 43.32 -22.03 13.91
CA PRO A 289 43.79 -23.38 14.23
C PRO A 289 43.49 -23.81 15.68
N THR A 290 43.07 -22.88 16.55
CA THR A 290 42.89 -23.17 17.99
C THR A 290 41.46 -22.81 18.46
N ALA A 291 41.16 -23.18 19.71
CA ALA A 291 39.92 -22.77 20.39
C ALA A 291 40.27 -22.03 21.68
N SER A 292 39.45 -21.04 22.06
CA SER A 292 39.60 -20.36 23.39
C SER A 292 38.31 -20.57 24.19
N TRP A 293 38.33 -20.30 25.50
CA TRP A 293 37.16 -20.54 26.40
C TRP A 293 36.92 -19.29 27.27
N GLU A 294 35.75 -18.65 27.13
CA GLU A 294 35.52 -17.31 27.73
C GLU A 294 34.36 -17.37 28.73
N GLY A 295 34.68 -17.61 30.02
CA GLY A 295 33.73 -17.42 31.13
C GLY A 295 33.03 -18.71 31.53
N LEU A 299 32.10 -21.97 27.48
CA LEU A 299 31.77 -22.58 26.17
C LEU A 299 32.97 -22.49 25.21
N LYS A 300 33.25 -23.58 24.49
CA LYS A 300 34.35 -23.62 23.47
C LYS A 300 34.01 -22.65 22.33
N THR A 301 34.92 -21.71 22.03
CA THR A 301 34.69 -20.72 20.95
C THR A 301 35.63 -21.01 19.77
N LEU A 302 35.09 -21.11 18.56
CA LEU A 302 35.90 -21.31 17.33
C LEU A 302 35.85 -20.02 16.50
N ARG A 303 36.98 -19.58 15.96
CA ARG A 303 37.02 -18.29 15.21
C ARG A 303 37.32 -18.57 13.73
N ILE A 304 36.84 -17.68 12.85
CA ILE A 304 37.23 -17.67 11.40
C ILE A 304 37.51 -16.22 11.01
N LEU A 305 38.74 -15.93 10.55
CA LEU A 305 39.01 -14.64 9.84
C LEU A 305 38.33 -14.73 8.48
N TYR A 306 37.74 -13.64 7.99
CA TYR A 306 37.15 -13.67 6.62
C TYR A 306 37.28 -12.29 5.99
N GLU A 307 37.23 -12.27 4.65
CA GLU A 307 37.25 -11.02 3.86
C GLU A 307 35.81 -10.66 3.50
N GLU A 308 35.32 -9.50 3.95
CA GLU A 308 33.98 -8.99 3.53
C GLU A 308 34.15 -8.16 2.27
N VAL A 309 33.26 -8.34 1.30
CA VAL A 309 33.47 -7.80 -0.07
C VAL A 309 32.28 -6.92 -0.45
N ASP A 310 32.56 -5.82 -1.15
CA ASP A 310 31.52 -4.84 -1.57
C ASP A 310 31.78 -4.45 -3.03
N GLU A 311 31.26 -5.24 -3.99
CA GLU A 311 31.57 -5.04 -5.44
C GLU A 311 30.65 -3.99 -6.09
N SER A 312 30.01 -3.13 -5.29
CA SER A 312 28.93 -2.22 -5.78
C SER A 312 29.47 -1.24 -6.82
N GLU A 313 30.67 -0.69 -6.57
CA GLU A 313 31.23 0.41 -7.41
C GLU A 313 32.17 -0.19 -8.48
N VAL A 314 32.05 -1.50 -8.71
CA VAL A 314 32.87 -2.24 -9.73
C VAL A 314 32.04 -2.41 -11.01
N GLU A 315 32.59 -2.01 -12.16
CA GLU A 315 31.86 -2.08 -13.46
C GLU A 315 31.23 -3.47 -13.66
N VAL A 316 30.11 -3.54 -14.37
CA VAL A 316 29.40 -4.83 -14.63
C VAL A 316 29.53 -5.15 -16.12
N ILE A 317 29.84 -6.41 -16.47
CA ILE A 317 30.00 -6.81 -17.90
C ILE A 317 29.23 -8.11 -18.17
N HIS A 318 28.75 -8.29 -19.42
CA HIS A 318 27.89 -9.45 -19.76
C HIS A 318 28.65 -10.37 -20.71
N VAL A 319 28.94 -11.59 -20.24
CA VAL A 319 29.55 -12.67 -21.07
C VAL A 319 28.49 -13.74 -21.30
N PRO A 320 28.32 -14.25 -22.55
CA PRO A 320 27.35 -15.31 -22.84
C PRO A 320 27.39 -16.52 -21.88
N SER A 321 26.21 -17.02 -21.50
CA SER A 321 26.14 -18.33 -20.82
C SER A 321 26.69 -19.38 -21.77
N PRO A 322 27.10 -20.57 -21.27
CA PRO A 322 27.23 -21.76 -22.11
C PRO A 322 25.88 -22.41 -22.48
N ALA A 323 24.77 -21.95 -21.87
CA ALA A 323 23.41 -22.29 -22.33
C ALA A 323 23.10 -21.46 -23.60
N LEU A 324 23.57 -21.95 -24.75
CA LEU A 324 23.55 -21.17 -26.02
C LEU A 324 22.11 -21.03 -26.49
N GLU A 325 21.38 -22.16 -26.52
CA GLU A 325 19.95 -22.17 -26.91
C GLU A 325 19.15 -21.20 -26.01
N GLU A 326 19.59 -20.99 -24.76
CA GLU A 326 18.91 -20.05 -23.82
C GLU A 326 19.06 -18.63 -24.34
N ARG A 327 20.19 -18.30 -24.98
CA ARG A 327 20.40 -16.97 -25.60
C ARG A 327 20.50 -15.88 -24.52
N LYS A 328 20.87 -16.27 -23.29
CA LYS A 328 21.05 -15.29 -22.17
C LYS A 328 22.53 -15.23 -21.78
N THR A 329 22.91 -14.16 -21.07
CA THR A 329 24.30 -13.94 -20.60
C THR A 329 24.40 -14.14 -19.08
N ASP A 330 25.61 -14.00 -18.54
CA ASP A 330 25.80 -13.83 -17.07
C ASP A 330 26.52 -12.50 -16.81
N SER A 331 26.07 -11.75 -15.79
CA SER A 331 26.76 -10.50 -15.39
C SER A 331 27.99 -10.86 -14.53
N TYR A 332 28.96 -9.95 -14.47
CA TYR A 332 30.29 -10.21 -13.86
C TYR A 332 30.88 -8.89 -13.37
N ARG A 333 31.26 -8.82 -12.08
CA ARG A 333 31.91 -7.58 -11.56
C ARG A 333 33.39 -7.57 -12.01
N TYR A 334 33.64 -7.17 -13.26
CA TYR A 334 35.00 -7.17 -13.89
C TYR A 334 35.68 -5.82 -13.71
N PRO A 335 36.70 -5.64 -12.82
CA PRO A 335 37.35 -4.34 -12.71
C PRO A 335 38.36 -4.20 -13.84
N ARG A 336 38.04 -3.43 -14.87
CA ARG A 336 39.02 -3.14 -15.95
C ARG A 336 40.09 -2.18 -15.39
N THR A 337 41.29 -2.17 -15.97
CA THR A 337 42.43 -1.35 -15.46
C THR A 337 41.98 0.11 -15.27
N GLY A 338 42.52 0.78 -14.25
CA GLY A 338 42.18 2.19 -13.98
C GLY A 338 40.74 2.33 -13.51
N SER A 339 40.14 1.22 -13.09
CA SER A 339 38.72 1.16 -12.68
C SER A 339 38.69 0.79 -11.19
N LYS A 340 37.55 1.03 -10.55
CA LYS A 340 37.37 0.78 -9.09
C LYS A 340 37.44 -0.72 -8.81
N ASN A 341 38.14 -1.09 -7.74
CA ASN A 341 38.25 -2.50 -7.31
C ASN A 341 37.25 -2.78 -6.20
N PRO A 342 36.83 -4.06 -6.00
CA PRO A 342 36.05 -4.41 -4.81
C PRO A 342 36.54 -3.70 -3.54
N LYS A 343 35.65 -2.98 -2.86
CA LYS A 343 35.93 -2.48 -1.48
C LYS A 343 36.09 -3.67 -0.55
N ILE A 344 37.20 -3.75 0.18
CA ILE A 344 37.60 -5.00 0.88
C ILE A 344 37.65 -4.74 2.38
N ALA A 345 37.71 -5.81 3.19
CA ALA A 345 37.93 -5.69 4.64
C ALA A 345 38.07 -7.08 5.26
N LEU A 346 38.85 -7.17 6.34
CA LEU A 346 38.94 -8.42 7.15
C LEU A 346 37.97 -8.32 8.33
N LYS A 347 37.06 -9.28 8.44
CA LYS A 347 36.14 -9.33 9.60
C LYS A 347 36.48 -10.61 10.38
N LEU A 348 36.04 -10.71 11.64
CA LEU A 348 36.16 -11.98 12.42
C LEU A 348 34.75 -12.55 12.65
N ALA A 349 34.59 -13.85 12.43
CA ALA A 349 33.31 -14.53 12.72
C ALA A 349 33.51 -15.58 13.82
N GLU A 350 33.05 -15.30 15.04
CA GLU A 350 33.15 -16.30 16.15
C GLU A 350 31.90 -17.16 16.21
N PHE A 351 32.00 -18.34 16.85
CA PHE A 351 30.80 -19.13 17.20
C PHE A 351 31.17 -20.08 18.34
N GLN A 352 30.19 -20.39 19.20
CA GLN A 352 30.46 -21.21 20.43
C GLN A 352 29.72 -22.55 20.34
N THR A 353 30.40 -23.63 20.72
CA THR A 353 29.81 -24.99 20.78
C THR A 353 29.89 -25.46 22.25
N ASP A 354 28.99 -26.38 22.65
CA ASP A 354 28.96 -26.87 24.05
C ASP A 354 29.64 -28.24 24.13
N SER A 355 29.22 -29.10 25.08
CA SER A 355 29.76 -30.47 25.22
C SER A 355 29.29 -31.34 24.05
N GLN A 356 27.99 -31.31 23.75
CA GLN A 356 27.38 -32.17 22.70
C GLN A 356 27.69 -31.61 21.30
N GLY A 357 28.40 -30.48 21.22
CA GLY A 357 28.78 -29.88 19.93
C GLY A 357 27.66 -29.03 19.34
N LYS A 358 26.69 -28.61 20.17
CA LYS A 358 25.58 -27.75 19.68
C LYS A 358 26.09 -26.32 19.53
N ILE A 359 25.86 -25.71 18.36
CA ILE A 359 26.24 -24.29 18.13
C ILE A 359 25.32 -23.40 18.98
N VAL A 360 25.90 -22.61 19.88
CA VAL A 360 25.12 -21.81 20.88
C VAL A 360 24.97 -20.37 20.37
N SER A 361 25.98 -19.54 20.60
CA SER A 361 26.01 -18.16 20.05
C SER A 361 26.75 -18.16 18.72
N THR A 362 26.57 -17.09 17.94
CA THR A 362 27.39 -16.80 16.73
C THR A 362 27.64 -15.28 16.68
N GLN A 363 28.86 -14.86 16.34
CA GLN A 363 29.25 -13.43 16.46
C GLN A 363 29.95 -12.94 15.18
N GLU A 364 29.28 -12.07 14.42
CA GLU A 364 29.99 -11.14 13.51
C GLU A 364 30.92 -10.25 14.35
N LYS A 365 32.18 -10.10 13.93
CA LYS A 365 33.08 -9.08 14.52
C LYS A 365 33.82 -8.36 13.40
N GLU A 366 34.50 -7.27 13.72
CA GLU A 366 35.14 -6.43 12.68
C GLU A 366 36.19 -5.55 13.33
N LEU A 367 37.11 -5.00 12.52
CA LEU A 367 38.20 -4.17 13.08
C LEU A 367 37.61 -2.97 13.83
N VAL A 368 38.12 -2.73 15.04
CA VAL A 368 37.60 -1.64 15.93
C VAL A 368 37.49 -0.37 15.08
N GLN A 369 38.49 -0.12 14.24
CA GLN A 369 38.49 1.06 13.35
C GLN A 369 38.37 0.55 11.92
N PRO A 370 37.55 1.16 11.02
CA PRO A 370 37.39 0.64 9.67
C PRO A 370 38.71 0.19 9.03
N PHE A 371 38.61 -0.83 8.20
CA PHE A 371 39.79 -1.38 7.48
C PHE A 371 40.45 -0.27 6.66
N SER A 372 39.66 0.63 6.06
CA SER A 372 40.19 1.62 5.09
C SER A 372 40.80 2.83 5.80
N SER A 373 40.76 2.89 7.14
CA SER A 373 41.45 3.97 7.89
C SER A 373 42.63 3.41 8.71
N LEU A 374 42.52 2.18 9.23
CA LEU A 374 43.67 1.47 9.87
C LEU A 374 44.76 1.18 8.83
N PHE A 375 44.37 0.86 7.59
CA PHE A 375 45.33 0.42 6.55
C PHE A 375 45.01 1.14 5.25
N PRO A 376 45.16 2.49 5.19
CA PRO A 376 44.87 3.22 3.96
C PRO A 376 45.88 2.75 2.92
N LYS A 377 45.57 2.93 1.63
CA LYS A 377 46.57 2.61 0.55
C LYS A 377 46.62 1.11 0.28
N VAL A 378 45.87 0.29 1.02
CA VAL A 378 45.82 -1.17 0.77
C VAL A 378 44.68 -1.46 -0.21
N GLU A 379 45.00 -1.93 -1.42
CA GLU A 379 43.97 -2.16 -2.47
C GLU A 379 43.56 -3.63 -2.48
N TYR A 380 44.47 -4.56 -2.19
CA TYR A 380 44.13 -6.00 -2.26
C TYR A 380 44.66 -6.77 -1.03
N ILE A 381 43.83 -7.67 -0.52
CA ILE A 381 44.30 -8.72 0.43
C ILE A 381 44.82 -9.89 -0.40
N ALA A 382 46.14 -9.93 -0.64
CA ALA A 382 46.75 -11.08 -1.36
C ALA A 382 46.47 -12.36 -0.57
N ARG A 383 46.95 -12.41 0.68
CA ARG A 383 46.97 -13.66 1.49
C ARG A 383 46.54 -13.34 2.92
N ALA A 384 46.17 -14.38 3.67
CA ALA A 384 45.88 -14.21 5.12
C ALA A 384 45.95 -15.57 5.83
N GLY A 385 45.95 -15.55 7.16
CA GLY A 385 45.96 -16.80 7.95
C GLY A 385 46.16 -16.55 9.43
N TRP A 386 46.44 -17.61 10.20
CA TRP A 386 46.70 -17.46 11.64
C TRP A 386 48.11 -17.97 11.98
N THR A 387 48.60 -17.57 13.16
CA THR A 387 49.79 -18.19 13.80
C THR A 387 49.37 -19.57 14.32
N ARG A 388 50.32 -20.45 14.61
CA ARG A 388 49.96 -21.87 14.93
C ARG A 388 49.24 -21.93 16.29
N ASP A 389 49.48 -20.96 17.18
CA ASP A 389 48.81 -20.92 18.51
C ASP A 389 47.52 -20.10 18.44
N GLY A 390 47.29 -19.36 17.34
CA GLY A 390 46.09 -18.52 17.21
C GLY A 390 46.24 -17.17 17.90
N LYS A 391 47.42 -16.88 18.48
CA LYS A 391 47.67 -15.62 19.22
C LYS A 391 47.47 -14.42 18.28
N TYR A 392 47.85 -14.56 17.01
CA TYR A 392 47.56 -13.52 15.99
C TYR A 392 46.94 -14.15 14.73
N ALA A 393 46.14 -13.36 14.02
CA ALA A 393 45.82 -13.62 12.59
C ALA A 393 46.70 -12.69 11.75
N TRP A 394 47.24 -13.17 10.64
CA TRP A 394 48.09 -12.30 9.78
C TRP A 394 47.39 -12.07 8.42
N ALA A 395 47.90 -11.11 7.65
CA ALA A 395 47.43 -10.88 6.26
C ALA A 395 48.60 -10.31 5.42
N MET A 396 48.67 -10.67 4.13
CA MET A 396 49.51 -9.94 3.13
C MET A 396 48.65 -8.82 2.50
N PHE A 397 49.10 -7.56 2.64
CA PHE A 397 48.41 -6.39 2.02
C PHE A 397 49.26 -5.88 0.86
N LEU A 398 48.61 -5.38 -0.20
CA LEU A 398 49.30 -4.86 -1.39
C LEU A 398 48.63 -3.55 -1.83
N ASP A 399 49.42 -2.60 -2.34
CA ASP A 399 48.87 -1.31 -2.84
C ASP A 399 48.37 -1.50 -4.27
N ARG A 400 47.77 -0.44 -4.84
CA ARG A 400 47.26 -0.47 -6.24
C ARG A 400 48.41 -0.65 -7.22
N PRO A 401 49.43 0.26 -7.30
CA PRO A 401 50.57 0.01 -8.15
C PRO A 401 51.13 -1.39 -7.98
N GLN A 402 51.02 -1.95 -6.77
CA GLN A 402 51.61 -3.28 -6.47
C GLN A 402 53.12 -3.11 -6.43
N GLN A 403 53.61 -2.13 -5.67
CA GLN A 403 55.06 -1.86 -5.54
C GLN A 403 55.39 -1.63 -4.05
N TRP A 404 54.46 -2.06 -3.18
CA TRP A 404 54.53 -1.83 -1.71
C TRP A 404 53.65 -2.89 -1.04
N LEU A 405 54.26 -3.89 -0.40
CA LEU A 405 53.52 -5.00 0.22
C LEU A 405 53.79 -5.01 1.71
N GLN A 406 52.82 -5.48 2.52
CA GLN A 406 52.98 -5.53 4.00
C GLN A 406 52.53 -6.89 4.51
N LEU A 407 53.17 -7.39 5.56
CA LEU A 407 52.56 -8.46 6.39
C LEU A 407 52.19 -7.84 7.73
N VAL A 408 50.96 -8.07 8.18
CA VAL A 408 50.47 -7.47 9.45
C VAL A 408 49.81 -8.58 10.28
N LEU A 409 50.08 -8.60 11.59
CA LEU A 409 49.30 -9.44 12.54
C LEU A 409 48.04 -8.64 12.92
N LEU A 410 46.92 -9.35 13.07
CA LEU A 410 45.65 -8.77 13.57
C LEU A 410 45.24 -9.55 14.82
N PRO A 411 45.48 -9.01 16.03
CA PRO A 411 45.10 -9.70 17.26
C PRO A 411 43.58 -9.80 17.34
N PRO A 412 43.01 -10.98 17.72
CA PRO A 412 41.56 -11.13 17.78
C PRO A 412 40.88 -10.05 18.67
N ALA A 413 41.59 -9.60 19.70
CA ALA A 413 41.13 -8.51 20.61
C ALA A 413 41.07 -7.17 19.86
N LEU A 414 41.49 -7.15 18.59
CA LEU A 414 41.41 -5.91 17.77
C LEU A 414 40.06 -5.89 17.07
N PHE A 415 39.24 -6.92 17.26
CA PHE A 415 37.95 -7.03 16.54
C PHE A 415 36.82 -6.85 17.55
N ILE A 416 35.83 -6.01 17.21
CA ILE A 416 34.68 -5.73 18.12
C ILE A 416 33.42 -6.22 17.45
N PRO A 417 32.43 -6.79 18.18
CA PRO A 417 31.18 -7.20 17.56
C PRO A 417 30.54 -5.99 16.85
N SER A 418 30.30 -6.12 15.54
CA SER A 418 29.59 -5.09 14.75
C SER A 418 28.24 -4.78 15.41
N THR A 419 27.87 -3.50 15.53
CA THR A 419 26.55 -3.14 16.11
C THR A 419 25.91 -2.01 15.30
N GLU A 420 24.57 -1.93 15.41
CA GLU A 420 23.73 -0.90 14.74
C GLU A 420 24.05 0.50 15.28
N ASN A 421 24.30 0.61 16.60
CA ASN A 421 24.27 1.91 17.33
C ASN A 421 25.63 2.59 17.30
N GLU A 422 25.66 3.89 16.99
CA GLU A 422 26.86 4.73 17.31
C GLU A 422 27.29 4.42 18.75
N GLU A 423 26.35 4.49 19.69
CA GLU A 423 26.67 4.44 21.15
C GLU A 423 27.15 3.05 21.57
N GLN A 424 26.65 1.97 20.96
CA GLN A 424 27.13 0.60 21.32
C GLN A 424 28.54 0.38 20.75
N ARG A 425 28.91 1.08 19.67
CA ARG A 425 30.21 0.86 18.99
C ARG A 425 31.34 1.55 19.74
N LEU A 426 31.03 2.64 20.46
CA LEU A 426 32.06 3.38 21.23
C LEU A 426 32.23 2.75 22.62
N ALA A 427 31.27 1.92 23.06
CA ALA A 427 31.34 1.24 24.38
C ALA A 427 32.38 0.11 24.33
N SER A 428 32.21 -0.84 23.40
CA SER A 428 33.15 -1.98 23.23
C SER A 428 34.42 -1.54 22.48
N ALA A 429 34.50 -0.27 22.09
CA ALA A 429 35.76 0.39 21.63
C ALA A 429 36.55 0.88 22.85
N ARG A 430 35.92 1.71 23.70
CA ARG A 430 36.48 2.04 25.03
C ARG A 430 37.01 0.76 25.69
N ALA A 431 36.24 -0.34 25.57
CA ALA A 431 36.51 -1.61 26.28
C ALA A 431 37.80 -2.27 25.78
N VAL A 432 38.28 -1.91 24.57
CA VAL A 432 39.46 -2.62 23.99
C VAL A 432 40.73 -2.07 24.65
N PRO A 433 41.66 -2.93 25.12
CA PRO A 433 42.91 -2.46 25.72
C PRO A 433 43.77 -1.66 24.73
N ARG A 434 44.46 -0.62 25.21
CA ARG A 434 45.37 0.19 24.35
C ARG A 434 46.57 -0.66 23.95
N ASN A 435 46.94 -1.63 24.79
CA ASN A 435 48.11 -2.52 24.55
C ASN A 435 47.91 -3.31 23.25
N VAL A 436 46.66 -3.69 22.97
CA VAL A 436 46.30 -4.45 21.73
C VAL A 436 46.40 -3.51 20.53
N GLN A 437 46.87 -4.03 19.38
CA GLN A 437 47.00 -3.23 18.14
C GLN A 437 47.46 -4.12 16.98
N PRO A 438 47.28 -3.67 15.72
CA PRO A 438 47.91 -4.35 14.58
C PRO A 438 49.42 -4.08 14.53
N TYR A 439 50.21 -5.10 14.17
CA TYR A 439 51.69 -4.99 14.07
C TYR A 439 52.16 -5.26 12.63
N VAL A 440 52.65 -4.24 11.93
CA VAL A 440 53.22 -4.42 10.56
C VAL A 440 54.57 -5.16 10.70
N VAL A 441 54.55 -6.48 10.48
CA VAL A 441 55.75 -7.35 10.62
C VAL A 441 56.78 -7.02 9.53
N TYR A 442 56.40 -7.11 8.25
CA TYR A 442 57.36 -7.02 7.12
C TYR A 442 56.87 -5.99 6.08
N GLU A 443 57.78 -5.42 5.31
CA GLU A 443 57.41 -4.34 4.36
C GLU A 443 58.36 -4.41 3.16
N GLU A 444 57.91 -5.07 2.09
CA GLU A 444 58.71 -5.27 0.87
C GLU A 444 58.43 -4.10 -0.10
N VAL A 445 59.44 -3.29 -0.41
CA VAL A 445 59.32 -2.22 -1.46
C VAL A 445 60.00 -2.72 -2.75
N THR A 446 59.61 -2.17 -3.92
CA THR A 446 60.30 -2.48 -5.21
C THR A 446 59.99 -1.41 -6.26
N ASN A 447 60.90 -1.25 -7.23
CA ASN A 447 60.76 -0.24 -8.31
C ASN A 447 60.16 -0.91 -9.57
N VAL A 448 60.04 -2.24 -9.53
CA VAL A 448 59.54 -3.05 -10.69
C VAL A 448 58.06 -3.35 -10.43
N TRP A 449 57.83 -4.30 -9.52
CA TRP A 449 56.46 -4.70 -9.08
C TRP A 449 56.59 -5.87 -8.11
N ILE A 450 55.64 -5.97 -7.19
CA ILE A 450 55.64 -7.07 -6.17
C ILE A 450 54.92 -8.28 -6.77
N ASN A 451 55.66 -9.34 -7.08
CA ASN A 451 55.03 -10.67 -7.19
C ASN A 451 54.57 -11.09 -5.79
N VAL A 452 53.40 -11.73 -5.68
CA VAL A 452 52.91 -12.27 -4.38
C VAL A 452 53.56 -13.64 -4.18
N HIS A 453 54.28 -13.85 -3.08
CA HIS A 453 54.98 -15.13 -2.82
C HIS A 453 54.33 -15.88 -1.65
N ASP A 454 53.88 -17.12 -1.89
CA ASP A 454 53.04 -17.88 -0.91
C ASP A 454 53.75 -18.03 0.44
N ILE A 455 55.08 -18.15 0.46
CA ILE A 455 55.82 -18.64 1.67
C ILE A 455 55.80 -17.59 2.79
N PHE A 456 55.25 -17.94 3.96
CA PHE A 456 55.28 -17.07 5.16
C PHE A 456 55.11 -17.93 6.42
N TYR A 457 56.22 -18.49 6.94
CA TYR A 457 56.17 -19.46 8.06
C TYR A 457 56.54 -18.77 9.37
N PRO A 458 55.58 -18.41 10.26
CA PRO A 458 55.91 -17.92 11.59
C PRO A 458 56.23 -19.11 12.50
N PHE A 459 57.19 -18.95 13.41
CA PHE A 459 57.47 -19.98 14.45
C PHE A 459 56.59 -19.67 15.65
N PRO A 460 56.56 -20.54 16.69
CA PRO A 460 56.00 -20.16 17.98
C PRO A 460 56.86 -19.07 18.67
N GLN A 461 56.40 -18.58 19.82
CA GLN A 461 57.07 -17.46 20.56
C GLN A 461 57.27 -17.87 22.02
N LEU A 468 58.31 -11.86 17.58
CA LEU A 468 57.87 -12.94 16.66
C LEU A 468 58.93 -13.24 15.58
N CYS A 469 59.40 -14.50 15.52
CA CYS A 469 60.39 -14.99 14.52
C CYS A 469 59.64 -15.69 13.37
N PHE A 470 60.12 -15.59 12.13
CA PHE A 470 59.39 -16.18 10.97
C PHE A 470 60.27 -16.24 9.71
N LEU A 471 60.03 -17.26 8.85
CA LEU A 471 60.68 -17.37 7.51
C LEU A 471 59.81 -16.65 6.46
N ARG A 472 60.45 -16.06 5.44
CA ARG A 472 59.70 -15.36 4.37
C ARG A 472 60.51 -15.43 3.06
N ALA A 473 59.82 -15.51 1.92
CA ALA A 473 60.48 -15.42 0.59
C ALA A 473 60.49 -13.96 0.14
N ASN A 474 61.64 -13.45 -0.30
CA ASN A 474 61.78 -12.01 -0.63
C ASN A 474 62.52 -11.88 -1.96
N GLU A 475 61.79 -11.62 -3.04
CA GLU A 475 62.41 -11.35 -4.36
C GLU A 475 63.01 -9.94 -4.35
N CYS A 476 62.20 -8.95 -3.99
CA CYS A 476 62.56 -7.51 -4.10
C CYS A 476 63.98 -7.25 -3.55
N LYS A 477 64.33 -7.87 -2.42
CA LYS A 477 65.58 -7.50 -1.69
C LYS A 477 66.78 -7.53 -2.64
N THR A 478 67.01 -8.67 -3.32
CA THR A 478 68.19 -8.83 -4.22
C THR A 478 67.76 -8.76 -5.70
N GLY A 479 66.53 -9.18 -6.00
CA GLY A 479 66.10 -9.37 -7.40
C GLY A 479 65.86 -10.83 -7.71
N PHE A 480 66.11 -11.71 -6.72
CA PHE A 480 65.75 -13.16 -6.82
C PHE A 480 65.00 -13.58 -5.56
N CYS A 481 64.01 -14.46 -5.73
CA CYS A 481 63.15 -14.98 -4.63
C CYS A 481 63.98 -15.90 -3.72
N HIS A 482 64.28 -15.44 -2.50
CA HIS A 482 65.13 -16.22 -1.56
C HIS A 482 64.46 -16.27 -0.19
N LEU A 483 64.80 -17.28 0.62
CA LEU A 483 64.24 -17.41 1.99
C LEU A 483 65.04 -16.52 2.94
N TYR A 484 64.34 -15.86 3.87
CA TYR A 484 64.96 -15.01 4.92
C TYR A 484 64.38 -15.42 6.27
N LYS A 485 65.20 -15.44 7.33
CA LYS A 485 64.71 -15.60 8.72
C LYS A 485 64.60 -14.20 9.36
N VAL A 486 63.39 -13.77 9.68
CA VAL A 486 63.16 -12.40 10.24
C VAL A 486 62.73 -12.51 11.71
N THR A 487 63.35 -11.72 12.59
CA THR A 487 62.78 -11.44 13.94
C THR A 487 62.13 -10.05 13.88
N ALA A 488 60.83 -9.94 14.24
CA ALA A 488 60.18 -8.63 14.44
C ALA A 488 60.01 -8.33 15.94
N VAL A 489 60.23 -7.08 16.35
CA VAL A 489 59.97 -6.68 17.78
C VAL A 489 58.51 -6.23 17.86
N LEU A 490 57.77 -6.73 18.85
CA LEU A 490 56.35 -6.32 19.05
C LEU A 490 56.26 -5.40 20.26
N LYS A 491 56.31 -4.07 20.01
CA LYS A 491 56.26 -3.06 21.09
C LYS A 491 55.01 -2.19 20.86
N SER A 492 54.05 -2.22 21.80
CA SER A 492 52.77 -1.47 21.64
C SER A 492 52.98 0.02 21.92
N GLN A 493 52.37 0.89 21.11
CA GLN A 493 52.42 2.36 21.31
C GLN A 493 51.22 2.79 22.19
N GLY A 494 50.28 1.87 22.43
CA GLY A 494 49.08 2.18 23.24
C GLY A 494 48.20 3.18 22.54
N TYR A 495 46.95 2.81 22.24
CA TYR A 495 46.06 3.70 21.44
C TYR A 495 44.69 3.84 22.13
N ASP A 496 44.13 5.06 22.07
CA ASP A 496 42.73 5.29 22.48
C ASP A 496 41.81 4.81 21.36
N TRP A 497 41.32 3.57 21.43
CA TRP A 497 40.58 2.94 20.31
C TRP A 497 39.18 3.55 20.15
N SER A 498 38.68 4.26 21.17
CA SER A 498 37.35 4.90 21.08
C SER A 498 37.40 6.07 20.08
N GLU A 499 38.47 6.86 20.11
CA GLU A 499 38.56 8.10 19.27
C GLU A 499 38.96 7.73 17.85
N PRO A 500 38.53 8.52 16.83
CA PRO A 500 38.84 8.18 15.44
C PRO A 500 40.31 8.51 15.14
N PHE A 501 40.98 7.62 14.40
CA PHE A 501 42.46 7.66 14.34
C PHE A 501 42.93 7.52 12.88
N SER A 502 43.68 8.52 12.39
CA SER A 502 44.42 8.42 11.11
C SER A 502 45.88 8.08 11.40
N PRO A 503 46.40 6.92 10.92
CA PRO A 503 47.81 6.57 11.15
C PRO A 503 48.77 7.41 10.31
N GLY A 504 50.05 7.45 10.72
CA GLY A 504 51.13 8.09 9.94
C GLY A 504 51.71 7.13 8.91
N GLU A 505 52.81 7.53 8.24
CA GLU A 505 53.31 6.79 7.04
C GLU A 505 53.84 5.40 7.43
N ASP A 506 54.28 5.19 8.69
CA ASP A 506 54.67 3.84 9.17
C ASP A 506 54.19 3.67 10.62
N GLU A 507 52.86 3.70 10.84
CA GLU A 507 52.30 3.81 12.21
C GLU A 507 52.45 2.48 12.96
N PHE A 508 52.56 1.35 12.26
CA PHE A 508 52.52 0.02 12.93
C PHE A 508 53.79 -0.79 12.68
N LYS A 509 54.73 -0.28 11.87
CA LYS A 509 55.89 -1.10 11.41
C LYS A 509 56.74 -1.52 12.62
N CYS A 510 56.85 -2.83 12.83
CA CYS A 510 57.74 -3.40 13.87
C CYS A 510 59.20 -3.04 13.57
N PRO A 511 60.02 -2.74 14.60
CA PRO A 511 61.47 -2.75 14.43
C PRO A 511 61.89 -4.17 14.07
N ILE A 512 62.62 -4.33 12.96
CA ILE A 512 63.21 -5.65 12.57
C ILE A 512 64.46 -5.85 13.43
N LYS A 513 64.51 -6.88 14.27
CA LYS A 513 65.69 -7.09 15.16
C LYS A 513 66.83 -7.67 14.32
N GLU A 514 66.53 -8.70 13.51
CA GLU A 514 67.53 -9.22 12.55
C GLU A 514 66.84 -9.79 11.30
N GLU A 515 67.61 -10.10 10.26
CA GLU A 515 67.07 -10.58 8.96
C GLU A 515 68.19 -11.33 8.21
N ILE A 516 68.34 -12.62 8.51
CA ILE A 516 69.44 -13.44 7.92
C ILE A 516 68.97 -14.08 6.62
N ALA A 517 69.79 -14.02 5.58
CA ALA A 517 69.48 -14.65 4.27
C ALA A 517 69.90 -16.11 4.31
N LEU A 518 68.92 -17.02 4.26
CA LEU A 518 69.19 -18.48 4.29
C LEU A 518 69.67 -18.94 2.91
N THR A 519 69.19 -18.25 1.86
CA THR A 519 69.55 -18.56 0.45
C THR A 519 69.96 -17.27 -0.26
N SER A 520 70.84 -17.39 -1.26
CA SER A 520 71.26 -16.24 -2.09
C SER A 520 71.69 -16.75 -3.47
N GLY A 521 71.82 -15.84 -4.45
CA GLY A 521 72.42 -16.17 -5.76
C GLY A 521 71.55 -15.77 -6.95
N GLU A 522 72.07 -16.05 -8.15
CA GLU A 522 71.38 -15.70 -9.43
C GLU A 522 70.38 -16.81 -9.77
N TRP A 523 69.64 -17.29 -8.76
CA TRP A 523 68.69 -18.43 -8.90
C TRP A 523 67.58 -18.24 -7.87
N GLU A 524 66.37 -18.71 -8.16
CA GLU A 524 65.22 -18.34 -7.29
C GLU A 524 64.69 -19.57 -6.54
N VAL A 525 64.21 -19.32 -5.32
CA VAL A 525 63.39 -20.29 -4.54
C VAL A 525 61.97 -20.23 -5.10
N LEU A 526 61.33 -21.38 -5.30
CA LEU A 526 59.95 -21.38 -5.84
C LEU A 526 58.98 -21.09 -4.68
N ALA A 527 58.10 -20.09 -4.87
CA ALA A 527 57.18 -19.66 -3.79
C ALA A 527 55.79 -19.28 -4.34
N ARG A 528 55.54 -19.48 -5.64
CA ARG A 528 54.25 -19.13 -6.30
C ARG A 528 53.60 -20.40 -6.85
N HIS A 529 52.32 -20.33 -7.21
CA HIS A 529 51.63 -21.40 -7.99
C HIS A 529 51.73 -22.76 -7.29
N GLY A 530 51.62 -22.78 -5.96
CA GLY A 530 51.54 -24.06 -5.21
C GLY A 530 52.88 -24.49 -4.69
N SER A 531 53.94 -23.75 -5.04
CA SER A 531 55.26 -24.00 -4.42
C SER A 531 55.18 -23.66 -2.94
N LYS A 532 55.79 -24.51 -2.11
CA LYS A 532 55.70 -24.36 -0.64
C LYS A 532 56.99 -24.90 -0.01
N ILE A 533 57.45 -24.27 1.07
CA ILE A 533 58.52 -24.89 1.89
C ILE A 533 57.87 -25.83 2.91
N TRP A 534 58.66 -26.79 3.41
CA TRP A 534 58.30 -27.61 4.59
C TRP A 534 59.40 -27.41 5.65
N VAL A 535 59.04 -27.03 6.87
CA VAL A 535 60.05 -26.69 7.92
C VAL A 535 60.05 -27.78 8.99
N ASN A 536 61.21 -28.40 9.25
CA ASN A 536 61.33 -29.36 10.39
C ASN A 536 61.91 -28.62 11.60
N GLU A 537 61.06 -28.32 12.59
CA GLU A 537 61.46 -27.54 13.79
C GLU A 537 62.35 -28.37 14.71
N GLU A 538 62.20 -29.71 14.71
CA GLU A 538 63.06 -30.59 15.55
C GLU A 538 64.53 -30.45 15.12
N THR A 539 64.78 -30.32 13.81
CA THR A 539 66.16 -30.39 13.23
C THR A 539 66.66 -29.01 12.78
N LYS A 540 65.74 -28.03 12.69
CA LYS A 540 66.06 -26.63 12.27
C LYS A 540 66.40 -26.59 10.77
N LEU A 541 65.80 -27.48 9.96
CA LEU A 541 66.02 -27.47 8.49
C LEU A 541 64.77 -26.94 7.79
N VAL A 542 64.96 -26.19 6.68
CA VAL A 542 63.82 -25.69 5.85
C VAL A 542 63.95 -26.31 4.46
N TYR A 543 62.95 -27.10 4.04
CA TYR A 543 63.02 -27.82 2.75
C TYR A 543 62.36 -26.97 1.66
N PHE A 544 63.04 -26.74 0.53
CA PHE A 544 62.44 -25.91 -0.56
C PHE A 544 62.77 -26.48 -1.94
N GLN A 545 62.05 -26.01 -2.95
CA GLN A 545 62.44 -26.27 -4.36
C GLN A 545 63.00 -24.98 -4.98
N GLY A 546 63.93 -25.13 -5.92
CA GLY A 546 64.57 -23.94 -6.51
C GLY A 546 65.21 -24.19 -7.86
N THR A 547 65.78 -23.11 -8.41
CA THR A 547 66.46 -23.10 -9.73
C THR A 547 67.97 -23.05 -9.52
N LYS A 548 68.46 -23.34 -8.30
CA LYS A 548 69.90 -23.15 -7.98
C LYS A 548 70.75 -23.79 -9.09
N ASP A 549 70.52 -25.08 -9.36
CA ASP A 549 71.33 -25.82 -10.38
C ASP A 549 71.14 -25.18 -11.76
N THR A 550 69.89 -24.94 -12.17
CA THR A 550 69.62 -24.38 -13.53
C THR A 550 68.17 -23.92 -13.63
N PRO A 551 67.87 -22.81 -14.37
CA PRO A 551 66.49 -22.36 -14.54
C PRO A 551 65.62 -23.35 -15.33
N LEU A 552 66.27 -24.26 -16.06
CA LEU A 552 65.54 -25.28 -16.84
C LEU A 552 65.04 -26.42 -15.95
N GLU A 553 65.38 -26.45 -14.66
CA GLU A 553 65.00 -27.62 -13.83
C GLU A 553 64.57 -27.14 -12.45
N HIS A 554 63.37 -27.52 -12.01
CA HIS A 554 63.02 -27.41 -10.57
C HIS A 554 63.73 -28.53 -9.80
N HIS A 555 64.29 -28.20 -8.62
CA HIS A 555 64.93 -29.22 -7.76
C HIS A 555 64.53 -29.04 -6.29
N LEU A 556 64.51 -30.14 -5.54
CA LEU A 556 64.33 -30.12 -4.08
C LEU A 556 65.67 -29.82 -3.39
N TYR A 557 65.73 -28.78 -2.55
CA TYR A 557 66.94 -28.45 -1.76
C TYR A 557 66.61 -28.56 -0.27
N VAL A 558 67.64 -28.79 0.57
CA VAL A 558 67.48 -28.65 2.05
C VAL A 558 68.49 -27.60 2.52
N VAL A 559 68.09 -26.73 3.44
CA VAL A 559 69.04 -25.75 4.05
C VAL A 559 68.65 -25.66 5.54
N SER A 560 69.47 -25.00 6.36
CA SER A 560 69.11 -24.85 7.80
C SER A 560 68.78 -23.38 8.08
N TYR A 561 67.62 -23.11 8.67
CA TYR A 561 67.29 -21.71 9.03
C TYR A 561 68.14 -21.32 10.27
N GLU A 562 68.45 -22.31 11.11
CA GLU A 562 69.33 -22.12 12.31
C GLU A 562 70.73 -21.68 11.88
N ALA A 563 71.31 -22.36 10.90
CA ALA A 563 72.65 -21.99 10.37
C ALA A 563 72.55 -21.87 8.85
N ALA A 564 72.67 -20.65 8.31
CA ALA A 564 72.66 -20.48 6.85
C ALA A 564 73.99 -21.00 6.32
N GLY A 565 74.07 -22.29 5.98
CA GLY A 565 75.34 -22.87 5.55
C GLY A 565 75.20 -23.66 4.25
N GLU A 566 75.51 -24.95 4.31
CA GLU A 566 75.54 -25.82 3.11
C GLU A 566 74.12 -26.18 2.69
N ILE A 567 73.80 -25.92 1.42
CA ILE A 567 72.53 -26.33 0.77
C ILE A 567 72.75 -27.68 0.09
N VAL A 568 72.19 -28.76 0.66
CA VAL A 568 72.25 -30.11 0.03
C VAL A 568 71.05 -30.26 -0.93
N ARG A 569 71.32 -30.61 -2.19
CA ARG A 569 70.25 -30.94 -3.17
C ARG A 569 69.80 -32.39 -2.94
N LEU A 570 68.52 -32.67 -3.13
CA LEU A 570 67.94 -34.00 -2.78
C LEU A 570 67.36 -34.71 -4.02
N THR A 571 67.43 -34.07 -5.19
CA THR A 571 66.77 -34.61 -6.41
C THR A 571 67.85 -34.85 -7.47
N THR A 572 67.68 -35.88 -8.32
CA THR A 572 68.66 -36.19 -9.40
C THR A 572 68.69 -35.06 -10.43
N PRO A 573 69.87 -34.61 -10.93
CA PRO A 573 69.92 -33.65 -12.03
C PRO A 573 69.57 -34.26 -13.40
N GLY A 574 69.36 -33.42 -14.42
CA GLY A 574 68.93 -33.88 -15.75
C GLY A 574 67.42 -33.93 -15.89
N PHE A 575 66.70 -33.85 -14.77
CA PHE A 575 65.22 -33.88 -14.75
C PHE A 575 64.70 -32.66 -13.97
N SER A 576 63.44 -32.29 -14.17
CA SER A 576 62.78 -31.21 -13.38
C SER A 576 61.76 -31.85 -12.44
N HIS A 577 61.78 -31.51 -11.14
CA HIS A 577 60.95 -32.24 -10.13
C HIS A 577 59.87 -31.33 -9.52
N SER A 578 58.62 -31.80 -9.55
CA SER A 578 57.58 -31.34 -8.59
C SER A 578 57.60 -32.29 -7.38
N CYS A 579 57.70 -31.75 -6.16
CA CYS A 579 57.96 -32.61 -4.97
C CYS A 579 57.07 -32.23 -3.79
N SER A 580 56.76 -33.23 -2.96
CA SER A 580 55.89 -33.07 -1.77
C SER A 580 56.49 -33.86 -0.60
N MET A 581 56.60 -33.21 0.57
CA MET A 581 57.38 -33.75 1.71
C MET A 581 56.43 -34.30 2.79
N SER A 582 56.79 -35.43 3.39
CA SER A 582 56.05 -36.00 4.56
C SER A 582 56.09 -35.01 5.73
N GLN A 583 55.02 -34.94 6.51
CA GLN A 583 55.00 -34.08 7.73
C GLN A 583 55.93 -34.68 8.80
N ASN A 584 56.27 -35.97 8.67
CA ASN A 584 57.29 -36.63 9.54
C ASN A 584 58.69 -36.51 8.92
N PHE A 585 58.82 -35.87 7.75
CA PHE A 585 60.13 -35.63 7.07
C PHE A 585 60.96 -36.92 6.98
N ASP A 586 60.31 -38.07 6.72
CA ASP A 586 61.05 -39.36 6.55
C ASP A 586 61.02 -39.80 5.09
N MET A 587 59.84 -39.76 4.43
CA MET A 587 59.72 -40.05 2.97
C MET A 587 59.38 -38.74 2.25
N PHE A 588 59.66 -38.65 0.93
CA PHE A 588 59.08 -37.58 0.09
C PHE A 588 58.70 -38.17 -1.27
N VAL A 589 57.78 -37.52 -2.00
CA VAL A 589 57.47 -37.92 -3.39
C VAL A 589 58.14 -36.94 -4.36
N SER A 590 58.41 -37.40 -5.58
CA SER A 590 58.85 -36.48 -6.66
C SER A 590 58.26 -36.92 -8.01
N HIS A 591 57.25 -36.19 -8.48
CA HIS A 591 56.78 -36.30 -9.88
C HIS A 591 57.75 -35.52 -10.78
N TYR A 592 58.48 -36.22 -11.67
CA TYR A 592 59.56 -35.55 -12.46
C TYR A 592 59.67 -36.13 -13.88
N SER A 593 60.24 -35.32 -14.77
CA SER A 593 60.35 -35.66 -16.22
C SER A 593 61.50 -34.86 -16.85
N SER A 594 61.83 -35.19 -18.10
CA SER A 594 62.85 -34.45 -18.90
C SER A 594 62.27 -34.16 -20.29
N VAL A 595 62.97 -33.34 -21.09
CA VAL A 595 62.56 -33.13 -22.51
C VAL A 595 62.34 -34.50 -23.16
N SER A 596 63.29 -35.41 -22.92
CA SER A 596 63.43 -36.68 -23.68
C SER A 596 62.66 -37.84 -23.03
N THR A 597 62.19 -37.71 -21.78
CA THR A 597 61.63 -38.87 -21.03
C THR A 597 60.28 -38.53 -20.41
N PRO A 598 59.25 -39.40 -20.55
CA PRO A 598 57.95 -39.16 -19.94
C PRO A 598 57.97 -39.17 -18.42
N PRO A 599 56.93 -38.60 -17.76
CA PRO A 599 56.94 -38.40 -16.31
C PRO A 599 56.97 -39.69 -15.46
N CYS A 600 57.75 -39.65 -14.38
CA CYS A 600 57.71 -40.70 -13.31
C CYS A 600 57.27 -40.07 -11.98
N VAL A 601 56.71 -40.90 -11.09
CA VAL A 601 56.41 -40.49 -9.69
C VAL A 601 57.12 -41.48 -8.77
N HIS A 602 58.33 -41.13 -8.32
CA HIS A 602 59.14 -42.05 -7.47
C HIS A 602 59.02 -41.61 -6.01
N VAL A 603 58.73 -42.55 -5.11
CA VAL A 603 58.78 -42.30 -3.64
C VAL A 603 60.23 -42.46 -3.17
N TYR A 604 60.73 -41.54 -2.35
CA TYR A 604 62.12 -41.61 -1.82
C TYR A 604 62.07 -41.55 -0.29
N LYS A 605 62.86 -42.41 0.37
CA LYS A 605 63.09 -42.36 1.84
C LYS A 605 64.33 -41.51 2.10
N LEU A 606 64.33 -40.73 3.20
CA LEU A 606 65.56 -39.99 3.60
C LEU A 606 66.23 -40.75 4.74
N SER A 607 67.31 -41.49 4.43
CA SER A 607 68.09 -42.23 5.46
C SER A 607 69.46 -41.59 5.68
N GLY A 608 70.22 -42.09 6.66
CA GLY A 608 71.46 -41.46 7.13
C GLY A 608 71.41 -41.25 8.64
N PRO A 609 72.49 -41.54 9.40
CA PRO A 609 72.50 -41.35 10.85
C PRO A 609 71.90 -39.99 11.28
N ASP A 610 71.16 -39.99 12.40
CA ASP A 610 70.43 -38.78 12.88
C ASP A 610 71.41 -37.77 13.52
N ASP A 611 72.64 -38.22 13.83
CA ASP A 611 73.81 -37.33 14.10
C ASP A 611 73.74 -36.07 13.23
N ASP A 612 73.59 -36.24 11.90
CA ASP A 612 73.61 -35.12 10.92
C ASP A 612 72.32 -35.17 10.09
N PRO A 613 71.33 -34.28 10.33
CA PRO A 613 70.06 -34.34 9.61
C PRO A 613 70.10 -33.64 8.25
N LEU A 614 70.93 -32.59 8.13
CA LEU A 614 71.12 -31.86 6.86
C LEU A 614 71.49 -32.87 5.77
N HIS A 615 72.42 -33.76 6.10
CA HIS A 615 73.06 -34.64 5.07
C HIS A 615 72.40 -36.03 5.06
N LYS A 616 71.07 -36.10 5.12
CA LYS A 616 70.37 -37.42 4.99
C LYS A 616 70.19 -37.74 3.50
N GLN A 617 70.85 -38.81 3.01
CA GLN A 617 70.81 -39.16 1.56
C GLN A 617 69.38 -39.55 1.17
N PRO A 618 68.87 -39.06 0.01
CA PRO A 618 67.60 -39.53 -0.53
C PRO A 618 67.77 -40.94 -1.10
N ARG A 619 67.04 -41.91 -0.51
CA ARG A 619 67.17 -43.35 -0.86
C ARG A 619 65.92 -43.74 -1.65
N PHE A 620 66.06 -44.07 -2.95
CA PHE A 620 64.90 -44.47 -3.78
C PHE A 620 64.19 -45.66 -3.11
N TRP A 621 62.87 -45.57 -2.93
CA TRP A 621 62.13 -46.62 -2.17
C TRP A 621 61.18 -47.39 -3.09
N ALA A 622 60.28 -46.68 -3.79
CA ALA A 622 59.29 -47.37 -4.64
C ALA A 622 58.80 -46.41 -5.74
N SER A 623 58.30 -46.97 -6.85
CA SER A 623 57.77 -46.17 -7.98
C SER A 623 56.23 -46.18 -7.92
N MET A 624 55.60 -45.07 -8.30
CA MET A 624 54.12 -45.03 -8.48
C MET A 624 53.78 -44.83 -9.96
N MET A 625 54.74 -44.39 -10.78
CA MET A 625 54.47 -44.20 -12.23
C MET A 625 55.79 -44.30 -13.00
N GLU A 626 55.76 -44.96 -14.15
CA GLU A 626 56.95 -45.03 -15.07
C GLU A 626 56.43 -44.89 -16.51
N ALA A 627 57.07 -44.02 -17.32
CA ALA A 627 56.78 -43.95 -18.77
C ALA A 627 55.29 -43.72 -19.01
N ASP A 633 56.44 -41.67 -34.06
CA ASP A 633 55.64 -40.99 -33.00
C ASP A 633 56.39 -39.72 -32.55
N TYR A 634 56.84 -39.64 -31.29
CA TYR A 634 57.26 -38.35 -30.68
C TYR A 634 58.78 -38.24 -30.66
N VAL A 635 59.34 -37.29 -31.42
CA VAL A 635 60.79 -36.91 -31.25
C VAL A 635 60.84 -35.70 -30.32
N PRO A 636 61.36 -35.85 -29.07
CA PRO A 636 61.47 -34.72 -28.14
C PRO A 636 62.30 -33.58 -28.72
N PRO A 637 61.97 -32.31 -28.39
CA PRO A 637 62.69 -31.16 -28.95
C PRO A 637 64.07 -30.97 -28.31
N GLU A 638 64.88 -30.05 -28.85
CA GLU A 638 66.29 -29.85 -28.38
C GLU A 638 66.38 -28.48 -27.69
N ILE A 639 66.87 -28.43 -26.44
CA ILE A 639 67.05 -27.11 -25.75
C ILE A 639 68.42 -26.54 -26.17
N PHE A 640 68.44 -25.23 -26.40
CA PHE A 640 69.70 -24.51 -26.68
C PHE A 640 69.72 -23.23 -25.84
N HIS A 641 70.81 -22.46 -25.91
CA HIS A 641 70.85 -21.09 -25.34
C HIS A 641 71.58 -20.17 -26.32
N PHE A 642 71.23 -18.88 -26.30
CA PHE A 642 71.92 -17.87 -27.15
C PHE A 642 71.99 -16.56 -26.36
N HIS A 643 72.98 -15.73 -26.67
CA HIS A 643 73.13 -14.39 -26.02
C HIS A 643 72.60 -13.30 -26.96
N THR A 644 71.82 -12.35 -26.41
CA THR A 644 71.30 -11.21 -27.22
C THR A 644 72.45 -10.24 -27.49
N ARG A 645 72.22 -9.26 -28.38
CA ARG A 645 73.23 -8.20 -28.65
C ARG A 645 73.35 -7.27 -27.43
N SER A 646 72.39 -7.37 -26.49
CA SER A 646 72.51 -6.70 -25.16
C SER A 646 73.22 -7.61 -24.14
N ASP A 647 73.71 -8.78 -24.57
CA ASP A 647 74.54 -9.69 -23.74
C ASP A 647 73.65 -10.42 -22.72
N VAL A 648 72.39 -10.70 -23.09
CA VAL A 648 71.41 -11.44 -22.24
C VAL A 648 71.31 -12.89 -22.72
N ARG A 649 71.51 -13.87 -21.85
CA ARG A 649 71.37 -15.30 -22.25
C ARG A 649 69.87 -15.65 -22.29
N LEU A 650 69.34 -15.98 -23.47
CA LEU A 650 67.95 -16.49 -23.61
C LEU A 650 68.04 -17.97 -23.95
N TYR A 651 67.07 -18.78 -23.48
CA TYR A 651 66.99 -20.21 -23.87
C TYR A 651 65.91 -20.39 -24.94
N GLY A 652 66.10 -21.39 -25.82
CA GLY A 652 65.04 -21.78 -26.76
C GLY A 652 64.85 -23.29 -26.80
N MET A 653 63.85 -23.75 -27.57
CA MET A 653 63.64 -25.18 -27.88
C MET A 653 63.46 -25.30 -29.39
N ILE A 654 63.82 -26.46 -29.94
CA ILE A 654 63.60 -26.75 -31.39
C ILE A 654 62.89 -28.11 -31.49
N TYR A 655 61.71 -28.12 -32.09
CA TYR A 655 61.13 -29.38 -32.62
C TYR A 655 61.76 -29.57 -34.02
N LYS A 656 62.63 -30.57 -34.15
CA LYS A 656 63.36 -30.85 -35.41
C LYS A 656 62.37 -31.42 -36.42
N PRO A 657 62.43 -31.06 -37.72
CA PRO A 657 61.55 -31.66 -38.72
C PRO A 657 61.81 -33.16 -38.92
N HIS A 658 60.81 -34.00 -38.62
CA HIS A 658 60.99 -35.48 -38.63
C HIS A 658 61.61 -35.92 -39.97
N ALA A 659 62.57 -36.86 -39.92
CA ALA A 659 63.27 -37.33 -41.12
C ALA A 659 63.93 -36.13 -41.84
N LEU A 660 64.79 -35.39 -41.13
CA LEU A 660 65.34 -34.11 -41.66
C LEU A 660 66.50 -34.40 -42.60
N GLN A 661 66.35 -34.01 -43.88
CA GLN A 661 67.46 -34.07 -44.89
C GLN A 661 68.33 -32.81 -44.79
N PRO A 662 69.51 -32.85 -44.14
CA PRO A 662 70.39 -31.68 -44.11
C PRO A 662 70.50 -31.04 -45.48
N GLY A 663 70.35 -29.71 -45.56
CA GLY A 663 70.42 -28.99 -46.84
C GLY A 663 69.04 -28.58 -47.33
N LYS A 664 68.01 -29.33 -46.93
CA LYS A 664 66.60 -28.92 -47.16
C LYS A 664 66.30 -27.73 -46.23
N LYS A 665 65.53 -26.75 -46.71
CA LYS A 665 65.09 -25.58 -45.88
C LYS A 665 63.58 -25.66 -45.65
N HIS A 666 63.16 -25.96 -44.42
CA HIS A 666 61.73 -26.26 -44.08
C HIS A 666 61.01 -25.00 -43.63
N PRO A 667 59.66 -24.97 -43.67
CA PRO A 667 58.90 -23.86 -43.09
C PRO A 667 58.80 -23.93 -41.56
N THR A 668 58.75 -22.78 -40.90
CA THR A 668 59.00 -22.67 -39.45
C THR A 668 57.78 -22.06 -38.74
N VAL A 669 57.11 -22.86 -37.90
CA VAL A 669 56.06 -22.33 -36.98
C VAL A 669 56.77 -21.89 -35.70
N LEU A 670 57.05 -20.58 -35.57
CA LEU A 670 57.54 -20.01 -34.29
C LEU A 670 56.38 -20.04 -33.29
N PHE A 671 56.43 -20.93 -32.30
CA PHE A 671 55.37 -20.97 -31.26
C PHE A 671 55.75 -19.98 -30.16
N VAL A 672 54.77 -19.17 -29.70
CA VAL A 672 55.06 -18.05 -28.74
C VAL A 672 54.09 -18.12 -27.56
N TYR A 673 54.58 -17.73 -26.38
CA TYR A 673 53.71 -17.17 -25.30
C TYR A 673 54.20 -15.77 -24.93
N GLY A 674 55.31 -15.66 -24.19
CA GLY A 674 56.00 -14.37 -23.98
C GLY A 674 55.41 -13.53 -22.85
N GLY A 675 54.20 -13.86 -22.38
CA GLY A 675 53.67 -13.23 -21.15
C GLY A 675 54.52 -13.54 -19.91
N PRO A 676 54.46 -12.70 -18.87
CA PRO A 676 55.13 -12.99 -17.60
C PRO A 676 54.34 -14.05 -16.82
N GLN A 677 54.91 -14.55 -15.73
CA GLN A 677 54.30 -15.67 -14.96
C GLN A 677 54.29 -16.94 -15.82
N VAL A 678 55.03 -16.95 -16.93
CA VAL A 678 55.11 -18.17 -17.77
C VAL A 678 56.55 -18.34 -18.30
N GLN A 679 57.04 -19.58 -18.19
CA GLN A 679 58.28 -20.08 -18.84
C GLN A 679 57.85 -21.27 -19.70
N LEU A 680 58.21 -21.31 -20.98
CA LEU A 680 57.89 -22.50 -21.83
C LEU A 680 59.14 -23.38 -21.97
N VAL A 681 60.31 -22.74 -22.01
CA VAL A 681 61.60 -23.46 -22.21
C VAL A 681 62.08 -23.95 -20.85
N ASN A 682 61.81 -25.22 -20.52
CA ASN A 682 62.48 -25.87 -19.36
C ASN A 682 62.67 -27.37 -19.66
N ASN A 683 63.39 -28.06 -18.77
CA ASN A 683 63.81 -29.48 -19.01
C ASN A 683 62.72 -30.41 -18.46
N SER A 684 61.55 -30.40 -19.09
CA SER A 684 60.40 -31.24 -18.64
C SER A 684 59.64 -31.72 -19.86
N PHE A 685 58.95 -32.86 -19.75
CA PHE A 685 58.27 -33.47 -20.93
C PHE A 685 57.26 -32.47 -21.50
N LYS A 686 57.30 -32.25 -22.82
CA LYS A 686 56.40 -31.27 -23.48
C LYS A 686 55.34 -32.01 -24.30
N GLY A 687 55.41 -33.34 -24.36
CA GLY A 687 54.60 -34.15 -25.30
C GLY A 687 53.10 -34.04 -25.07
N ILE A 688 52.64 -34.04 -23.81
CA ILE A 688 51.17 -34.09 -23.53
C ILE A 688 50.55 -32.76 -23.96
N LYS A 689 51.08 -31.66 -23.40
CA LYS A 689 50.49 -30.31 -23.57
C LYS A 689 50.74 -29.84 -25.01
N TYR A 690 51.98 -29.97 -25.49
CA TYR A 690 52.38 -29.49 -26.83
C TYR A 690 52.63 -30.69 -27.76
N LEU A 691 51.60 -31.53 -27.90
CA LEU A 691 51.57 -32.62 -28.91
C LEU A 691 51.42 -32.01 -30.31
N ARG A 692 50.63 -30.95 -30.46
CA ARG A 692 50.48 -30.30 -31.79
C ARG A 692 51.85 -29.83 -32.26
N LEU A 693 52.74 -29.47 -31.34
CA LEU A 693 54.09 -28.97 -31.70
C LEU A 693 55.00 -30.12 -32.15
N ASN A 694 54.64 -31.38 -31.88
CA ASN A 694 55.33 -32.54 -32.53
C ASN A 694 54.60 -32.94 -33.81
N THR A 695 53.26 -32.94 -33.80
CA THR A 695 52.48 -33.17 -35.05
C THR A 695 53.02 -32.23 -36.14
N LEU A 696 53.03 -30.92 -35.85
CA LEU A 696 53.65 -29.92 -36.76
C LEU A 696 54.98 -30.48 -37.29
N ALA A 697 55.84 -30.95 -36.38
CA ALA A 697 57.17 -31.50 -36.73
C ALA A 697 57.05 -32.71 -37.68
N SER A 698 56.11 -33.63 -37.40
CA SER A 698 55.93 -34.85 -38.24
C SER A 698 55.66 -34.47 -39.70
N LEU A 699 54.86 -33.43 -39.96
CA LEU A 699 54.52 -33.03 -41.35
C LEU A 699 55.74 -32.40 -42.01
N GLY A 700 56.63 -31.80 -41.21
CA GLY A 700 57.91 -31.28 -41.73
C GLY A 700 58.09 -29.80 -41.48
N TYR A 701 57.26 -29.21 -40.61
CA TYR A 701 57.47 -27.80 -40.16
C TYR A 701 58.60 -27.81 -39.15
N ALA A 702 59.41 -26.74 -39.11
CA ALA A 702 60.28 -26.52 -37.94
C ALA A 702 59.46 -25.74 -36.91
N VAL A 703 59.55 -26.13 -35.63
CA VAL A 703 58.79 -25.40 -34.56
C VAL A 703 59.82 -24.86 -33.56
N VAL A 704 59.77 -23.55 -33.30
CA VAL A 704 60.83 -22.85 -32.54
C VAL A 704 60.18 -22.15 -31.37
N VAL A 705 60.63 -22.43 -30.16
CA VAL A 705 60.03 -21.86 -28.92
C VAL A 705 61.12 -21.06 -28.21
N ILE A 706 60.84 -19.78 -27.88
CA ILE A 706 61.90 -18.88 -27.32
C ILE A 706 61.33 -18.14 -26.11
N ASP A 707 61.96 -18.29 -24.94
CA ASP A 707 61.58 -17.52 -23.73
C ASP A 707 62.28 -16.16 -23.76
N GLY A 708 61.69 -15.18 -24.45
CA GLY A 708 62.20 -13.80 -24.46
C GLY A 708 62.06 -13.14 -23.09
N ARG A 709 62.62 -11.93 -22.93
CA ARG A 709 62.60 -11.20 -21.63
C ARG A 709 61.15 -10.91 -21.25
N GLY A 710 60.87 -10.79 -19.95
CA GLY A 710 59.48 -10.86 -19.46
C GLY A 710 59.17 -12.26 -18.96
N SER A 711 59.95 -13.24 -19.43
CA SER A 711 59.79 -14.67 -19.04
C SER A 711 59.90 -14.84 -17.52
N CYS A 712 59.48 -16.00 -17.00
CA CYS A 712 59.52 -16.32 -15.55
C CYS A 712 60.75 -17.19 -15.23
N GLN A 713 60.94 -17.52 -13.94
CA GLN A 713 62.04 -18.41 -13.47
C GLN A 713 63.40 -17.79 -13.83
N ARG A 714 63.48 -16.47 -13.99
CA ARG A 714 64.75 -15.78 -14.34
C ARG A 714 64.89 -14.50 -13.52
N GLY A 715 64.09 -14.32 -12.46
CA GLY A 715 64.28 -13.20 -11.52
C GLY A 715 63.58 -11.92 -11.96
N LEU A 716 63.61 -10.89 -11.09
CA LEU A 716 62.74 -9.69 -11.22
C LEU A 716 63.23 -8.75 -12.33
N ARG A 717 64.54 -8.50 -12.45
CA ARG A 717 65.06 -7.58 -13.52
C ARG A 717 64.81 -8.19 -14.90
N PHE A 718 64.75 -9.52 -15.00
CA PHE A 718 64.47 -10.21 -16.29
C PHE A 718 62.99 -10.12 -16.62
N GLU A 719 62.13 -10.29 -15.60
CA GLU A 719 60.66 -10.14 -15.75
C GLU A 719 60.39 -8.67 -16.01
N GLY A 720 61.16 -7.79 -15.35
CA GLY A 720 60.90 -6.33 -15.35
C GLY A 720 61.09 -5.69 -16.72
N ALA A 721 61.58 -6.46 -17.70
CA ALA A 721 61.88 -5.92 -19.04
C ALA A 721 60.60 -5.44 -19.75
N LEU A 722 59.44 -5.99 -19.36
CA LEU A 722 58.15 -5.65 -20.01
C LEU A 722 57.53 -4.40 -19.38
N LYS A 723 58.01 -4.01 -18.20
CA LYS A 723 57.37 -2.91 -17.43
C LYS A 723 57.00 -1.75 -18.37
N ASN A 724 55.70 -1.43 -18.46
CA ASN A 724 55.17 -0.28 -19.23
C ASN A 724 55.64 -0.34 -20.69
N GLN A 725 55.72 -1.57 -21.25
CA GLN A 725 56.17 -1.77 -22.65
C GLN A 725 55.72 -3.13 -23.17
N MET A 726 54.55 -3.62 -22.74
CA MET A 726 54.08 -4.96 -23.18
C MET A 726 53.89 -4.96 -24.70
N GLY A 727 54.57 -5.87 -25.40
CA GLY A 727 54.52 -5.97 -26.87
C GLY A 727 55.62 -5.16 -27.55
N GLN A 728 56.59 -4.64 -26.78
CA GLN A 728 57.66 -3.77 -27.35
C GLN A 728 59.04 -4.45 -27.29
N VAL A 729 59.27 -5.37 -26.33
CA VAL A 729 60.64 -5.87 -26.03
C VAL A 729 60.82 -7.32 -26.50
N GLU A 730 59.74 -8.12 -26.58
CA GLU A 730 59.88 -9.59 -26.73
C GLU A 730 59.84 -10.00 -28.20
N ILE A 731 59.12 -9.26 -29.06
CA ILE A 731 59.16 -9.60 -30.52
C ILE A 731 60.59 -9.48 -31.04
N GLU A 732 61.32 -8.43 -30.63
CA GLU A 732 62.78 -8.33 -30.91
C GLU A 732 63.45 -9.65 -30.51
N ASP A 733 63.21 -10.10 -29.28
CA ASP A 733 63.82 -11.36 -28.74
C ASP A 733 63.36 -12.57 -29.58
N GLN A 734 62.11 -12.56 -30.09
CA GLN A 734 61.60 -13.70 -30.90
C GLN A 734 62.25 -13.69 -32.28
N VAL A 735 62.50 -12.51 -32.85
CA VAL A 735 63.31 -12.40 -34.10
C VAL A 735 64.75 -12.83 -33.76
N GLU A 736 65.34 -12.21 -32.74
CA GLU A 736 66.76 -12.47 -32.35
C GLU A 736 66.98 -13.98 -32.16
N GLY A 737 66.08 -14.69 -31.48
CA GLY A 737 66.24 -16.14 -31.24
C GLY A 737 65.89 -16.98 -32.45
N LEU A 738 65.28 -16.38 -33.46
CA LEU A 738 64.82 -17.07 -34.71
C LEU A 738 65.94 -17.03 -35.76
N GLN A 739 66.53 -15.84 -35.96
CA GLN A 739 67.74 -15.68 -36.81
C GLN A 739 68.86 -16.59 -36.27
N PHE A 740 68.92 -16.74 -34.94
CA PHE A 740 69.97 -17.57 -34.28
C PHE A 740 69.77 -19.04 -34.68
N VAL A 741 68.59 -19.58 -34.37
CA VAL A 741 68.23 -20.98 -34.73
C VAL A 741 68.58 -21.22 -36.21
N ALA A 742 68.42 -20.19 -37.05
CA ALA A 742 68.77 -20.31 -38.48
C ALA A 742 70.27 -20.58 -38.63
N GLU A 743 71.10 -19.78 -37.96
CA GLU A 743 72.59 -19.90 -38.04
C GLU A 743 73.06 -21.25 -37.46
N LYS A 744 72.48 -21.72 -36.35
CA LYS A 744 72.96 -22.96 -35.68
C LYS A 744 72.57 -24.19 -36.51
N TYR A 745 71.29 -24.34 -36.84
CA TYR A 745 70.74 -25.64 -37.34
C TYR A 745 70.77 -25.67 -38.87
N GLY A 746 70.35 -24.58 -39.51
CA GLY A 746 70.51 -24.44 -40.97
C GLY A 746 69.55 -25.32 -41.76
N PHE A 747 68.37 -25.61 -41.18
CA PHE A 747 67.25 -26.23 -41.94
C PHE A 747 66.05 -25.29 -41.94
N ILE A 748 66.21 -24.09 -41.38
CA ILE A 748 65.11 -23.10 -41.25
C ILE A 748 65.07 -22.27 -42.53
N ASP A 749 63.86 -21.89 -42.99
CA ASP A 749 63.68 -21.06 -44.22
C ASP A 749 63.01 -19.76 -43.80
N LEU A 750 63.79 -18.65 -43.72
CA LEU A 750 63.28 -17.42 -43.07
C LEU A 750 62.28 -16.69 -43.97
N SER A 751 62.15 -17.12 -45.25
CA SER A 751 61.12 -16.57 -46.18
C SER A 751 59.75 -17.23 -45.96
N ARG A 752 59.71 -18.25 -45.11
CA ARG A 752 58.42 -18.87 -44.68
C ARG A 752 58.43 -19.09 -43.16
N VAL A 753 58.11 -18.06 -42.36
CA VAL A 753 57.99 -18.29 -40.89
C VAL A 753 56.59 -17.85 -40.45
N ALA A 754 56.05 -18.51 -39.42
CA ALA A 754 54.68 -18.25 -38.94
C ALA A 754 54.68 -18.15 -37.41
N ILE A 755 54.26 -16.99 -36.90
CA ILE A 755 54.14 -16.76 -35.42
C ILE A 755 52.75 -17.24 -34.96
N HIS A 756 52.70 -18.09 -33.94
CA HIS A 756 51.39 -18.63 -33.49
C HIS A 756 51.41 -18.86 -31.98
N GLY A 757 50.37 -18.35 -31.29
CA GLY A 757 50.24 -18.48 -29.83
C GLY A 757 48.81 -18.25 -29.37
N TRP A 758 48.48 -18.73 -28.17
CA TRP A 758 47.16 -18.50 -27.55
C TRP A 758 47.35 -17.55 -26.36
N SER A 759 46.25 -16.89 -25.94
CA SER A 759 46.29 -15.95 -24.79
C SER A 759 47.27 -14.82 -25.07
N TYR A 760 48.34 -14.69 -24.27
CA TYR A 760 49.36 -13.63 -24.49
C TYR A 760 50.11 -13.94 -25.80
N GLY A 761 50.23 -15.23 -26.13
CA GLY A 761 50.85 -15.67 -27.39
C GLY A 761 50.14 -15.07 -28.58
N GLY A 762 48.82 -15.20 -28.63
CA GLY A 762 48.02 -14.48 -29.65
C GLY A 762 48.40 -13.02 -29.68
N PHE A 763 48.47 -12.38 -28.51
CA PHE A 763 48.84 -10.94 -28.43
C PHE A 763 50.20 -10.72 -29.11
N LEU A 764 51.17 -11.61 -28.90
CA LEU A 764 52.51 -11.48 -29.55
C LEU A 764 52.41 -11.74 -31.05
N SER A 765 51.69 -12.79 -31.47
CA SER A 765 51.45 -13.04 -32.92
C SER A 765 51.10 -11.72 -33.62
N LEU A 766 50.12 -10.98 -33.09
CA LEU A 766 49.58 -9.77 -33.74
C LEU A 766 50.60 -8.63 -33.66
N MET A 767 51.35 -8.52 -32.55
CA MET A 767 52.48 -7.56 -32.51
C MET A 767 53.52 -7.97 -33.55
N GLY A 768 53.83 -9.26 -33.63
CA GLY A 768 54.80 -9.80 -34.59
C GLY A 768 54.47 -9.47 -36.04
N LEU A 769 53.18 -9.42 -36.39
CA LEU A 769 52.75 -9.14 -37.80
C LEU A 769 52.76 -7.62 -38.04
N ILE A 770 52.60 -6.83 -36.98
CA ILE A 770 52.65 -5.34 -37.11
C ILE A 770 54.12 -4.90 -37.21
N HIS A 771 54.96 -5.40 -36.29
CA HIS A 771 56.34 -4.88 -36.13
C HIS A 771 57.32 -5.56 -37.10
N LYS A 772 57.04 -6.78 -37.58
CA LYS A 772 58.03 -7.55 -38.39
C LYS A 772 57.38 -8.36 -39.51
N PRO A 773 56.61 -7.74 -40.44
CA PRO A 773 55.97 -8.46 -41.55
C PRO A 773 56.91 -8.97 -42.65
N GLN A 774 58.10 -8.35 -42.75
CA GLN A 774 59.27 -8.91 -43.48
C GLN A 774 59.69 -10.28 -42.92
N VAL A 775 59.40 -10.54 -41.64
CA VAL A 775 59.87 -11.75 -40.91
C VAL A 775 58.77 -12.82 -40.91
N PHE A 776 57.55 -12.43 -40.52
CA PHE A 776 56.41 -13.36 -40.30
C PHE A 776 55.41 -13.22 -41.44
N LYS A 777 55.27 -14.28 -42.26
CA LYS A 777 54.42 -14.24 -43.48
C LYS A 777 52.95 -14.53 -43.10
N VAL A 778 52.71 -15.35 -42.08
CA VAL A 778 51.32 -15.51 -41.57
C VAL A 778 51.34 -15.45 -40.04
N ALA A 779 50.27 -14.91 -39.44
CA ALA A 779 50.05 -14.98 -37.98
C ALA A 779 48.74 -15.70 -37.71
N ILE A 780 48.73 -16.63 -36.74
CA ILE A 780 47.48 -17.22 -36.17
C ILE A 780 47.39 -16.83 -34.69
N ALA A 781 46.55 -15.84 -34.37
CA ALA A 781 46.42 -15.36 -32.97
C ALA A 781 45.17 -15.94 -32.29
N GLY A 782 45.36 -16.55 -31.10
CA GLY A 782 44.25 -17.08 -30.29
C GLY A 782 44.08 -16.29 -29.00
N ALA A 783 42.82 -16.05 -28.60
CA ALA A 783 42.50 -15.30 -27.34
C ALA A 783 43.47 -14.15 -27.14
N PRO A 784 43.57 -13.16 -28.06
CA PRO A 784 44.56 -12.11 -27.89
C PRO A 784 43.98 -10.93 -27.12
N VAL A 785 44.82 -10.24 -26.35
CA VAL A 785 44.43 -8.91 -25.78
C VAL A 785 44.81 -7.86 -26.84
N THR A 786 43.79 -7.23 -27.43
CA THR A 786 43.97 -6.19 -28.47
C THR A 786 43.95 -4.80 -27.82
N VAL A 787 43.17 -4.64 -26.74
CA VAL A 787 43.07 -3.34 -26.02
C VAL A 787 43.41 -3.60 -24.55
N TRP A 788 44.45 -2.95 -24.03
CA TRP A 788 44.79 -3.15 -22.60
C TRP A 788 43.75 -2.45 -21.73
N MET A 789 43.18 -1.34 -22.23
CA MET A 789 42.13 -0.59 -21.47
C MET A 789 40.91 -1.47 -21.18
N ALA A 790 40.74 -2.59 -21.88
CA ALA A 790 39.63 -3.54 -21.61
C ALA A 790 40.15 -4.80 -20.89
N TYR A 791 41.31 -4.72 -20.24
CA TYR A 791 41.78 -5.90 -19.45
C TYR A 791 41.73 -5.55 -17.96
N ASP A 792 41.90 -6.56 -17.09
CA ASP A 792 41.66 -6.37 -15.63
C ASP A 792 42.79 -5.55 -15.01
N THR A 793 42.59 -5.15 -13.76
CA THR A 793 43.47 -4.23 -13.00
C THR A 793 44.67 -4.94 -12.38
N GLY A 794 44.44 -6.08 -11.72
CA GLY A 794 45.52 -6.79 -11.01
C GLY A 794 46.67 -7.18 -11.94
N TYR A 795 46.35 -7.73 -13.11
CA TYR A 795 47.39 -8.11 -14.11
C TYR A 795 48.02 -6.86 -14.71
N THR A 796 47.18 -5.99 -15.30
CA THR A 796 47.64 -4.85 -16.16
C THR A 796 48.33 -3.77 -15.33
N GLU A 797 47.74 -3.36 -14.20
CA GLU A 797 48.30 -2.24 -13.40
C GLU A 797 49.66 -2.66 -12.81
N ARG A 798 49.87 -3.96 -12.58
CA ARG A 798 51.13 -4.49 -12.02
C ARG A 798 52.25 -4.36 -13.05
N TYR A 799 51.91 -4.24 -14.33
CA TYR A 799 52.93 -4.23 -15.42
C TYR A 799 52.87 -2.94 -16.24
N MET A 800 51.68 -2.47 -16.57
CA MET A 800 51.51 -1.34 -17.52
C MET A 800 51.05 -0.06 -16.83
N ASP A 801 50.76 -0.11 -15.52
CA ASP A 801 50.39 1.10 -14.74
C ASP A 801 48.92 1.46 -15.04
N VAL A 802 48.50 2.65 -14.65
CA VAL A 802 47.12 3.16 -14.91
C VAL A 802 47.07 3.71 -16.33
N PRO A 803 45.92 3.72 -17.07
CA PRO A 803 45.94 4.30 -18.42
C PRO A 803 46.32 5.78 -18.40
N GLU A 804 45.95 6.50 -17.33
CA GLU A 804 46.27 7.96 -17.17
C GLU A 804 47.73 8.16 -16.74
N ASN A 805 48.53 7.09 -16.67
CA ASN A 805 49.97 7.19 -16.29
C ASN A 805 50.85 6.47 -17.32
N ASN A 806 50.26 5.83 -18.33
CA ASN A 806 51.04 5.15 -19.39
C ASN A 806 50.29 5.28 -20.71
N GLN A 807 50.05 6.52 -21.16
CA GLN A 807 49.35 6.78 -22.45
C GLN A 807 50.09 6.03 -23.57
N HIS A 808 51.38 6.33 -23.72
CA HIS A 808 52.23 5.75 -24.79
C HIS A 808 52.15 4.22 -24.74
N GLY A 809 52.41 3.64 -23.55
CA GLY A 809 52.54 2.18 -23.39
C GLY A 809 51.27 1.44 -23.75
N TYR A 810 50.12 1.89 -23.23
CA TYR A 810 48.81 1.29 -23.62
C TYR A 810 48.54 1.48 -25.12
N GLU A 811 48.98 2.63 -25.67
CA GLU A 811 48.67 2.96 -27.08
C GLU A 811 49.72 2.38 -28.03
N ALA A 812 50.83 1.85 -27.50
CA ALA A 812 51.83 1.15 -28.35
C ALA A 812 51.56 -0.36 -28.33
N GLY A 813 51.16 -0.89 -27.16
CA GLY A 813 50.99 -2.35 -26.98
C GLY A 813 49.58 -2.80 -27.22
N SER A 814 48.75 -1.98 -27.87
CA SER A 814 47.34 -2.34 -28.18
C SER A 814 47.21 -2.67 -29.68
N VAL A 815 47.16 -3.96 -30.04
CA VAL A 815 47.26 -4.38 -31.47
C VAL A 815 46.02 -3.90 -32.23
N ALA A 816 44.90 -3.66 -31.54
CA ALA A 816 43.67 -3.11 -32.18
C ALA A 816 43.89 -1.65 -32.60
N LEU A 817 44.81 -0.94 -31.93
CA LEU A 817 45.04 0.50 -32.25
C LEU A 817 46.03 0.63 -33.43
N HIS A 818 46.58 -0.48 -33.92
CA HIS A 818 47.67 -0.42 -34.94
C HIS A 818 47.30 -1.23 -36.17
N VAL A 819 46.00 -1.26 -36.50
CA VAL A 819 45.47 -2.14 -37.58
C VAL A 819 45.99 -1.65 -38.92
N GLU A 820 46.16 -0.33 -39.10
CA GLU A 820 46.77 0.22 -40.34
C GLU A 820 48.05 -0.55 -40.68
N LYS A 821 48.78 -1.04 -39.67
CA LYS A 821 50.09 -1.72 -39.88
C LYS A 821 49.91 -3.23 -40.14
N LEU A 822 48.67 -3.74 -40.22
CA LEU A 822 48.45 -5.16 -40.59
C LEU A 822 48.50 -5.28 -42.11
N PRO A 823 48.75 -6.49 -42.66
CA PRO A 823 48.91 -6.68 -44.11
C PRO A 823 47.71 -6.25 -44.97
N ASN A 824 47.99 -5.58 -46.09
CA ASN A 824 46.98 -5.34 -47.16
C ASN A 824 46.72 -6.67 -47.88
N GLU A 825 47.68 -7.59 -47.81
CA GLU A 825 47.56 -8.94 -48.45
C GLU A 825 46.66 -9.82 -47.58
N PRO A 826 45.73 -10.60 -48.18
CA PRO A 826 44.93 -11.59 -47.43
C PRO A 826 45.62 -12.95 -47.24
N ASN A 827 45.16 -13.73 -46.25
CA ASN A 827 45.67 -15.11 -45.97
C ASN A 827 46.93 -15.08 -45.10
N ARG A 828 47.34 -13.88 -44.66
CA ARG A 828 48.52 -13.69 -43.77
C ARG A 828 48.11 -13.54 -42.29
N LEU A 829 46.82 -13.67 -41.95
CA LEU A 829 46.37 -13.47 -40.53
C LEU A 829 45.11 -14.29 -40.24
N LEU A 830 45.20 -15.24 -39.29
CA LEU A 830 44.04 -16.05 -38.86
C LEU A 830 43.73 -15.70 -37.41
N ILE A 831 42.47 -15.35 -37.11
CA ILE A 831 42.07 -14.99 -35.70
C ILE A 831 41.25 -16.14 -35.13
N LEU A 832 41.47 -16.48 -33.86
CA LEU A 832 40.68 -17.54 -33.18
C LEU A 832 40.17 -16.94 -31.86
N HIS A 833 38.95 -17.29 -31.45
CA HIS A 833 38.46 -16.84 -30.12
C HIS A 833 37.24 -17.68 -29.73
N GLY A 834 37.31 -18.32 -28.56
CA GLY A 834 36.12 -18.93 -27.93
C GLY A 834 35.11 -17.87 -27.53
N PHE A 835 33.81 -18.16 -27.73
CA PHE A 835 32.73 -17.14 -27.56
C PHE A 835 32.37 -16.95 -26.08
N LEU A 836 32.82 -17.85 -25.19
CA LEU A 836 32.49 -17.72 -23.74
C LEU A 836 33.73 -17.30 -22.93
N ASP A 837 34.81 -16.87 -23.59
CA ASP A 837 36.03 -16.43 -22.88
C ASP A 837 35.62 -15.34 -21.88
N GLU A 838 35.77 -15.63 -20.59
CA GLU A 838 35.46 -14.63 -19.52
C GLU A 838 36.78 -14.03 -19.01
N ASN A 839 37.92 -14.56 -19.50
CA ASN A 839 39.27 -14.05 -19.15
C ASN A 839 39.56 -12.87 -20.06
N VAL A 840 39.77 -13.18 -21.34
CA VAL A 840 39.88 -12.17 -22.42
C VAL A 840 38.51 -12.12 -23.07
N HIS A 841 37.81 -11.00 -23.01
CA HIS A 841 36.39 -10.99 -23.48
C HIS A 841 36.39 -11.03 -25.01
N PHE A 842 35.44 -11.76 -25.61
CA PHE A 842 35.38 -11.88 -27.10
C PHE A 842 35.40 -10.47 -27.71
N PHE A 843 34.95 -9.46 -26.95
CA PHE A 843 35.09 -8.03 -27.35
C PHE A 843 36.45 -7.78 -28.01
N HIS A 844 37.53 -8.30 -27.40
CA HIS A 844 38.92 -8.03 -27.88
C HIS A 844 39.03 -8.34 -29.37
N THR A 845 38.65 -9.55 -29.80
CA THR A 845 38.57 -9.89 -31.25
C THR A 845 37.52 -9.02 -31.91
N ASN A 846 36.27 -9.11 -31.44
CA ASN A 846 35.14 -8.31 -31.98
C ASN A 846 35.64 -6.89 -32.29
N PHE A 847 36.40 -6.30 -31.36
CA PHE A 847 36.88 -4.90 -31.52
C PHE A 847 38.01 -4.81 -32.55
N LEU A 848 38.88 -5.82 -32.61
CA LEU A 848 39.91 -5.90 -33.68
C LEU A 848 39.20 -6.05 -35.04
N VAL A 849 38.17 -6.90 -35.13
CA VAL A 849 37.43 -7.08 -36.41
C VAL A 849 36.77 -5.74 -36.79
N SER A 850 36.29 -4.98 -35.80
CA SER A 850 35.71 -3.64 -36.11
C SER A 850 36.78 -2.80 -36.81
N GLN A 851 38.02 -2.87 -36.32
CA GLN A 851 39.08 -1.91 -36.70
C GLN A 851 39.79 -2.40 -37.97
N LEU A 852 39.98 -3.72 -38.09
CA LEU A 852 40.37 -4.34 -39.38
C LEU A 852 39.48 -3.76 -40.49
N ILE A 853 38.15 -3.92 -40.35
CA ILE A 853 37.14 -3.48 -41.36
C ILE A 853 37.27 -1.98 -41.62
N ARG A 854 37.42 -1.19 -40.55
CA ARG A 854 37.60 0.29 -40.67
C ARG A 854 38.90 0.61 -41.42
N ALA A 855 39.94 -0.22 -41.25
CA ALA A 855 41.22 0.00 -41.95
C ALA A 855 41.19 -0.64 -43.35
N GLY A 856 40.08 -1.27 -43.73
CA GLY A 856 39.96 -1.93 -45.04
C GLY A 856 40.91 -3.10 -45.17
N LYS A 857 40.95 -3.97 -44.15
CA LYS A 857 41.97 -5.04 -44.07
C LYS A 857 41.29 -6.40 -44.10
N PRO A 858 41.88 -7.41 -44.78
CA PRO A 858 41.31 -8.75 -44.79
C PRO A 858 41.49 -9.40 -43.41
N TYR A 859 40.86 -10.56 -43.21
CA TYR A 859 41.11 -11.36 -41.98
C TYR A 859 40.44 -12.71 -42.16
N GLN A 860 40.99 -13.74 -41.52
CA GLN A 860 40.22 -14.98 -41.30
C GLN A 860 39.80 -14.96 -39.83
N LEU A 861 38.85 -15.81 -39.46
CA LEU A 861 38.30 -15.81 -38.08
C LEU A 861 37.62 -17.16 -37.83
N GLN A 862 37.86 -17.74 -36.66
CA GLN A 862 37.21 -18.99 -36.19
C GLN A 862 36.64 -18.74 -34.80
N ILE A 863 35.35 -19.04 -34.60
CA ILE A 863 34.70 -18.92 -33.26
C ILE A 863 34.83 -20.27 -32.55
N TYR A 864 34.83 -20.28 -31.21
CA TYR A 864 34.69 -21.54 -30.45
C TYR A 864 33.50 -21.41 -29.51
N PRO A 865 32.26 -21.67 -29.98
CA PRO A 865 31.04 -21.22 -29.30
C PRO A 865 30.81 -21.89 -27.94
N ASN A 866 31.49 -23.01 -27.69
CA ASN A 866 31.38 -23.74 -26.40
C ASN A 866 32.74 -23.70 -25.69
N GLU A 867 33.45 -22.58 -25.75
CA GLU A 867 34.84 -22.54 -25.23
C GLU A 867 35.18 -21.14 -24.68
N ARG A 868 35.75 -21.09 -23.48
CA ARG A 868 36.15 -19.80 -22.89
C ARG A 868 37.60 -19.55 -23.29
N HIS A 869 38.50 -19.35 -22.34
CA HIS A 869 39.90 -18.97 -22.66
C HIS A 869 40.71 -20.21 -23.06
N SER A 870 40.06 -21.36 -23.29
CA SER A 870 40.81 -22.58 -23.67
C SER A 870 39.84 -23.61 -24.27
N ILE A 871 40.36 -24.69 -24.83
CA ILE A 871 39.46 -25.67 -25.51
C ILE A 871 39.40 -26.98 -24.70
N ARG A 872 38.30 -27.17 -23.97
CA ARG A 872 38.07 -28.37 -23.11
C ARG A 872 37.41 -29.49 -23.92
N CYS A 873 36.39 -29.15 -24.73
CA CYS A 873 35.75 -30.11 -25.66
C CYS A 873 36.75 -30.54 -26.73
N PRO A 874 37.16 -31.82 -26.77
CA PRO A 874 38.13 -32.30 -27.74
C PRO A 874 37.73 -32.04 -29.20
N GLU A 875 36.45 -32.24 -29.51
CA GLU A 875 35.92 -32.09 -30.89
C GLU A 875 36.38 -30.74 -31.46
N SER A 876 36.35 -29.69 -30.63
CA SER A 876 36.89 -28.36 -31.01
C SER A 876 38.40 -28.42 -31.18
N GLY A 877 39.11 -28.94 -30.17
CA GLY A 877 40.57 -29.06 -30.22
C GLY A 877 41.03 -29.59 -31.56
N GLU A 878 40.56 -30.77 -31.96
CA GLU A 878 41.01 -31.38 -33.24
C GLU A 878 40.76 -30.37 -34.36
N HIS A 879 39.51 -29.90 -34.49
CA HIS A 879 39.19 -28.86 -35.50
C HIS A 879 40.27 -27.77 -35.46
N TYR A 880 40.45 -27.11 -34.31
CA TYR A 880 41.50 -26.07 -34.16
C TYR A 880 42.78 -26.56 -34.83
N GLU A 881 43.27 -27.74 -34.43
CA GLU A 881 44.52 -28.32 -35.00
C GLU A 881 44.37 -28.50 -36.51
N VAL A 882 43.26 -29.07 -36.97
CA VAL A 882 43.07 -29.35 -38.43
C VAL A 882 43.07 -28.01 -39.19
N THR A 883 42.58 -26.93 -38.57
CA THR A 883 42.60 -25.59 -39.20
C THR A 883 44.02 -25.02 -39.16
N LEU A 884 44.79 -25.36 -38.13
CA LEU A 884 46.19 -24.85 -38.01
C LEU A 884 47.04 -25.44 -39.14
N LEU A 885 46.90 -26.74 -39.40
CA LEU A 885 47.63 -27.40 -40.51
C LEU A 885 47.15 -26.87 -41.86
N HIS A 886 45.83 -26.66 -42.03
CA HIS A 886 45.25 -26.22 -43.33
C HIS A 886 45.61 -24.76 -43.61
N PHE A 887 45.53 -23.87 -42.62
CA PHE A 887 45.95 -22.45 -42.81
C PHE A 887 47.42 -22.40 -43.22
N LEU A 888 48.30 -23.17 -42.55
CA LEU A 888 49.76 -23.14 -42.83
C LEU A 888 50.01 -23.64 -44.25
N GLN A 889 49.46 -24.81 -44.60
CA GLN A 889 49.77 -25.52 -45.86
C GLN A 889 49.36 -24.66 -47.08
N GLU A 890 48.13 -24.16 -47.10
CA GLU A 890 47.63 -23.40 -48.29
C GLU A 890 48.32 -22.04 -48.39
N TYR A 891 48.71 -21.43 -47.27
CA TYR A 891 49.07 -19.98 -47.27
C TYR A 891 50.57 -19.78 -46.94
N LEU A 892 51.11 -20.40 -45.89
CA LEU A 892 52.55 -20.16 -45.54
C LEU A 892 53.44 -20.74 -46.63
N HIS A 893 53.85 -19.92 -47.60
CA HIS A 893 54.57 -20.43 -48.81
C HIS A 893 55.53 -19.38 -49.40
N HIS A 894 56.41 -19.85 -50.28
CA HIS A 894 57.33 -19.00 -51.10
C HIS A 894 57.95 -17.88 -50.26
N PRO B 49 38.51 -25.50 -72.04
CA PRO B 49 39.57 -25.15 -73.00
C PRO B 49 39.95 -23.66 -72.89
N ALA B 50 39.96 -22.94 -74.02
CA ALA B 50 39.97 -21.46 -74.01
C ALA B 50 38.53 -20.92 -73.89
N ALA B 51 37.54 -21.79 -73.67
CA ALA B 51 36.11 -21.39 -73.60
C ALA B 51 35.78 -20.80 -72.22
N ARG B 52 36.31 -21.42 -71.15
CA ARG B 52 36.08 -20.98 -69.76
C ARG B 52 36.64 -19.57 -69.55
N PHE B 53 35.76 -18.60 -69.24
CA PHE B 53 36.18 -17.20 -68.99
C PHE B 53 36.83 -17.10 -67.61
N GLN B 54 37.90 -16.32 -67.47
CA GLN B 54 38.65 -16.21 -66.18
C GLN B 54 38.62 -14.77 -65.67
N VAL B 55 37.86 -14.50 -64.61
CA VAL B 55 37.81 -13.11 -64.04
C VAL B 55 39.25 -12.65 -63.76
N GLN B 56 39.60 -11.44 -64.20
CA GLN B 56 40.91 -10.82 -63.86
C GLN B 56 41.16 -11.02 -62.37
N LYS B 57 42.18 -11.80 -61.99
CA LYS B 57 42.55 -11.96 -60.55
C LYS B 57 43.18 -10.63 -60.09
N HIS B 58 42.57 -9.96 -59.12
CA HIS B 58 43.11 -8.68 -58.57
C HIS B 58 43.71 -8.92 -57.19
N SER B 59 44.66 -8.08 -56.78
CA SER B 59 45.06 -7.94 -55.35
C SER B 59 43.88 -7.38 -54.52
N TRP B 60 43.88 -7.62 -53.20
CA TRP B 60 42.83 -7.10 -52.30
C TRP B 60 42.82 -5.57 -52.34
N ASP B 61 43.99 -4.92 -52.39
CA ASP B 61 44.04 -3.46 -52.60
C ASP B 61 43.32 -3.14 -53.93
N GLY B 62 43.56 -3.96 -54.96
CA GLY B 62 42.90 -3.81 -56.26
C GLY B 62 41.38 -3.85 -56.15
N LEU B 63 40.82 -4.77 -55.35
CA LEU B 63 39.35 -4.93 -55.24
C LEU B 63 38.76 -3.75 -54.43
N ARG B 64 39.47 -3.27 -53.42
CA ARG B 64 39.02 -2.07 -52.66
C ARG B 64 38.83 -0.88 -53.60
N SER B 65 39.77 -0.67 -54.54
CA SER B 65 39.72 0.51 -55.44
C SER B 65 38.61 0.31 -56.48
N ILE B 66 38.42 -0.93 -56.97
CA ILE B 66 37.28 -1.26 -57.88
C ILE B 66 35.98 -0.93 -57.16
N ILE B 67 35.82 -1.45 -55.93
CA ILE B 67 34.54 -1.29 -55.17
C ILE B 67 34.37 0.19 -54.80
N HIS B 68 35.45 0.88 -54.45
CA HIS B 68 35.39 2.34 -54.15
C HIS B 68 34.95 3.11 -55.40
N GLY B 69 35.26 2.61 -56.59
CA GLY B 69 34.76 3.20 -57.85
C GLY B 69 33.27 2.98 -58.02
N SER B 70 32.72 1.88 -57.49
CA SER B 70 31.29 1.52 -57.66
C SER B 70 30.38 2.65 -57.15
N ARG B 71 30.72 3.20 -55.98
CA ARG B 71 29.87 4.20 -55.30
C ARG B 71 30.38 5.61 -55.63
N LYS B 72 30.43 5.94 -56.92
CA LYS B 72 30.99 7.25 -57.38
C LYS B 72 30.86 7.33 -58.92
N LYS B 80 16.98 9.79 -50.44
CA LYS B 80 15.63 9.21 -50.69
C LYS B 80 14.82 10.18 -51.58
N ALA B 81 14.01 9.63 -52.49
CA ALA B 81 13.15 10.47 -53.37
C ALA B 81 11.96 10.99 -52.57
N PRO B 82 11.22 12.00 -53.10
CA PRO B 82 10.04 12.52 -52.41
C PRO B 82 9.04 11.41 -52.02
N HIS B 83 8.62 11.43 -50.75
CA HIS B 83 7.71 10.39 -50.19
C HIS B 83 6.86 11.02 -49.08
N ASP B 84 5.78 10.35 -48.69
CA ASP B 84 4.91 10.84 -47.60
C ASP B 84 4.35 12.20 -48.02
N PHE B 85 3.41 12.21 -48.97
CA PHE B 85 2.95 13.45 -49.66
C PHE B 85 1.67 13.98 -49.03
N GLN B 86 1.60 15.31 -48.81
CA GLN B 86 0.36 15.98 -48.34
C GLN B 86 -0.05 17.06 -49.35
N PHE B 87 -1.18 16.84 -50.05
CA PHE B 87 -1.67 17.85 -51.03
C PHE B 87 -2.54 18.88 -50.31
N VAL B 88 -2.26 20.17 -50.50
CA VAL B 88 -3.12 21.24 -49.90
C VAL B 88 -3.52 22.23 -51.00
N GLN B 89 -4.81 22.54 -51.10
CA GLN B 89 -5.33 23.54 -52.08
C GLN B 89 -5.16 24.96 -51.50
N LYS B 90 -4.91 25.93 -52.38
CA LYS B 90 -4.36 27.26 -51.98
C LYS B 90 -5.48 28.20 -51.53
N THR B 91 -6.73 27.95 -51.96
CA THR B 91 -7.91 28.77 -51.52
C THR B 91 -7.71 30.23 -51.95
N ASP B 92 -7.14 30.44 -53.14
CA ASP B 92 -6.82 31.81 -53.64
C ASP B 92 -7.09 31.83 -55.16
N GLU B 93 -8.31 32.24 -55.55
CA GLU B 93 -8.77 32.14 -56.96
C GLU B 93 -7.86 32.96 -57.89
N SER B 94 -7.18 33.99 -57.37
CA SER B 94 -6.47 34.98 -58.22
C SER B 94 -4.94 34.74 -58.26
N GLY B 95 -4.40 33.91 -57.36
CA GLY B 95 -2.94 33.68 -57.28
C GLY B 95 -2.44 32.65 -58.29
N PRO B 96 -1.10 32.48 -58.44
CA PRO B 96 -0.53 31.61 -59.47
C PRO B 96 -0.46 30.10 -59.13
N HIS B 97 -0.65 29.75 -57.86
CA HIS B 97 -0.52 28.33 -57.40
C HIS B 97 -1.90 27.76 -57.07
N SER B 98 -2.21 26.57 -57.61
CA SER B 98 -3.47 25.85 -57.30
C SER B 98 -3.29 24.98 -56.05
N HIS B 99 -2.06 24.49 -55.83
CA HIS B 99 -1.79 23.53 -54.72
C HIS B 99 -0.45 23.84 -54.05
N ARG B 100 -0.19 23.18 -52.92
CA ARG B 100 1.17 23.07 -52.33
C ARG B 100 1.39 21.61 -51.92
N LEU B 101 2.39 20.96 -52.52
CA LEU B 101 2.79 19.57 -52.14
C LEU B 101 3.71 19.65 -50.92
N TYR B 102 3.37 18.95 -49.84
CA TYR B 102 4.33 18.75 -48.71
C TYR B 102 4.91 17.34 -48.83
N TYR B 103 6.16 17.16 -48.42
CA TYR B 103 6.81 15.82 -48.49
C TYR B 103 8.11 15.80 -47.69
N LEU B 104 8.78 14.65 -47.69
CA LEU B 104 10.17 14.55 -47.18
C LEU B 104 11.11 14.27 -48.35
N GLY B 105 12.39 14.66 -48.24
CA GLY B 105 13.35 14.47 -49.35
C GLY B 105 14.76 14.91 -49.00
N MET B 106 15.72 14.64 -49.89
CA MET B 106 17.16 14.96 -49.65
C MET B 106 17.68 15.91 -50.74
N PRO B 107 18.92 16.44 -50.63
CA PRO B 107 19.66 16.99 -51.76
C PRO B 107 20.48 15.91 -52.49
N ARG B 111 22.66 15.32 -47.63
CA ARG B 111 22.68 15.59 -46.17
C ARG B 111 21.64 14.68 -45.49
N GLU B 112 20.56 15.25 -44.94
CA GLU B 112 19.51 14.48 -44.23
C GLU B 112 18.18 14.63 -44.95
N ASN B 113 17.20 13.81 -44.57
CA ASN B 113 15.79 13.98 -44.97
C ASN B 113 15.25 15.22 -44.24
N SER B 114 14.30 15.96 -44.83
CA SER B 114 13.64 17.08 -44.10
C SER B 114 12.27 17.41 -44.72
N LEU B 115 11.47 18.20 -44.02
CA LEU B 115 10.14 18.63 -44.54
C LEU B 115 10.37 19.61 -45.70
N LEU B 116 9.84 19.29 -46.88
CA LEU B 116 10.01 20.17 -48.07
C LEU B 116 8.62 20.44 -48.67
N TYR B 117 8.53 21.41 -49.59
CA TYR B 117 7.27 21.65 -50.34
C TYR B 117 7.59 22.07 -51.78
N SER B 118 6.66 21.77 -52.70
CA SER B 118 6.70 22.31 -54.08
C SER B 118 5.43 23.13 -54.32
N GLU B 119 5.52 24.16 -55.17
CA GLU B 119 4.36 25.01 -55.53
C GLU B 119 3.80 24.53 -56.88
N ILE B 120 2.60 23.93 -56.89
CA ILE B 120 1.98 23.50 -58.17
C ILE B 120 1.35 24.73 -58.82
N PRO B 121 1.79 25.13 -60.04
CA PRO B 121 1.29 26.36 -60.68
C PRO B 121 -0.07 26.14 -61.36
N LYS B 122 -0.74 27.23 -61.73
CA LYS B 122 -2.03 27.15 -62.48
C LYS B 122 -1.74 27.05 -63.98
N LYS B 123 -0.59 27.58 -64.43
CA LYS B 123 -0.24 27.57 -65.88
C LYS B 123 1.27 27.38 -66.03
N LEU B 130 8.68 20.94 -67.37
CA LEU B 130 8.47 21.87 -66.21
C LEU B 130 8.90 21.17 -64.92
N LEU B 131 10.11 21.48 -64.44
CA LEU B 131 10.61 20.98 -63.13
C LEU B 131 10.06 21.90 -62.04
N LEU B 132 9.61 21.30 -60.92
CA LEU B 132 9.24 22.10 -59.73
C LEU B 132 10.50 22.33 -58.88
N SER B 133 10.45 23.30 -57.97
CA SER B 133 11.56 23.55 -57.01
C SER B 133 11.29 22.78 -55.71
N TRP B 134 12.35 22.43 -54.98
CA TRP B 134 12.20 21.83 -53.63
C TRP B 134 12.48 22.89 -52.58
N LYS B 135 11.46 23.64 -52.19
CA LYS B 135 11.61 24.73 -51.18
C LYS B 135 11.75 24.08 -49.79
N GLN B 136 12.74 24.51 -49.00
CA GLN B 136 12.96 23.93 -47.64
C GLN B 136 11.99 24.60 -46.66
N MET B 137 11.42 23.83 -45.73
CA MET B 137 10.47 24.36 -44.72
C MET B 137 11.21 24.82 -43.46
N LEU B 138 12.27 24.10 -43.07
CA LEU B 138 12.96 24.36 -41.78
C LEU B 138 14.17 25.28 -41.98
N ASP B 139 14.29 26.32 -41.13
CA ASP B 139 15.39 27.32 -41.22
C ASP B 139 16.72 26.61 -40.92
N HIS B 140 17.32 26.00 -41.95
CA HIS B 140 18.48 25.09 -41.80
C HIS B 140 18.13 23.98 -40.78
N PHE B 141 18.61 24.09 -39.52
CA PHE B 141 18.25 23.16 -38.41
C PHE B 141 18.73 21.74 -38.73
N GLN B 142 18.84 20.90 -37.69
CA GLN B 142 19.28 19.49 -37.85
C GLN B 142 18.29 18.56 -37.13
N ALA B 143 17.76 17.56 -37.85
CA ALA B 143 16.86 16.54 -37.24
C ALA B 143 17.66 15.30 -36.85
N THR B 144 18.96 15.29 -37.17
CA THR B 144 19.87 14.15 -36.86
C THR B 144 20.63 14.45 -35.57
N PRO B 145 20.68 13.50 -34.60
CA PRO B 145 21.46 13.72 -33.37
C PRO B 145 22.98 13.59 -33.67
N HIS B 146 23.83 14.20 -32.84
CA HIS B 146 25.28 14.28 -33.15
C HIS B 146 25.84 12.88 -33.47
N HIS B 147 26.64 12.78 -34.55
CA HIS B 147 27.28 11.50 -34.99
C HIS B 147 26.19 10.50 -35.43
N GLY B 148 24.98 10.99 -35.72
CA GLY B 148 23.84 10.12 -36.10
C GLY B 148 23.57 9.03 -35.07
N VAL B 149 23.86 9.29 -33.79
CA VAL B 149 23.63 8.28 -32.72
C VAL B 149 22.22 8.50 -32.15
N TYR B 150 21.29 7.62 -32.51
CA TYR B 150 19.87 7.73 -32.07
C TYR B 150 19.74 7.24 -30.62
N SER B 151 18.54 7.40 -30.02
CA SER B 151 18.25 6.78 -28.69
C SER B 151 18.20 5.25 -28.85
N ARG B 152 18.13 4.51 -27.74
CA ARG B 152 17.93 3.03 -27.86
C ARG B 152 16.58 2.78 -28.53
N GLU B 153 15.54 3.49 -28.08
CA GLU B 153 14.16 3.32 -28.59
C GLU B 153 14.11 3.68 -30.09
N GLU B 154 14.77 4.80 -30.46
CA GLU B 154 14.72 5.32 -31.85
C GLU B 154 15.39 4.33 -32.80
N GLU B 155 16.63 3.93 -32.52
CA GLU B 155 17.40 3.01 -33.42
C GLU B 155 16.64 1.70 -33.61
N LEU B 156 15.84 1.28 -32.61
CA LEU B 156 15.16 -0.05 -32.69
C LEU B 156 13.84 0.07 -33.47
N LEU B 157 13.35 1.31 -33.67
CA LEU B 157 12.15 1.57 -34.52
C LEU B 157 12.59 1.70 -36.00
N ARG B 158 13.87 2.06 -36.23
CA ARG B 158 14.39 2.28 -37.62
C ARG B 158 14.80 0.93 -38.25
N GLU B 159 15.09 -0.07 -37.41
CA GLU B 159 15.35 -1.45 -37.91
C GLU B 159 14.02 -2.12 -38.29
N ARG B 160 12.95 -1.93 -37.49
CA ARG B 160 11.67 -2.65 -37.74
C ARG B 160 10.97 -2.08 -38.98
N LYS B 161 11.33 -0.85 -39.37
CA LYS B 161 10.85 -0.27 -40.66
C LYS B 161 11.95 -0.44 -41.73
N ARG B 162 13.10 -1.01 -41.36
CA ARG B 162 14.34 -0.99 -42.18
C ARG B 162 14.64 0.45 -42.63
N LEU B 163 14.42 1.42 -41.74
CA LEU B 163 14.74 2.86 -42.01
C LEU B 163 16.26 3.07 -41.96
N GLY B 164 16.85 3.52 -43.08
CA GLY B 164 18.30 3.84 -43.13
C GLY B 164 18.57 5.29 -43.46
N VAL B 165 17.55 6.15 -43.36
CA VAL B 165 17.65 7.57 -43.86
C VAL B 165 17.72 8.50 -42.65
N PHE B 166 18.75 9.35 -42.57
CA PHE B 166 18.90 10.27 -41.40
C PHE B 166 17.91 11.43 -41.52
N GLY B 167 17.52 12.00 -40.37
CA GLY B 167 16.64 13.20 -40.33
C GLY B 167 15.20 12.85 -40.03
N ILE B 168 14.25 13.62 -40.57
CA ILE B 168 12.79 13.40 -40.35
C ILE B 168 12.35 12.17 -41.14
N THR B 169 12.00 11.08 -40.45
CA THR B 169 11.62 9.80 -41.13
C THR B 169 10.09 9.71 -41.26
N SER B 170 9.35 10.61 -40.59
CA SER B 170 7.86 10.57 -40.58
C SER B 170 7.32 11.85 -39.93
N TYR B 171 6.05 12.19 -40.22
CA TYR B 171 5.43 13.37 -39.55
C TYR B 171 3.91 13.19 -39.47
N ASP B 172 3.29 13.99 -38.60
CA ASP B 172 1.80 14.05 -38.51
C ASP B 172 1.35 15.46 -38.95
N PHE B 173 0.23 15.53 -39.67
CA PHE B 173 -0.23 16.80 -40.27
C PHE B 173 -1.69 17.01 -39.92
N HIS B 174 -2.11 18.28 -39.79
CA HIS B 174 -3.53 18.65 -39.60
C HIS B 174 -3.87 19.74 -40.63
N SER B 175 -4.48 19.36 -41.76
CA SER B 175 -4.75 20.33 -42.87
C SER B 175 -5.58 21.52 -42.35
N GLU B 176 -6.55 21.26 -41.47
CA GLU B 176 -7.41 22.33 -40.89
C GLU B 176 -6.55 23.46 -40.28
N SER B 177 -5.56 23.10 -39.46
CA SER B 177 -4.79 24.09 -38.68
C SER B 177 -3.39 24.33 -39.28
N GLY B 178 -2.97 23.50 -40.25
CA GLY B 178 -1.61 23.60 -40.81
C GLY B 178 -0.55 23.13 -39.81
N LEU B 179 -0.95 22.29 -38.84
CA LEU B 179 -0.03 21.89 -37.75
C LEU B 179 0.85 20.74 -38.24
N PHE B 180 2.18 20.94 -38.21
CA PHE B 180 3.15 19.86 -38.51
C PHE B 180 3.82 19.43 -37.20
N LEU B 181 3.52 18.21 -36.74
CA LEU B 181 4.20 17.61 -35.57
C LEU B 181 5.16 16.52 -36.07
N PHE B 182 6.33 16.37 -35.44
CA PHE B 182 7.30 15.35 -35.89
C PHE B 182 8.40 15.14 -34.85
N GLN B 183 8.82 13.87 -34.69
CA GLN B 183 9.99 13.53 -33.84
C GLN B 183 11.26 13.98 -34.59
N ALA B 184 12.14 14.72 -33.90
CA ALA B 184 13.42 15.18 -34.47
C ALA B 184 14.43 15.36 -33.33
N SER B 185 15.71 15.57 -33.66
CA SER B 185 16.79 15.56 -32.63
C SER B 185 16.53 14.42 -31.64
N ASN B 186 16.60 14.69 -30.33
CA ASN B 186 16.10 13.72 -29.33
C ASN B 186 14.94 14.36 -28.58
N SER B 187 13.97 14.91 -29.33
CA SER B 187 12.74 15.49 -28.71
C SER B 187 11.65 15.59 -29.79
N LEU B 188 10.64 16.45 -29.58
CA LEU B 188 9.57 16.70 -30.59
C LEU B 188 9.71 18.13 -31.12
N PHE B 189 9.27 18.37 -32.36
CA PHE B 189 9.27 19.74 -32.94
C PHE B 189 7.93 19.96 -33.66
N HIS B 190 7.61 21.23 -33.97
CA HIS B 190 6.37 21.53 -34.73
C HIS B 190 6.52 22.85 -35.51
N CYS B 191 5.72 23.02 -36.57
CA CYS B 191 5.63 24.30 -37.31
C CYS B 191 4.22 24.44 -37.90
N ARG B 192 3.83 25.64 -38.33
CA ARG B 192 2.46 25.87 -38.84
C ARG B 192 2.52 26.35 -40.30
N ASP B 193 1.62 25.84 -41.15
CA ASP B 193 1.50 26.26 -42.56
C ASP B 193 0.16 25.77 -43.13
N GLY B 198 -0.80 32.32 -43.18
CA GLY B 198 -1.26 31.81 -44.49
C GLY B 198 -0.29 30.80 -45.07
N PHE B 199 0.20 31.04 -46.29
CA PHE B 199 1.27 30.21 -46.89
C PHE B 199 2.58 31.00 -46.91
N MET B 200 3.62 30.48 -46.24
CA MET B 200 4.95 31.14 -46.20
C MET B 200 5.61 31.03 -47.58
N VAL B 201 6.77 31.66 -47.74
CA VAL B 201 7.62 31.45 -48.96
C VAL B 201 8.99 30.94 -48.50
N SER B 202 9.60 31.62 -47.54
CA SER B 202 10.95 31.23 -47.04
C SER B 202 10.84 30.42 -45.75
N PRO B 203 11.89 29.64 -45.39
CA PRO B 203 11.82 28.71 -44.26
C PRO B 203 11.57 29.39 -42.91
N MET B 204 11.35 28.58 -41.88
CA MET B 204 11.04 29.09 -40.51
C MET B 204 11.63 28.13 -39.46
N LYS B 205 11.91 28.64 -38.26
CA LYS B 205 12.41 27.80 -37.15
C LYS B 205 11.28 26.91 -36.66
N PRO B 206 11.48 25.58 -36.53
CA PRO B 206 10.47 24.70 -35.92
C PRO B 206 10.56 24.77 -34.39
N LEU B 207 9.47 25.17 -33.73
CA LEU B 207 9.51 25.35 -32.26
C LEU B 207 9.63 23.97 -31.60
N GLU B 208 10.68 23.78 -30.78
CA GLU B 208 10.84 22.54 -29.95
C GLU B 208 9.77 22.56 -28.86
N ILE B 209 9.09 21.43 -28.65
CA ILE B 209 8.03 21.33 -27.60
C ILE B 209 8.71 20.93 -26.28
N LYS B 210 8.69 21.83 -25.29
CA LYS B 210 9.41 21.57 -24.01
C LYS B 210 8.62 20.54 -23.20
N THR B 211 9.30 19.53 -22.64
CA THR B 211 8.65 18.49 -21.81
C THR B 211 9.25 18.55 -20.39
N GLN B 212 8.65 17.84 -19.44
CA GLN B 212 9.31 17.58 -18.15
C GLN B 212 9.49 16.07 -17.96
N CYS B 213 9.23 15.29 -19.02
CA CYS B 213 9.46 13.82 -18.97
C CYS B 213 10.95 13.55 -19.14
N SER B 214 11.42 12.34 -18.79
CA SER B 214 12.87 12.01 -18.80
C SER B 214 13.32 11.60 -20.20
N GLY B 215 12.88 10.43 -20.68
CA GLY B 215 13.47 9.78 -21.87
C GLY B 215 13.02 10.38 -23.20
N PRO B 216 13.09 9.62 -24.32
CA PRO B 216 12.61 10.10 -25.61
C PRO B 216 11.08 10.02 -25.70
N ARG B 217 10.46 10.91 -26.49
CA ARG B 217 8.99 10.90 -26.67
C ARG B 217 8.64 10.26 -28.02
N MET B 218 8.16 9.01 -27.99
CA MET B 218 7.96 8.17 -29.20
C MET B 218 6.53 8.30 -29.74
N ASP B 219 6.36 8.06 -31.05
CA ASP B 219 5.02 7.95 -31.69
C ASP B 219 4.18 9.17 -31.33
N PRO B 220 4.59 10.40 -31.73
CA PRO B 220 3.73 11.57 -31.59
C PRO B 220 2.61 11.61 -32.65
N LYS B 221 1.38 11.94 -32.22
CA LYS B 221 0.24 12.17 -33.15
C LYS B 221 -0.60 13.36 -32.69
N ILE B 222 -1.00 14.21 -33.64
CA ILE B 222 -1.95 15.34 -33.38
C ILE B 222 -3.32 14.74 -33.05
N CYS B 223 -4.02 15.28 -32.05
CA CYS B 223 -5.45 14.96 -31.84
C CYS B 223 -6.27 15.51 -33.01
N PRO B 224 -6.92 14.66 -33.84
CA PRO B 224 -7.64 15.14 -35.02
C PRO B 224 -8.78 16.09 -34.63
N ALA B 225 -9.53 15.74 -33.59
CA ALA B 225 -10.67 16.55 -33.12
C ALA B 225 -10.20 17.94 -32.67
N ASP B 226 -9.03 18.03 -32.03
CA ASP B 226 -8.49 19.34 -31.55
C ASP B 226 -6.97 19.37 -31.76
N PRO B 227 -6.44 20.26 -32.62
CA PRO B 227 -5.00 20.35 -32.87
C PRO B 227 -4.27 21.11 -31.75
N ALA B 228 -5.01 21.70 -30.81
CA ALA B 228 -4.41 22.23 -29.56
C ALA B 228 -3.74 21.08 -28.78
N PHE B 229 -4.20 19.83 -28.99
CA PHE B 229 -3.65 18.68 -28.23
C PHE B 229 -2.82 17.77 -29.14
N PHE B 230 -1.97 16.96 -28.51
CA PHE B 230 -1.21 15.87 -29.19
C PHE B 230 -0.87 14.78 -28.18
N SER B 231 -0.32 13.66 -28.66
CA SER B 231 0.00 12.52 -27.77
C SER B 231 1.42 11.99 -28.05
N PHE B 232 1.93 11.16 -27.14
CA PHE B 232 3.26 10.51 -27.30
C PHE B 232 3.39 9.39 -26.27
N ILE B 233 4.28 8.43 -26.52
CA ILE B 233 4.61 7.40 -25.48
C ILE B 233 5.88 7.87 -24.76
N ASN B 234 5.96 7.63 -23.45
CA ASN B 234 7.18 7.98 -22.67
C ASN B 234 7.35 6.99 -21.51
N ASN B 235 8.34 6.10 -21.61
CA ASN B 235 8.50 5.00 -20.64
C ASN B 235 7.27 4.10 -20.75
N SER B 236 6.96 3.68 -21.98
CA SER B 236 5.85 2.76 -22.33
C SER B 236 4.57 3.09 -21.53
N ASP B 237 4.23 4.38 -21.44
CA ASP B 237 2.88 4.82 -21.01
C ASP B 237 2.41 5.91 -21.99
N LEU B 238 1.09 5.99 -22.23
CA LEU B 238 0.50 7.07 -23.05
C LEU B 238 0.57 8.39 -22.27
N TRP B 239 1.06 9.45 -22.92
CA TRP B 239 0.97 10.84 -22.38
C TRP B 239 0.17 11.71 -23.35
N VAL B 240 -0.40 12.81 -22.84
CA VAL B 240 -1.09 13.82 -23.71
C VAL B 240 -0.52 15.20 -23.33
N ALA B 241 -0.37 16.09 -24.30
CA ALA B 241 0.13 17.46 -24.02
C ALA B 241 -0.55 18.47 -24.95
N ASN B 242 -0.62 19.73 -24.50
CA ASN B 242 -1.18 20.83 -25.32
C ASN B 242 -0.01 21.64 -25.88
N ILE B 243 0.06 21.80 -27.21
CA ILE B 243 1.23 22.52 -27.82
C ILE B 243 1.12 24.02 -27.50
N GLU B 244 -0.10 24.56 -27.35
CA GLU B 244 -0.27 26.01 -27.06
C GLU B 244 0.13 26.32 -25.62
N THR B 245 -0.31 25.50 -24.65
CA THR B 245 -0.20 25.84 -23.20
C THR B 245 0.89 25.01 -22.51
N GLY B 246 1.60 24.15 -23.24
CA GLY B 246 2.72 23.35 -22.68
C GLY B 246 2.31 22.37 -21.60
N GLU B 247 1.01 22.26 -21.28
CA GLU B 247 0.55 21.37 -20.17
C GLU B 247 0.65 19.91 -20.62
N GLU B 248 1.33 19.06 -19.85
CA GLU B 248 1.48 17.63 -20.18
C GLU B 248 0.73 16.80 -19.14
N ARG B 249 0.21 15.63 -19.52
CA ARG B 249 -0.55 14.78 -18.57
C ARG B 249 -0.35 13.30 -18.95
N ARG B 250 0.04 12.48 -17.97
CA ARG B 250 0.08 11.00 -18.16
C ARG B 250 -1.36 10.48 -18.12
N LEU B 251 -1.71 9.57 -19.05
CA LEU B 251 -3.09 9.03 -19.12
C LEU B 251 -3.15 7.58 -18.63
N THR B 252 -2.01 6.86 -18.62
CA THR B 252 -2.00 5.42 -18.26
C THR B 252 -0.82 5.14 -17.33
N PHE B 253 -0.90 4.10 -16.49
CA PHE B 253 0.14 3.86 -15.44
C PHE B 253 0.56 2.38 -15.39
N CYS B 254 1.24 1.92 -16.44
CA CYS B 254 1.65 0.50 -16.58
C CYS B 254 3.13 0.30 -16.23
N HIS B 255 3.94 1.37 -16.22
CA HIS B 255 5.40 1.24 -16.00
C HIS B 255 5.79 2.03 -14.75
N GLN B 256 7.06 1.91 -14.30
CA GLN B 256 7.59 2.71 -13.17
C GLN B 256 8.98 3.25 -13.54
N VAL B 261 13.18 -2.57 -16.36
CA VAL B 261 13.40 -3.67 -17.35
C VAL B 261 13.34 -5.01 -16.63
N LEU B 262 12.52 -5.94 -17.15
CA LEU B 262 12.26 -7.29 -16.58
C LEU B 262 11.40 -7.19 -15.32
N ASP B 263 11.76 -6.30 -14.41
CA ASP B 263 10.94 -6.02 -13.21
C ASP B 263 9.60 -5.40 -13.65
N ASP B 264 9.63 -4.51 -14.64
CA ASP B 264 8.42 -3.82 -15.17
C ASP B 264 7.98 -4.50 -16.48
N PRO B 265 6.93 -5.36 -16.58
CA PRO B 265 6.59 -5.99 -17.85
C PRO B 265 5.35 -5.42 -18.55
N LYS B 266 4.49 -4.71 -17.82
CA LYS B 266 3.25 -4.15 -18.40
C LYS B 266 3.61 -2.91 -19.21
N SER B 267 2.96 -2.73 -20.37
CA SER B 267 3.16 -1.50 -21.18
C SER B 267 1.83 -1.12 -21.82
N ALA B 268 1.69 0.15 -22.23
CA ALA B 268 0.39 0.66 -22.69
C ALA B 268 0.62 1.59 -23.88
N GLY B 269 -0.03 1.31 -25.01
CA GLY B 269 0.14 2.12 -26.24
C GLY B 269 1.33 1.68 -27.06
N VAL B 270 2.12 0.69 -26.62
CA VAL B 270 3.36 0.29 -27.34
C VAL B 270 3.10 -0.99 -28.15
N ALA B 271 3.54 -0.97 -29.42
CA ALA B 271 3.48 -2.18 -30.27
C ALA B 271 4.71 -3.04 -29.96
N THR B 272 4.49 -4.25 -29.45
CA THR B 272 5.63 -5.08 -28.97
C THR B 272 6.46 -5.53 -30.18
N PHE B 273 7.61 -6.17 -29.90
CA PHE B 273 8.60 -6.58 -30.93
C PHE B 273 7.90 -7.23 -32.13
N VAL B 274 7.32 -8.42 -31.91
CA VAL B 274 6.76 -9.26 -33.00
C VAL B 274 5.66 -8.49 -33.75
N ILE B 275 4.98 -7.57 -33.07
CA ILE B 275 3.91 -6.76 -33.74
C ILE B 275 4.56 -5.86 -34.81
N GLN B 276 5.69 -5.23 -34.45
CA GLN B 276 6.42 -4.36 -35.39
C GLN B 276 7.13 -5.24 -36.43
N GLU B 277 7.88 -6.23 -35.99
CA GLU B 277 8.84 -6.94 -36.88
C GLU B 277 8.10 -7.81 -37.90
N GLU B 278 6.93 -8.34 -37.54
CA GLU B 278 6.27 -9.42 -38.34
C GLU B 278 4.78 -9.11 -38.55
N PHE B 279 4.24 -8.01 -37.99
CA PHE B 279 2.84 -7.60 -38.29
C PHE B 279 2.77 -6.15 -38.77
N ASP B 280 3.92 -5.48 -38.93
CA ASP B 280 3.95 -4.16 -39.60
C ASP B 280 3.10 -3.13 -38.85
N ARG B 281 2.89 -3.29 -37.54
CA ARG B 281 2.26 -2.22 -36.74
C ARG B 281 3.27 -1.72 -35.71
N PHE B 282 3.38 -0.40 -35.58
CA PHE B 282 4.40 0.26 -34.74
C PHE B 282 3.69 1.10 -33.67
N THR B 283 2.59 1.77 -34.03
CA THR B 283 1.75 2.49 -33.02
C THR B 283 0.85 1.49 -32.29
N GLY B 284 0.58 1.77 -31.02
CA GLY B 284 -0.36 0.98 -30.20
C GLY B 284 -1.38 1.88 -29.53
N TYR B 285 -1.65 3.04 -30.12
CA TYR B 285 -2.84 3.84 -29.71
C TYR B 285 -3.46 4.47 -30.95
N TRP B 286 -4.65 5.04 -30.79
CA TRP B 286 -5.47 5.52 -31.94
C TRP B 286 -6.40 6.64 -31.44
N TRP B 287 -6.20 7.87 -31.93
CA TRP B 287 -7.07 9.00 -31.53
C TRP B 287 -8.54 8.71 -31.89
N CYS B 288 -9.47 9.18 -31.06
CA CYS B 288 -10.88 9.27 -31.50
C CYS B 288 -11.02 10.47 -32.42
N PRO B 289 -11.48 10.29 -33.68
CA PRO B 289 -11.53 11.39 -34.64
C PRO B 289 -12.43 12.56 -34.18
N THR B 290 -13.44 12.26 -33.36
CA THR B 290 -14.41 13.29 -32.89
C THR B 290 -14.27 13.47 -31.37
N ALA B 291 -14.63 14.66 -30.89
CA ALA B 291 -14.86 14.93 -29.45
C ALA B 291 -16.35 14.82 -29.16
N SER B 292 -16.74 14.28 -27.99
CA SER B 292 -18.15 14.36 -27.54
C SER B 292 -18.25 15.43 -26.44
N TRP B 293 -19.26 16.31 -26.51
CA TRP B 293 -19.44 17.42 -25.54
C TRP B 293 -20.39 17.02 -24.40
N LEU B 299 -17.55 21.53 -21.17
CA LEU B 299 -16.39 20.62 -21.35
C LEU B 299 -16.65 19.68 -22.54
N LYS B 300 -15.68 19.56 -23.45
CA LYS B 300 -15.67 18.44 -24.44
C LYS B 300 -14.83 17.31 -23.85
N THR B 301 -14.90 16.11 -24.44
CA THR B 301 -14.07 14.97 -23.96
C THR B 301 -13.44 14.25 -25.17
N LEU B 302 -12.14 13.95 -25.10
CA LEU B 302 -11.39 13.31 -26.21
C LEU B 302 -10.92 11.92 -25.75
N ARG B 303 -11.20 10.87 -26.53
CA ARG B 303 -10.81 9.50 -26.11
C ARG B 303 -9.54 9.07 -26.86
N ILE B 304 -8.90 7.98 -26.42
CA ILE B 304 -7.81 7.33 -27.22
C ILE B 304 -7.95 5.80 -27.07
N LEU B 305 -8.09 5.07 -28.17
CA LEU B 305 -8.00 3.59 -28.11
C LEU B 305 -6.52 3.20 -27.99
N TYR B 306 -6.20 2.14 -27.24
CA TYR B 306 -4.78 1.79 -26.97
C TYR B 306 -4.66 0.36 -26.45
N GLU B 307 -3.64 -0.38 -26.93
CA GLU B 307 -3.45 -1.81 -26.58
C GLU B 307 -2.62 -1.92 -25.31
N GLU B 308 -3.25 -2.32 -24.19
CA GLU B 308 -2.50 -2.65 -22.94
C GLU B 308 -1.80 -3.98 -23.14
N VAL B 309 -0.58 -4.11 -22.62
CA VAL B 309 0.28 -5.29 -22.95
C VAL B 309 1.06 -5.68 -21.69
N ASP B 310 1.18 -6.99 -21.45
CA ASP B 310 1.99 -7.54 -20.34
C ASP B 310 2.95 -8.62 -20.90
N GLU B 311 4.26 -8.38 -20.83
CA GLU B 311 5.26 -9.33 -21.40
C GLU B 311 5.85 -10.23 -20.30
N SER B 312 5.08 -10.55 -19.25
CA SER B 312 5.63 -11.25 -18.04
C SER B 312 6.03 -12.70 -18.35
N GLU B 313 5.34 -13.35 -19.29
CA GLU B 313 5.51 -14.81 -19.54
C GLU B 313 6.29 -15.04 -20.84
N VAL B 314 6.69 -13.95 -21.52
CA VAL B 314 7.39 -14.05 -22.84
C VAL B 314 8.88 -14.20 -22.58
N GLU B 315 9.53 -15.14 -23.27
CA GLU B 315 10.96 -15.45 -23.03
C GLU B 315 11.84 -14.19 -23.20
N VAL B 316 12.96 -14.18 -22.48
CA VAL B 316 13.83 -12.97 -22.34
C VAL B 316 15.22 -13.31 -22.88
N ILE B 317 15.69 -12.58 -23.89
CA ILE B 317 17.04 -12.87 -24.47
C ILE B 317 17.92 -11.61 -24.41
N HIS B 318 19.23 -11.82 -24.47
CA HIS B 318 20.25 -10.75 -24.32
C HIS B 318 20.97 -10.57 -25.65
N VAL B 319 20.97 -9.33 -26.21
CA VAL B 319 21.72 -9.01 -27.47
C VAL B 319 22.75 -7.92 -27.15
N PRO B 320 24.00 -7.99 -27.68
CA PRO B 320 25.03 -7.01 -27.37
C PRO B 320 24.67 -5.57 -27.80
N SER B 321 24.76 -4.62 -26.86
CA SER B 321 24.58 -3.17 -27.14
C SER B 321 25.50 -2.72 -28.28
N PRO B 322 25.16 -1.64 -29.03
CA PRO B 322 26.13 -0.99 -29.92
C PRO B 322 27.40 -0.49 -29.20
N ALA B 323 27.26 -0.06 -27.93
CA ALA B 323 28.39 0.41 -27.11
C ALA B 323 29.30 -0.78 -26.74
N LEU B 324 30.15 -1.21 -27.68
CA LEU B 324 30.98 -2.44 -27.51
C LEU B 324 31.95 -2.25 -26.33
N GLU B 325 32.52 -1.05 -26.20
CA GLU B 325 33.45 -0.70 -25.09
C GLU B 325 32.83 -1.09 -23.74
N GLU B 326 31.50 -0.95 -23.62
CA GLU B 326 30.77 -1.23 -22.37
C GLU B 326 30.62 -2.75 -22.19
N ARG B 327 30.78 -3.55 -23.24
CA ARG B 327 30.74 -5.03 -23.10
C ARG B 327 29.46 -5.47 -22.37
N LYS B 328 28.36 -4.73 -22.57
CA LYS B 328 27.07 -5.08 -21.92
C LYS B 328 26.09 -5.51 -23.02
N THR B 329 24.93 -6.06 -22.60
CA THR B 329 23.88 -6.52 -23.54
C THR B 329 22.66 -5.59 -23.43
N ASP B 330 21.54 -5.99 -24.06
CA ASP B 330 20.21 -5.40 -23.77
C ASP B 330 19.17 -6.55 -23.66
N SER B 331 18.28 -6.49 -22.67
CA SER B 331 17.21 -7.51 -22.52
C SER B 331 16.15 -7.28 -23.59
N TYR B 332 15.59 -8.35 -24.16
CA TYR B 332 14.44 -8.22 -25.09
C TYR B 332 13.32 -9.15 -24.60
N ARG B 333 12.08 -8.84 -24.97
CA ARG B 333 11.00 -9.87 -24.94
C ARG B 333 10.88 -10.42 -26.36
N TYR B 334 11.49 -11.59 -26.60
CA TYR B 334 11.48 -12.23 -27.95
C TYR B 334 10.78 -13.58 -27.82
N PRO B 335 9.53 -13.74 -28.31
CA PRO B 335 8.85 -15.02 -28.13
C PRO B 335 9.28 -15.94 -29.27
N ARG B 336 10.08 -16.95 -28.94
CA ARG B 336 10.45 -17.97 -29.96
C ARG B 336 9.20 -18.79 -30.29
N THR B 337 9.11 -19.30 -31.53
CA THR B 337 7.98 -20.15 -31.99
C THR B 337 7.63 -21.20 -30.92
N GLY B 338 6.34 -21.34 -30.59
CA GLY B 338 5.95 -22.23 -29.48
C GLY B 338 6.19 -21.60 -28.12
N SER B 339 6.31 -20.27 -28.08
CA SER B 339 6.53 -19.53 -26.82
C SER B 339 5.32 -18.62 -26.57
N LYS B 340 5.08 -18.24 -25.31
CA LYS B 340 3.94 -17.32 -25.02
C LYS B 340 4.22 -16.02 -25.75
N ASN B 341 3.20 -15.49 -26.44
CA ASN B 341 3.17 -14.07 -26.87
C ASN B 341 2.73 -13.22 -25.69
N PRO B 342 2.93 -11.89 -25.73
CA PRO B 342 2.37 -10.98 -24.74
C PRO B 342 0.85 -11.08 -24.57
N LYS B 343 0.37 -11.01 -23.31
CA LYS B 343 -1.07 -10.85 -22.99
C LYS B 343 -1.51 -9.43 -23.37
N ILE B 344 -2.62 -9.29 -24.08
CA ILE B 344 -2.95 -7.99 -24.76
C ILE B 344 -4.40 -7.63 -24.44
N ALA B 345 -4.74 -6.34 -24.57
CA ALA B 345 -6.15 -5.90 -24.42
C ALA B 345 -6.31 -4.49 -25.00
N LEU B 346 -7.52 -4.18 -25.50
CA LEU B 346 -7.85 -2.79 -25.93
C LEU B 346 -8.55 -2.08 -24.76
N LYS B 347 -8.29 -0.77 -24.63
CA LYS B 347 -8.84 0.02 -23.49
C LYS B 347 -9.02 1.46 -23.98
N LEU B 348 -9.70 2.30 -23.19
CA LEU B 348 -9.87 3.73 -23.56
C LEU B 348 -9.14 4.62 -22.55
N ALA B 349 -8.50 5.68 -23.02
CA ALA B 349 -8.01 6.76 -22.13
C ALA B 349 -8.80 8.05 -22.43
N GLU B 350 -9.78 8.37 -21.58
CA GLU B 350 -10.61 9.60 -21.77
C GLU B 350 -9.99 10.75 -20.96
N PHE B 351 -10.17 11.98 -21.44
CA PHE B 351 -9.81 13.19 -20.66
C PHE B 351 -10.67 14.37 -21.13
N GLN B 352 -11.05 15.26 -20.18
CA GLN B 352 -11.96 16.40 -20.47
C GLN B 352 -11.15 17.69 -20.59
N THR B 353 -11.69 18.66 -21.33
CA THR B 353 -11.00 19.98 -21.53
C THR B 353 -12.06 21.08 -21.59
N ASP B 354 -11.68 22.30 -21.16
CA ASP B 354 -12.63 23.44 -21.04
C ASP B 354 -12.36 24.43 -22.17
N SER B 355 -13.09 25.55 -22.17
CA SER B 355 -12.95 26.61 -23.21
C SER B 355 -11.50 27.10 -23.28
N GLN B 356 -10.84 27.29 -22.13
CA GLN B 356 -9.47 27.89 -22.10
C GLN B 356 -8.42 26.83 -22.51
N GLY B 357 -8.72 25.55 -22.28
CA GLY B 357 -7.87 24.46 -22.84
C GLY B 357 -7.34 23.52 -21.77
N LYS B 358 -7.33 23.91 -20.49
CA LYS B 358 -6.68 23.07 -19.44
C LYS B 358 -7.30 21.67 -19.45
N ILE B 359 -6.48 20.66 -19.17
CA ILE B 359 -6.95 19.25 -19.01
C ILE B 359 -7.54 19.10 -17.61
N VAL B 360 -8.87 18.93 -17.52
CA VAL B 360 -9.60 19.08 -16.22
C VAL B 360 -9.60 17.74 -15.47
N SER B 361 -9.43 16.63 -16.18
CA SER B 361 -9.56 15.29 -15.55
C SER B 361 -9.14 14.21 -16.55
N THR B 362 -8.74 13.04 -16.02
CA THR B 362 -8.33 11.87 -16.85
C THR B 362 -9.04 10.62 -16.34
N GLN B 363 -9.22 9.61 -17.21
CA GLN B 363 -9.92 8.37 -16.79
C GLN B 363 -9.40 7.17 -17.58
N GLU B 364 -8.73 6.24 -16.90
CA GLU B 364 -8.49 4.88 -17.45
C GLU B 364 -9.84 4.17 -17.64
N LYS B 365 -10.04 3.55 -18.81
CA LYS B 365 -11.30 2.82 -19.10
C LYS B 365 -10.97 1.45 -19.70
N GLU B 366 -11.44 0.38 -19.07
CA GLU B 366 -11.21 -1.00 -19.58
C GLU B 366 -12.51 -1.54 -20.18
N LEU B 367 -12.42 -2.64 -20.94
CA LEU B 367 -13.63 -3.35 -21.43
C LEU B 367 -14.43 -3.87 -20.23
N VAL B 368 -15.76 -3.75 -20.29
CA VAL B 368 -16.67 -4.13 -19.17
C VAL B 368 -16.53 -5.63 -18.87
N GLN B 369 -16.14 -6.41 -19.88
CA GLN B 369 -15.76 -7.84 -19.69
C GLN B 369 -14.30 -8.00 -20.10
N PRO B 370 -13.50 -8.88 -19.44
CA PRO B 370 -12.09 -9.05 -19.80
C PRO B 370 -11.92 -9.26 -21.31
N PHE B 371 -10.88 -8.65 -21.90
CA PHE B 371 -10.59 -8.83 -23.35
C PHE B 371 -10.41 -10.31 -23.69
N SER B 372 -9.71 -11.05 -22.82
CA SER B 372 -9.36 -12.47 -23.07
C SER B 372 -10.61 -13.36 -23.13
N SER B 373 -11.73 -12.91 -22.53
CA SER B 373 -13.00 -13.71 -22.53
C SER B 373 -13.98 -13.18 -23.57
N LEU B 374 -13.95 -11.87 -23.86
CA LEU B 374 -14.84 -11.28 -24.90
C LEU B 374 -14.40 -11.74 -26.28
N PHE B 375 -13.08 -11.74 -26.53
CA PHE B 375 -12.55 -12.08 -27.88
C PHE B 375 -11.57 -13.22 -27.75
N PRO B 376 -11.99 -14.39 -27.21
CA PRO B 376 -11.05 -15.49 -26.95
C PRO B 376 -10.53 -16.03 -28.29
N LYS B 377 -9.41 -16.74 -28.23
CA LYS B 377 -8.76 -17.32 -29.44
C LYS B 377 -7.93 -16.25 -30.15
N VAL B 378 -8.03 -14.98 -29.73
CA VAL B 378 -7.26 -13.85 -30.35
C VAL B 378 -5.85 -13.84 -29.75
N GLU B 379 -4.80 -13.77 -30.57
CA GLU B 379 -3.40 -13.86 -30.07
C GLU B 379 -2.66 -12.56 -30.35
N TYR B 380 -2.79 -12.01 -31.56
CA TYR B 380 -2.17 -10.70 -31.90
C TYR B 380 -3.26 -9.73 -32.35
N ILE B 381 -3.19 -8.47 -31.90
CA ILE B 381 -4.06 -7.39 -32.45
C ILE B 381 -3.32 -6.80 -33.65
N ALA B 382 -3.80 -7.09 -34.87
CA ALA B 382 -3.14 -6.64 -36.11
C ALA B 382 -3.24 -5.12 -36.21
N ARG B 383 -4.47 -4.59 -36.28
CA ARG B 383 -4.70 -3.14 -36.52
C ARG B 383 -5.89 -2.67 -35.68
N ALA B 384 -6.10 -1.35 -35.62
CA ALA B 384 -7.29 -0.80 -34.94
C ALA B 384 -7.49 0.67 -35.36
N GLY B 385 -8.71 1.18 -35.15
CA GLY B 385 -9.05 2.57 -35.50
C GLY B 385 -10.45 2.93 -35.03
N TRP B 386 -11.05 3.97 -35.62
CA TRP B 386 -12.42 4.43 -35.25
C TRP B 386 -13.25 4.68 -36.52
N THR B 387 -14.58 4.68 -36.39
CA THR B 387 -15.44 5.21 -37.48
C THR B 387 -15.04 6.68 -37.69
N ARG B 388 -15.39 7.30 -38.81
CA ARG B 388 -15.07 8.75 -38.98
C ARG B 388 -15.86 9.56 -37.95
N ASP B 389 -17.04 9.08 -37.55
CA ASP B 389 -17.88 9.82 -36.55
C ASP B 389 -17.40 9.49 -35.12
N GLY B 390 -16.59 8.45 -34.94
CA GLY B 390 -16.14 8.05 -33.60
C GLY B 390 -17.22 7.32 -32.84
N LYS B 391 -18.34 7.02 -33.53
CA LYS B 391 -19.44 6.25 -32.89
C LYS B 391 -18.81 4.99 -32.31
N TYR B 392 -18.16 4.21 -33.17
CA TYR B 392 -17.51 2.94 -32.74
C TYR B 392 -16.00 3.02 -32.93
N ALA B 393 -15.28 2.20 -32.16
CA ALA B 393 -13.86 1.92 -32.43
C ALA B 393 -13.82 0.66 -33.27
N TRP B 394 -12.64 0.21 -33.66
CA TRP B 394 -12.55 -1.10 -34.37
C TRP B 394 -11.17 -1.73 -34.18
N ALA B 395 -11.07 -2.99 -34.55
CA ALA B 395 -9.82 -3.76 -34.40
C ALA B 395 -9.83 -4.93 -35.40
N MET B 396 -8.71 -5.15 -36.10
CA MET B 396 -8.48 -6.44 -36.81
C MET B 396 -7.81 -7.42 -35.81
N PHE B 397 -8.46 -8.57 -35.53
CA PHE B 397 -7.97 -9.59 -34.55
C PHE B 397 -7.58 -10.90 -35.26
N LEU B 398 -6.38 -11.40 -34.97
CA LEU B 398 -5.87 -12.64 -35.62
C LEU B 398 -5.65 -13.73 -34.56
N ASP B 399 -5.94 -14.99 -34.89
CA ASP B 399 -5.78 -16.13 -33.93
C ASP B 399 -4.34 -16.65 -34.02
N ARG B 400 -3.97 -17.58 -33.12
CA ARG B 400 -2.53 -18.00 -33.03
C ARG B 400 -2.02 -18.57 -34.34
N PRO B 401 -2.64 -19.65 -34.90
CA PRO B 401 -2.18 -20.20 -36.17
C PRO B 401 -2.33 -19.18 -37.31
N GLN B 402 -2.69 -17.93 -36.99
CA GLN B 402 -2.89 -16.91 -38.03
C GLN B 402 -3.64 -17.54 -39.22
N GLN B 403 -4.79 -18.15 -38.94
CA GLN B 403 -5.66 -18.76 -40.00
C GLN B 403 -7.09 -18.27 -39.82
N TRP B 404 -7.26 -17.18 -39.06
CA TRP B 404 -8.61 -16.68 -38.66
C TRP B 404 -8.48 -15.23 -38.24
N LEU B 405 -9.37 -14.39 -38.76
CA LEU B 405 -9.23 -12.92 -38.74
C LEU B 405 -10.63 -12.35 -38.67
N GLN B 406 -10.88 -11.42 -37.74
CA GLN B 406 -12.22 -10.75 -37.69
C GLN B 406 -12.05 -9.26 -37.35
N LEU B 407 -12.89 -8.43 -37.99
CA LEU B 407 -12.99 -6.99 -37.66
C LEU B 407 -14.16 -6.81 -36.69
N VAL B 408 -13.89 -6.18 -35.54
CA VAL B 408 -14.89 -6.07 -34.44
C VAL B 408 -15.24 -4.59 -34.24
N LEU B 409 -16.54 -4.27 -34.19
CA LEU B 409 -16.99 -2.91 -33.85
C LEU B 409 -16.99 -2.81 -32.33
N LEU B 410 -16.27 -1.84 -31.76
CA LEU B 410 -16.26 -1.70 -30.28
C LEU B 410 -16.88 -0.36 -29.93
N PRO B 411 -18.14 -0.28 -29.40
CA PRO B 411 -18.70 1.06 -29.13
C PRO B 411 -18.06 1.67 -27.90
N PRO B 412 -17.76 3.00 -27.87
CA PRO B 412 -17.11 3.59 -26.69
C PRO B 412 -17.81 3.37 -25.35
N ALA B 413 -19.03 2.82 -25.32
CA ALA B 413 -19.78 2.66 -24.06
C ALA B 413 -19.56 1.25 -23.48
N LEU B 414 -19.03 0.33 -24.29
CA LEU B 414 -18.74 -1.03 -23.77
C LEU B 414 -17.59 -0.93 -22.75
N PHE B 415 -16.88 0.21 -22.74
CA PHE B 415 -15.75 0.41 -21.80
C PHE B 415 -16.24 1.18 -20.56
N ILE B 416 -15.81 0.73 -19.38
CA ILE B 416 -16.21 1.34 -18.09
C ILE B 416 -14.98 1.95 -17.43
N PRO B 417 -15.11 2.77 -16.37
CA PRO B 417 -13.95 3.19 -15.59
C PRO B 417 -13.41 2.03 -14.74
N SER B 418 -12.14 1.65 -14.94
CA SER B 418 -11.53 0.53 -14.16
C SER B 418 -11.27 0.98 -12.71
N THR B 419 -11.50 0.07 -11.76
CA THR B 419 -11.27 0.35 -10.31
C THR B 419 -10.94 -0.96 -9.58
N GLU B 420 -10.51 -0.84 -8.32
CA GLU B 420 -10.25 -2.02 -7.45
C GLU B 420 -11.51 -2.38 -6.64
N ASN B 421 -12.40 -1.40 -6.42
CA ASN B 421 -13.67 -1.61 -5.67
C ASN B 421 -14.66 -2.42 -6.52
N GLU B 422 -14.76 -3.74 -6.27
CA GLU B 422 -15.72 -4.62 -6.99
C GLU B 422 -17.14 -4.03 -6.94
N GLU B 423 -17.50 -3.40 -5.80
CA GLU B 423 -18.82 -2.72 -5.67
C GLU B 423 -18.90 -1.57 -6.70
N GLN B 424 -17.93 -0.65 -6.68
CA GLN B 424 -17.91 0.51 -7.61
C GLN B 424 -17.90 0.03 -9.07
N ARG B 425 -17.19 -1.07 -9.38
CA ARG B 425 -17.06 -1.55 -10.79
C ARG B 425 -18.40 -2.10 -11.28
N LEU B 426 -19.10 -2.87 -10.44
CA LEU B 426 -20.38 -3.52 -10.86
C LEU B 426 -21.50 -2.47 -11.03
N ALA B 427 -21.36 -1.28 -10.43
CA ALA B 427 -22.36 -0.20 -10.62
C ALA B 427 -22.15 0.45 -12.00
N SER B 428 -20.92 0.43 -12.51
CA SER B 428 -20.62 0.86 -13.91
C SER B 428 -21.07 -0.23 -14.89
N ALA B 429 -20.95 -1.52 -14.50
CA ALA B 429 -21.30 -2.67 -15.37
C ALA B 429 -22.82 -2.78 -15.53
N ARG B 430 -23.57 -2.54 -14.44
CA ARG B 430 -25.06 -2.54 -14.49
C ARG B 430 -25.55 -1.32 -15.29
N ALA B 431 -24.77 -0.24 -15.35
CA ALA B 431 -25.20 1.01 -16.03
C ALA B 431 -24.94 0.94 -17.53
N VAL B 432 -24.06 0.03 -17.99
CA VAL B 432 -23.81 -0.14 -19.46
C VAL B 432 -25.05 -0.84 -20.03
N PRO B 433 -25.79 -0.19 -20.97
CA PRO B 433 -27.09 -0.69 -21.39
C PRO B 433 -26.98 -2.03 -22.12
N ARG B 434 -27.94 -2.92 -21.88
CA ARG B 434 -27.91 -4.30 -22.46
C ARG B 434 -27.83 -4.25 -24.00
N ASN B 435 -28.21 -3.13 -24.62
CA ASN B 435 -28.20 -2.99 -26.10
C ASN B 435 -26.76 -2.92 -26.62
N VAL B 436 -25.90 -2.08 -26.02
CA VAL B 436 -24.48 -1.92 -26.47
C VAL B 436 -23.77 -3.27 -26.46
N GLN B 437 -22.94 -3.56 -27.46
CA GLN B 437 -22.29 -4.89 -27.57
C GLN B 437 -21.24 -4.84 -28.67
N PRO B 438 -20.23 -5.75 -28.69
CA PRO B 438 -19.27 -5.79 -29.78
C PRO B 438 -19.88 -6.44 -31.03
N TYR B 439 -19.72 -5.82 -32.20
CA TYR B 439 -20.24 -6.39 -33.47
C TYR B 439 -19.10 -6.92 -34.33
N VAL B 440 -18.87 -8.24 -34.33
CA VAL B 440 -17.89 -8.87 -35.28
C VAL B 440 -18.44 -8.69 -36.70
N VAL B 441 -17.84 -7.78 -37.44
CA VAL B 441 -18.45 -7.27 -38.71
C VAL B 441 -17.90 -8.05 -39.91
N TYR B 442 -16.68 -8.61 -39.81
CA TYR B 442 -16.09 -9.41 -40.92
C TYR B 442 -15.24 -10.54 -40.33
N GLU B 443 -15.01 -11.60 -41.12
CA GLU B 443 -14.22 -12.78 -40.67
C GLU B 443 -13.56 -13.43 -41.89
N GLU B 444 -12.27 -13.78 -41.81
CA GLU B 444 -11.55 -14.35 -42.98
C GLU B 444 -10.92 -15.70 -42.58
N VAL B 445 -11.41 -16.80 -43.15
CA VAL B 445 -10.91 -18.16 -42.82
C VAL B 445 -10.00 -18.65 -43.94
N THR B 446 -9.02 -19.51 -43.65
CA THR B 446 -8.06 -19.98 -44.68
C THR B 446 -7.31 -21.24 -44.21
N ASN B 447 -6.85 -22.07 -45.15
CA ASN B 447 -6.07 -23.29 -44.82
C ASN B 447 -4.58 -23.03 -45.05
N VAL B 448 -4.24 -21.82 -45.50
CA VAL B 448 -2.84 -21.41 -45.78
C VAL B 448 -2.41 -20.51 -44.60
N TRP B 449 -2.72 -19.21 -44.70
CA TRP B 449 -2.45 -18.23 -43.62
C TRP B 449 -3.05 -16.88 -44.00
N ILE B 450 -3.42 -16.09 -42.99
CA ILE B 450 -4.07 -14.77 -43.23
C ILE B 450 -3.01 -13.68 -43.27
N ASN B 451 -2.57 -13.31 -44.48
CA ASN B 451 -1.80 -12.05 -44.67
C ASN B 451 -2.63 -10.92 -44.03
N VAL B 452 -1.98 -10.04 -43.26
CA VAL B 452 -2.68 -8.83 -42.71
C VAL B 452 -2.62 -7.76 -43.81
N HIS B 453 -3.78 -7.37 -44.36
CA HIS B 453 -3.87 -6.23 -45.31
C HIS B 453 -4.38 -5.00 -44.57
N ASP B 454 -3.79 -3.84 -44.85
CA ASP B 454 -4.12 -2.58 -44.13
C ASP B 454 -5.57 -2.15 -44.40
N ILE B 455 -6.11 -2.44 -45.59
CA ILE B 455 -7.30 -1.71 -46.14
C ILE B 455 -8.61 -2.12 -45.44
N PHE B 456 -9.21 -1.18 -44.69
CA PHE B 456 -10.56 -1.34 -44.10
C PHE B 456 -11.22 0.03 -43.95
N TYR B 457 -12.00 0.46 -44.94
CA TYR B 457 -12.57 1.84 -45.01
C TYR B 457 -14.05 1.83 -44.64
N PRO B 458 -14.46 2.37 -43.46
CA PRO B 458 -15.87 2.39 -43.07
C PRO B 458 -16.61 3.64 -43.60
N PHE B 459 -17.74 3.43 -44.30
CA PHE B 459 -18.57 4.55 -44.83
C PHE B 459 -19.45 5.09 -43.70
N PRO B 460 -19.68 6.42 -43.54
CA PRO B 460 -20.51 6.90 -42.45
C PRO B 460 -21.89 6.25 -42.61
N GLN B 461 -22.46 5.78 -41.50
CA GLN B 461 -23.77 5.09 -41.54
C GLN B 461 -24.85 6.09 -41.97
N SER B 462 -25.59 5.78 -43.02
CA SER B 462 -26.63 6.73 -43.51
C SER B 462 -28.02 6.10 -43.31
N GLU B 463 -28.40 5.16 -44.18
CA GLU B 463 -29.71 4.48 -44.06
C GLU B 463 -29.51 2.98 -44.34
N ASP B 466 -28.31 0.53 -37.26
CA ASP B 466 -29.00 -0.72 -37.70
C ASP B 466 -28.15 -1.46 -38.77
N GLU B 467 -27.22 -0.77 -39.46
CA GLU B 467 -26.42 -1.39 -40.58
C GLU B 467 -24.96 -0.89 -40.54
N LEU B 468 -24.08 -1.42 -41.40
CA LEU B 468 -22.71 -0.86 -41.58
C LEU B 468 -22.11 -1.27 -42.94
N CYS B 469 -21.92 -0.29 -43.82
CA CYS B 469 -21.30 -0.50 -45.16
C CYS B 469 -19.79 -0.21 -45.07
N PHE B 470 -18.95 -1.07 -45.65
CA PHE B 470 -17.48 -0.81 -45.68
C PHE B 470 -16.82 -1.54 -46.87
N LEU B 471 -15.68 -1.03 -47.31
CA LEU B 471 -14.84 -1.72 -48.34
C LEU B 471 -13.77 -2.52 -47.61
N ARG B 472 -13.29 -3.63 -48.21
CA ARG B 472 -12.30 -4.50 -47.52
C ARG B 472 -11.56 -5.36 -48.56
N ALA B 473 -10.23 -5.46 -48.39
CA ALA B 473 -9.33 -6.20 -49.32
C ALA B 473 -9.15 -7.63 -48.80
N ASN B 474 -9.53 -8.62 -49.60
CA ASN B 474 -9.79 -9.99 -49.08
C ASN B 474 -9.06 -10.99 -49.98
N GLU B 475 -7.81 -11.32 -49.64
CA GLU B 475 -6.99 -12.30 -50.41
C GLU B 475 -7.52 -13.71 -50.17
N CYS B 476 -8.24 -13.90 -49.06
CA CYS B 476 -8.65 -15.24 -48.59
C CYS B 476 -9.81 -15.79 -49.45
N LYS B 477 -10.74 -14.94 -49.91
CA LYS B 477 -11.96 -15.43 -50.59
C LYS B 477 -11.57 -16.25 -51.82
N THR B 478 -10.83 -15.65 -52.75
CA THR B 478 -10.51 -16.30 -54.05
C THR B 478 -9.05 -16.73 -54.12
N GLY B 479 -8.24 -16.37 -53.12
CA GLY B 479 -6.79 -16.64 -53.16
C GLY B 479 -6.01 -15.50 -53.79
N PHE B 480 -6.67 -14.36 -54.00
CA PHE B 480 -6.01 -13.14 -54.54
C PHE B 480 -6.62 -11.93 -53.80
N CYS B 481 -5.75 -11.00 -53.39
CA CYS B 481 -6.18 -9.78 -52.67
C CYS B 481 -7.01 -8.89 -53.59
N HIS B 482 -8.32 -8.77 -53.29
CA HIS B 482 -9.27 -7.95 -54.11
C HIS B 482 -10.15 -7.13 -53.19
N LEU B 483 -10.84 -6.12 -53.75
CA LEU B 483 -11.68 -5.18 -52.96
C LEU B 483 -13.14 -5.67 -52.97
N TYR B 484 -13.82 -5.48 -51.83
CA TYR B 484 -15.22 -5.92 -51.64
C TYR B 484 -15.98 -4.85 -50.85
N LYS B 485 -17.05 -4.28 -51.42
CA LYS B 485 -17.98 -3.41 -50.65
C LYS B 485 -18.89 -4.33 -49.82
N VAL B 486 -18.91 -4.15 -48.50
CA VAL B 486 -19.65 -5.10 -47.61
C VAL B 486 -20.59 -4.31 -46.70
N THR B 487 -21.82 -4.82 -46.57
CA THR B 487 -22.78 -4.36 -45.53
C THR B 487 -22.99 -5.54 -44.56
N ALA B 488 -22.76 -5.32 -43.27
CA ALA B 488 -23.13 -6.34 -42.25
C ALA B 488 -24.21 -5.77 -41.33
N VAL B 489 -25.28 -6.54 -41.09
CA VAL B 489 -26.40 -6.11 -40.21
C VAL B 489 -25.86 -5.94 -38.79
N LEU B 490 -26.27 -4.88 -38.09
CA LEU B 490 -25.92 -4.69 -36.66
C LEU B 490 -27.19 -4.81 -35.82
N LYS B 491 -27.70 -6.04 -35.67
CA LYS B 491 -28.87 -6.32 -34.82
C LYS B 491 -28.41 -6.70 -33.41
N SER B 492 -28.85 -5.95 -32.41
CA SER B 492 -28.39 -6.14 -31.01
C SER B 492 -29.08 -7.36 -30.37
N GLN B 493 -28.29 -8.33 -29.93
CA GLN B 493 -28.82 -9.50 -29.18
C GLN B 493 -29.27 -9.05 -27.79
N GLY B 494 -28.45 -8.23 -27.11
CA GLY B 494 -28.78 -7.78 -25.75
C GLY B 494 -28.12 -8.66 -24.70
N TYR B 495 -27.51 -8.05 -23.67
CA TYR B 495 -26.68 -8.77 -22.67
C TYR B 495 -26.72 -8.06 -21.31
N ASP B 496 -26.70 -8.82 -20.20
CA ASP B 496 -26.50 -8.24 -18.85
C ASP B 496 -24.99 -8.19 -18.58
N TRP B 497 -24.40 -6.99 -18.62
CA TRP B 497 -22.91 -6.85 -18.62
C TRP B 497 -22.35 -6.99 -17.20
N SER B 498 -23.20 -6.88 -16.17
CA SER B 498 -22.74 -7.04 -14.76
C SER B 498 -22.32 -8.50 -14.52
N GLU B 499 -23.13 -9.46 -14.95
CA GLU B 499 -22.82 -10.91 -14.73
C GLU B 499 -21.81 -11.33 -15.79
N PRO B 500 -20.70 -12.03 -15.42
CA PRO B 500 -19.69 -12.41 -16.41
C PRO B 500 -20.23 -13.56 -17.27
N PHE B 501 -19.87 -13.60 -18.56
CA PHE B 501 -20.30 -14.74 -19.43
C PHE B 501 -19.17 -15.07 -20.42
N SER B 502 -19.27 -16.24 -21.04
CA SER B 502 -18.22 -16.76 -21.97
C SER B 502 -18.87 -17.19 -23.29
N PRO B 503 -18.79 -16.34 -24.35
CA PRO B 503 -19.34 -16.68 -25.67
C PRO B 503 -18.42 -17.51 -26.57
N GLY B 504 -18.82 -17.70 -27.83
CA GLY B 504 -17.96 -18.40 -28.82
C GLY B 504 -18.61 -18.45 -30.20
N PHE B 508 -21.17 -12.89 -31.48
CA PHE B 508 -21.17 -11.49 -32.00
C PHE B 508 -21.05 -11.43 -33.54
N LYS B 509 -20.90 -12.58 -34.20
CA LYS B 509 -20.80 -12.66 -35.69
C LYS B 509 -22.06 -12.02 -36.30
N CYS B 510 -21.89 -10.89 -36.97
CA CYS B 510 -22.99 -10.19 -37.69
C CYS B 510 -23.46 -11.00 -38.88
N PRO B 511 -24.78 -10.97 -39.19
CA PRO B 511 -25.25 -11.28 -40.55
C PRO B 511 -24.61 -10.33 -41.58
N ILE B 512 -24.06 -10.89 -42.66
CA ILE B 512 -23.61 -10.07 -43.81
C ILE B 512 -24.86 -9.83 -44.66
N LYS B 513 -25.23 -8.55 -44.90
CA LYS B 513 -26.44 -8.25 -45.73
C LYS B 513 -26.09 -8.46 -47.21
N GLU B 514 -24.88 -8.06 -47.64
CA GLU B 514 -24.38 -8.38 -49.00
C GLU B 514 -22.85 -8.23 -49.06
N GLU B 515 -22.24 -8.64 -50.18
CA GLU B 515 -20.75 -8.67 -50.28
C GLU B 515 -20.35 -8.66 -51.77
N ILE B 516 -20.27 -7.47 -52.38
CA ILE B 516 -20.10 -7.34 -53.86
C ILE B 516 -18.60 -7.31 -54.20
N ALA B 517 -18.19 -8.07 -55.22
CA ALA B 517 -16.78 -8.04 -55.70
C ALA B 517 -16.57 -6.85 -56.64
N LEU B 518 -15.70 -5.90 -56.28
CA LEU B 518 -15.47 -4.66 -57.09
C LEU B 518 -14.38 -4.91 -58.14
N THR B 519 -13.38 -5.71 -57.77
CA THR B 519 -12.34 -6.20 -58.71
C THR B 519 -12.26 -7.71 -58.55
N SER B 520 -11.98 -8.44 -59.62
CA SER B 520 -11.63 -9.89 -59.48
C SER B 520 -10.51 -10.23 -60.46
N GLY B 521 -10.02 -11.47 -60.41
CA GLY B 521 -9.09 -11.98 -61.44
C GLY B 521 -7.84 -12.62 -60.86
N GLU B 522 -6.94 -13.04 -61.75
CA GLU B 522 -5.72 -13.82 -61.36
C GLU B 522 -4.58 -12.85 -61.01
N TRP B 523 -4.84 -11.55 -61.07
CA TRP B 523 -3.90 -10.50 -60.57
C TRP B 523 -4.24 -10.18 -59.10
N GLU B 524 -3.80 -9.05 -58.54
CA GLU B 524 -4.19 -8.73 -57.14
C GLU B 524 -4.11 -7.23 -56.81
N VAL B 525 -4.81 -6.86 -55.72
CA VAL B 525 -4.86 -5.46 -55.20
C VAL B 525 -3.78 -5.28 -54.13
N LEU B 526 -3.09 -4.15 -54.15
CA LEU B 526 -2.00 -3.89 -53.17
C LEU B 526 -2.61 -3.27 -51.92
N ALA B 527 -2.50 -3.98 -50.79
CA ALA B 527 -3.20 -3.59 -49.55
C ALA B 527 -2.33 -3.94 -48.34
N ARG B 528 -1.00 -3.96 -48.52
CA ARG B 528 -0.01 -4.45 -47.51
C ARG B 528 1.20 -3.51 -47.51
N HIS B 529 2.00 -3.52 -46.45
CA HIS B 529 3.27 -2.75 -46.39
C HIS B 529 3.06 -1.30 -46.86
N GLY B 530 2.01 -0.66 -46.33
CA GLY B 530 1.78 0.79 -46.51
C GLY B 530 0.96 1.10 -47.75
N SER B 531 0.83 0.14 -48.67
CA SER B 531 -0.15 0.29 -49.78
C SER B 531 -1.50 0.66 -49.17
N LYS B 532 -2.26 1.53 -49.85
CA LYS B 532 -3.56 2.01 -49.33
C LYS B 532 -4.49 2.30 -50.51
N ILE B 533 -5.78 2.50 -50.22
CA ILE B 533 -6.74 3.04 -51.23
C ILE B 533 -7.06 4.50 -50.88
N TRP B 534 -7.73 5.19 -51.79
CA TRP B 534 -8.28 6.53 -51.54
C TRP B 534 -9.72 6.54 -52.09
N VAL B 535 -10.70 6.94 -51.28
CA VAL B 535 -12.12 6.75 -51.68
C VAL B 535 -12.79 8.12 -51.81
N ASN B 536 -13.13 8.55 -53.03
CA ASN B 536 -13.92 9.78 -53.23
C ASN B 536 -15.41 9.41 -53.16
N GLU B 537 -16.08 9.85 -52.09
CA GLU B 537 -17.51 9.51 -51.89
C GLU B 537 -18.36 10.44 -52.76
N GLU B 538 -17.94 11.69 -52.95
CA GLU B 538 -18.67 12.62 -53.85
C GLU B 538 -18.95 11.87 -55.16
N THR B 539 -17.89 11.36 -55.80
CA THR B 539 -17.99 10.72 -57.16
C THR B 539 -18.23 9.20 -57.04
N LYS B 540 -18.08 8.63 -55.84
CA LYS B 540 -18.34 7.17 -55.61
C LYS B 540 -17.30 6.36 -56.40
N LEU B 541 -16.02 6.59 -56.12
CA LEU B 541 -14.92 5.84 -56.80
C LEU B 541 -13.87 5.41 -55.77
N VAL B 542 -13.32 4.20 -55.96
CA VAL B 542 -12.20 3.70 -55.10
C VAL B 542 -10.94 3.64 -55.98
N TYR B 543 -9.97 4.50 -55.69
CA TYR B 543 -8.64 4.44 -56.37
C TYR B 543 -7.78 3.42 -55.62
N PHE B 544 -7.02 2.59 -56.34
CA PHE B 544 -6.23 1.54 -55.68
C PHE B 544 -4.97 1.23 -56.49
N GLN B 545 -4.24 0.19 -56.08
CA GLN B 545 -2.94 -0.16 -56.68
C GLN B 545 -2.89 -1.69 -56.86
N GLY B 546 -2.53 -2.16 -58.05
CA GLY B 546 -2.64 -3.61 -58.34
C GLY B 546 -1.65 -4.09 -59.38
N THR B 547 -1.63 -5.41 -59.57
CA THR B 547 -0.81 -6.11 -60.60
C THR B 547 -1.65 -6.40 -61.84
N LYS B 548 -2.89 -5.90 -61.88
CA LYS B 548 -3.88 -6.30 -62.92
C LYS B 548 -3.17 -6.48 -64.26
N ASP B 549 -2.37 -5.49 -64.65
CA ASP B 549 -1.64 -5.55 -65.95
C ASP B 549 -0.55 -6.62 -65.86
N THR B 550 0.40 -6.47 -64.94
CA THR B 550 1.51 -7.45 -64.83
C THR B 550 2.06 -7.46 -63.40
N PRO B 551 2.55 -8.61 -62.87
CA PRO B 551 3.15 -8.68 -61.54
C PRO B 551 4.51 -7.97 -61.47
N LEU B 552 5.12 -7.74 -62.63
CA LEU B 552 6.38 -6.97 -62.73
C LEU B 552 6.12 -5.46 -62.54
N GLU B 553 4.88 -4.99 -62.54
CA GLU B 553 4.65 -3.53 -62.44
C GLU B 553 3.47 -3.23 -61.51
N HIS B 554 3.70 -2.41 -60.49
CA HIS B 554 2.56 -1.83 -59.72
C HIS B 554 1.94 -0.72 -60.55
N HIS B 555 0.62 -0.74 -60.70
CA HIS B 555 -0.09 0.31 -61.47
C HIS B 555 -1.22 0.87 -60.63
N LEU B 556 -1.55 2.15 -60.85
CA LEU B 556 -2.70 2.82 -60.18
C LEU B 556 -3.98 2.50 -60.96
N TYR B 557 -5.06 2.15 -60.26
CA TYR B 557 -6.37 1.84 -60.89
C TYR B 557 -7.50 2.57 -60.16
N VAL B 558 -8.50 3.04 -60.92
CA VAL B 558 -9.76 3.56 -60.31
C VAL B 558 -10.89 2.61 -60.69
N VAL B 559 -11.73 2.22 -59.72
CA VAL B 559 -12.98 1.45 -60.03
C VAL B 559 -14.10 2.05 -59.19
N SER B 560 -15.35 1.92 -59.65
CA SER B 560 -16.53 2.42 -58.89
C SER B 560 -16.83 1.46 -57.74
N TYR B 561 -17.38 1.96 -56.64
CA TYR B 561 -17.89 1.09 -55.55
C TYR B 561 -19.43 1.04 -55.56
N GLU B 562 -20.09 1.85 -56.41
CA GLU B 562 -21.53 1.64 -56.72
C GLU B 562 -21.64 0.48 -57.71
N ALA B 563 -21.10 0.70 -58.92
CA ALA B 563 -21.09 -0.32 -60.00
C ALA B 563 -19.71 -0.97 -60.05
N ALA B 564 -19.66 -2.31 -59.96
CA ALA B 564 -18.40 -3.05 -60.19
C ALA B 564 -18.24 -3.27 -61.70
N GLY B 565 -17.88 -2.21 -62.42
CA GLY B 565 -17.78 -2.24 -63.90
C GLY B 565 -16.35 -2.12 -64.39
N GLU B 566 -16.04 -1.04 -65.13
CA GLU B 566 -14.73 -0.89 -65.81
C GLU B 566 -13.69 -0.37 -64.81
N ILE B 567 -12.49 -0.95 -64.83
CA ILE B 567 -11.32 -0.50 -64.00
C ILE B 567 -10.37 0.31 -64.89
N VAL B 568 -10.28 1.62 -64.66
CA VAL B 568 -9.42 2.50 -65.51
C VAL B 568 -8.03 2.57 -64.89
N ARG B 569 -6.98 2.21 -65.66
CA ARG B 569 -5.57 2.42 -65.24
C ARG B 569 -5.14 3.83 -65.65
N LEU B 570 -4.56 4.58 -64.71
CA LEU B 570 -4.16 5.99 -64.97
C LEU B 570 -2.66 6.05 -65.24
N THR B 571 -1.90 5.03 -64.81
CA THR B 571 -0.42 5.03 -64.93
C THR B 571 -0.05 4.33 -66.25
N THR B 572 1.13 4.64 -66.81
CA THR B 572 1.46 4.24 -68.21
C THR B 572 2.38 3.03 -68.19
N PRO B 573 2.17 2.02 -69.06
CA PRO B 573 2.98 0.79 -69.04
C PRO B 573 4.49 1.02 -69.23
N GLY B 574 5.26 -0.07 -69.20
CA GLY B 574 6.73 0.00 -69.17
C GLY B 574 7.27 0.14 -67.75
N PHE B 575 6.58 0.93 -66.92
CA PHE B 575 7.12 1.41 -65.61
C PHE B 575 6.33 0.86 -64.42
N SER B 576 6.99 0.82 -63.25
CA SER B 576 6.33 0.46 -61.97
C SER B 576 6.16 1.75 -61.15
N HIS B 577 5.00 1.95 -60.52
CA HIS B 577 4.66 3.26 -59.89
C HIS B 577 4.36 3.09 -58.40
N SER B 578 4.87 3.98 -57.55
CA SER B 578 4.33 4.15 -56.18
C SER B 578 3.64 5.52 -56.09
N CYS B 579 2.31 5.53 -55.90
CA CYS B 579 1.49 6.74 -56.19
C CYS B 579 0.91 7.37 -54.91
N SER B 580 0.52 8.65 -55.02
CA SER B 580 -0.13 9.39 -53.92
C SER B 580 -1.25 10.24 -54.52
N MET B 581 -2.49 10.08 -54.02
CA MET B 581 -3.66 10.86 -54.52
C MET B 581 -3.93 12.06 -53.61
N SER B 582 -4.30 13.20 -54.18
CA SER B 582 -4.84 14.32 -53.36
C SER B 582 -6.07 13.83 -52.61
N GLN B 583 -6.41 14.47 -51.48
CA GLN B 583 -7.68 14.16 -50.75
C GLN B 583 -8.84 14.79 -51.52
N ASN B 584 -8.53 15.67 -52.48
CA ASN B 584 -9.53 16.32 -53.38
C ASN B 584 -9.58 15.56 -54.72
N PHE B 585 -8.76 14.51 -54.87
CA PHE B 585 -8.84 13.58 -56.03
C PHE B 585 -8.76 14.36 -57.35
N ASP B 586 -7.98 15.45 -57.37
CA ASP B 586 -7.83 16.30 -58.58
C ASP B 586 -6.41 16.13 -59.17
N MET B 587 -5.50 15.53 -58.39
CA MET B 587 -4.07 15.39 -58.77
C MET B 587 -3.49 14.13 -58.12
N PHE B 588 -2.46 13.53 -58.74
CA PHE B 588 -1.67 12.49 -58.03
C PHE B 588 -0.17 12.70 -58.33
N VAL B 589 0.67 12.17 -57.43
CA VAL B 589 2.13 12.03 -57.68
C VAL B 589 2.45 10.55 -57.91
N SER B 590 3.45 10.26 -58.74
CA SER B 590 3.83 8.85 -59.04
C SER B 590 5.35 8.70 -59.13
N HIS B 591 5.98 8.30 -58.02
CA HIS B 591 7.39 7.81 -58.03
C HIS B 591 7.43 6.50 -58.82
N TYR B 592 8.05 6.51 -60.01
CA TYR B 592 8.03 5.30 -60.88
C TYR B 592 9.36 5.08 -61.57
N SER B 593 9.63 3.84 -61.99
CA SER B 593 10.97 3.44 -62.47
C SER B 593 10.87 2.20 -63.36
N SER B 594 11.99 1.79 -63.96
CA SER B 594 12.02 0.55 -64.79
C SER B 594 13.43 -0.06 -64.73
N VAL B 595 13.52 -1.36 -65.05
CA VAL B 595 14.83 -2.08 -65.12
C VAL B 595 15.87 -1.19 -65.81
N SER B 596 15.44 -0.49 -66.87
CA SER B 596 16.33 0.16 -67.86
C SER B 596 16.57 1.63 -67.54
N THR B 597 15.73 2.26 -66.71
CA THR B 597 15.78 3.75 -66.52
C THR B 597 15.56 4.09 -65.05
N PRO B 598 16.29 5.08 -64.48
CA PRO B 598 16.15 5.42 -63.07
C PRO B 598 14.79 6.06 -62.73
N PRO B 599 14.35 6.00 -61.44
CA PRO B 599 13.06 6.56 -61.03
C PRO B 599 12.79 8.02 -61.43
N CYS B 600 11.55 8.29 -61.87
CA CYS B 600 11.01 9.67 -61.93
C CYS B 600 10.01 9.89 -60.78
N VAL B 601 9.73 11.15 -60.46
CA VAL B 601 8.56 11.48 -59.59
C VAL B 601 7.76 12.57 -60.32
N HIS B 602 6.67 12.17 -60.98
CA HIS B 602 5.91 13.07 -61.89
C HIS B 602 4.59 13.46 -61.23
N VAL B 603 4.14 14.71 -61.47
CA VAL B 603 2.84 15.23 -60.96
C VAL B 603 1.79 15.16 -62.08
N TYR B 604 0.80 14.28 -61.95
CA TYR B 604 -0.27 14.17 -62.99
C TYR B 604 -1.57 14.79 -62.44
N LYS B 605 -2.22 15.64 -63.24
CA LYS B 605 -3.54 16.21 -62.88
C LYS B 605 -4.62 15.32 -63.50
N LEU B 606 -5.83 15.29 -62.90
CA LEU B 606 -6.95 14.46 -63.42
C LEU B 606 -8.01 15.38 -64.06
N SER B 607 -7.94 15.60 -65.37
CA SER B 607 -8.78 16.62 -66.06
C SER B 607 -9.85 15.94 -66.92
N GLY B 608 -10.97 16.63 -67.14
CA GLY B 608 -12.01 16.16 -68.07
C GLY B 608 -13.43 16.47 -67.59
N PRO B 609 -14.47 16.06 -68.35
CA PRO B 609 -15.86 16.19 -67.93
C PRO B 609 -16.12 15.71 -66.48
N ASP B 610 -16.81 16.54 -65.68
CA ASP B 610 -17.14 16.20 -64.27
C ASP B 610 -18.36 15.26 -64.23
N ASP B 611 -19.17 15.21 -65.29
CA ASP B 611 -20.29 14.23 -65.34
C ASP B 611 -19.74 12.80 -65.49
N ASP B 612 -18.50 12.66 -66.01
CA ASP B 612 -17.89 11.33 -66.29
C ASP B 612 -16.57 11.20 -65.53
N PRO B 613 -16.59 11.01 -64.20
CA PRO B 613 -15.38 11.01 -63.38
C PRO B 613 -14.54 9.72 -63.48
N LEU B 614 -15.19 8.57 -63.75
CA LEU B 614 -14.45 7.28 -63.85
C LEU B 614 -13.45 7.37 -65.01
N HIS B 615 -13.74 8.21 -66.01
CA HIS B 615 -12.85 8.38 -67.19
C HIS B 615 -12.22 9.78 -67.20
N LYS B 616 -11.84 10.30 -66.03
CA LYS B 616 -10.88 11.43 -65.99
C LYS B 616 -9.55 10.96 -66.56
N GLN B 617 -8.96 11.73 -67.48
CA GLN B 617 -7.65 11.35 -68.05
C GLN B 617 -6.54 12.00 -67.22
N PRO B 618 -5.50 11.23 -66.83
CA PRO B 618 -4.35 11.80 -66.15
C PRO B 618 -3.49 12.54 -67.19
N ARG B 619 -3.22 13.83 -66.97
CA ARG B 619 -2.40 14.64 -67.89
C ARG B 619 -1.14 15.11 -67.15
N PHE B 620 0.05 14.87 -67.71
CA PHE B 620 1.32 15.24 -67.06
C PHE B 620 1.32 16.75 -66.78
N TRP B 621 1.50 17.13 -65.51
CA TRP B 621 1.47 18.56 -65.11
C TRP B 621 2.90 19.06 -64.82
N ALA B 622 3.64 18.36 -63.95
CA ALA B 622 4.99 18.83 -63.56
C ALA B 622 5.88 17.65 -63.16
N SER B 623 7.21 17.80 -63.29
CA SER B 623 8.18 16.78 -62.81
C SER B 623 8.86 17.28 -61.53
N MET B 624 8.93 16.41 -60.52
CA MET B 624 9.65 16.73 -59.25
C MET B 624 11.06 16.13 -59.26
N MET B 625 11.25 15.08 -60.06
CA MET B 625 12.58 14.39 -60.10
C MET B 625 12.72 13.66 -61.44
N GLU B 626 13.86 13.86 -62.11
CA GLU B 626 14.26 13.01 -63.27
C GLU B 626 15.53 12.26 -62.85
N ALA B 627 16.30 11.70 -63.80
CA ALA B 627 17.60 11.07 -63.45
C ALA B 627 18.32 10.61 -64.73
N ASP B 633 28.88 3.07 -65.22
CA ASP B 633 29.22 1.68 -65.61
C ASP B 633 27.98 0.76 -65.59
N TYR B 634 26.75 1.31 -65.56
CA TYR B 634 25.56 0.48 -65.27
C TYR B 634 24.96 -0.09 -66.57
N VAL B 635 24.98 -1.42 -66.70
CA VAL B 635 24.21 -2.14 -67.75
C VAL B 635 23.02 -2.80 -67.06
N PRO B 636 21.76 -2.38 -67.31
CA PRO B 636 20.61 -2.98 -66.62
C PRO B 636 20.48 -4.46 -66.95
N PRO B 637 19.84 -5.27 -66.08
CA PRO B 637 19.55 -6.67 -66.40
C PRO B 637 18.29 -6.72 -67.28
N GLU B 638 17.83 -7.92 -67.65
CA GLU B 638 16.58 -8.05 -68.45
C GLU B 638 15.73 -9.15 -67.80
N ILE B 639 14.42 -8.95 -67.73
CA ILE B 639 13.53 -9.94 -67.04
C ILE B 639 13.20 -11.04 -68.05
N PHE B 640 13.31 -12.29 -67.63
CA PHE B 640 12.83 -13.45 -68.42
C PHE B 640 11.69 -14.13 -67.65
N HIS B 641 11.01 -15.05 -68.32
CA HIS B 641 10.07 -15.97 -67.65
C HIS B 641 10.30 -17.37 -68.21
N PHE B 642 9.91 -18.38 -67.44
CA PHE B 642 10.02 -19.79 -67.88
C PHE B 642 9.03 -20.60 -67.07
N HIS B 643 8.67 -21.79 -67.55
CA HIS B 643 7.71 -22.66 -66.82
C HIS B 643 8.49 -23.82 -66.20
N THR B 644 7.80 -24.68 -65.46
CA THR B 644 8.48 -25.76 -64.69
C THR B 644 7.92 -27.11 -65.15
N ARG B 645 8.47 -28.21 -64.61
CA ARG B 645 7.87 -29.55 -64.79
C ARG B 645 6.52 -29.65 -64.07
N SER B 646 6.16 -28.60 -63.31
CA SER B 646 4.77 -28.43 -62.76
C SER B 646 3.97 -27.47 -63.66
N ASP B 647 4.62 -26.91 -64.70
CA ASP B 647 3.99 -25.94 -65.64
C ASP B 647 3.65 -24.63 -64.92
N VAL B 648 4.13 -24.43 -63.68
CA VAL B 648 3.95 -23.13 -62.97
C VAL B 648 4.93 -22.12 -63.57
N ARG B 649 4.45 -20.93 -63.94
CA ARG B 649 5.32 -19.89 -64.54
C ARG B 649 6.10 -19.15 -63.46
N LEU B 650 7.42 -19.00 -63.64
CA LEU B 650 8.29 -18.17 -62.74
C LEU B 650 8.99 -17.10 -63.59
N TYR B 651 9.26 -15.92 -63.01
CA TYR B 651 10.04 -14.84 -63.67
C TYR B 651 11.44 -14.74 -63.08
N GLY B 652 12.37 -14.12 -63.82
CA GLY B 652 13.76 -13.96 -63.32
C GLY B 652 14.44 -12.72 -63.88
N MET B 653 15.59 -12.34 -63.32
CA MET B 653 16.48 -11.32 -63.91
C MET B 653 17.82 -11.99 -64.23
N ILE B 654 18.49 -11.49 -65.27
CA ILE B 654 19.93 -11.79 -65.49
C ILE B 654 20.68 -10.47 -65.72
N TYR B 655 21.70 -10.23 -64.89
CA TYR B 655 22.81 -9.32 -65.26
C TYR B 655 23.74 -10.11 -66.19
N LYS B 656 23.97 -9.61 -67.41
CA LYS B 656 24.88 -10.31 -68.37
C LYS B 656 26.30 -9.86 -68.10
N PRO B 657 27.31 -10.75 -68.24
CA PRO B 657 28.71 -10.34 -68.09
C PRO B 657 29.04 -9.18 -69.04
N HIS B 658 29.43 -8.02 -68.49
CA HIS B 658 29.69 -6.81 -69.30
C HIS B 658 30.71 -7.11 -70.42
N ALA B 659 30.50 -6.51 -71.60
CA ALA B 659 31.37 -6.78 -72.78
C ALA B 659 31.52 -8.30 -72.97
N LEU B 660 30.41 -9.00 -73.21
CA LEU B 660 30.43 -10.47 -73.38
C LEU B 660 30.95 -10.83 -74.78
N GLN B 661 31.68 -11.95 -74.87
CA GLN B 661 32.04 -12.57 -76.17
C GLN B 661 31.24 -13.86 -76.33
N PRO B 662 30.08 -13.84 -77.02
CA PRO B 662 29.29 -15.05 -77.22
C PRO B 662 30.20 -16.23 -77.55
N GLY B 663 30.06 -17.34 -76.82
CA GLY B 663 30.96 -18.50 -76.96
C GLY B 663 31.68 -18.80 -75.67
N LYS B 664 31.98 -17.76 -74.88
CA LYS B 664 32.64 -17.92 -73.56
C LYS B 664 31.61 -18.37 -72.53
N LYS B 665 31.99 -19.30 -71.65
CA LYS B 665 31.15 -19.66 -70.48
C LYS B 665 31.70 -18.93 -69.25
N HIS B 666 30.83 -18.32 -68.43
CA HIS B 666 31.28 -17.39 -67.36
C HIS B 666 30.94 -17.96 -66.00
N PRO B 667 31.71 -17.62 -64.95
CA PRO B 667 31.37 -18.04 -63.58
C PRO B 667 30.06 -17.33 -63.20
N THR B 668 29.18 -18.02 -62.46
CA THR B 668 27.80 -17.53 -62.21
C THR B 668 27.59 -17.35 -60.71
N VAL B 669 27.12 -16.16 -60.31
CA VAL B 669 26.67 -15.87 -58.91
C VAL B 669 25.14 -15.89 -58.89
N LEU B 670 24.53 -16.86 -58.20
CA LEU B 670 23.05 -16.92 -58.05
C LEU B 670 22.65 -16.07 -56.85
N PHE B 671 22.11 -14.88 -57.08
CA PHE B 671 21.63 -14.00 -55.98
C PHE B 671 20.26 -14.47 -55.51
N VAL B 672 20.14 -14.71 -54.19
CA VAL B 672 18.97 -15.45 -53.63
C VAL B 672 18.30 -14.58 -52.58
N TYR B 673 16.97 -14.60 -52.55
CA TYR B 673 16.22 -14.32 -51.30
C TYR B 673 15.39 -15.57 -50.96
N GLY B 674 14.19 -15.71 -51.53
CA GLY B 674 13.45 -16.99 -51.46
C GLY B 674 12.42 -17.05 -50.34
N GLY B 675 12.53 -16.18 -49.33
CA GLY B 675 11.46 -16.08 -48.31
C GLY B 675 10.14 -15.61 -48.91
N PRO B 676 9.04 -15.60 -48.14
CA PRO B 676 7.82 -14.89 -48.54
C PRO B 676 7.87 -13.40 -48.21
N GLN B 677 6.91 -12.63 -48.73
CA GLN B 677 6.79 -11.16 -48.47
C GLN B 677 7.93 -10.42 -49.20
N VAL B 678 8.54 -11.03 -50.21
CA VAL B 678 9.57 -10.32 -51.03
C VAL B 678 9.46 -10.80 -52.47
N GLN B 679 9.84 -9.93 -53.41
CA GLN B 679 9.83 -10.22 -54.86
C GLN B 679 10.97 -9.42 -55.49
N LEU B 680 12.16 -10.02 -55.63
CA LEU B 680 13.33 -9.24 -56.12
C LEU B 680 13.14 -8.91 -57.61
N VAL B 681 12.37 -9.74 -58.34
CA VAL B 681 12.19 -9.63 -59.82
C VAL B 681 10.92 -8.84 -60.14
N ASN B 682 11.08 -7.58 -60.57
CA ASN B 682 9.96 -6.73 -61.03
C ASN B 682 10.54 -5.61 -61.92
N ASN B 683 9.72 -5.06 -62.81
CA ASN B 683 10.17 -3.99 -63.74
C ASN B 683 10.30 -2.69 -62.93
N SER B 684 11.37 -2.57 -62.14
CA SER B 684 11.70 -1.28 -61.48
C SER B 684 13.22 -1.18 -61.35
N PHE B 685 13.77 0.04 -61.46
CA PHE B 685 15.24 0.26 -61.52
C PHE B 685 15.93 -0.43 -60.33
N LYS B 686 16.88 -1.31 -60.63
CA LYS B 686 17.53 -2.14 -59.58
C LYS B 686 18.90 -1.54 -59.19
N GLY B 687 19.37 -0.52 -59.92
CA GLY B 687 20.77 -0.06 -59.85
C GLY B 687 21.17 0.52 -58.49
N ILE B 688 20.21 1.04 -57.72
CA ILE B 688 20.52 1.70 -56.41
C ILE B 688 20.87 0.61 -55.40
N LYS B 689 19.89 -0.25 -55.11
CA LYS B 689 19.96 -1.24 -54.00
C LYS B 689 20.90 -2.41 -54.39
N TYR B 690 20.84 -2.81 -55.66
CA TYR B 690 21.65 -3.96 -56.17
C TYR B 690 22.70 -3.43 -57.13
N LEU B 691 23.53 -2.50 -56.62
CA LEU B 691 24.66 -1.95 -57.40
C LEU B 691 25.82 -2.97 -57.42
N ARG B 692 25.88 -3.86 -56.41
CA ARG B 692 26.97 -4.88 -56.34
C ARG B 692 26.76 -5.96 -57.41
N LEU B 693 25.51 -6.31 -57.71
CA LEU B 693 25.24 -7.32 -58.78
C LEU B 693 25.75 -6.81 -60.13
N ASN B 694 25.59 -5.51 -60.42
CA ASN B 694 26.18 -4.96 -61.68
C ASN B 694 27.70 -5.00 -61.58
N THR B 695 28.26 -4.64 -60.41
CA THR B 695 29.73 -4.69 -60.21
C THR B 695 30.25 -6.11 -60.44
N LEU B 696 29.56 -7.12 -59.90
CA LEU B 696 29.85 -8.54 -60.27
C LEU B 696 29.84 -8.69 -61.80
N ALA B 697 28.74 -8.26 -62.45
CA ALA B 697 28.62 -8.38 -63.93
C ALA B 697 29.80 -7.66 -64.61
N SER B 698 30.23 -6.52 -64.08
CA SER B 698 31.32 -5.71 -64.69
C SER B 698 32.66 -6.44 -64.61
N LEU B 699 32.82 -7.41 -63.70
CA LEU B 699 34.05 -8.25 -63.66
C LEU B 699 33.85 -9.51 -64.52
N GLY B 700 32.63 -9.74 -65.00
CA GLY B 700 32.38 -10.83 -65.96
C GLY B 700 31.67 -12.01 -65.30
N TYR B 701 31.10 -11.81 -64.11
CA TYR B 701 30.29 -12.85 -63.44
C TYR B 701 28.88 -12.85 -64.06
N ALA B 702 28.30 -14.03 -64.25
CA ALA B 702 26.85 -14.10 -64.57
C ALA B 702 26.08 -13.98 -63.25
N VAL B 703 25.32 -12.89 -63.08
CA VAL B 703 24.44 -12.78 -61.88
C VAL B 703 23.01 -13.08 -62.31
N VAL B 704 22.48 -14.20 -61.82
CA VAL B 704 21.09 -14.66 -62.08
C VAL B 704 20.26 -14.43 -60.81
N VAL B 705 19.04 -13.94 -60.97
CA VAL B 705 18.13 -13.73 -59.80
C VAL B 705 16.73 -14.25 -60.19
N ILE B 706 16.13 -15.07 -59.33
CA ILE B 706 14.90 -15.84 -59.68
C ILE B 706 13.88 -15.75 -58.53
N ASP B 707 12.70 -15.16 -58.77
CA ASP B 707 11.59 -15.27 -57.80
C ASP B 707 11.00 -16.69 -57.90
N GLY B 708 11.16 -17.49 -56.85
CA GLY B 708 10.65 -18.87 -56.85
C GLY B 708 9.34 -18.96 -56.09
N ARG B 709 8.65 -20.10 -56.20
CA ARG B 709 7.35 -20.33 -55.51
C ARG B 709 7.51 -20.10 -54.00
N GLY B 710 6.66 -19.24 -53.44
CA GLY B 710 6.89 -18.73 -52.07
C GLY B 710 7.10 -17.23 -52.10
N SER B 711 7.59 -16.71 -53.23
CA SER B 711 7.82 -15.25 -53.39
C SER B 711 6.47 -14.51 -53.45
N CYS B 712 6.50 -13.18 -53.34
CA CYS B 712 5.28 -12.36 -53.09
C CYS B 712 4.65 -11.93 -54.44
N GLN B 713 3.58 -11.11 -54.36
CA GLN B 713 2.95 -10.41 -55.51
C GLN B 713 2.18 -11.37 -56.43
N ARG B 714 2.23 -12.69 -56.19
CA ARG B 714 1.65 -13.64 -57.16
C ARG B 714 0.45 -14.39 -56.56
N GLY B 715 0.00 -13.99 -55.35
CA GLY B 715 -1.24 -14.56 -54.78
C GLY B 715 -0.96 -15.68 -53.79
N LEU B 716 -2.01 -16.20 -53.16
CA LEU B 716 -1.86 -17.03 -51.93
C LEU B 716 -1.34 -18.44 -52.29
N ARG B 717 -1.88 -19.05 -53.35
CA ARG B 717 -1.50 -20.44 -53.73
C ARG B 717 -0.02 -20.48 -54.12
N PHE B 718 0.48 -19.40 -54.73
CA PHE B 718 1.89 -19.33 -55.19
C PHE B 718 2.83 -19.09 -54.01
N GLU B 719 2.33 -18.37 -52.99
CA GLU B 719 3.11 -18.11 -51.75
C GLU B 719 2.94 -19.30 -50.80
N GLY B 720 1.80 -20.01 -50.89
CA GLY B 720 1.49 -21.13 -49.98
C GLY B 720 2.40 -22.32 -50.19
N ALA B 721 3.20 -22.30 -51.25
CA ALA B 721 4.11 -23.42 -51.60
C ALA B 721 5.08 -23.71 -50.44
N LEU B 722 5.49 -22.66 -49.73
CA LEU B 722 6.48 -22.78 -48.63
C LEU B 722 5.85 -23.49 -47.41
N LYS B 723 4.58 -23.21 -47.13
CA LYS B 723 3.95 -23.57 -45.83
C LYS B 723 4.31 -25.00 -45.38
N ASN B 724 4.91 -25.10 -44.18
CA ASN B 724 5.18 -26.37 -43.45
C ASN B 724 6.39 -27.12 -44.04
N GLN B 725 7.05 -26.57 -45.08
CA GLN B 725 8.26 -27.22 -45.64
C GLN B 725 9.25 -26.14 -46.13
N MET B 726 9.56 -25.14 -45.30
CA MET B 726 10.48 -24.06 -45.74
C MET B 726 11.84 -24.67 -46.07
N GLY B 727 12.49 -24.15 -47.12
CA GLY B 727 13.80 -24.64 -47.59
C GLY B 727 13.70 -25.80 -48.56
N GLN B 728 12.52 -26.40 -48.71
CA GLN B 728 12.37 -27.69 -49.45
C GLN B 728 11.98 -27.43 -50.91
N VAL B 729 11.13 -26.43 -51.17
CA VAL B 729 10.60 -26.13 -52.54
C VAL B 729 11.49 -25.08 -53.23
N GLU B 730 12.03 -24.11 -52.47
CA GLU B 730 12.61 -22.88 -53.06
C GLU B 730 13.85 -23.20 -53.90
N ILE B 731 14.65 -24.20 -53.50
CA ILE B 731 15.93 -24.52 -54.21
C ILE B 731 15.61 -25.22 -55.54
N GLU B 732 14.56 -26.05 -55.57
CA GLU B 732 14.17 -26.77 -56.81
C GLU B 732 14.01 -25.76 -57.94
N ASP B 733 13.23 -24.71 -57.68
CA ASP B 733 12.97 -23.64 -58.67
C ASP B 733 14.26 -22.90 -59.00
N GLN B 734 15.10 -22.62 -57.99
CA GLN B 734 16.35 -21.83 -58.22
C GLN B 734 17.25 -22.64 -59.15
N VAL B 735 17.31 -23.96 -58.98
CA VAL B 735 18.06 -24.83 -59.91
C VAL B 735 17.31 -24.86 -61.26
N GLU B 736 15.97 -24.90 -61.23
CA GLU B 736 15.17 -24.91 -62.48
C GLU B 736 15.47 -23.63 -63.28
N GLY B 737 15.34 -22.45 -62.67
CA GLY B 737 15.65 -21.21 -63.40
C GLY B 737 17.12 -21.10 -63.79
N LEU B 738 18.02 -21.69 -63.00
CA LEU B 738 19.48 -21.64 -63.29
C LEU B 738 19.77 -22.40 -64.60
N GLN B 739 19.27 -23.63 -64.72
CA GLN B 739 19.42 -24.45 -65.94
C GLN B 739 18.70 -23.78 -67.12
N PHE B 740 17.53 -23.16 -66.89
CA PHE B 740 16.81 -22.46 -67.99
C PHE B 740 17.70 -21.36 -68.55
N VAL B 741 18.35 -20.62 -67.65
CA VAL B 741 19.25 -19.49 -68.01
C VAL B 741 20.40 -20.03 -68.88
N ALA B 742 20.83 -21.28 -68.65
CA ALA B 742 21.98 -21.85 -69.39
C ALA B 742 21.60 -22.22 -70.85
N GLU B 743 20.31 -22.49 -71.10
CA GLU B 743 19.83 -22.78 -72.48
C GLU B 743 19.65 -21.47 -73.25
N LYS B 744 18.90 -20.52 -72.66
CA LYS B 744 18.50 -19.27 -73.36
C LYS B 744 19.67 -18.31 -73.50
N TYR B 745 20.64 -18.30 -72.58
CA TYR B 745 21.71 -17.27 -72.63
C TYR B 745 23.03 -17.89 -73.08
N GLY B 746 23.36 -19.08 -72.56
CA GLY B 746 24.52 -19.85 -73.08
C GLY B 746 25.84 -19.11 -72.91
N PHE B 747 25.92 -18.22 -71.91
CA PHE B 747 27.22 -17.64 -71.44
C PHE B 747 27.48 -18.12 -70.01
N ILE B 748 26.65 -19.05 -69.52
CA ILE B 748 26.76 -19.50 -68.10
C ILE B 748 27.61 -20.78 -68.08
N ASP B 749 28.60 -20.84 -67.18
CA ASP B 749 29.43 -22.04 -66.93
C ASP B 749 28.82 -22.77 -65.72
N LEU B 750 28.01 -23.81 -65.96
CA LEU B 750 27.35 -24.56 -64.84
C LEU B 750 28.40 -25.15 -63.89
N SER B 751 29.68 -25.19 -64.28
CA SER B 751 30.77 -25.74 -63.43
C SER B 751 31.16 -24.75 -62.32
N ARG B 752 31.03 -23.45 -62.58
CA ARG B 752 31.45 -22.41 -61.59
C ARG B 752 30.24 -21.58 -61.13
N VAL B 753 29.21 -22.25 -60.60
CA VAL B 753 28.03 -21.52 -60.05
C VAL B 753 28.28 -21.29 -58.56
N ALA B 754 27.78 -20.18 -58.03
CA ALA B 754 27.90 -19.83 -56.59
C ALA B 754 26.56 -19.30 -56.09
N ILE B 755 26.17 -19.63 -54.85
CA ILE B 755 24.89 -19.14 -54.26
C ILE B 755 25.23 -18.14 -53.14
N HIS B 756 24.53 -16.99 -53.13
CA HIS B 756 24.82 -15.91 -52.15
C HIS B 756 23.53 -15.11 -51.86
N GLY B 757 23.20 -14.95 -50.58
CA GLY B 757 22.09 -14.09 -50.15
C GLY B 757 22.22 -13.65 -48.70
N TRP B 758 21.46 -12.64 -48.31
CA TRP B 758 21.35 -12.23 -46.88
C TRP B 758 20.00 -12.68 -46.33
N SER B 759 19.90 -12.79 -45.01
CA SER B 759 18.57 -12.91 -44.33
C SER B 759 17.97 -14.27 -44.70
N TYR B 760 16.78 -14.28 -45.33
CA TYR B 760 16.22 -15.54 -45.87
C TYR B 760 17.18 -16.11 -46.91
N GLY B 761 17.78 -15.23 -47.72
CA GLY B 761 18.69 -15.61 -48.83
C GLY B 761 19.90 -16.38 -48.32
N GLY B 762 20.45 -15.95 -47.18
CA GLY B 762 21.52 -16.73 -46.53
C GLY B 762 21.03 -18.11 -46.16
N PHE B 763 19.86 -18.19 -45.53
CA PHE B 763 19.24 -19.50 -45.18
C PHE B 763 19.16 -20.40 -46.42
N LEU B 764 18.84 -19.85 -47.60
CA LEU B 764 18.70 -20.66 -48.85
C LEU B 764 20.08 -20.91 -49.49
N SER B 765 21.05 -20.01 -49.31
CA SER B 765 22.45 -20.26 -49.74
C SER B 765 22.98 -21.54 -49.09
N LEU B 766 22.52 -21.86 -47.88
CA LEU B 766 23.02 -23.03 -47.11
C LEU B 766 22.16 -24.25 -47.40
N MET B 767 20.88 -24.08 -47.76
CA MET B 767 20.05 -25.24 -48.19
C MET B 767 20.51 -25.69 -49.58
N GLY B 768 20.88 -24.73 -50.44
CA GLY B 768 21.46 -25.04 -51.76
C GLY B 768 22.75 -25.85 -51.67
N LEU B 769 23.59 -25.60 -50.65
CA LEU B 769 24.90 -26.29 -50.52
C LEU B 769 24.73 -27.64 -49.85
N ILE B 770 23.56 -27.92 -49.26
CA ILE B 770 23.27 -29.24 -48.63
C ILE B 770 22.64 -30.17 -49.68
N HIS B 771 21.55 -29.71 -50.28
CA HIS B 771 20.68 -30.56 -51.12
C HIS B 771 21.20 -30.63 -52.57
N LYS B 772 22.04 -29.67 -52.99
CA LYS B 772 22.51 -29.58 -54.41
C LYS B 772 23.97 -29.10 -54.48
N PRO B 773 24.95 -29.81 -53.85
CA PRO B 773 26.35 -29.39 -53.92
C PRO B 773 27.07 -29.76 -55.23
N GLN B 774 26.42 -30.58 -56.07
CA GLN B 774 26.87 -30.84 -57.47
C GLN B 774 26.55 -29.64 -58.34
N VAL B 775 25.60 -28.79 -57.90
CA VAL B 775 25.17 -27.58 -58.65
C VAL B 775 25.98 -26.36 -58.17
N PHE B 776 26.06 -26.15 -56.85
CA PHE B 776 26.70 -24.92 -56.29
C PHE B 776 28.10 -25.27 -55.74
N LYS B 777 29.15 -24.73 -56.38
CA LYS B 777 30.55 -24.91 -55.92
C LYS B 777 30.74 -24.27 -54.54
N VAL B 778 30.36 -22.99 -54.40
CA VAL B 778 30.57 -22.22 -53.15
C VAL B 778 29.22 -21.65 -52.69
N ALA B 779 29.10 -21.39 -51.39
CA ALA B 779 27.94 -20.66 -50.82
C ALA B 779 28.47 -19.54 -49.94
N ILE B 780 27.99 -18.30 -50.15
CA ILE B 780 28.29 -17.18 -49.21
C ILE B 780 26.98 -16.78 -48.52
N ALA B 781 26.72 -17.34 -47.33
CA ALA B 781 25.42 -17.18 -46.63
C ALA B 781 25.52 -16.07 -45.57
N GLY B 782 24.71 -15.00 -45.73
CA GLY B 782 24.70 -13.85 -44.80
C GLY B 782 23.48 -13.85 -43.88
N ALA B 783 23.67 -13.42 -42.62
CA ALA B 783 22.62 -13.33 -41.57
C ALA B 783 21.65 -14.52 -41.60
N PRO B 784 22.09 -15.80 -41.73
CA PRO B 784 21.15 -16.90 -41.97
C PRO B 784 20.33 -17.34 -40.76
N VAL B 785 19.12 -17.87 -41.02
CA VAL B 785 18.34 -18.65 -40.01
C VAL B 785 18.81 -20.11 -40.07
N THR B 786 19.65 -20.49 -39.10
CA THR B 786 20.20 -21.87 -38.99
C THR B 786 19.33 -22.75 -38.09
N VAL B 787 18.55 -22.15 -37.18
CA VAL B 787 17.55 -22.91 -36.37
C VAL B 787 16.20 -22.19 -36.40
N TRP B 788 15.15 -22.86 -36.88
CA TRP B 788 13.79 -22.23 -36.90
C TRP B 788 13.29 -22.11 -35.47
N MET B 789 13.56 -23.09 -34.61
CA MET B 789 13.04 -23.10 -33.21
C MET B 789 13.58 -21.91 -32.40
N ALA B 790 14.71 -21.32 -32.84
CA ALA B 790 15.25 -20.08 -32.25
C ALA B 790 14.65 -18.83 -32.94
N TYR B 791 13.72 -18.99 -33.90
CA TYR B 791 13.13 -17.77 -34.54
C TYR B 791 11.80 -17.47 -33.86
N ASP B 792 11.18 -16.31 -34.15
CA ASP B 792 9.97 -15.87 -33.41
C ASP B 792 8.74 -16.67 -33.86
N THR B 793 7.66 -16.53 -33.08
CA THR B 793 6.35 -17.19 -33.29
C THR B 793 5.62 -16.63 -34.51
N GLY B 794 5.49 -15.30 -34.56
CA GLY B 794 4.63 -14.62 -35.56
C GLY B 794 5.01 -14.97 -36.98
N TYR B 795 6.30 -15.14 -37.25
CA TYR B 795 6.78 -15.49 -38.62
C TYR B 795 6.69 -16.99 -38.82
N THR B 796 7.26 -17.80 -37.89
CA THR B 796 7.41 -19.26 -38.13
C THR B 796 6.05 -19.99 -38.12
N GLU B 797 5.17 -19.69 -37.15
CA GLU B 797 3.88 -20.42 -37.02
C GLU B 797 3.01 -20.22 -38.27
N ARG B 798 2.90 -18.98 -38.74
CA ARG B 798 2.13 -18.64 -39.95
C ARG B 798 2.53 -19.57 -41.11
N TYR B 799 3.82 -19.90 -41.22
CA TYR B 799 4.35 -20.69 -42.37
C TYR B 799 4.73 -22.12 -41.96
N MET B 800 5.42 -22.28 -40.83
CA MET B 800 5.93 -23.60 -40.41
C MET B 800 5.09 -24.22 -39.29
N ASP B 801 4.03 -23.54 -38.84
CA ASP B 801 3.16 -24.06 -37.74
C ASP B 801 3.94 -23.95 -36.41
N VAL B 802 3.45 -24.63 -35.37
CA VAL B 802 4.09 -24.69 -34.02
C VAL B 802 5.05 -25.88 -33.98
N PRO B 803 6.26 -25.82 -33.33
CA PRO B 803 7.16 -26.97 -33.35
C PRO B 803 6.43 -28.27 -32.99
N GLU B 804 5.55 -28.21 -31.98
CA GLU B 804 4.71 -29.35 -31.52
C GLU B 804 4.09 -30.10 -32.71
N ASN B 805 3.66 -29.38 -33.76
CA ASN B 805 2.81 -29.97 -34.83
C ASN B 805 3.61 -30.26 -36.10
N ASN B 806 4.80 -29.66 -36.26
CA ASN B 806 5.53 -29.76 -37.55
C ASN B 806 7.03 -29.95 -37.27
N GLN B 807 7.42 -31.06 -36.65
CA GLN B 807 8.86 -31.34 -36.38
C GLN B 807 9.55 -31.71 -37.70
N HIS B 808 8.95 -32.59 -38.50
CA HIS B 808 9.53 -33.02 -39.81
C HIS B 808 9.98 -31.79 -40.58
N GLY B 809 9.19 -30.71 -40.57
CA GLY B 809 9.51 -29.49 -41.33
C GLY B 809 10.58 -28.66 -40.63
N TYR B 810 10.37 -28.35 -39.35
CA TYR B 810 11.36 -27.57 -38.55
C TYR B 810 12.75 -28.20 -38.70
N GLU B 811 12.83 -29.52 -38.57
CA GLU B 811 14.13 -30.25 -38.68
C GLU B 811 14.66 -30.16 -40.12
N ALA B 812 13.80 -30.40 -41.12
CA ALA B 812 14.23 -30.41 -42.54
C ALA B 812 14.73 -29.02 -42.96
N GLY B 813 14.03 -27.95 -42.54
CA GLY B 813 14.37 -26.57 -42.94
C GLY B 813 15.37 -25.92 -42.00
N SER B 814 15.93 -26.66 -41.05
CA SER B 814 16.96 -26.12 -40.12
C SER B 814 18.37 -26.52 -40.59
N VAL B 815 19.09 -25.59 -41.24
CA VAL B 815 20.38 -25.92 -41.93
C VAL B 815 21.44 -26.30 -40.88
N ALA B 816 21.22 -25.95 -39.61
CA ALA B 816 22.16 -26.29 -38.51
C ALA B 816 22.14 -27.80 -38.23
N LEU B 817 21.01 -28.46 -38.48
CA LEU B 817 20.87 -29.90 -38.14
C LEU B 817 21.40 -30.77 -39.29
N HIS B 818 21.57 -30.20 -40.50
CA HIS B 818 22.00 -31.01 -41.67
C HIS B 818 23.47 -30.72 -42.03
N VAL B 819 24.26 -30.30 -41.03
CA VAL B 819 25.68 -29.86 -41.22
C VAL B 819 26.53 -31.04 -41.70
N GLU B 820 26.14 -32.27 -41.38
CA GLU B 820 26.83 -33.48 -41.91
C GLU B 820 26.83 -33.46 -43.44
N LYS B 821 25.80 -32.88 -44.07
CA LYS B 821 25.67 -32.87 -45.56
C LYS B 821 26.35 -31.63 -46.17
N LEU B 822 26.94 -30.76 -45.36
CA LEU B 822 27.75 -29.62 -45.90
C LEU B 822 29.13 -30.14 -46.31
N PRO B 823 29.85 -29.43 -47.22
CA PRO B 823 31.09 -29.96 -47.79
C PRO B 823 32.22 -30.32 -46.80
N ASN B 824 33.06 -31.25 -47.26
CA ASN B 824 34.33 -31.62 -46.58
C ASN B 824 35.48 -30.83 -47.21
N GLU B 825 35.32 -30.38 -48.45
CA GLU B 825 36.34 -29.52 -49.11
C GLU B 825 36.24 -28.10 -48.52
N PRO B 826 37.36 -27.45 -48.14
CA PRO B 826 37.30 -26.08 -47.62
C PRO B 826 37.05 -25.08 -48.76
N ASN B 827 36.71 -23.83 -48.41
CA ASN B 827 36.55 -22.73 -49.41
C ASN B 827 35.21 -22.81 -50.15
N ARG B 828 34.28 -23.66 -49.70
CA ARG B 828 32.99 -23.81 -50.43
C ARG B 828 31.86 -23.14 -49.63
N LEU B 829 32.18 -22.47 -48.51
CA LEU B 829 31.14 -21.88 -47.62
C LEU B 829 31.75 -20.68 -46.86
N LEU B 830 31.22 -19.48 -47.10
CA LEU B 830 31.62 -18.25 -46.36
C LEU B 830 30.42 -17.78 -45.51
N ILE B 831 30.63 -17.56 -44.21
CA ILE B 831 29.53 -17.16 -43.27
C ILE B 831 29.68 -15.70 -42.89
N LEU B 832 28.61 -14.91 -43.03
CA LEU B 832 28.60 -13.47 -42.67
C LEU B 832 27.47 -13.25 -41.65
N HIS B 833 27.73 -12.57 -40.54
CA HIS B 833 26.61 -12.25 -39.61
C HIS B 833 26.91 -10.94 -38.88
N GLY B 834 25.88 -10.10 -38.75
CA GLY B 834 25.94 -8.83 -38.00
C GLY B 834 25.87 -9.08 -36.51
N PHE B 835 26.97 -8.84 -35.80
CA PHE B 835 27.12 -9.28 -34.38
C PHE B 835 26.04 -8.66 -33.49
N LEU B 836 25.51 -7.48 -33.87
CA LEU B 836 24.49 -6.77 -33.06
C LEU B 836 23.07 -7.15 -33.50
N ASP B 837 22.91 -8.24 -34.28
CA ASP B 837 21.58 -8.57 -34.86
C ASP B 837 20.59 -8.92 -33.74
N GLU B 838 19.55 -8.09 -33.56
CA GLU B 838 18.44 -8.36 -32.60
C GLU B 838 17.22 -8.95 -33.33
N ASN B 839 17.37 -9.24 -34.64
CA ASN B 839 16.25 -9.77 -35.48
C ASN B 839 16.48 -11.26 -35.71
N VAL B 840 17.53 -11.59 -36.47
CA VAL B 840 18.07 -13.00 -36.57
C VAL B 840 19.32 -13.03 -35.70
N HIS B 841 19.25 -13.66 -34.52
CA HIS B 841 20.28 -13.43 -33.47
C HIS B 841 21.59 -14.13 -33.86
N PHE B 842 22.73 -13.46 -33.61
CA PHE B 842 24.04 -14.05 -33.98
C PHE B 842 24.13 -15.49 -33.46
N PHE B 843 23.35 -15.83 -32.44
CA PHE B 843 23.21 -17.26 -32.02
C PHE B 843 23.03 -18.18 -33.25
N HIS B 844 22.46 -17.66 -34.34
CA HIS B 844 22.20 -18.49 -35.55
C HIS B 844 23.50 -18.93 -36.20
N THR B 845 24.40 -17.98 -36.46
CA THR B 845 25.76 -18.34 -36.95
C THR B 845 26.45 -19.13 -35.85
N ASN B 846 26.33 -18.64 -34.61
CA ASN B 846 27.10 -19.21 -33.48
C ASN B 846 26.83 -20.72 -33.40
N PHE B 847 25.55 -21.09 -33.45
CA PHE B 847 25.12 -22.50 -33.27
C PHE B 847 25.46 -23.34 -34.51
N LEU B 848 25.58 -22.68 -35.67
CA LEU B 848 25.95 -23.36 -36.95
C LEU B 848 27.46 -23.66 -36.96
N VAL B 849 28.27 -22.73 -36.46
CA VAL B 849 29.73 -22.95 -36.30
C VAL B 849 29.96 -24.05 -35.26
N SER B 850 29.08 -24.12 -34.25
CA SER B 850 29.19 -25.16 -33.19
C SER B 850 28.96 -26.54 -33.80
N GLN B 851 27.96 -26.63 -34.68
CA GLN B 851 27.58 -27.90 -35.35
C GLN B 851 28.62 -28.24 -36.41
N LEU B 852 29.16 -27.22 -37.10
CA LEU B 852 30.20 -27.41 -38.13
C LEU B 852 31.48 -27.98 -37.51
N ILE B 853 31.86 -27.47 -36.33
CA ILE B 853 33.08 -27.91 -35.58
C ILE B 853 32.91 -29.36 -35.13
N ARG B 854 31.73 -29.68 -34.59
CA ARG B 854 31.39 -31.06 -34.17
C ARG B 854 31.56 -32.02 -35.36
N ALA B 855 31.03 -31.66 -36.53
CA ALA B 855 31.05 -32.57 -37.70
C ALA B 855 32.35 -32.43 -38.50
N GLY B 856 33.33 -31.69 -37.96
CA GLY B 856 34.65 -31.53 -38.61
C GLY B 856 34.53 -30.94 -40.00
N LYS B 857 33.63 -29.99 -40.17
CA LYS B 857 33.50 -29.27 -41.46
C LYS B 857 34.31 -27.99 -41.38
N PRO B 858 35.06 -27.63 -42.44
CA PRO B 858 35.73 -26.32 -42.51
C PRO B 858 34.69 -25.18 -42.50
N TYR B 859 35.16 -23.94 -42.55
CA TYR B 859 34.26 -22.78 -42.75
C TYR B 859 35.11 -21.52 -42.75
N GLN B 860 34.59 -20.46 -43.37
CA GLN B 860 35.16 -19.11 -43.17
C GLN B 860 34.08 -18.27 -42.47
N LEU B 861 34.49 -17.19 -41.80
CA LEU B 861 33.54 -16.37 -41.00
C LEU B 861 33.95 -14.90 -41.08
N GLN B 862 32.95 -14.04 -41.34
CA GLN B 862 33.10 -12.57 -41.19
C GLN B 862 32.07 -12.12 -40.16
N ILE B 863 32.47 -11.23 -39.26
CA ILE B 863 31.54 -10.63 -38.24
C ILE B 863 31.36 -9.15 -38.59
N TYR B 864 30.19 -8.60 -38.29
CA TYR B 864 29.91 -7.17 -38.56
C TYR B 864 29.58 -6.55 -37.22
N PRO B 865 30.62 -6.19 -36.42
CA PRO B 865 30.49 -5.94 -34.99
C PRO B 865 29.70 -4.67 -34.66
N ASN B 866 29.60 -3.77 -35.64
CA ASN B 866 28.76 -2.56 -35.51
C ASN B 866 27.57 -2.66 -36.46
N GLU B 867 26.97 -3.86 -36.62
CA GLU B 867 25.87 -4.06 -37.60
C GLU B 867 24.81 -5.03 -37.07
N ARG B 868 23.52 -4.72 -37.26
CA ARG B 868 22.44 -5.66 -36.87
C ARG B 868 22.09 -6.49 -38.11
N HIS B 869 20.81 -6.68 -38.44
CA HIS B 869 20.41 -7.61 -39.54
C HIS B 869 20.87 -7.10 -40.89
N SER B 870 20.58 -5.83 -41.19
CA SER B 870 21.16 -5.14 -42.37
C SER B 870 22.46 -4.42 -41.98
N ILE B 871 23.30 -4.14 -42.99
CA ILE B 871 24.59 -3.43 -42.79
C ILE B 871 24.39 -1.94 -43.09
N ARG B 872 24.31 -1.10 -42.05
CA ARG B 872 24.16 0.36 -42.27
C ARG B 872 25.50 0.95 -42.76
N CYS B 873 26.57 0.81 -41.96
CA CYS B 873 27.83 1.60 -42.11
C CYS B 873 28.48 1.35 -43.47
N PRO B 874 28.67 2.43 -44.29
CA PRO B 874 29.43 2.34 -45.53
C PRO B 874 30.77 1.59 -45.41
N GLU B 875 31.50 1.81 -44.32
CA GLU B 875 32.84 1.18 -44.12
C GLU B 875 32.71 -0.34 -44.22
N SER B 876 31.74 -0.94 -43.52
CA SER B 876 31.53 -2.41 -43.56
C SER B 876 31.05 -2.83 -44.95
N GLY B 877 30.07 -2.10 -45.49
CA GLY B 877 29.57 -2.38 -46.85
C GLY B 877 30.71 -2.58 -47.83
N GLU B 878 31.64 -1.63 -47.92
CA GLU B 878 32.79 -1.80 -48.85
C GLU B 878 33.47 -3.13 -48.53
N HIS B 879 33.76 -3.34 -47.25
CA HIS B 879 34.50 -4.54 -46.77
C HIS B 879 33.72 -5.80 -47.18
N TYR B 880 32.44 -5.84 -46.81
CA TYR B 880 31.52 -6.93 -47.22
C TYR B 880 31.71 -7.24 -48.71
N GLU B 881 31.70 -6.20 -49.56
CA GLU B 881 31.79 -6.42 -51.03
C GLU B 881 33.21 -6.83 -51.43
N VAL B 882 34.23 -6.19 -50.84
CA VAL B 882 35.66 -6.51 -51.18
C VAL B 882 35.93 -7.98 -50.84
N THR B 883 35.43 -8.44 -49.68
CA THR B 883 35.52 -9.86 -49.29
C THR B 883 34.76 -10.73 -50.31
N LEU B 884 33.56 -10.30 -50.70
CA LEU B 884 32.70 -11.11 -51.61
C LEU B 884 33.46 -11.34 -52.93
N LEU B 885 34.13 -10.29 -53.43
CA LEU B 885 34.88 -10.38 -54.72
C LEU B 885 36.12 -11.26 -54.56
N HIS B 886 36.89 -11.06 -53.49
CA HIS B 886 38.10 -11.89 -53.26
C HIS B 886 37.67 -13.36 -53.08
N PHE B 887 36.65 -13.63 -52.27
CA PHE B 887 36.25 -15.03 -51.97
C PHE B 887 35.88 -15.76 -53.28
N LEU B 888 35.22 -15.05 -54.21
CA LEU B 888 34.80 -15.66 -55.50
C LEU B 888 36.02 -15.85 -56.41
N GLN B 889 36.83 -14.80 -56.55
CA GLN B 889 38.10 -14.82 -57.32
C GLN B 889 38.88 -16.10 -56.99
N GLU B 890 39.19 -16.31 -55.71
CA GLU B 890 40.20 -17.34 -55.33
C GLU B 890 39.59 -18.75 -55.44
N TYR B 891 38.28 -18.89 -55.21
CA TYR B 891 37.66 -20.21 -54.94
C TYR B 891 36.51 -20.49 -55.93
N LEU B 892 36.49 -19.82 -57.08
CA LEU B 892 35.49 -20.12 -58.16
C LEU B 892 36.20 -20.13 -59.52
N PRO C 49 -39.98 19.64 72.57
CA PRO C 49 -40.58 20.84 73.20
C PRO C 49 -39.89 22.16 72.76
N ALA C 50 -39.34 22.91 73.72
CA ALA C 50 -38.44 24.05 73.40
C ALA C 50 -37.00 23.53 73.26
N ALA C 51 -36.71 22.36 73.84
CA ALA C 51 -35.39 21.69 73.68
C ALA C 51 -35.07 21.54 72.19
N ARG C 52 -36.02 20.97 71.43
CA ARG C 52 -35.78 20.65 70.00
C ARG C 52 -35.65 21.97 69.23
N PHE C 53 -34.45 22.26 68.71
CA PHE C 53 -34.15 23.56 68.05
C PHE C 53 -34.69 23.59 66.62
N GLN C 54 -35.31 24.70 66.23
CA GLN C 54 -35.90 24.85 64.87
C GLN C 54 -35.12 25.92 64.10
N VAL C 55 -34.49 25.54 62.98
CA VAL C 55 -33.86 26.53 62.05
C VAL C 55 -34.94 27.50 61.58
N GLN C 56 -34.63 28.79 61.46
CA GLN C 56 -35.63 29.75 60.90
C GLN C 56 -36.00 29.28 59.49
N LYS C 57 -37.30 29.23 59.18
CA LYS C 57 -37.78 28.85 57.82
C LYS C 57 -37.69 30.09 56.92
N HIS C 58 -36.93 30.00 55.83
CA HIS C 58 -36.71 31.13 54.89
C HIS C 58 -37.46 30.90 53.57
N SER C 59 -38.11 31.94 53.05
CA SER C 59 -38.46 31.99 51.61
C SER C 59 -37.23 31.61 50.76
N TRP C 60 -37.45 31.15 49.53
CA TRP C 60 -36.35 30.67 48.66
C TRP C 60 -35.44 31.85 48.25
N ASP C 61 -36.02 33.00 47.91
CA ASP C 61 -35.20 34.22 47.65
C ASP C 61 -34.43 34.60 48.92
N GLY C 62 -35.06 34.38 50.07
CA GLY C 62 -34.40 34.49 51.38
C GLY C 62 -33.15 33.63 51.44
N LEU C 63 -33.25 32.36 51.02
CA LEU C 63 -32.08 31.44 51.08
C LEU C 63 -31.02 31.85 50.05
N ARG C 64 -31.42 32.32 48.87
CA ARG C 64 -30.46 32.77 47.84
C ARG C 64 -29.57 33.89 48.40
N SER C 65 -30.16 34.86 49.09
CA SER C 65 -29.42 36.04 49.61
C SER C 65 -28.58 35.64 50.84
N ILE C 66 -28.98 34.60 51.57
CA ILE C 66 -28.10 34.03 52.64
C ILE C 66 -26.83 33.54 51.94
N ILE C 67 -26.97 32.53 51.08
CA ILE C 67 -25.79 31.85 50.47
C ILE C 67 -24.99 32.85 49.63
N HIS C 68 -25.67 33.74 48.90
CA HIS C 68 -24.98 34.81 48.14
C HIS C 68 -24.11 35.64 49.11
N GLY C 69 -24.67 36.01 50.27
CA GLY C 69 -23.90 36.72 51.30
C GLY C 69 -22.75 35.87 51.84
N SER C 70 -22.97 34.55 51.93
CA SER C 70 -21.98 33.59 52.49
C SER C 70 -20.67 33.60 51.70
N ARG C 71 -20.75 33.77 50.38
CA ARG C 71 -19.54 33.73 49.51
C ARG C 71 -19.04 35.16 49.27
N LYS C 72 -18.75 35.89 50.35
CA LYS C 72 -18.24 37.30 50.24
C LYS C 72 -17.45 37.64 51.50
N ALA C 81 -2.97 30.55 45.92
CA ALA C 81 -1.79 30.59 46.80
C ALA C 81 -0.53 30.17 46.04
N PRO C 82 0.65 30.76 46.36
CA PRO C 82 1.92 30.38 45.73
C PRO C 82 2.17 28.85 45.71
N HIS C 83 2.61 28.34 44.56
CA HIS C 83 2.80 26.89 44.36
C HIS C 83 3.71 26.65 43.15
N ASP C 84 4.34 25.47 43.07
CA ASP C 84 5.24 25.14 41.94
C ASP C 84 6.43 26.10 42.03
N PHE C 85 7.31 25.90 43.03
CA PHE C 85 8.41 26.87 43.32
C PHE C 85 9.71 26.41 42.67
N GLN C 86 10.35 27.28 41.89
CA GLN C 86 11.74 27.04 41.44
C GLN C 86 12.69 27.96 42.22
N PHE C 87 13.61 27.41 43.01
CA PHE C 87 14.64 28.23 43.69
C PHE C 87 15.84 28.44 42.78
N VAL C 88 16.27 29.69 42.61
CA VAL C 88 17.45 30.03 41.76
C VAL C 88 18.35 30.99 42.53
N GLN C 89 19.62 30.63 42.71
CA GLN C 89 20.63 31.56 43.30
C GLN C 89 21.08 32.58 42.25
N LYS C 90 21.57 33.74 42.69
CA LYS C 90 21.79 34.91 41.80
C LYS C 90 23.26 35.02 41.37
N THR C 91 24.20 34.63 42.26
CA THR C 91 25.67 34.69 42.00
C THR C 91 26.08 36.10 41.59
N ASP C 92 25.45 37.13 42.18
CA ASP C 92 26.00 38.51 42.17
C ASP C 92 26.50 38.79 43.60
N GLU C 93 27.79 38.54 43.83
CA GLU C 93 28.37 38.50 45.21
C GLU C 93 28.36 39.88 45.86
N SER C 94 27.91 40.92 45.14
CA SER C 94 27.69 42.27 45.74
C SER C 94 26.25 42.74 45.50
N GLY C 95 25.30 41.80 45.38
CA GLY C 95 23.88 42.13 45.13
C GLY C 95 23.02 42.01 46.39
N PRO C 96 21.82 42.64 46.44
CA PRO C 96 20.97 42.61 47.63
C PRO C 96 20.20 41.29 47.82
N HIS C 97 19.89 40.61 46.73
CA HIS C 97 19.03 39.39 46.75
C HIS C 97 19.89 38.12 46.67
N SER C 98 19.69 37.17 47.58
CA SER C 98 20.45 35.89 47.60
C SER C 98 19.85 34.89 46.59
N HIS C 99 18.52 34.93 46.41
CA HIS C 99 17.82 33.99 45.50
C HIS C 99 16.72 34.71 44.71
N ARG C 100 16.14 34.02 43.72
CA ARG C 100 14.79 34.36 43.21
C ARG C 100 13.93 33.10 43.28
N LEU C 101 12.74 33.19 43.90
CA LEU C 101 11.73 32.09 43.83
C LEU C 101 10.79 32.37 42.66
N TYR C 102 10.67 31.42 41.74
CA TYR C 102 9.63 31.47 40.68
C TYR C 102 8.47 30.55 41.10
N TYR C 103 7.24 30.93 40.77
CA TYR C 103 6.06 30.17 41.24
C TYR C 103 4.77 30.60 40.53
N LEU C 104 3.71 29.83 40.76
CA LEU C 104 2.38 30.14 40.18
C LEU C 104 1.50 30.76 41.27
N GLY C 105 0.88 31.91 41.00
CA GLY C 105 0.02 32.58 42.00
C GLY C 105 -0.99 33.51 41.34
N MET C 106 -1.96 34.00 42.14
CA MET C 106 -3.01 34.94 41.65
C MET C 106 -2.87 36.28 42.39
N PRO C 107 -3.58 37.35 41.96
CA PRO C 107 -3.67 38.59 42.74
C PRO C 107 -4.62 38.45 43.95
N ARG C 111 -8.57 36.93 39.58
CA ARG C 111 -8.07 37.04 38.18
C ARG C 111 -7.61 35.64 37.73
N GLU C 112 -6.36 35.48 37.31
CA GLU C 112 -5.87 34.20 36.71
C GLU C 112 -4.63 33.74 37.45
N ASN C 113 -4.39 32.42 37.44
CA ASN C 113 -3.06 31.86 37.81
C ASN C 113 -2.03 32.36 36.77
N SER C 114 -0.81 32.65 37.20
CA SER C 114 0.23 33.21 36.28
C SER C 114 1.63 33.00 36.87
N LEU C 115 2.66 33.04 36.02
CA LEU C 115 4.05 32.91 36.51
C LEU C 115 4.43 34.18 37.28
N LEU C 116 5.05 34.02 38.46
CA LEU C 116 5.37 35.17 39.35
C LEU C 116 6.73 34.93 39.99
N TYR C 117 7.36 36.00 40.51
CA TYR C 117 8.66 35.83 41.23
C TYR C 117 8.66 36.67 42.51
N SER C 118 9.56 36.30 43.42
CA SER C 118 9.90 37.15 44.60
C SER C 118 11.42 37.22 44.70
N GLU C 119 11.94 38.27 45.35
CA GLU C 119 13.40 38.48 45.53
C GLU C 119 13.74 38.19 46.99
N ILE C 120 14.47 37.10 47.27
CA ILE C 120 14.84 36.77 48.68
C ILE C 120 16.06 37.62 49.04
N PRO C 121 15.95 38.53 50.02
CA PRO C 121 17.05 39.46 50.33
C PRO C 121 18.18 38.80 51.13
N LYS C 122 19.31 39.53 51.28
CA LYS C 122 20.45 39.03 52.10
C LYS C 122 20.28 39.51 53.55
N LYS C 123 19.90 40.77 53.75
CA LYS C 123 19.67 41.32 55.11
C LYS C 123 18.36 42.11 55.12
N LEU C 130 8.45 41.12 57.61
CA LEU C 130 9.05 41.31 56.26
C LEU C 130 8.27 40.48 55.22
N LEU C 131 7.48 41.14 54.38
CA LEU C 131 6.63 40.42 53.38
C LEU C 131 7.19 40.66 51.98
N LEU C 132 7.25 39.61 51.17
CA LEU C 132 7.90 39.69 49.84
C LEU C 132 6.90 40.21 48.80
N SER C 133 7.33 41.16 47.96
CA SER C 133 6.54 41.59 46.77
C SER C 133 6.35 40.39 45.82
N TRP C 134 5.14 40.26 45.27
CA TRP C 134 4.87 39.29 44.17
C TRP C 134 5.10 40.02 42.85
N LYS C 135 6.29 39.90 42.26
CA LYS C 135 6.63 40.61 40.99
C LYS C 135 6.02 39.83 39.82
N GLN C 136 5.48 40.55 38.83
CA GLN C 136 4.84 39.91 37.65
C GLN C 136 5.94 39.43 36.69
N MET C 137 5.78 38.25 36.08
CA MET C 137 6.71 37.77 35.02
C MET C 137 6.22 38.25 33.65
N LEU C 138 4.91 38.11 33.38
CA LEU C 138 4.34 38.39 32.03
C LEU C 138 3.55 39.71 32.09
N ASP C 139 3.81 40.64 31.16
CA ASP C 139 3.09 41.94 31.15
C ASP C 139 1.70 41.76 30.56
N HIS C 140 0.65 41.96 31.36
CA HIS C 140 -0.77 41.92 30.89
C HIS C 140 -0.98 40.77 29.89
N PHE C 141 -0.53 39.55 30.25
CA PHE C 141 -0.72 38.37 29.36
C PHE C 141 -1.97 37.60 29.80
N GLN C 142 -2.82 37.24 28.83
CA GLN C 142 -3.97 36.32 29.11
C GLN C 142 -3.57 34.91 28.69
N ALA C 143 -3.46 34.01 29.67
CA ALA C 143 -3.15 32.58 29.43
C ALA C 143 -4.45 31.76 29.39
N THR C 144 -5.61 32.42 29.44
CA THR C 144 -6.92 31.71 29.44
C THR C 144 -7.69 32.10 28.18
N PRO C 145 -8.32 31.15 27.45
CA PRO C 145 -9.09 31.47 26.25
C PRO C 145 -10.30 32.38 26.52
N HIS C 146 -10.78 33.09 25.48
CA HIS C 146 -11.70 34.25 25.63
C HIS C 146 -12.72 34.03 26.76
N HIS C 147 -13.49 32.93 26.72
CA HIS C 147 -14.57 32.68 27.70
C HIS C 147 -14.13 31.65 28.75
N GLY C 148 -12.81 31.49 28.96
CA GLY C 148 -12.29 30.38 29.77
C GLY C 148 -12.77 29.04 29.24
N VAL C 149 -13.23 29.01 27.98
CA VAL C 149 -13.75 27.77 27.35
C VAL C 149 -12.57 27.06 26.69
N TYR C 150 -12.16 25.93 27.27
CA TYR C 150 -10.93 25.21 26.83
C TYR C 150 -11.25 24.28 25.65
N SER C 151 -10.21 23.85 24.94
CA SER C 151 -10.34 22.71 24.00
C SER C 151 -10.61 21.43 24.81
N ARG C 152 -11.46 20.54 24.32
CA ARG C 152 -11.77 19.25 25.01
C ARG C 152 -10.49 18.72 25.67
N GLU C 153 -9.40 18.63 24.90
CA GLU C 153 -8.12 18.03 25.36
C GLU C 153 -7.68 18.69 26.68
N GLU C 154 -7.66 20.03 26.71
CA GLU C 154 -7.24 20.79 27.92
C GLU C 154 -8.36 20.75 28.99
N GLU C 155 -9.63 20.78 28.58
CA GLU C 155 -10.79 20.73 29.52
C GLU C 155 -10.78 19.43 30.32
N LEU C 156 -10.55 18.29 29.65
CA LEU C 156 -10.65 16.97 30.33
C LEU C 156 -9.35 16.66 31.08
N LEU C 157 -8.25 17.36 30.75
CA LEU C 157 -6.97 17.22 31.51
C LEU C 157 -7.09 17.94 32.86
N ARG C 158 -7.91 18.99 32.94
CA ARG C 158 -8.09 19.80 34.18
C ARG C 158 -9.07 19.10 35.14
N GLU C 159 -10.02 18.31 34.62
CA GLU C 159 -10.81 17.38 35.48
C GLU C 159 -9.84 16.37 36.11
N ARG C 160 -9.12 15.58 35.29
CA ARG C 160 -8.28 14.46 35.83
C ARG C 160 -7.27 14.97 36.86
N LYS C 161 -6.90 16.26 36.80
CA LYS C 161 -5.99 16.89 37.80
C LYS C 161 -6.82 17.70 38.81
N ARG C 162 -8.15 17.56 38.79
CA ARG C 162 -9.06 18.39 39.64
C ARG C 162 -8.55 19.83 39.70
N LEU C 163 -8.23 20.41 38.52
CA LEU C 163 -7.73 21.81 38.41
C LEU C 163 -8.92 22.78 38.31
N GLY C 164 -9.03 23.70 39.27
CA GLY C 164 -10.13 24.70 39.30
C GLY C 164 -9.70 26.08 38.81
N VAL C 165 -8.39 26.32 38.65
CA VAL C 165 -7.87 27.70 38.43
C VAL C 165 -7.85 28.00 36.93
N PHE C 166 -7.95 29.28 36.55
CA PHE C 166 -7.77 29.71 35.13
C PHE C 166 -6.31 30.13 34.90
N GLY C 167 -5.82 29.99 33.66
CA GLY C 167 -4.49 30.49 33.27
C GLY C 167 -3.43 29.40 33.30
N ILE C 168 -2.17 29.77 33.58
CA ILE C 168 -1.04 28.79 33.67
C ILE C 168 -1.22 27.94 34.93
N THR C 169 -1.52 26.64 34.76
CA THR C 169 -1.64 25.69 35.90
C THR C 169 -0.40 24.78 35.96
N SER C 170 0.53 24.94 35.02
CA SER C 170 1.73 24.07 34.92
C SER C 170 2.76 24.73 33.99
N TYR C 171 4.05 24.49 34.21
CA TYR C 171 5.10 24.99 33.28
C TYR C 171 6.32 24.06 33.34
N ASP C 172 7.33 24.34 32.51
CA ASP C 172 8.61 23.58 32.54
C ASP C 172 9.78 24.56 32.64
N PHE C 173 10.67 24.35 33.61
CA PHE C 173 11.84 25.23 33.81
C PHE C 173 13.13 24.50 33.40
N HIS C 174 14.17 25.27 33.03
CA HIS C 174 15.52 24.71 32.79
C HIS C 174 16.56 25.55 33.54
N SER C 175 17.19 24.97 34.56
CA SER C 175 18.15 25.72 35.43
C SER C 175 19.17 26.48 34.56
N GLU C 176 20.02 25.75 33.85
CA GLU C 176 21.22 26.36 33.22
C GLU C 176 20.78 27.47 32.25
N SER C 177 19.69 27.26 31.50
CA SER C 177 19.32 28.20 30.40
C SER C 177 18.31 29.26 30.89
N GLY C 178 17.57 28.97 31.96
CA GLY C 178 16.51 29.88 32.44
C GLY C 178 15.26 29.83 31.58
N LEU C 179 15.03 28.70 30.88
CA LEU C 179 13.90 28.61 29.92
C LEU C 179 12.61 28.27 30.68
N PHE C 180 11.51 28.96 30.33
CA PHE C 180 10.16 28.66 30.88
C PHE C 180 9.24 28.20 29.76
N LEU C 181 8.74 26.96 29.83
CA LEU C 181 7.92 26.40 28.73
C LEU C 181 6.55 25.98 29.28
N PHE C 182 5.46 26.59 28.77
CA PHE C 182 4.13 26.36 29.36
C PHE C 182 3.04 26.37 28.29
N GLN C 183 1.91 25.72 28.59
CA GLN C 183 0.66 25.94 27.83
C GLN C 183 0.06 27.29 28.24
N ALA C 184 -0.56 27.99 27.29
CA ALA C 184 -1.36 29.20 27.57
C ALA C 184 -2.24 29.48 26.36
N SER C 185 -3.25 30.33 26.50
CA SER C 185 -4.34 30.45 25.50
C SER C 185 -4.67 29.04 24.97
N ASN C 186 -4.74 28.86 23.65
CA ASN C 186 -4.81 27.51 23.05
C ASN C 186 -3.50 27.31 22.27
N SER C 187 -2.36 27.54 22.95
CA SER C 187 -1.04 27.63 22.25
C SER C 187 0.10 27.37 23.25
N LEU C 188 1.34 27.62 22.82
CA LEU C 188 2.58 27.46 23.66
C LEU C 188 3.28 28.81 23.83
N PHE C 189 3.95 29.00 24.98
CA PHE C 189 4.66 30.28 25.25
C PHE C 189 5.95 30.00 26.04
N HIS C 190 6.95 30.88 25.90
CA HIS C 190 8.22 30.71 26.65
C HIS C 190 8.80 32.08 27.07
N CYS C 191 9.85 32.04 27.89
CA CYS C 191 10.62 33.25 28.27
C CYS C 191 11.88 32.83 29.04
N ARG C 192 12.84 33.74 29.20
CA ARG C 192 14.17 33.41 29.77
C ARG C 192 14.49 34.32 30.95
N ASP C 193 15.17 33.78 31.97
CA ASP C 193 15.49 34.51 33.22
C ASP C 193 16.50 33.67 34.03
N GLY C 194 17.76 34.11 34.11
CA GLY C 194 18.81 33.36 34.83
C GLY C 194 19.20 32.09 34.09
N ASN C 197 21.87 34.39 31.04
CA ASN C 197 20.98 35.59 30.98
C ASN C 197 20.96 36.30 32.34
N GLY C 198 20.50 37.56 32.35
CA GLY C 198 20.36 38.34 33.60
C GLY C 198 18.99 38.13 34.23
N PHE C 199 18.81 38.59 35.47
CA PHE C 199 17.52 38.45 36.20
C PHE C 199 16.66 39.71 35.96
N MET C 200 15.52 39.53 35.28
CA MET C 200 14.72 40.66 34.72
C MET C 200 14.10 41.49 35.86
N VAL C 201 13.79 42.77 35.55
CA VAL C 201 13.16 43.70 36.54
C VAL C 201 11.82 44.20 35.96
N SER C 202 11.80 44.60 34.69
CA SER C 202 10.55 45.01 34.00
C SER C 202 9.96 43.82 33.25
N PRO C 203 8.69 43.42 33.51
CA PRO C 203 8.09 42.25 32.86
C PRO C 203 8.28 42.19 31.33
N MET C 204 8.40 40.97 30.80
CA MET C 204 8.69 40.75 29.36
C MET C 204 7.49 40.06 28.69
N LYS C 205 7.32 40.26 27.39
CA LYS C 205 6.28 39.54 26.60
C LYS C 205 6.67 38.07 26.53
N PRO C 206 5.76 37.11 26.81
CA PRO C 206 6.05 35.70 26.57
C PRO C 206 6.05 35.37 25.07
N LEU C 207 7.22 35.06 24.52
CA LEU C 207 7.31 34.71 23.07
C LEU C 207 6.41 33.51 22.79
N GLU C 208 5.44 33.68 21.90
CA GLU C 208 4.57 32.56 21.44
C GLU C 208 5.38 31.63 20.52
N ILE C 209 5.05 30.33 20.47
CA ILE C 209 5.78 29.35 19.62
C ILE C 209 4.90 28.97 18.41
N LYS C 210 5.34 29.35 17.21
CA LYS C 210 4.58 29.11 15.95
C LYS C 210 4.58 27.61 15.63
N THR C 211 3.52 27.09 15.01
CA THR C 211 3.39 25.64 14.73
C THR C 211 2.72 25.40 13.36
N GLN C 212 3.09 24.30 12.70
CA GLN C 212 2.42 23.87 11.45
C GLN C 212 1.40 22.76 11.77
N CYS C 213 1.28 22.38 13.04
CA CYS C 213 0.29 21.36 13.47
C CYS C 213 -1.09 22.02 13.62
N SER C 214 -2.17 21.23 13.53
CA SER C 214 -3.55 21.77 13.57
C SER C 214 -4.07 21.80 15.02
N GLY C 215 -3.90 20.71 15.77
CA GLY C 215 -4.56 20.60 17.10
C GLY C 215 -3.88 21.45 18.17
N PRO C 216 -4.27 21.26 19.46
CA PRO C 216 -3.49 21.80 20.59
C PRO C 216 -2.19 21.00 20.82
N ARG C 217 -1.19 21.66 21.41
CA ARG C 217 0.12 21.00 21.74
C ARG C 217 0.13 20.62 23.22
N MET C 218 -0.22 19.36 23.52
CA MET C 218 -0.47 18.89 24.90
C MET C 218 0.89 18.50 25.51
N ASP C 219 0.99 18.54 26.84
CA ASP C 219 2.12 17.93 27.59
C ASP C 219 3.46 18.42 27.04
N PRO C 220 3.69 19.74 26.89
CA PRO C 220 5.01 20.24 26.50
C PRO C 220 6.09 20.06 27.59
N LYS C 221 7.32 19.71 27.15
CA LYS C 221 8.48 19.54 28.07
C LYS C 221 9.79 19.97 27.39
N ILE C 222 10.67 20.67 28.13
CA ILE C 222 12.00 21.09 27.59
C ILE C 222 12.94 19.88 27.60
N CYS C 223 13.69 19.67 26.51
CA CYS C 223 14.73 18.61 26.46
C CYS C 223 15.84 18.92 27.47
N PRO C 224 15.98 18.13 28.57
CA PRO C 224 16.96 18.45 29.61
C PRO C 224 18.39 18.59 29.06
N ALA C 225 18.81 17.63 28.23
CA ALA C 225 20.18 17.56 27.69
C ALA C 225 20.48 18.76 26.77
N ASP C 226 19.46 19.27 26.06
CA ASP C 226 19.63 20.47 25.20
C ASP C 226 18.36 21.31 25.27
N PRO C 227 18.42 22.58 25.75
CA PRO C 227 17.25 23.42 25.86
C PRO C 227 16.80 24.09 24.54
N ALA C 228 17.66 24.06 23.52
CA ALA C 228 17.23 24.45 22.16
C ALA C 228 16.02 23.60 21.71
N PHE C 229 15.84 22.42 22.31
CA PHE C 229 14.73 21.51 21.91
C PHE C 229 13.65 21.45 22.99
N PHE C 230 12.51 20.89 22.59
CA PHE C 230 11.34 20.63 23.49
C PHE C 230 10.43 19.61 22.80
N SER C 231 9.41 19.13 23.51
CA SER C 231 8.57 18.02 22.99
C SER C 231 7.11 18.28 23.32
N PHE C 232 6.18 17.71 22.55
CA PHE C 232 4.73 17.85 22.80
C PHE C 232 3.95 16.72 22.13
N ILE C 233 2.68 16.56 22.50
CA ILE C 233 1.78 15.62 21.77
C ILE C 233 0.92 16.47 20.81
N ASN C 234 0.63 15.92 19.63
CA ASN C 234 -0.31 16.55 18.67
C ASN C 234 -1.08 15.44 17.93
N ASN C 235 -2.35 15.26 18.25
CA ASN C 235 -3.12 14.10 17.73
C ASN C 235 -2.40 12.82 18.17
N SER C 236 -2.36 12.60 19.50
CA SER C 236 -1.81 11.38 20.16
C SER C 236 -0.59 10.80 19.42
N ASP C 237 0.26 11.67 18.87
CA ASP C 237 1.59 11.26 18.33
C ASP C 237 2.64 12.23 18.90
N LEU C 238 3.92 11.85 18.84
CA LEU C 238 5.00 12.57 19.58
C LEU C 238 5.70 13.53 18.61
N TRP C 239 5.78 14.81 18.99
CA TRP C 239 6.44 15.82 18.14
C TRP C 239 7.61 16.47 18.90
N VAL C 240 8.76 16.62 18.24
CA VAL C 240 9.86 17.47 18.78
C VAL C 240 9.98 18.71 17.89
N ALA C 241 10.14 19.88 18.51
CA ALA C 241 10.44 21.13 17.79
C ALA C 241 11.70 21.77 18.39
N ASN C 242 12.17 22.87 17.80
CA ASN C 242 13.33 23.63 18.31
C ASN C 242 12.88 25.08 18.53
N ILE C 243 12.90 25.57 19.78
CA ILE C 243 12.33 26.93 20.08
C ILE C 243 13.09 28.00 19.30
N GLU C 244 14.38 27.78 19.03
CA GLU C 244 15.23 28.81 18.35
C GLU C 244 15.04 28.77 16.83
N THR C 245 15.00 27.57 16.23
CA THR C 245 14.99 27.45 14.73
C THR C 245 13.57 27.27 14.18
N GLY C 246 12.56 27.14 15.05
CA GLY C 246 11.16 26.95 14.61
C GLY C 246 10.90 25.58 13.96
N GLU C 247 11.93 24.74 13.84
CA GLU C 247 11.80 23.45 13.11
C GLU C 247 11.01 22.45 13.95
N GLU C 248 9.89 21.95 13.40
CA GLU C 248 9.06 20.92 14.07
C GLU C 248 9.39 19.57 13.44
N ARG C 249 9.02 18.47 14.11
CA ARG C 249 9.33 17.12 13.57
C ARG C 249 8.54 16.05 14.32
N ARG C 250 7.84 15.19 13.58
CA ARG C 250 6.97 14.15 14.17
C ARG C 250 7.80 12.90 14.41
N LEU C 251 7.71 12.32 15.61
CA LEU C 251 8.62 11.20 15.99
C LEU C 251 7.87 9.86 16.03
N THR C 252 6.52 9.86 16.08
CA THR C 252 5.72 8.63 16.28
C THR C 252 4.56 8.65 15.28
N PHE C 253 4.07 7.48 14.84
CA PHE C 253 3.07 7.41 13.72
C PHE C 253 1.97 6.39 14.01
N CYS C 254 1.29 6.54 15.16
CA CYS C 254 0.12 5.68 15.54
C CYS C 254 -1.22 6.30 15.08
N HIS C 255 -1.24 7.61 14.89
CA HIS C 255 -2.46 8.32 14.40
C HIS C 255 -2.44 8.33 12.87
N GLN C 256 -3.60 8.52 12.24
CA GLN C 256 -3.71 8.46 10.74
C GLN C 256 -4.45 9.71 10.25
N VAL C 261 -11.29 9.81 15.78
CA VAL C 261 -12.47 8.96 15.42
C VAL C 261 -12.27 7.56 16.02
N LEU C 262 -13.31 6.72 16.02
CA LEU C 262 -13.28 5.38 16.67
C LEU C 262 -12.30 4.44 15.93
N ASP C 263 -11.93 4.78 14.70
CA ASP C 263 -11.18 3.86 13.82
C ASP C 263 -9.66 3.98 14.07
N ASP C 264 -9.22 4.94 14.88
CA ASP C 264 -7.77 5.30 15.00
C ASP C 264 -7.31 5.00 16.43
N PRO C 265 -7.24 3.72 16.86
CA PRO C 265 -7.09 3.36 18.27
C PRO C 265 -5.66 3.56 18.80
N LYS C 266 -4.67 3.13 18.01
CA LYS C 266 -3.25 3.18 18.42
C LYS C 266 -2.89 4.62 18.80
N SER C 267 -2.15 4.80 19.89
CA SER C 267 -1.73 6.15 20.36
C SER C 267 -0.33 6.06 20.99
N ALA C 268 0.36 7.19 21.14
CA ALA C 268 1.76 7.15 21.63
C ALA C 268 2.10 8.43 22.39
N GLY C 269 2.85 8.29 23.50
CA GLY C 269 3.14 9.43 24.39
C GLY C 269 1.96 9.81 25.29
N VAL C 270 0.77 9.22 25.06
CA VAL C 270 -0.46 9.68 25.78
C VAL C 270 -0.80 8.69 26.88
N ALA C 271 -1.27 9.21 28.02
CA ALA C 271 -1.66 8.38 29.17
C ALA C 271 -3.17 8.14 29.12
N THR C 272 -3.59 6.90 28.83
CA THR C 272 -5.02 6.57 28.61
C THR C 272 -5.87 7.02 29.80
N PHE C 273 -7.19 6.98 29.63
CA PHE C 273 -8.17 7.59 30.58
C PHE C 273 -7.84 7.19 32.02
N VAL C 274 -7.95 5.89 32.31
CA VAL C 274 -7.77 5.31 33.68
C VAL C 274 -6.39 5.68 34.23
N ILE C 275 -5.38 5.77 33.38
CA ILE C 275 -4.01 6.11 33.85
C ILE C 275 -4.01 7.52 34.47
N GLN C 276 -4.63 8.48 33.79
CA GLN C 276 -4.82 9.85 34.36
C GLN C 276 -5.79 9.78 35.55
N GLU C 277 -6.90 9.03 35.41
CA GLU C 277 -8.04 9.12 36.36
C GLU C 277 -7.68 8.44 37.68
N GLU C 278 -6.97 7.30 37.63
CA GLU C 278 -6.87 6.39 38.81
C GLU C 278 -5.40 6.07 39.15
N PHE C 279 -4.42 6.48 38.34
CA PHE C 279 -3.00 6.23 38.69
C PHE C 279 -2.23 7.55 38.88
N ASP C 280 -2.88 8.69 38.65
CA ASP C 280 -2.25 10.00 38.96
C ASP C 280 -1.02 10.20 38.08
N ARG C 281 -1.00 9.61 36.88
CA ARG C 281 0.02 9.92 35.84
C ARG C 281 -0.71 10.52 34.63
N PHE C 282 -0.20 11.64 34.11
CA PHE C 282 -0.85 12.37 32.99
C PHE C 282 0.13 12.49 31.81
N THR C 283 1.27 11.80 31.85
CA THR C 283 2.26 11.89 30.75
C THR C 283 2.69 10.49 30.32
N GLY C 284 2.81 10.27 29.01
CA GLY C 284 3.21 8.95 28.46
C GLY C 284 4.53 9.04 27.70
N TYR C 285 5.37 10.01 28.04
CA TYR C 285 6.74 10.06 27.46
C TYR C 285 7.71 10.73 28.44
N TRP C 286 8.94 10.22 28.46
CA TRP C 286 9.99 10.72 29.40
C TRP C 286 11.25 11.04 28.61
N TRP C 287 11.76 12.28 28.75
CA TRP C 287 13.03 12.71 28.11
C TRP C 287 14.21 11.92 28.67
N CYS C 288 15.19 11.60 27.81
CA CYS C 288 16.50 11.11 28.32
C CYS C 288 17.28 12.32 28.85
N PRO C 289 17.78 12.27 30.11
CA PRO C 289 18.49 13.42 30.69
C PRO C 289 19.88 13.68 30.09
N THR C 290 20.40 12.73 29.29
CA THR C 290 21.73 12.89 28.64
C THR C 290 21.60 12.66 27.13
N ALA C 291 22.67 13.01 26.41
CA ALA C 291 22.78 12.82 24.94
C ALA C 291 24.03 11.98 24.66
N SER C 292 24.06 11.28 23.52
CA SER C 292 25.28 10.52 23.12
C SER C 292 25.75 11.02 21.76
N TRP C 293 27.04 11.34 21.64
CA TRP C 293 27.66 11.81 20.37
C TRP C 293 27.74 10.65 19.36
N LEU C 299 27.65 14.69 15.04
CA LEU C 299 26.22 14.53 15.43
C LEU C 299 26.14 14.06 16.89
N LYS C 300 25.23 14.65 17.67
CA LYS C 300 24.73 14.04 18.94
C LYS C 300 23.29 13.55 18.70
N THR C 301 22.72 12.78 19.64
CA THR C 301 21.30 12.35 19.51
C THR C 301 20.62 12.42 20.89
N LEU C 302 19.30 12.56 20.87
CA LEU C 302 18.49 12.67 22.10
C LEU C 302 17.41 11.59 22.02
N ARG C 303 17.13 10.88 23.13
CA ARG C 303 16.08 9.84 23.12
C ARG C 303 14.84 10.37 23.85
N ILE C 304 13.70 9.70 23.62
CA ILE C 304 12.50 9.88 24.48
C ILE C 304 11.90 8.48 24.69
N LEU C 305 11.85 8.05 25.96
CA LEU C 305 11.03 6.87 26.33
C LEU C 305 9.56 7.27 26.18
N TYR C 306 8.69 6.37 25.74
CA TYR C 306 7.27 6.72 25.55
C TYR C 306 6.42 5.45 25.55
N GLU C 307 5.11 5.60 25.82
CA GLU C 307 4.19 4.44 26.02
C GLU C 307 3.32 4.27 24.78
N GLU C 308 3.58 3.23 23.99
CA GLU C 308 2.71 2.89 22.83
C GLU C 308 1.43 2.24 23.35
N VAL C 309 0.26 2.70 22.88
CA VAL C 309 -1.04 2.21 23.40
C VAL C 309 -1.98 1.89 22.25
N ASP C 310 -2.62 0.70 22.29
CA ASP C 310 -3.77 0.37 21.39
C ASP C 310 -5.08 0.19 22.20
N GLU C 311 -6.04 1.10 22.03
CA GLU C 311 -7.34 1.03 22.75
C GLU C 311 -8.41 0.34 21.88
N SER C 312 -8.01 -0.53 20.95
CA SER C 312 -9.00 -1.22 20.06
C SER C 312 -9.91 -2.13 20.91
N GLU C 313 -9.36 -2.72 21.98
CA GLU C 313 -10.04 -3.76 22.78
C GLU C 313 -10.97 -3.14 23.83
N VAL C 314 -10.88 -1.81 24.02
CA VAL C 314 -11.51 -1.13 25.19
C VAL C 314 -12.95 -0.72 24.84
N GLU C 315 -13.87 -0.93 25.78
CA GLU C 315 -15.28 -0.52 25.60
C GLU C 315 -15.37 0.98 25.25
N VAL C 316 -16.30 1.32 24.34
CA VAL C 316 -16.55 2.73 23.93
C VAL C 316 -17.89 3.15 24.54
N ILE C 317 -17.92 4.31 25.19
CA ILE C 317 -19.18 4.83 25.77
C ILE C 317 -19.30 6.28 25.29
N HIS C 318 -20.53 6.81 25.26
CA HIS C 318 -20.81 8.18 24.73
C HIS C 318 -21.19 9.10 25.89
N VAL C 319 -20.53 10.25 26.02
CA VAL C 319 -20.87 11.23 27.12
C VAL C 319 -21.34 12.54 26.51
N PRO C 320 -22.44 13.15 27.01
CA PRO C 320 -22.94 14.43 26.50
C PRO C 320 -21.88 15.55 26.45
N SER C 321 -21.59 16.06 25.25
CA SER C 321 -20.61 17.16 25.07
C SER C 321 -21.01 18.37 25.92
N PRO C 322 -20.06 19.26 26.29
CA PRO C 322 -20.40 20.55 26.92
C PRO C 322 -21.35 21.42 26.08
N ALA C 323 -21.29 21.31 24.75
CA ALA C 323 -22.11 22.16 23.83
C ALA C 323 -23.51 21.54 23.69
N LEU C 324 -24.38 21.79 24.67
CA LEU C 324 -25.73 21.16 24.70
C LEU C 324 -26.47 21.44 23.39
N GLU C 325 -26.31 22.67 22.87
CA GLU C 325 -27.04 23.16 21.66
C GLU C 325 -26.76 22.24 20.46
N GLU C 326 -25.53 21.74 20.33
CA GLU C 326 -25.17 20.77 19.25
C GLU C 326 -25.83 19.41 19.50
N ARG C 327 -26.28 19.12 20.72
CA ARG C 327 -26.92 17.82 21.04
C ARG C 327 -26.09 16.67 20.45
N LYS C 328 -24.76 16.75 20.57
CA LYS C 328 -23.84 15.67 20.14
C LYS C 328 -23.10 15.19 21.38
N THR C 329 -22.54 13.98 21.34
CA THR C 329 -21.79 13.40 22.48
C THR C 329 -20.30 13.41 22.15
N ASP C 330 -19.46 12.99 23.12
CA ASP C 330 -18.05 12.65 22.87
C ASP C 330 -17.89 11.13 23.04
N SER C 331 -16.97 10.50 22.31
CA SER C 331 -16.64 9.08 22.53
C SER C 331 -15.53 8.99 23.57
N TYR C 332 -15.61 7.98 24.44
CA TYR C 332 -14.52 7.70 25.40
C TYR C 332 -14.16 6.22 25.28
N ARG C 333 -12.86 5.91 25.19
CA ARG C 333 -12.43 4.53 25.56
C ARG C 333 -12.53 4.45 27.09
N TYR C 334 -13.52 3.71 27.62
CA TYR C 334 -13.70 3.60 29.08
C TYR C 334 -13.71 2.12 29.46
N PRO C 335 -12.65 1.55 30.08
CA PRO C 335 -12.66 0.14 30.43
C PRO C 335 -13.43 0.05 31.77
N ARG C 336 -14.60 -0.57 31.75
CA ARG C 336 -15.33 -0.80 33.02
C ARG C 336 -14.73 -2.03 33.69
N THR C 337 -14.86 -2.12 35.02
CA THR C 337 -14.26 -3.21 35.84
C THR C 337 -14.50 -4.56 35.14
N GLY C 338 -13.47 -5.41 35.08
CA GLY C 338 -13.60 -6.73 34.44
C GLY C 338 -13.60 -6.66 32.92
N SER C 339 -13.26 -5.50 32.36
CA SER C 339 -13.20 -5.29 30.89
C SER C 339 -11.73 -5.18 30.46
N LYS C 340 -11.46 -5.36 29.17
CA LYS C 340 -10.07 -5.25 28.65
C LYS C 340 -9.58 -3.81 28.86
N ASN C 341 -8.42 -3.66 29.49
CA ASN C 341 -7.65 -2.39 29.49
C ASN C 341 -6.90 -2.26 28.17
N PRO C 342 -6.31 -1.09 27.84
CA PRO C 342 -5.48 -0.96 26.63
C PRO C 342 -4.16 -1.75 26.62
N LYS C 343 -3.86 -2.41 25.48
CA LYS C 343 -2.51 -2.98 25.23
C LYS C 343 -1.48 -1.86 25.34
N ILE C 344 -0.32 -2.15 25.96
CA ILE C 344 0.70 -1.10 26.26
C ILE C 344 2.09 -1.64 25.91
N ALA C 345 3.06 -0.73 25.73
CA ALA C 345 4.48 -1.11 25.57
C ALA C 345 5.35 0.13 25.81
N LEU C 346 6.57 -0.07 26.32
CA LEU C 346 7.57 1.03 26.36
C LEU C 346 8.40 0.96 25.07
N LYS C 347 8.81 2.12 24.56
CA LYS C 347 9.44 2.21 23.23
C LYS C 347 10.56 3.25 23.32
N LEU C 348 11.44 3.28 22.32
CA LEU C 348 12.46 4.36 22.24
C LEU C 348 12.27 5.13 20.93
N ALA C 349 11.95 6.44 21.01
CA ALA C 349 12.04 7.31 19.82
C ALA C 349 13.34 8.13 19.89
N GLU C 350 14.35 7.74 19.11
CA GLU C 350 15.63 8.50 19.03
C GLU C 350 15.51 9.61 17.98
N PHE C 351 16.43 10.58 18.02
CA PHE C 351 16.56 11.55 16.91
C PHE C 351 17.90 12.26 17.02
N GLN C 352 18.59 12.42 15.88
CA GLN C 352 19.95 13.01 15.85
C GLN C 352 19.83 14.51 15.59
N THR C 353 20.84 15.27 15.99
CA THR C 353 20.91 16.73 15.71
C THR C 353 22.35 17.09 15.36
N ASP C 354 22.57 17.77 14.22
CA ASP C 354 23.95 18.20 13.86
C ASP C 354 24.33 19.40 14.73
N SER C 355 25.51 19.96 14.49
CA SER C 355 26.03 21.08 15.31
C SER C 355 25.11 22.32 15.18
N GLN C 356 24.28 22.39 14.14
CA GLN C 356 23.47 23.61 13.84
C GLN C 356 22.01 23.44 14.30
N GLY C 357 21.75 22.58 15.28
CA GLY C 357 20.37 22.41 15.82
C GLY C 357 19.37 21.97 14.77
N LYS C 358 19.82 21.16 13.79
CA LYS C 358 18.94 20.59 12.74
C LYS C 358 18.67 19.12 13.07
N ILE C 359 17.40 18.71 13.09
CA ILE C 359 17.07 17.27 13.33
C ILE C 359 17.37 16.51 12.04
N VAL C 360 18.49 15.79 11.99
CA VAL C 360 19.04 15.26 10.71
C VAL C 360 18.34 13.94 10.36
N SER C 361 17.65 13.32 11.33
CA SER C 361 17.09 11.96 11.17
C SER C 361 16.36 11.57 12.45
N THR C 362 15.44 10.61 12.36
CA THR C 362 14.65 10.15 13.52
C THR C 362 14.56 8.62 13.50
N GLN C 363 14.05 8.02 14.57
CA GLN C 363 13.88 6.54 14.64
C GLN C 363 12.65 6.18 15.50
N GLU C 364 12.02 5.05 15.17
CA GLU C 364 11.11 4.36 16.13
C GLU C 364 11.84 3.12 16.65
N LYS C 365 11.84 2.91 17.97
CA LYS C 365 12.55 1.72 18.51
C LYS C 365 11.63 0.92 19.43
N GLU C 366 11.44 -0.36 19.10
CA GLU C 366 10.70 -1.29 19.99
C GLU C 366 11.70 -2.19 20.70
N LEU C 367 11.27 -2.80 21.80
CA LEU C 367 12.12 -3.79 22.53
C LEU C 367 12.43 -4.96 21.61
N VAL C 368 13.66 -5.50 21.71
CA VAL C 368 14.07 -6.68 20.88
C VAL C 368 12.92 -7.68 20.84
N GLN C 369 12.30 -7.96 22.00
CA GLN C 369 11.11 -8.85 22.04
C GLN C 369 9.89 -8.00 22.35
N PRO C 370 8.66 -8.53 22.12
CA PRO C 370 7.45 -7.86 22.60
C PRO C 370 7.56 -7.51 24.09
N PHE C 371 7.06 -6.35 24.48
CA PHE C 371 6.89 -5.99 25.93
C PHE C 371 5.86 -6.93 26.57
N SER C 372 4.82 -7.30 25.80
CA SER C 372 3.75 -8.21 26.27
C SER C 372 4.32 -9.57 26.70
N SER C 373 5.40 -10.02 26.07
CA SER C 373 5.99 -11.35 26.33
C SER C 373 7.28 -11.24 27.16
N LEU C 374 8.00 -10.11 27.07
CA LEU C 374 9.20 -9.89 27.92
C LEU C 374 8.75 -9.52 29.33
N PHE C 375 7.48 -9.14 29.50
CA PHE C 375 6.95 -8.82 30.86
C PHE C 375 5.52 -9.35 30.97
N PRO C 376 5.30 -10.68 30.96
CA PRO C 376 3.94 -11.24 31.07
C PRO C 376 3.34 -10.98 32.47
N LYS C 377 2.10 -10.48 32.52
CA LYS C 377 1.37 -10.16 33.79
C LYS C 377 1.51 -8.67 34.15
N VAL C 378 2.09 -7.84 33.27
CA VAL C 378 2.17 -6.37 33.49
C VAL C 378 0.94 -5.71 32.83
N GLU C 379 0.00 -5.19 33.63
CA GLU C 379 -1.30 -4.69 33.09
C GLU C 379 -1.26 -3.16 32.91
N TYR C 380 -0.70 -2.42 33.88
CA TYR C 380 -0.59 -0.94 33.74
C TYR C 380 0.87 -0.50 33.98
N ILE C 381 1.40 0.35 33.10
CA ILE C 381 2.67 1.06 33.40
C ILE C 381 2.32 2.18 34.38
N ALA C 382 2.62 1.99 35.67
CA ALA C 382 2.35 3.07 36.65
C ALA C 382 3.15 4.31 36.24
N ARG C 383 4.47 4.17 36.19
CA ARG C 383 5.39 5.34 36.03
C ARG C 383 6.68 4.89 35.35
N ALA C 384 7.55 5.84 34.99
CA ALA C 384 8.80 5.52 34.27
C ALA C 384 9.74 6.73 34.27
N GLY C 385 11.02 6.48 33.99
CA GLY C 385 12.03 7.56 33.92
C GLY C 385 13.39 7.04 33.49
N TRP C 386 14.46 7.77 33.80
CA TRP C 386 15.85 7.35 33.46
C TRP C 386 16.77 7.51 34.68
N THR C 387 17.88 6.77 34.71
CA THR C 387 19.04 7.16 35.55
C THR C 387 19.35 8.62 35.27
N ARG C 388 20.02 9.33 36.20
CA ARG C 388 20.42 10.73 35.93
C ARG C 388 21.41 10.75 34.76
N ASP C 389 22.25 9.72 34.64
CA ASP C 389 23.31 9.69 33.58
C ASP C 389 22.76 9.10 32.27
N GLY C 390 21.48 8.68 32.25
CA GLY C 390 20.85 8.17 31.02
C GLY C 390 21.28 6.76 30.68
N LYS C 391 22.11 6.14 31.54
CA LYS C 391 22.53 4.73 31.29
C LYS C 391 21.27 3.92 31.01
N TYR C 392 20.42 3.73 32.03
CA TYR C 392 19.19 2.91 31.89
C TYR C 392 17.94 3.81 31.91
N ALA C 393 16.88 3.40 31.22
CA ALA C 393 15.51 3.90 31.49
C ALA C 393 14.88 3.01 32.57
N TRP C 394 13.78 3.44 33.19
CA TRP C 394 13.13 2.59 34.20
C TRP C 394 11.61 2.70 34.09
N ALA C 395 10.90 1.83 34.82
CA ALA C 395 9.42 1.81 34.84
C ALA C 395 8.94 1.04 36.07
N MET C 396 7.84 1.50 36.68
CA MET C 396 7.07 0.71 37.68
C MET C 396 5.96 -0.06 36.94
N PHE C 397 6.03 -1.40 36.92
CA PHE C 397 4.99 -2.24 36.28
C PHE C 397 4.03 -2.80 37.33
N LEU C 398 2.75 -2.96 36.95
CA LEU C 398 1.72 -3.46 37.88
C LEU C 398 0.88 -4.56 37.21
N ASP C 399 0.14 -5.34 38.01
CA ASP C 399 -0.69 -6.47 37.50
C ASP C 399 -2.17 -6.11 37.68
N ARG C 400 -3.08 -6.83 36.98
CA ARG C 400 -4.52 -6.47 36.98
C ARG C 400 -5.05 -6.49 38.41
N PRO C 401 -4.77 -7.55 39.21
CA PRO C 401 -5.15 -7.55 40.62
C PRO C 401 -4.62 -6.29 41.32
N GLN C 402 -3.55 -5.71 40.77
CA GLN C 402 -2.85 -4.57 41.42
C GLN C 402 -2.37 -5.06 42.79
N GLN C 403 -1.62 -6.16 42.79
CA GLN C 403 -1.10 -6.76 44.04
C GLN C 403 0.35 -7.17 43.83
N TRP C 404 0.94 -6.79 42.69
CA TRP C 404 2.34 -7.15 42.30
C TRP C 404 2.97 -5.99 41.50
N LEU C 405 3.87 -5.25 42.13
CA LEU C 405 4.58 -4.15 41.43
C LEU C 405 6.08 -4.44 41.42
N GLN C 406 6.79 -3.94 40.40
CA GLN C 406 8.25 -4.18 40.29
C GLN C 406 8.90 -3.08 39.44
N LEU C 407 9.99 -2.48 39.95
CA LEU C 407 10.80 -1.53 39.14
C LEU C 407 11.71 -2.33 38.20
N VAL C 408 11.82 -1.90 36.93
CA VAL C 408 12.71 -2.61 35.96
C VAL C 408 13.63 -1.59 35.29
N LEU C 409 14.92 -1.92 35.15
CA LEU C 409 15.84 -1.10 34.32
C LEU C 409 15.74 -1.59 32.87
N LEU C 410 15.65 -0.64 31.92
CA LEU C 410 15.68 -0.95 30.46
C LEU C 410 16.85 -0.22 29.83
N PRO C 411 17.98 -0.92 29.56
CA PRO C 411 19.13 -0.30 28.89
C PRO C 411 18.79 -0.02 27.44
N PRO C 412 19.07 1.19 26.90
CA PRO C 412 18.73 1.55 25.52
C PRO C 412 19.16 0.59 24.40
N ALA C 413 20.18 -0.25 24.63
CA ALA C 413 20.61 -1.25 23.63
C ALA C 413 19.53 -2.33 23.49
N LEU C 414 18.73 -2.56 24.55
CA LEU C 414 17.61 -3.52 24.52
C LEU C 414 16.59 -3.15 23.42
N PHE C 415 16.61 -1.89 22.96
CA PHE C 415 15.65 -1.42 21.92
C PHE C 415 16.34 -1.41 20.56
N ILE C 416 15.62 -1.89 19.53
CA ILE C 416 16.19 -2.02 18.15
C ILE C 416 15.41 -1.08 17.23
N PRO C 417 15.93 -0.73 16.03
CA PRO C 417 15.11 -0.07 15.01
C PRO C 417 14.00 -1.03 14.56
N SER C 418 12.73 -0.66 14.74
CA SER C 418 11.59 -1.51 14.32
C SER C 418 11.34 -1.34 12.82
N THR C 419 11.07 -2.44 12.13
CA THR C 419 10.80 -2.40 10.66
C THR C 419 9.89 -3.57 10.27
N GLU C 420 9.38 -3.54 9.05
CA GLU C 420 8.48 -4.61 8.53
C GLU C 420 9.30 -5.74 7.90
N ASN C 421 10.58 -5.51 7.58
CA ASN C 421 11.50 -6.57 7.07
C ASN C 421 12.01 -7.43 8.25
N GLU C 422 11.57 -8.69 8.33
CA GLU C 422 12.05 -9.61 9.39
C GLU C 422 13.56 -9.84 9.25
N GLU C 423 14.05 -9.95 8.01
CA GLU C 423 15.51 -10.15 7.78
C GLU C 423 16.28 -8.93 8.31
N GLN C 424 15.70 -7.73 8.20
CA GLN C 424 16.31 -6.52 8.82
C GLN C 424 16.12 -6.56 10.34
N ARG C 425 15.03 -7.17 10.82
CA ARG C 425 14.76 -7.27 12.29
C ARG C 425 15.81 -8.21 12.92
N LEU C 426 15.99 -9.40 12.37
CA LEU C 426 16.96 -10.37 12.95
C LEU C 426 18.39 -9.80 12.84
N ALA C 427 18.65 -8.97 11.83
CA ALA C 427 19.96 -8.28 11.74
C ALA C 427 20.20 -7.41 12.99
N SER C 428 19.23 -6.58 13.35
CA SER C 428 19.33 -5.75 14.59
C SER C 428 19.18 -6.63 15.84
N ALA C 429 18.34 -7.67 15.76
CA ALA C 429 18.12 -8.61 16.89
C ALA C 429 19.37 -9.43 17.14
N ARG C 430 20.16 -9.69 16.08
CA ARG C 430 21.48 -10.38 16.20
C ARG C 430 22.47 -9.44 16.89
N ALA C 431 22.40 -8.13 16.63
CA ALA C 431 23.42 -7.16 17.08
C ALA C 431 23.28 -6.82 18.57
N VAL C 432 22.12 -7.07 19.19
CA VAL C 432 21.95 -6.75 20.65
C VAL C 432 22.77 -7.75 21.47
N PRO C 433 23.79 -7.27 22.25
CA PRO C 433 24.68 -8.15 23.01
C PRO C 433 24.03 -9.04 24.07
N ARG C 434 24.47 -10.29 24.15
CA ARG C 434 24.06 -11.26 25.21
C ARG C 434 24.01 -10.54 26.57
N ASN C 435 25.07 -9.81 26.92
CA ASN C 435 25.19 -9.11 28.24
C ASN C 435 23.86 -8.41 28.57
N VAL C 436 23.44 -7.49 27.70
CA VAL C 436 22.28 -6.57 27.94
C VAL C 436 21.01 -7.36 28.26
N GLN C 437 20.14 -6.77 29.09
CA GLN C 437 18.83 -7.38 29.48
C GLN C 437 18.08 -6.44 30.43
N PRO C 438 16.78 -6.67 30.70
CA PRO C 438 16.09 -5.95 31.76
C PRO C 438 16.38 -6.58 33.13
N TYR C 439 17.06 -5.82 34.00
CA TYR C 439 17.24 -6.20 35.42
C TYR C 439 16.08 -5.59 36.23
N VAL C 440 15.20 -6.41 36.83
CA VAL C 440 14.15 -5.85 37.75
C VAL C 440 14.81 -5.65 39.13
N VAL C 441 14.87 -4.40 39.59
CA VAL C 441 15.55 -4.07 40.87
C VAL C 441 14.60 -4.37 42.04
N TYR C 442 13.38 -3.82 42.05
CA TYR C 442 12.53 -3.93 43.27
C TYR C 442 11.27 -4.74 42.94
N GLU C 443 10.61 -5.30 43.97
CA GLU C 443 9.36 -6.07 43.78
C GLU C 443 8.51 -5.94 45.04
N GLU C 444 7.28 -5.40 44.90
CA GLU C 444 6.35 -5.19 46.04
C GLU C 444 5.12 -6.09 45.88
N VAL C 445 4.66 -6.66 46.99
CA VAL C 445 3.63 -7.75 46.96
C VAL C 445 2.72 -7.57 48.18
N THR C 446 1.40 -7.55 47.99
CA THR C 446 0.49 -7.25 49.12
C THR C 446 -0.79 -8.07 48.98
N ASN C 447 -1.37 -8.50 50.11
CA ASN C 447 -2.70 -9.19 50.09
C ASN C 447 -3.80 -8.13 50.19
N VAL C 448 -3.40 -6.87 50.32
CA VAL C 448 -4.33 -5.71 50.32
C VAL C 448 -4.38 -5.17 48.89
N TRP C 449 -3.69 -4.04 48.64
CA TRP C 449 -3.47 -3.51 47.27
C TRP C 449 -2.20 -2.68 47.26
N ILE C 450 -1.57 -2.56 46.09
CA ILE C 450 -0.29 -1.80 45.96
C ILE C 450 -0.65 -0.36 45.60
N ASN C 451 -0.87 0.48 46.61
CA ASN C 451 -0.85 1.95 46.33
C ASN C 451 0.41 2.23 45.52
N VAL C 452 0.29 2.92 44.39
CA VAL C 452 1.47 3.48 43.66
C VAL C 452 1.98 4.68 44.46
N HIS C 453 3.20 4.58 44.98
CA HIS C 453 3.95 5.73 45.55
C HIS C 453 4.94 6.23 44.49
N ASP C 454 4.90 7.54 44.16
CA ASP C 454 5.75 8.15 43.09
C ASP C 454 7.26 7.97 43.33
N ILE C 455 7.69 8.06 44.60
CA ILE C 455 9.12 8.23 44.98
C ILE C 455 9.99 7.03 44.54
N PHE C 456 10.97 7.29 43.66
CA PHE C 456 12.01 6.29 43.29
C PHE C 456 13.28 7.03 42.86
N TYR C 457 14.19 7.33 43.79
CA TYR C 457 15.41 8.14 43.51
C TYR C 457 16.60 7.21 43.29
N PRO C 458 17.10 7.06 42.04
CA PRO C 458 18.32 6.30 41.78
C PRO C 458 19.57 7.17 41.93
N PHE C 459 20.61 6.59 42.56
CA PHE C 459 21.93 7.26 42.74
C PHE C 459 22.85 6.87 41.59
N PRO C 460 23.86 7.69 41.24
CA PRO C 460 24.85 7.32 40.23
C PRO C 460 25.70 6.22 40.86
N GLN C 461 26.20 5.29 40.03
CA GLN C 461 26.72 3.98 40.52
C GLN C 461 28.19 4.12 40.93
N SER C 462 29.03 4.69 40.07
CA SER C 462 30.49 4.83 40.37
C SER C 462 31.24 3.56 39.93
N ASP C 466 27.71 -3.05 38.08
CA ASP C 466 27.54 -4.37 38.77
C ASP C 466 26.54 -4.25 39.93
N GLU C 467 26.15 -3.02 40.30
CA GLU C 467 25.11 -2.80 41.33
C GLU C 467 24.33 -1.52 41.02
N LEU C 468 23.13 -1.39 41.59
CA LEU C 468 22.38 -0.11 41.59
C LEU C 468 21.89 0.20 43.00
N CYS C 469 22.23 1.40 43.50
CA CYS C 469 21.76 1.93 44.80
C CYS C 469 20.61 2.92 44.55
N PHE C 470 19.51 2.83 45.30
CA PHE C 470 18.37 3.76 45.08
C PHE C 470 17.52 3.82 46.34
N LEU C 471 16.77 4.92 46.50
CA LEU C 471 15.76 5.04 47.59
C LEU C 471 14.38 4.71 47.01
N ARG C 472 13.47 4.22 47.85
CA ARG C 472 12.11 3.86 47.37
C ARG C 472 11.17 3.85 48.58
N ALA C 473 10.00 4.48 48.40
CA ALA C 473 8.93 4.50 49.43
C ALA C 473 8.15 3.18 49.34
N ASN C 474 8.02 2.47 50.46
CA ASN C 474 7.54 1.06 50.45
C ASN C 474 6.53 0.91 51.59
N GLU C 475 5.22 0.90 51.26
CA GLU C 475 4.14 0.78 52.29
C GLU C 475 3.83 -0.71 52.56
N CYS C 476 4.21 -1.58 51.63
CA CYS C 476 3.81 -3.00 51.67
C CYS C 476 4.67 -3.78 52.68
N LYS C 477 5.92 -3.34 52.91
CA LYS C 477 6.85 -4.10 53.79
C LYS C 477 6.26 -4.21 55.20
N THR C 478 5.94 -3.08 55.85
CA THR C 478 5.43 -3.07 57.25
C THR C 478 3.94 -2.68 57.34
N GLY C 479 3.37 -2.11 56.29
CA GLY C 479 1.96 -1.64 56.29
C GLY C 479 1.84 -0.12 56.29
N PHE C 480 2.98 0.57 56.43
CA PHE C 480 3.04 2.06 56.38
C PHE C 480 4.11 2.47 55.34
N CYS C 481 3.79 3.44 54.48
CA CYS C 481 4.81 4.01 53.55
C CYS C 481 6.06 4.45 54.32
N HIS C 482 7.21 3.80 54.08
CA HIS C 482 8.47 4.23 54.74
C HIS C 482 9.57 4.36 53.70
N LEU C 483 10.67 5.03 54.06
CA LEU C 483 11.81 5.22 53.13
C LEU C 483 12.84 4.11 53.34
N TYR C 484 13.37 3.60 52.25
CA TYR C 484 14.35 2.48 52.29
C TYR C 484 15.51 2.82 51.35
N LYS C 485 16.75 2.68 51.83
CA LYS C 485 17.93 2.61 50.91
C LYS C 485 18.01 1.18 50.41
N VAL C 486 18.15 1.00 49.09
CA VAL C 486 18.16 -0.36 48.47
C VAL C 486 19.36 -0.47 47.52
N THR C 487 20.04 -1.61 47.58
CA THR C 487 21.05 -2.01 46.56
C THR C 487 20.53 -3.26 45.84
N ALA C 488 20.58 -3.29 44.51
CA ALA C 488 20.38 -4.57 43.79
C ALA C 488 21.70 -4.99 43.13
N VAL C 489 21.77 -6.24 42.69
CA VAL C 489 22.96 -6.75 41.96
C VAL C 489 22.53 -6.94 40.50
N LEU C 490 23.34 -6.44 39.56
CA LEU C 490 23.01 -6.57 38.11
C LEU C 490 24.04 -7.49 37.44
N LYS C 491 24.04 -8.78 37.81
CA LYS C 491 24.86 -9.79 37.08
C LYS C 491 24.05 -10.31 35.89
N SER C 492 24.52 -10.02 34.66
CA SER C 492 23.83 -10.45 33.42
C SER C 492 23.90 -11.98 33.30
N GLN C 493 22.75 -12.66 33.13
CA GLN C 493 22.73 -14.11 32.79
C GLN C 493 22.97 -14.26 31.28
N GLY C 494 22.78 -13.19 30.51
CA GLY C 494 23.12 -13.22 29.07
C GLY C 494 22.09 -13.99 28.26
N TYR C 495 21.71 -13.46 27.08
CA TYR C 495 20.58 -14.01 26.29
C TYR C 495 20.85 -13.85 24.78
N ASP C 496 20.24 -14.72 23.95
CA ASP C 496 20.19 -14.48 22.48
C ASP C 496 18.87 -13.78 22.14
N TRP C 497 18.92 -12.47 21.88
CA TRP C 497 17.72 -11.67 21.56
C TRP C 497 17.38 -11.79 20.07
N SER C 498 18.19 -12.54 19.33
CA SER C 498 17.87 -12.90 17.94
C SER C 498 16.61 -13.78 17.92
N GLU C 499 16.46 -14.66 18.93
CA GLU C 499 15.38 -15.69 18.91
C GLU C 499 14.45 -15.50 20.11
N PRO C 500 13.12 -15.72 19.93
CA PRO C 500 12.13 -15.48 20.99
C PRO C 500 12.20 -16.44 22.18
N PHE C 501 11.61 -16.05 23.31
CA PHE C 501 11.55 -16.93 24.52
C PHE C 501 10.54 -16.37 25.53
N SER C 502 9.94 -17.27 26.32
CA SER C 502 9.02 -16.88 27.43
C SER C 502 9.72 -17.05 28.78
N PRO C 503 10.14 -15.95 29.45
CA PRO C 503 10.73 -16.03 30.79
C PRO C 503 9.72 -16.52 31.85
N GLY C 504 10.20 -17.33 32.80
CA GLY C 504 9.35 -17.97 33.82
C GLY C 504 8.99 -17.04 34.96
N GLU C 505 8.97 -17.56 36.20
CA GLU C 505 8.42 -16.81 37.36
C GLU C 505 9.39 -15.69 37.77
N ASP C 506 10.61 -16.04 38.20
CA ASP C 506 11.63 -15.03 38.60
C ASP C 506 12.89 -15.28 37.78
N GLU C 507 12.97 -14.74 36.56
CA GLU C 507 14.19 -14.84 35.70
C GLU C 507 15.02 -13.54 35.82
N PHE C 508 14.37 -12.39 35.64
CA PHE C 508 15.04 -11.05 35.69
C PHE C 508 15.10 -10.51 37.13
N LYS C 509 14.51 -11.22 38.09
CA LYS C 509 14.51 -10.77 39.51
C LYS C 509 15.95 -10.65 40.01
N CYS C 510 16.44 -9.42 40.18
CA CYS C 510 17.80 -9.20 40.76
C CYS C 510 17.83 -9.71 42.19
N PRO C 511 18.97 -10.25 42.66
CA PRO C 511 19.18 -10.42 44.10
C PRO C 511 19.44 -9.07 44.76
N ILE C 512 18.75 -8.79 45.88
CA ILE C 512 18.94 -7.50 46.62
C ILE C 512 20.22 -7.66 47.45
N LYS C 513 21.17 -6.72 47.35
CA LYS C 513 22.43 -6.80 48.13
C LYS C 513 22.18 -6.33 49.58
N GLU C 514 21.27 -5.36 49.77
CA GLU C 514 20.80 -4.96 51.13
C GLU C 514 19.50 -4.16 50.99
N GLU C 515 18.93 -3.70 52.11
CA GLU C 515 17.62 -2.99 52.10
C GLU C 515 17.45 -2.23 53.42
N ILE C 516 18.16 -1.11 53.59
CA ILE C 516 18.14 -0.38 54.89
C ILE C 516 16.79 0.30 55.06
N ALA C 517 16.08 0.03 56.16
CA ALA C 517 14.87 0.79 56.55
C ALA C 517 15.30 2.11 57.21
N LEU C 518 15.12 3.24 56.51
CA LEU C 518 15.57 4.58 56.99
C LEU C 518 14.51 5.24 57.90
N THR C 519 13.26 4.81 57.81
CA THR C 519 12.17 5.29 58.71
C THR C 519 11.29 4.09 59.09
N SER C 520 10.73 4.10 60.30
CA SER C 520 9.86 3.00 60.77
C SER C 520 8.63 3.58 61.48
N GLY C 521 7.67 2.74 61.88
CA GLY C 521 6.67 3.16 62.88
C GLY C 521 5.24 3.09 62.39
N GLU C 522 4.30 3.53 63.23
CA GLU C 522 2.84 3.52 62.93
C GLU C 522 2.45 4.89 62.35
N TRP C 523 3.26 5.38 61.41
CA TRP C 523 3.03 6.69 60.72
C TRP C 523 3.55 6.49 59.31
N GLU C 524 3.66 7.54 58.49
CA GLU C 524 4.18 7.25 57.12
C GLU C 524 4.68 8.50 56.38
N VAL C 525 5.46 8.20 55.34
CA VAL C 525 6.09 9.21 54.43
C VAL C 525 5.16 9.44 53.24
N LEU C 526 4.87 10.71 52.93
CA LEU C 526 3.87 11.05 51.88
C LEU C 526 4.54 10.88 50.53
N ALA C 527 4.02 9.99 49.68
CA ALA C 527 4.65 9.68 48.37
C ALA C 527 3.59 9.47 47.28
N ARG C 528 2.37 9.98 47.49
CA ARG C 528 1.31 10.02 46.45
C ARG C 528 0.97 11.49 46.15
N HIS C 529 0.33 11.74 45.01
CA HIS C 529 -0.34 13.04 44.73
C HIS C 529 0.61 14.22 44.97
N GLY C 530 1.82 14.14 44.43
CA GLY C 530 2.70 15.32 44.31
C GLY C 530 3.70 15.40 45.44
N SER C 531 3.33 14.85 46.61
CA SER C 531 4.32 14.61 47.70
C SER C 531 5.57 13.99 47.09
N LYS C 532 6.75 14.40 47.56
CA LYS C 532 8.02 13.93 46.96
C LYS C 532 9.12 13.98 48.02
N ILE C 533 10.35 13.68 47.61
CA ILE C 533 11.52 13.84 48.50
C ILE C 533 12.55 14.74 47.79
N TRP C 534 13.50 15.25 48.58
CA TRP C 534 14.67 15.97 48.04
C TRP C 534 15.91 15.35 48.69
N VAL C 535 16.79 14.73 47.90
CA VAL C 535 17.99 14.05 48.47
C VAL C 535 19.18 14.98 48.26
N ASN C 536 19.94 15.29 49.31
CA ASN C 536 21.19 16.09 49.18
C ASN C 536 22.36 15.11 49.27
N GLU C 537 23.02 14.82 48.13
CA GLU C 537 24.14 13.84 48.09
C GLU C 537 25.42 14.47 48.60
N GLU C 538 25.57 15.79 48.46
CA GLU C 538 26.69 16.51 49.12
C GLU C 538 26.68 16.10 50.61
N THR C 539 25.52 16.15 51.28
CA THR C 539 25.44 15.95 52.75
C THR C 539 24.92 14.56 53.15
N LYS C 540 24.45 13.76 52.19
CA LYS C 540 23.86 12.42 52.48
C LYS C 540 22.59 12.55 53.35
N LEU C 541 21.85 13.65 53.20
CA LEU C 541 20.53 13.78 53.89
C LEU C 541 19.41 13.55 52.88
N VAL C 542 18.27 13.05 53.37
CA VAL C 542 17.02 12.97 52.56
C VAL C 542 15.93 13.74 53.29
N TYR C 543 15.28 14.69 52.61
CA TYR C 543 14.17 15.47 53.22
C TYR C 543 12.85 14.87 52.73
N PHE C 544 11.89 14.71 53.63
CA PHE C 544 10.56 14.15 53.27
C PHE C 544 9.45 14.87 54.06
N GLN C 545 8.19 14.58 53.72
CA GLN C 545 7.04 15.00 54.57
C GLN C 545 6.39 13.74 55.13
N GLY C 546 5.80 13.84 56.33
CA GLY C 546 5.17 12.66 56.95
C GLY C 546 4.15 12.98 58.04
N THR C 547 3.52 11.90 58.52
CA THR C 547 2.49 11.95 59.59
C THR C 547 3.15 11.63 60.94
N LYS C 548 4.46 11.38 60.94
CA LYS C 548 5.16 10.88 62.15
C LYS C 548 4.69 11.67 63.37
N ASP C 549 4.68 13.00 63.25
CA ASP C 549 4.24 13.84 64.39
C ASP C 549 2.74 13.63 64.62
N THR C 550 1.90 13.69 63.58
CA THR C 550 0.44 13.51 63.83
C THR C 550 -0.28 13.25 62.51
N PRO C 551 -1.18 12.23 62.43
CA PRO C 551 -2.01 12.01 61.24
C PRO C 551 -2.79 13.26 60.80
N LEU C 552 -3.05 14.17 61.75
CA LEU C 552 -3.78 15.43 61.44
C LEU C 552 -2.83 16.53 60.90
N GLU C 553 -1.52 16.27 60.78
CA GLU C 553 -0.63 17.33 60.26
C GLU C 553 0.44 16.73 59.34
N HIS C 554 0.46 17.15 58.09
CA HIS C 554 1.65 16.90 57.21
C HIS C 554 2.85 17.68 57.76
N HIS C 555 3.95 17.00 58.09
CA HIS C 555 5.14 17.72 58.62
C HIS C 555 6.40 17.38 57.80
N LEU C 556 7.33 18.35 57.70
CA LEU C 556 8.61 18.17 56.95
C LEU C 556 9.69 17.68 57.91
N TYR C 557 10.27 16.49 57.64
CA TYR C 557 11.42 15.96 58.43
C TYR C 557 12.63 15.70 57.53
N VAL C 558 13.82 15.65 58.13
CA VAL C 558 15.05 15.21 57.39
C VAL C 558 15.64 13.99 58.11
N VAL C 559 16.28 13.08 57.35
CA VAL C 559 17.02 11.93 57.95
C VAL C 559 18.20 11.60 57.02
N SER C 560 19.32 11.14 57.59
CA SER C 560 20.50 10.71 56.79
C SER C 560 20.17 9.38 56.09
N TYR C 561 20.87 9.08 54.98
CA TYR C 561 20.67 7.76 54.32
C TYR C 561 21.90 6.87 54.54
N GLU C 562 23.07 7.42 54.90
CA GLU C 562 24.22 6.55 55.33
C GLU C 562 23.81 5.74 56.56
N ALA C 563 23.31 6.45 57.57
CA ALA C 563 22.85 5.86 58.84
C ALA C 563 21.38 6.25 59.05
N ALA C 564 20.55 5.33 59.52
CA ALA C 564 19.18 5.68 59.96
C ALA C 564 19.27 6.33 61.34
N GLY C 565 19.70 7.60 61.38
CA GLY C 565 19.94 8.31 62.65
C GLY C 565 18.68 8.90 63.26
N GLU C 566 18.80 9.99 64.01
CA GLU C 566 17.61 10.68 64.56
C GLU C 566 16.94 11.44 63.40
N ILE C 567 15.61 11.65 63.49
CA ILE C 567 14.83 12.31 62.41
C ILE C 567 14.42 13.71 62.88
N VAL C 568 15.00 14.76 62.28
CA VAL C 568 14.72 16.16 62.70
C VAL C 568 13.55 16.72 61.87
N ARG C 569 12.43 16.99 62.54
CA ARG C 569 11.34 17.82 61.96
C ARG C 569 11.85 19.26 61.80
N LEU C 570 11.35 19.96 60.76
CA LEU C 570 11.72 21.38 60.53
C LEU C 570 10.48 22.26 60.61
N THR C 571 9.30 21.68 60.34
CA THR C 571 8.01 22.44 60.42
C THR C 571 7.54 22.46 61.89
N THR C 572 6.80 23.51 62.30
CA THR C 572 6.46 23.72 63.74
C THR C 572 5.11 23.08 64.04
N PRO C 573 4.93 22.32 65.15
CA PRO C 573 3.63 21.77 65.50
C PRO C 573 2.47 22.79 65.56
N GLY C 574 1.24 22.28 65.65
CA GLY C 574 0.01 23.09 65.55
C GLY C 574 -0.56 23.08 64.14
N PHE C 575 0.30 23.22 63.13
CA PHE C 575 -0.14 23.48 61.72
C PHE C 575 0.26 22.31 60.81
N SER C 576 -0.50 22.13 59.73
CA SER C 576 -0.16 21.15 58.66
C SER C 576 0.55 21.88 57.54
N HIS C 577 1.55 21.26 56.91
CA HIS C 577 2.49 21.99 56.02
C HIS C 577 2.59 21.32 54.65
N SER C 578 2.69 22.13 53.59
CA SER C 578 2.99 21.67 52.21
C SER C 578 4.29 22.32 51.74
N CYS C 579 5.38 21.54 51.63
CA CYS C 579 6.75 22.11 51.61
C CYS C 579 7.48 21.89 50.26
N SER C 580 8.46 22.75 49.98
CA SER C 580 9.36 22.57 48.82
C SER C 580 10.76 23.12 49.16
N MET C 581 11.81 22.37 48.81
CA MET C 581 13.22 22.74 49.14
C MET C 581 13.88 23.42 47.93
N SER C 582 14.90 24.25 48.19
CA SER C 582 15.79 24.73 47.11
C SER C 582 16.56 23.56 46.51
N GLN C 583 16.81 23.57 45.20
CA GLN C 583 17.73 22.57 44.59
C GLN C 583 19.04 22.58 45.39
N ASN C 584 19.42 23.76 45.89
CA ASN C 584 20.70 23.98 46.62
C ASN C 584 20.51 23.76 48.13
N PHE C 585 19.31 23.36 48.57
CA PHE C 585 19.09 22.77 49.92
C PHE C 585 19.41 23.76 51.05
N ASP C 586 19.25 25.06 50.78
CA ASP C 586 19.65 26.12 51.75
C ASP C 586 18.40 26.71 52.43
N MET C 587 17.35 27.00 51.64
CA MET C 587 16.07 27.50 52.21
C MET C 587 14.91 26.67 51.65
N PHE C 588 13.80 26.57 52.40
CA PHE C 588 12.57 25.91 51.89
C PHE C 588 11.37 26.87 52.01
N VAL C 589 10.33 26.60 51.22
CA VAL C 589 9.00 27.25 51.44
C VAL C 589 8.12 26.24 52.18
N SER C 590 7.14 26.72 52.97
CA SER C 590 6.07 25.82 53.48
C SER C 590 4.73 26.53 53.49
N HIS C 591 3.79 26.04 52.66
CA HIS C 591 2.37 26.48 52.66
C HIS C 591 1.62 25.73 53.78
N TYR C 592 1.27 26.41 54.87
CA TYR C 592 0.75 25.69 56.05
C TYR C 592 -0.53 26.36 56.54
N SER C 593 -1.27 25.68 57.43
CA SER C 593 -2.56 26.16 57.98
C SER C 593 -2.98 25.35 59.20
N SER C 594 -4.04 25.79 59.89
CA SER C 594 -4.67 25.00 60.99
C SER C 594 -6.20 25.13 60.90
N VAL C 595 -6.92 24.17 61.47
CA VAL C 595 -8.41 24.21 61.51
C VAL C 595 -8.89 25.63 61.79
N SER C 596 -8.20 26.32 62.70
CA SER C 596 -8.71 27.59 63.31
C SER C 596 -8.15 28.83 62.61
N THR C 597 -7.00 28.72 61.94
CA THR C 597 -6.31 29.92 61.37
C THR C 597 -6.18 29.75 59.86
N PRO C 598 -6.21 30.85 59.06
CA PRO C 598 -6.03 30.74 57.62
C PRO C 598 -4.62 30.27 57.24
N PRO C 599 -4.37 29.91 55.95
CA PRO C 599 -3.04 29.45 55.54
C PRO C 599 -2.01 30.58 55.33
N CYS C 600 -0.82 30.41 55.90
CA CYS C 600 0.36 31.26 55.55
C CYS C 600 1.20 30.55 54.48
N VAL C 601 2.00 31.32 53.74
CA VAL C 601 3.14 30.75 52.95
C VAL C 601 4.42 31.46 53.42
N HIS C 602 5.07 30.89 54.44
CA HIS C 602 6.31 31.50 55.02
C HIS C 602 7.56 30.91 54.33
N VAL C 603 8.66 31.67 54.36
CA VAL C 603 9.96 31.26 53.75
C VAL C 603 10.98 31.07 54.87
N TYR C 604 11.56 29.87 55.00
CA TYR C 604 12.54 29.57 56.06
C TYR C 604 13.92 29.28 55.44
N LYS C 605 14.96 29.90 56.01
CA LYS C 605 16.37 29.59 55.65
C LYS C 605 16.90 28.53 56.64
N LEU C 606 17.56 27.48 56.14
CA LEU C 606 18.27 26.52 57.04
C LEU C 606 19.64 27.11 57.39
N SER C 607 19.98 27.17 58.69
CA SER C 607 21.18 27.92 59.15
C SER C 607 21.92 27.12 60.23
N GLY C 608 23.25 27.09 60.15
CA GLY C 608 24.07 26.48 61.22
C GLY C 608 25.41 25.97 60.72
N PRO C 609 26.22 25.33 61.59
CA PRO C 609 27.44 24.64 61.16
C PRO C 609 27.20 23.69 59.99
N ASP C 610 28.06 23.75 58.96
CA ASP C 610 27.94 22.88 57.77
C ASP C 610 28.50 21.49 58.08
N ASP C 611 29.20 21.34 59.20
CA ASP C 611 29.73 20.00 59.62
C ASP C 611 28.65 19.23 60.40
N ASP C 612 27.62 19.92 60.91
CA ASP C 612 26.46 19.24 61.55
C ASP C 612 25.19 19.55 60.75
N PRO C 613 24.99 18.88 59.59
CA PRO C 613 23.92 19.26 58.66
C PRO C 613 22.53 18.74 59.07
N LEU C 614 22.47 17.52 59.63
CA LEU C 614 21.18 16.93 60.09
C LEU C 614 20.53 17.87 61.09
N HIS C 615 21.33 18.74 61.73
CA HIS C 615 20.80 19.64 62.80
C HIS C 615 20.92 21.10 62.37
N LYS C 616 20.64 21.40 61.09
CA LYS C 616 20.34 22.79 60.65
C LYS C 616 19.03 23.25 61.29
N GLN C 617 18.95 24.52 61.70
CA GLN C 617 17.68 25.06 62.26
C GLN C 617 16.91 25.74 61.15
N PRO C 618 15.57 25.49 61.04
CA PRO C 618 14.74 26.26 60.13
C PRO C 618 14.53 27.63 60.78
N ARG C 619 14.99 28.71 60.14
CA ARG C 619 14.82 30.07 60.73
C ARG C 619 13.93 30.92 59.79
N PHE C 620 12.90 31.57 60.36
CA PHE C 620 11.92 32.36 59.58
C PHE C 620 12.65 33.48 58.83
N TRP C 621 12.65 33.42 57.50
CA TRP C 621 13.32 34.48 56.69
C TRP C 621 12.27 35.52 56.27
N ALA C 622 11.24 35.10 55.53
CA ALA C 622 10.25 36.05 54.98
C ALA C 622 8.89 35.37 54.82
N SER C 623 7.87 36.17 54.49
CA SER C 623 6.48 35.68 54.29
C SER C 623 5.96 36.09 52.90
N MET C 624 4.93 35.39 52.40
CA MET C 624 4.43 35.59 51.00
C MET C 624 2.90 35.66 51.00
N MET C 625 2.22 34.70 51.64
CA MET C 625 0.74 34.75 51.80
C MET C 625 0.41 34.96 53.28
N GLU C 626 -0.85 35.30 53.60
CA GLU C 626 -1.26 35.61 55.00
C GLU C 626 -2.77 35.43 55.16
N ALA C 627 -3.32 35.80 56.33
CA ALA C 627 -4.77 35.74 56.61
C ALA C 627 -5.53 36.67 55.64
N ASP C 633 -18.01 35.85 60.10
CA ASP C 633 -19.03 34.76 60.21
C ASP C 633 -18.35 33.39 60.41
N TYR C 634 -17.08 33.21 60.00
CA TYR C 634 -16.47 31.85 60.04
C TYR C 634 -16.00 31.48 61.46
N VAL C 635 -16.68 30.49 62.06
CA VAL C 635 -16.24 29.85 63.32
C VAL C 635 -15.66 28.47 62.98
N PRO C 636 -14.33 28.25 63.13
CA PRO C 636 -13.73 26.98 62.71
C PRO C 636 -14.27 25.79 63.51
N PRO C 637 -14.35 24.59 62.91
CA PRO C 637 -14.83 23.41 63.62
C PRO C 637 -13.75 22.96 64.62
N GLU C 638 -14.03 21.92 65.41
CA GLU C 638 -13.02 21.42 66.38
C GLU C 638 -12.78 19.93 66.08
N ILE C 639 -11.52 19.52 66.04
CA ILE C 639 -11.20 18.08 65.81
C ILE C 639 -11.45 17.33 67.12
N PHE C 640 -12.01 16.13 67.02
CA PHE C 640 -12.11 15.19 68.17
C PHE C 640 -11.60 13.81 67.75
N HIS C 641 -11.69 12.84 68.66
CA HIS C 641 -11.40 11.42 68.31
C HIS C 641 -12.11 10.52 69.30
N PHE C 642 -12.36 9.27 68.90
CA PHE C 642 -13.01 8.28 69.79
C PHE C 642 -12.48 6.90 69.40
N HIS C 643 -12.88 5.86 70.13
CA HIS C 643 -12.52 4.48 69.71
C HIS C 643 -13.80 3.77 69.31
N THR C 644 -13.73 2.86 68.34
CA THR C 644 -14.89 1.99 68.03
C THR C 644 -14.95 0.90 69.10
N ARG C 645 -16.00 0.07 69.06
CA ARG C 645 -16.06 -1.14 69.92
C ARG C 645 -14.96 -2.14 69.50
N SER C 646 -14.42 -2.00 68.27
CA SER C 646 -13.22 -2.76 67.83
C SER C 646 -11.93 -2.17 68.43
N ASP C 647 -12.05 -1.10 69.22
CA ASP C 647 -10.88 -0.39 69.83
C ASP C 647 -10.10 0.41 68.77
N VAL C 648 -10.52 0.39 67.50
CA VAL C 648 -9.86 1.22 66.44
C VAL C 648 -10.15 2.70 66.72
N ARG C 649 -9.12 3.54 66.59
CA ARG C 649 -9.25 5.00 66.85
C ARG C 649 -9.68 5.70 65.57
N LEU C 650 -10.76 6.49 65.64
CA LEU C 650 -11.20 7.33 64.50
C LEU C 650 -11.10 8.79 64.93
N TYR C 651 -10.68 9.67 64.01
CA TYR C 651 -10.74 11.14 64.25
C TYR C 651 -12.01 11.66 63.61
N GLY C 652 -12.51 12.80 64.12
CA GLY C 652 -13.71 13.43 63.54
C GLY C 652 -13.59 14.93 63.63
N MET C 653 -14.45 15.64 62.90
CA MET C 653 -14.53 17.11 63.00
C MET C 653 -15.97 17.44 63.40
N ILE C 654 -16.20 18.57 64.08
CA ILE C 654 -17.60 19.06 64.24
C ILE C 654 -17.63 20.58 64.12
N TYR C 655 -18.57 21.07 63.30
CA TYR C 655 -19.04 22.48 63.34
C TYR C 655 -20.13 22.57 64.42
N LYS C 656 -19.96 23.49 65.38
CA LYS C 656 -20.99 23.71 66.43
C LYS C 656 -22.01 24.72 65.90
N PRO C 657 -23.33 24.52 66.14
CA PRO C 657 -24.33 25.51 65.75
C PRO C 657 -23.97 26.87 66.38
N HIS C 658 -23.83 27.90 65.55
CA HIS C 658 -23.35 29.23 66.03
C HIS C 658 -24.29 29.75 67.13
N ALA C 659 -23.80 30.64 68.00
CA ALA C 659 -24.66 31.16 69.10
C ALA C 659 -25.46 30.00 69.71
N LEU C 660 -24.77 28.91 70.06
CA LEU C 660 -25.38 27.69 70.68
C LEU C 660 -25.96 28.05 72.05
N GLN C 661 -27.14 27.52 72.37
CA GLN C 661 -27.75 27.64 73.72
C GLN C 661 -27.74 26.27 74.38
N PRO C 662 -26.75 25.94 75.24
CA PRO C 662 -26.70 24.64 75.91
C PRO C 662 -28.05 24.26 76.55
N GLY C 663 -28.52 23.04 76.25
CA GLY C 663 -29.90 22.61 76.57
C GLY C 663 -30.66 22.22 75.31
N LYS C 664 -30.36 22.90 74.20
CA LYS C 664 -31.09 22.68 72.92
C LYS C 664 -30.46 21.48 72.20
N LYS C 665 -31.30 20.66 71.57
CA LYS C 665 -30.85 19.63 70.58
C LYS C 665 -31.10 20.19 69.18
N HIS C 666 -30.08 20.16 68.31
CA HIS C 666 -30.17 20.80 66.97
C HIS C 666 -30.29 19.74 65.88
N PRO C 667 -30.84 20.08 64.69
CA PRO C 667 -30.86 19.14 63.57
C PRO C 667 -29.42 19.06 63.03
N THR C 668 -29.03 17.91 62.49
CA THR C 668 -27.59 17.62 62.28
C THR C 668 -27.34 17.06 60.88
N VAL C 669 -26.42 17.68 60.12
CA VAL C 669 -26.00 17.16 58.78
C VAL C 669 -24.73 16.30 58.98
N LEU C 670 -24.77 15.04 58.53
CA LEU C 670 -23.57 14.17 58.55
C LEU C 670 -22.89 14.22 57.18
N PHE C 671 -21.89 15.09 57.03
CA PHE C 671 -21.13 15.24 55.76
C PHE C 671 -20.17 14.06 55.61
N VAL C 672 -20.34 13.31 54.53
CA VAL C 672 -19.62 12.01 54.35
C VAL C 672 -18.63 12.09 53.18
N TYR C 673 -17.79 11.05 53.14
CA TYR C 673 -17.01 10.62 51.94
C TYR C 673 -16.79 9.11 52.13
N GLY C 674 -15.85 8.73 53.01
CA GLY C 674 -15.63 7.30 53.35
C GLY C 674 -14.99 6.52 52.21
N GLY C 675 -14.45 7.18 51.20
CA GLY C 675 -13.78 6.46 50.09
C GLY C 675 -12.27 6.43 50.29
N PRO C 676 -11.55 5.52 49.60
CA PRO C 676 -10.08 5.50 49.64
C PRO C 676 -9.45 6.75 49.00
N GLN C 677 -8.20 7.05 49.37
CA GLN C 677 -7.37 8.13 48.74
C GLN C 677 -7.77 9.51 49.29
N VAL C 678 -8.57 9.59 50.35
CA VAL C 678 -8.88 10.93 50.94
C VAL C 678 -8.87 10.83 52.46
N GLN C 679 -8.63 11.97 53.11
CA GLN C 679 -8.82 12.15 54.57
C GLN C 679 -9.45 13.52 54.76
N LEU C 680 -10.71 13.60 55.18
CA LEU C 680 -11.35 14.93 55.33
C LEU C 680 -10.93 15.54 56.66
N VAL C 681 -10.95 14.74 57.74
CA VAL C 681 -10.58 15.26 59.09
C VAL C 681 -9.06 15.37 59.19
N ASN C 682 -8.58 16.60 59.32
CA ASN C 682 -7.14 16.88 59.60
C ASN C 682 -7.01 18.32 60.05
N ASN C 683 -5.86 18.69 60.59
CA ASN C 683 -5.63 20.07 61.09
C ASN C 683 -5.15 20.93 59.92
N SER C 684 -6.09 21.40 59.11
CA SER C 684 -5.82 22.47 58.11
C SER C 684 -7.11 23.29 57.92
N PHE C 685 -6.96 24.57 57.56
CA PHE C 685 -8.12 25.50 57.44
C PHE C 685 -9.20 24.84 56.59
N LYS C 686 -10.44 24.80 57.09
CA LYS C 686 -11.54 24.16 56.33
C LYS C 686 -12.48 25.25 55.79
N GLY C 687 -12.03 26.52 55.80
CA GLY C 687 -12.91 27.65 55.47
C GLY C 687 -13.18 27.79 53.97
N ILE C 688 -12.40 27.13 53.11
CA ILE C 688 -12.43 27.42 51.64
C ILE C 688 -13.38 26.45 50.95
N LYS C 689 -13.00 25.17 50.89
CA LYS C 689 -13.71 24.17 50.05
C LYS C 689 -15.00 23.72 50.77
N TYR C 690 -15.06 23.91 52.10
CA TYR C 690 -16.24 23.51 52.91
C TYR C 690 -16.83 24.74 53.59
N LEU C 691 -16.85 25.86 52.85
CA LEU C 691 -17.44 27.13 53.35
C LEU C 691 -18.93 26.88 53.65
N ARG C 692 -19.57 26.00 52.87
CA ARG C 692 -21.03 25.73 53.04
C ARG C 692 -21.32 25.07 54.39
N LEU C 693 -20.39 24.29 54.95
CA LEU C 693 -20.64 23.58 56.23
C LEU C 693 -20.72 24.60 57.37
N ASN C 694 -19.89 25.66 57.32
CA ASN C 694 -20.06 26.78 58.29
C ASN C 694 -21.41 27.47 58.04
N THR C 695 -21.82 27.60 56.77
CA THR C 695 -23.15 28.20 56.44
C THR C 695 -24.28 27.37 57.07
N LEU C 696 -24.21 26.05 56.96
CA LEU C 696 -25.14 25.16 57.70
C LEU C 696 -25.06 25.49 59.19
N ALA C 697 -23.86 25.43 59.75
CA ALA C 697 -23.66 25.73 61.18
C ALA C 697 -24.23 27.10 61.53
N SER C 698 -24.01 28.10 60.66
CA SER C 698 -24.50 29.48 60.91
C SER C 698 -26.04 29.50 61.06
N LEU C 699 -26.76 28.63 60.35
CA LEU C 699 -28.24 28.56 60.48
C LEU C 699 -28.62 27.65 61.66
N GLY C 700 -27.65 26.97 62.28
CA GLY C 700 -27.91 26.23 63.53
C GLY C 700 -27.98 24.73 63.31
N TYR C 701 -27.49 24.26 62.16
CA TYR C 701 -27.33 22.80 61.93
C TYR C 701 -26.03 22.33 62.59
N ALA C 702 -26.00 21.12 63.14
CA ALA C 702 -24.71 20.52 63.52
C ALA C 702 -24.12 19.86 62.28
N VAL C 703 -22.95 20.32 61.82
CA VAL C 703 -22.25 19.60 60.72
C VAL C 703 -21.18 18.72 61.36
N VAL C 704 -21.31 17.40 61.20
CA VAL C 704 -20.36 16.40 61.78
C VAL C 704 -19.61 15.73 60.64
N VAL C 705 -18.30 15.53 60.77
CA VAL C 705 -17.48 14.90 59.69
C VAL C 705 -16.55 13.86 60.33
N ILE C 706 -16.49 12.66 59.75
CA ILE C 706 -15.81 11.50 60.40
C ILE C 706 -15.00 10.75 59.34
N ASP C 707 -13.70 10.61 59.53
CA ASP C 707 -12.90 9.69 58.69
C ASP C 707 -13.16 8.26 59.16
N GLY C 708 -13.98 7.50 58.42
CA GLY C 708 -14.20 6.08 58.76
C GLY C 708 -13.00 5.22 58.39
N ARG C 709 -13.05 3.93 58.72
CA ARG C 709 -11.99 2.97 58.30
C ARG C 709 -12.06 2.79 56.77
N GLY C 710 -10.92 2.90 56.08
CA GLY C 710 -10.93 2.95 54.61
C GLY C 710 -10.33 4.25 54.11
N SER C 711 -10.46 5.32 54.92
CA SER C 711 -9.92 6.66 54.58
C SER C 711 -8.39 6.64 54.66
N CYS C 712 -7.74 7.65 54.05
CA CYS C 712 -6.29 7.62 53.72
C CYS C 712 -5.41 7.95 54.93
N GLN C 713 -4.08 8.03 54.71
CA GLN C 713 -3.07 8.64 55.65
C GLN C 713 -3.03 7.92 57.00
N ARG C 714 -3.54 6.69 57.09
CA ARG C 714 -3.54 5.95 58.37
C ARG C 714 -2.93 4.54 58.17
N GLY C 715 -2.51 4.22 56.95
CA GLY C 715 -1.82 2.95 56.67
C GLY C 715 -2.65 2.00 55.83
N LEU C 716 -2.05 0.86 55.45
CA LEU C 716 -2.73 -0.12 54.56
C LEU C 716 -3.83 -0.84 55.34
N ARG C 717 -3.57 -1.21 56.60
CA ARG C 717 -4.53 -2.05 57.38
C ARG C 717 -5.85 -1.28 57.55
N PHE C 718 -5.75 0.01 57.91
CA PHE C 718 -6.92 0.90 58.16
C PHE C 718 -7.75 1.07 56.88
N GLU C 719 -7.05 1.36 55.77
CA GLU C 719 -7.70 1.49 54.43
C GLU C 719 -8.17 0.10 53.95
N GLY C 720 -7.48 -0.96 54.39
CA GLY C 720 -7.81 -2.33 53.94
C GLY C 720 -9.17 -2.78 54.42
N ALA C 721 -9.83 -1.99 55.27
CA ALA C 721 -11.18 -2.32 55.78
C ALA C 721 -12.17 -2.44 54.62
N LEU C 722 -12.06 -1.54 53.64
CA LEU C 722 -12.94 -1.50 52.45
C LEU C 722 -12.83 -2.80 51.64
N LYS C 723 -11.62 -3.32 51.48
CA LYS C 723 -11.36 -4.42 50.50
C LYS C 723 -12.50 -5.43 50.44
N ASN C 724 -13.17 -5.52 49.28
CA ASN C 724 -14.18 -6.56 48.92
C ASN C 724 -15.54 -6.34 49.63
N GLN C 725 -15.73 -5.24 50.35
CA GLN C 725 -17.01 -5.00 51.07
C GLN C 725 -17.30 -3.49 51.10
N MET C 726 -17.20 -2.81 49.95
CA MET C 726 -17.45 -1.34 49.89
C MET C 726 -18.93 -1.08 50.17
N GLY C 727 -19.22 0.00 50.91
CA GLY C 727 -20.57 0.28 51.40
C GLY C 727 -20.86 -0.37 52.75
N GLN C 728 -20.15 -1.44 53.10
CA GLN C 728 -20.54 -2.31 54.24
C GLN C 728 -19.97 -1.75 55.56
N VAL C 729 -18.69 -1.42 55.60
CA VAL C 729 -17.98 -1.11 56.87
C VAL C 729 -18.09 0.39 57.18
N GLU C 730 -18.20 1.23 56.14
CA GLU C 730 -18.01 2.69 56.29
C GLU C 730 -19.14 3.31 57.13
N ILE C 731 -20.37 2.81 56.99
CA ILE C 731 -21.56 3.42 57.69
C ILE C 731 -21.61 2.97 59.17
N GLU C 732 -21.08 1.78 59.51
CA GLU C 732 -20.94 1.37 60.93
C GLU C 732 -20.13 2.43 61.68
N ASP C 733 -18.96 2.79 61.15
CA ASP C 733 -18.10 3.85 61.76
C ASP C 733 -18.86 5.17 61.74
N GLN C 734 -19.57 5.48 60.65
CA GLN C 734 -20.34 6.75 60.54
C GLN C 734 -21.37 6.79 61.66
N VAL C 735 -22.18 5.75 61.79
CA VAL C 735 -23.20 5.69 62.88
C VAL C 735 -22.45 5.78 64.21
N GLU C 736 -21.28 5.13 64.33
CA GLU C 736 -20.53 5.08 65.62
C GLU C 736 -20.05 6.49 66.04
N GLY C 737 -19.38 7.22 65.15
CA GLY C 737 -18.92 8.59 65.49
C GLY C 737 -20.08 9.54 65.72
N LEU C 738 -21.14 9.43 64.92
CA LEU C 738 -22.37 10.25 65.07
C LEU C 738 -22.88 10.16 66.52
N GLN C 739 -23.15 8.93 67.00
CA GLN C 739 -23.62 8.70 68.40
C GLN C 739 -22.60 9.26 69.41
N PHE C 740 -21.30 9.09 69.15
CA PHE C 740 -20.24 9.59 70.05
C PHE C 740 -20.32 11.12 70.15
N VAL C 741 -20.66 11.76 69.03
CA VAL C 741 -20.76 13.26 68.98
C VAL C 741 -21.93 13.72 69.85
N ALA C 742 -22.97 12.88 69.99
CA ALA C 742 -24.19 13.26 70.76
C ALA C 742 -23.94 13.16 72.28
N GLU C 743 -23.00 12.33 72.71
CA GLU C 743 -22.70 12.18 74.16
C GLU C 743 -21.67 13.26 74.58
N LYS C 744 -20.65 13.50 73.76
CA LYS C 744 -19.62 14.53 74.06
C LYS C 744 -20.26 15.94 74.02
N TYR C 745 -21.00 16.27 72.96
CA TYR C 745 -21.38 17.68 72.70
C TYR C 745 -22.78 17.97 73.22
N GLY C 746 -23.72 17.03 73.02
CA GLY C 746 -25.07 17.15 73.61
C GLY C 746 -25.85 18.32 73.07
N PHE C 747 -25.61 18.70 71.80
CA PHE C 747 -26.53 19.61 71.07
C PHE C 747 -27.11 18.87 69.85
N ILE C 748 -26.83 17.57 69.73
CA ILE C 748 -27.26 16.79 68.53
C ILE C 748 -28.65 16.22 68.78
N ASP C 749 -29.59 16.49 67.87
CA ASP C 749 -30.93 15.85 67.86
C ASP C 749 -30.86 14.62 66.94
N LEU C 750 -30.65 13.42 67.49
CA LEU C 750 -30.61 12.18 66.66
C LEU C 750 -31.96 11.98 65.96
N SER C 751 -33.03 12.65 66.39
CA SER C 751 -34.32 12.58 65.67
C SER C 751 -34.23 13.28 64.30
N ARG C 752 -33.32 14.25 64.13
CA ARG C 752 -33.27 15.07 62.89
C ARG C 752 -31.87 15.08 62.29
N VAL C 753 -31.35 13.92 61.92
CA VAL C 753 -30.01 13.84 61.26
C VAL C 753 -30.19 13.59 59.75
N ALA C 754 -29.32 14.20 58.93
CA ALA C 754 -29.34 14.01 57.47
C ALA C 754 -27.96 13.54 57.01
N ILE C 755 -27.90 12.76 55.93
CA ILE C 755 -26.59 12.34 55.34
C ILE C 755 -26.48 12.96 53.95
N HIS C 756 -25.45 13.80 53.76
CA HIS C 756 -25.23 14.50 52.47
C HIS C 756 -23.76 14.32 52.06
N GLY C 757 -23.47 14.49 50.76
CA GLY C 757 -22.09 14.37 50.25
C GLY C 757 -22.09 14.10 48.75
N TRP C 758 -20.96 14.39 48.10
CA TRP C 758 -20.82 14.20 46.63
C TRP C 758 -19.91 13.01 46.33
N SER C 759 -19.91 12.54 45.07
CA SER C 759 -18.96 11.49 44.61
C SER C 759 -19.11 10.26 45.51
N TYR C 760 -18.02 9.70 46.05
CA TYR C 760 -18.10 8.55 47.01
C TYR C 760 -19.08 8.89 48.14
N GLY C 761 -19.11 10.16 48.53
CA GLY C 761 -20.03 10.67 49.58
C GLY C 761 -21.48 10.40 49.23
N GLY C 762 -21.86 10.62 47.97
CA GLY C 762 -23.23 10.35 47.52
C GLY C 762 -23.54 8.87 47.54
N PHE C 763 -22.62 8.03 47.04
CA PHE C 763 -22.74 6.56 47.15
C PHE C 763 -22.98 6.15 48.62
N LEU C 764 -22.19 6.70 49.54
CA LEU C 764 -22.32 6.34 50.98
C LEU C 764 -23.51 7.05 51.64
N SER C 765 -24.11 8.05 51.00
CA SER C 765 -25.34 8.68 51.55
C SER C 765 -26.55 7.81 51.24
N LEU C 766 -26.42 6.90 50.26
CA LEU C 766 -27.51 5.95 49.89
C LEU C 766 -27.36 4.64 50.66
N MET C 767 -26.13 4.26 51.05
CA MET C 767 -25.97 3.13 52.00
C MET C 767 -26.51 3.56 53.37
N GLY C 768 -26.23 4.79 53.76
CA GLY C 768 -26.83 5.38 54.97
C GLY C 768 -28.35 5.21 55.02
N LEU C 769 -29.04 5.39 53.88
CA LEU C 769 -30.53 5.42 53.87
C LEU C 769 -31.12 4.01 53.69
N ILE C 770 -30.31 3.04 53.26
CA ILE C 770 -30.79 1.64 53.07
C ILE C 770 -30.60 0.88 54.38
N HIS C 771 -29.36 0.90 54.89
CA HIS C 771 -28.93 0.05 56.03
C HIS C 771 -29.28 0.70 57.37
N LYS C 772 -29.61 2.01 57.38
CA LYS C 772 -29.86 2.74 58.65
C LYS C 772 -30.89 3.85 58.43
N PRO C 773 -32.12 3.55 57.95
CA PRO C 773 -33.17 4.57 57.85
C PRO C 773 -33.75 4.99 59.22
N GLN C 774 -33.46 4.21 60.27
CA GLN C 774 -33.83 4.57 61.66
C GLN C 774 -32.84 5.59 62.24
N VAL C 775 -31.71 5.79 61.56
CA VAL C 775 -30.69 6.77 62.01
C VAL C 775 -30.85 8.05 61.18
N PHE C 776 -30.78 7.91 59.84
CA PHE C 776 -30.82 9.05 58.89
C PHE C 776 -32.25 9.25 58.35
N LYS C 777 -32.85 10.41 58.65
CA LYS C 777 -34.22 10.73 58.17
C LYS C 777 -34.18 11.03 56.67
N VAL C 778 -33.24 11.88 56.25
CA VAL C 778 -33.13 12.24 54.81
C VAL C 778 -31.73 11.87 54.32
N ALA C 779 -31.58 11.69 53.00
CA ALA C 779 -30.27 11.54 52.36
C ALA C 779 -30.20 12.49 51.17
N ILE C 780 -29.06 13.13 50.94
CA ILE C 780 -28.81 13.95 49.72
C ILE C 780 -27.56 13.40 49.03
N ALA C 781 -27.76 12.46 48.10
CA ALA C 781 -26.64 11.78 47.40
C ALA C 781 -26.28 12.53 46.11
N GLY C 782 -25.05 13.05 46.04
CA GLY C 782 -24.55 13.76 44.84
C GLY C 782 -23.58 12.91 44.06
N ALA C 783 -23.80 12.76 42.75
CA ALA C 783 -22.86 12.11 41.81
C ALA C 783 -22.45 10.72 42.32
N PRO C 784 -23.41 9.82 42.63
CA PRO C 784 -23.08 8.57 43.31
C PRO C 784 -22.72 7.46 42.33
N VAL C 785 -21.98 6.44 42.81
CA VAL C 785 -21.85 5.14 42.09
C VAL C 785 -23.01 4.25 42.54
N THR C 786 -24.00 4.12 41.67
CA THR C 786 -25.20 3.28 41.89
C THR C 786 -24.89 1.86 41.41
N VAL C 787 -23.91 1.71 40.53
CA VAL C 787 -23.50 0.38 39.99
C VAL C 787 -21.97 0.29 40.03
N TRP C 788 -21.41 -0.75 40.66
CA TRP C 788 -19.93 -0.92 40.64
C TRP C 788 -19.50 -1.49 39.29
N MET C 789 -20.31 -2.38 38.71
CA MET C 789 -20.01 -3.04 37.40
C MET C 789 -19.97 -2.03 36.26
N ALA C 790 -20.70 -0.92 36.38
CA ALA C 790 -20.70 0.18 35.38
C ALA C 790 -19.49 1.10 35.63
N TYR C 791 -18.75 0.87 36.73
CA TYR C 791 -17.58 1.73 37.04
C TYR C 791 -16.32 1.08 36.48
N ASP C 792 -15.16 1.74 36.63
CA ASP C 792 -13.94 1.33 35.87
C ASP C 792 -13.22 0.16 36.57
N THR C 793 -12.15 -0.29 35.91
CA THR C 793 -11.21 -1.34 36.39
C THR C 793 -10.30 -0.77 37.49
N GLY C 794 -9.37 0.12 37.10
CA GLY C 794 -8.30 0.59 37.99
C GLY C 794 -8.80 0.76 39.42
N TYR C 795 -9.98 1.37 39.59
CA TYR C 795 -10.53 1.70 40.93
C TYR C 795 -11.21 0.46 41.50
N THR C 796 -12.24 -0.07 40.83
CA THR C 796 -13.02 -1.19 41.44
C THR C 796 -12.12 -2.42 41.64
N GLU C 797 -11.44 -2.86 40.59
CA GLU C 797 -10.59 -4.09 40.66
C GLU C 797 -9.65 -4.03 41.88
N ARG C 798 -8.85 -2.97 42.00
CA ARG C 798 -7.96 -2.78 43.16
C ARG C 798 -8.71 -2.88 44.49
N TYR C 799 -9.93 -2.31 44.60
CA TYR C 799 -10.63 -2.25 45.91
C TYR C 799 -11.69 -3.37 46.03
N MET C 800 -12.29 -3.79 44.91
CA MET C 800 -13.44 -4.73 44.95
C MET C 800 -13.10 -6.04 44.23
N ASP C 801 -11.89 -6.15 43.63
CA ASP C 801 -11.54 -7.35 42.83
C ASP C 801 -12.32 -7.29 41.50
N VAL C 802 -12.47 -8.44 40.83
CA VAL C 802 -13.14 -8.51 39.49
C VAL C 802 -14.60 -8.96 39.70
N PRO C 803 -15.59 -8.54 38.88
CA PRO C 803 -16.99 -8.88 39.20
C PRO C 803 -17.25 -10.39 39.28
N GLU C 804 -16.46 -11.19 38.55
CA GLU C 804 -16.65 -12.67 38.51
C GLU C 804 -15.88 -13.35 39.65
N ASN C 805 -15.22 -12.57 40.53
CA ASN C 805 -14.60 -13.12 41.76
C ASN C 805 -15.30 -12.58 43.01
N ASN C 806 -16.14 -11.56 42.85
CA ASN C 806 -16.69 -10.85 44.05
C ASN C 806 -18.13 -10.38 43.75
N GLN C 807 -18.99 -11.28 43.28
CA GLN C 807 -20.42 -10.93 43.06
C GLN C 807 -21.06 -10.48 44.37
N HIS C 808 -20.75 -11.15 45.49
CA HIS C 808 -21.31 -10.78 46.82
C HIS C 808 -20.97 -9.33 47.15
N GLY C 809 -19.73 -8.91 46.85
CA GLY C 809 -19.27 -7.54 47.17
C GLY C 809 -19.85 -6.50 46.22
N TYR C 810 -19.89 -6.82 44.92
CA TYR C 810 -20.45 -5.90 43.90
C TYR C 810 -21.96 -5.70 44.10
N GLU C 811 -22.68 -6.80 44.34
CA GLU C 811 -24.15 -6.72 44.57
C GLU C 811 -24.44 -5.93 45.85
N ALA C 812 -23.81 -6.31 46.97
CA ALA C 812 -24.09 -5.67 48.28
C ALA C 812 -23.71 -4.19 48.26
N GLY C 813 -22.69 -3.81 47.46
CA GLY C 813 -22.17 -2.43 47.42
C GLY C 813 -22.82 -1.59 46.34
N SER C 814 -23.73 -2.17 45.56
CA SER C 814 -24.43 -1.41 44.48
C SER C 814 -25.78 -0.91 44.99
N VAL C 815 -25.91 0.42 45.17
CA VAL C 815 -27.14 1.01 45.79
C VAL C 815 -28.30 0.97 44.79
N ALA C 816 -28.02 0.69 43.50
CA ALA C 816 -29.10 0.55 42.50
C ALA C 816 -29.68 -0.87 42.52
N LEU C 817 -29.16 -1.76 43.37
CA LEU C 817 -29.73 -3.14 43.48
C LEU C 817 -30.48 -3.29 44.81
N HIS C 818 -30.31 -2.37 45.75
CA HIS C 818 -31.02 -2.47 47.07
C HIS C 818 -32.08 -1.38 47.17
N VAL C 819 -32.71 -1.05 46.03
CA VAL C 819 -33.71 0.05 45.93
C VAL C 819 -34.97 -0.33 46.72
N GLU C 820 -35.28 -1.62 46.83
CA GLU C 820 -36.49 -2.07 47.59
C GLU C 820 -36.40 -1.60 49.05
N LYS C 821 -35.19 -1.29 49.54
CA LYS C 821 -34.97 -0.90 50.96
C LYS C 821 -34.92 0.63 51.13
N LEU C 822 -35.19 1.40 50.07
CA LEU C 822 -35.19 2.89 50.19
C LEU C 822 -36.57 3.35 50.65
N PRO C 823 -36.70 4.56 51.23
CA PRO C 823 -37.96 5.00 51.83
C PRO C 823 -39.20 4.85 50.94
N ASN C 824 -40.31 4.44 51.55
CA ASN C 824 -41.65 4.55 50.93
C ASN C 824 -42.11 6.01 51.01
N GLU C 825 -41.57 6.77 51.97
CA GLU C 825 -41.99 8.18 52.18
C GLU C 825 -41.20 9.08 51.23
N PRO C 826 -41.86 10.04 50.54
CA PRO C 826 -41.16 11.00 49.70
C PRO C 826 -40.49 12.05 50.61
N ASN C 827 -39.67 12.93 50.04
CA ASN C 827 -38.97 14.02 50.80
C ASN C 827 -37.80 13.47 51.61
N ARG C 828 -37.52 12.16 51.56
CA ARG C 828 -36.44 11.55 52.38
C ARG C 828 -35.16 11.32 51.56
N LEU C 829 -35.20 11.56 50.23
CA LEU C 829 -34.02 11.28 49.35
C LEU C 829 -33.98 12.28 48.19
N LEU C 830 -32.83 12.97 48.02
CA LEU C 830 -32.62 13.95 46.93
C LEU C 830 -31.36 13.58 46.15
N ILE C 831 -31.46 13.53 44.81
CA ILE C 831 -30.34 13.06 43.94
C ILE C 831 -29.81 14.25 43.13
N LEU C 832 -28.50 14.45 43.14
CA LEU C 832 -27.82 15.51 42.34
C LEU C 832 -26.86 14.83 41.37
N HIS C 833 -26.85 15.21 40.09
CA HIS C 833 -25.85 14.64 39.17
C HIS C 833 -25.54 15.64 38.05
N GLY C 834 -24.25 15.80 37.74
CA GLY C 834 -23.77 16.68 36.64
C GLY C 834 -23.92 15.98 35.31
N PHE C 835 -24.79 16.50 34.44
CA PHE C 835 -25.19 15.79 33.19
C PHE C 835 -23.96 15.44 32.33
N LEU C 836 -22.85 16.17 32.47
CA LEU C 836 -21.64 15.91 31.63
C LEU C 836 -20.60 15.10 32.40
N ASP C 837 -20.98 14.35 33.44
CA ASP C 837 -19.97 13.67 34.29
C ASP C 837 -19.38 12.50 33.49
N GLU C 838 -18.12 12.64 33.05
CA GLU C 838 -17.42 11.60 32.25
C GLU C 838 -16.63 10.68 33.18
N ASN C 839 -16.68 10.94 34.49
CA ASN C 839 -16.00 10.10 35.53
C ASN C 839 -17.03 9.12 36.09
N VAL C 840 -17.96 9.62 36.90
CA VAL C 840 -19.17 8.84 37.29
C VAL C 840 -20.24 9.18 36.25
N HIS C 841 -20.46 8.29 35.28
CA HIS C 841 -21.34 8.63 34.12
C HIS C 841 -22.77 8.87 34.60
N PHE C 842 -23.41 9.97 34.18
CA PHE C 842 -24.80 10.26 34.62
C PHE C 842 -25.61 8.95 34.66
N PHE C 843 -25.30 8.03 33.75
CA PHE C 843 -25.89 6.67 33.77
C PHE C 843 -26.16 6.18 35.21
N HIS C 844 -25.30 6.52 36.18
CA HIS C 844 -25.45 5.97 37.55
C HIS C 844 -26.77 6.41 38.19
N THR C 845 -27.04 7.72 38.14
CA THR C 845 -28.32 8.28 38.63
C THR C 845 -29.45 7.76 37.76
N ASN C 846 -29.26 7.79 36.43
CA ASN C 846 -30.29 7.34 35.44
C ASN C 846 -30.78 5.93 35.81
N PHE C 847 -29.83 5.02 36.02
CA PHE C 847 -30.12 3.60 36.37
C PHE C 847 -30.69 3.51 37.79
N LEU C 848 -30.37 4.46 38.66
CA LEU C 848 -30.96 4.49 40.03
C LEU C 848 -32.42 4.97 39.95
N VAL C 849 -32.70 5.97 39.12
CA VAL C 849 -34.11 6.41 38.88
C VAL C 849 -34.89 5.25 38.23
N SER C 850 -34.26 4.56 37.28
CA SER C 850 -34.89 3.38 36.62
C SER C 850 -35.37 2.38 37.68
N GLN C 851 -34.50 2.09 38.66
CA GLN C 851 -34.78 1.07 39.72
C GLN C 851 -35.72 1.65 40.80
N LEU C 852 -35.66 2.97 41.06
CA LEU C 852 -36.61 3.63 42.01
C LEU C 852 -38.04 3.58 41.46
N ILE C 853 -38.20 3.69 40.14
CA ILE C 853 -39.53 3.70 39.45
C ILE C 853 -40.12 2.29 39.50
N ARG C 854 -39.28 1.29 39.23
CA ARG C 854 -39.69 -0.13 39.24
C ARG C 854 -40.11 -0.55 40.66
N ALA C 855 -39.52 0.05 41.70
CA ALA C 855 -39.84 -0.33 43.08
C ALA C 855 -40.91 0.60 43.67
N GLY C 856 -41.52 1.45 42.83
CA GLY C 856 -42.49 2.47 43.27
C GLY C 856 -41.94 3.31 44.41
N LYS C 857 -40.70 3.77 44.30
CA LYS C 857 -40.08 4.58 45.37
C LYS C 857 -40.04 6.04 44.94
N PRO C 858 -40.43 6.99 45.81
CA PRO C 858 -40.34 8.41 45.49
C PRO C 858 -38.88 8.89 45.39
N TYR C 859 -38.66 10.02 44.75
CA TYR C 859 -37.30 10.59 44.60
C TYR C 859 -37.42 12.04 44.15
N GLN C 860 -36.56 12.91 44.68
CA GLN C 860 -36.35 14.25 44.07
C GLN C 860 -35.05 14.19 43.25
N LEU C 861 -34.93 15.05 42.24
CA LEU C 861 -33.75 15.01 41.32
C LEU C 861 -33.38 16.43 40.88
N GLN C 862 -32.08 16.76 41.00
CA GLN C 862 -31.51 18.00 40.43
C GLN C 862 -30.41 17.60 39.46
N ILE C 863 -30.45 18.17 38.25
CA ILE C 863 -29.46 17.90 37.16
C ILE C 863 -28.55 19.13 37.06
N TYR C 864 -27.24 18.90 36.90
CA TYR C 864 -26.28 20.00 36.61
C TYR C 864 -25.88 19.84 35.14
N PRO C 865 -26.62 20.51 34.21
CA PRO C 865 -26.45 20.29 32.77
C PRO C 865 -25.09 20.75 32.23
N ASN C 866 -24.46 21.69 32.94
CA ASN C 866 -23.19 22.32 32.48
C ASN C 866 -22.02 21.79 33.33
N GLU C 867 -22.24 20.81 34.21
CA GLU C 867 -21.20 20.42 35.19
C GLU C 867 -20.85 18.94 35.01
N ARG C 868 -19.55 18.61 35.09
CA ARG C 868 -19.08 17.19 35.05
C ARG C 868 -19.17 16.62 36.48
N HIS C 869 -18.05 16.30 37.14
CA HIS C 869 -18.10 15.63 38.47
C HIS C 869 -18.14 16.67 39.59
N SER C 870 -17.12 17.52 39.74
CA SER C 870 -17.19 18.65 40.70
C SER C 870 -18.01 19.79 40.07
N ILE C 871 -18.72 20.61 40.86
CA ILE C 871 -19.50 21.74 40.28
C ILE C 871 -18.58 22.95 40.11
N ARG C 872 -18.16 23.19 38.87
CA ARG C 872 -17.16 24.24 38.53
C ARG C 872 -17.81 25.62 38.61
N CYS C 873 -18.79 25.89 37.75
CA CYS C 873 -19.41 27.25 37.58
C CYS C 873 -20.24 27.63 38.80
N PRO C 874 -20.06 28.86 39.35
CA PRO C 874 -20.72 29.26 40.60
C PRO C 874 -22.24 29.40 40.56
N GLU C 875 -22.82 29.83 39.43
CA GLU C 875 -24.30 29.93 39.33
C GLU C 875 -24.90 28.59 39.79
N SER C 876 -24.33 27.47 39.31
CA SER C 876 -24.77 26.11 39.72
C SER C 876 -24.54 25.92 41.22
N GLY C 877 -23.30 26.03 41.67
CA GLY C 877 -22.94 25.80 43.09
C GLY C 877 -23.77 26.64 44.05
N GLU C 878 -24.09 27.87 43.65
CA GLU C 878 -24.97 28.76 44.46
C GLU C 878 -26.37 28.11 44.52
N HIS C 879 -26.88 27.69 43.35
CA HIS C 879 -28.19 27.01 43.26
C HIS C 879 -28.13 25.71 44.06
N TYR C 880 -27.13 24.88 43.77
CA TYR C 880 -26.89 23.63 44.52
C TYR C 880 -26.99 23.92 46.03
N GLU C 881 -26.34 24.98 46.51
CA GLU C 881 -26.29 25.25 47.96
C GLU C 881 -27.68 25.66 48.48
N VAL C 882 -28.43 26.47 47.71
CA VAL C 882 -29.79 26.91 48.16
C VAL C 882 -30.71 25.68 48.26
N THR C 883 -30.75 24.87 47.20
CA THR C 883 -31.58 23.64 47.16
C THR C 883 -31.33 22.84 48.44
N LEU C 884 -30.05 22.67 48.78
CA LEU C 884 -29.65 21.91 49.99
C LEU C 884 -30.26 22.56 51.23
N LEU C 885 -30.25 23.90 51.31
CA LEU C 885 -30.80 24.60 52.50
C LEU C 885 -32.31 24.44 52.53
N HIS C 886 -32.98 24.59 51.38
CA HIS C 886 -34.45 24.46 51.33
C HIS C 886 -34.83 23.03 51.67
N PHE C 887 -34.17 22.05 51.04
CA PHE C 887 -34.51 20.62 51.26
C PHE C 887 -34.40 20.28 52.75
N LEU C 888 -33.36 20.79 53.41
CA LEU C 888 -33.13 20.50 54.85
C LEU C 888 -34.19 21.21 55.71
N GLN C 889 -34.47 22.47 55.40
CA GLN C 889 -35.50 23.29 56.08
C GLN C 889 -36.86 22.59 56.03
N GLU C 890 -37.33 22.20 54.84
CA GLU C 890 -38.74 21.74 54.67
C GLU C 890 -38.91 20.31 55.22
N TYR C 891 -37.86 19.48 55.16
CA TYR C 891 -38.00 18.02 55.41
C TYR C 891 -37.04 17.52 56.51
N LEU C 892 -36.62 18.37 57.46
CA LEU C 892 -35.81 17.92 58.63
C LEU C 892 -36.12 18.77 59.87
N PRO D 49 -64.42 30.31 50.93
CA PRO D 49 -64.28 30.73 52.33
C PRO D 49 -63.81 29.55 53.22
N ALA D 50 -64.69 28.95 54.03
CA ALA D 50 -64.34 27.72 54.79
C ALA D 50 -65.13 26.50 54.25
N ALA D 51 -65.74 26.65 53.06
CA ALA D 51 -66.39 25.54 52.33
C ALA D 51 -65.50 25.12 51.14
N ARG D 52 -64.18 25.25 51.29
CA ARG D 52 -63.21 24.91 50.22
C ARG D 52 -62.84 23.43 50.37
N PHE D 53 -63.24 22.58 49.43
CA PHE D 53 -63.01 21.11 49.55
C PHE D 53 -61.52 20.82 49.74
N GLN D 54 -61.22 19.80 50.54
CA GLN D 54 -59.83 19.41 50.86
C GLN D 54 -59.64 17.94 50.43
N VAL D 55 -58.70 17.68 49.51
CA VAL D 55 -58.46 16.27 49.09
C VAL D 55 -57.85 15.52 50.28
N GLN D 56 -58.20 14.24 50.45
CA GLN D 56 -57.56 13.44 51.52
C GLN D 56 -56.07 13.33 51.24
N LYS D 57 -55.24 13.54 52.27
CA LYS D 57 -53.77 13.40 52.18
C LYS D 57 -53.44 11.91 52.33
N HIS D 58 -52.88 11.28 51.30
CA HIS D 58 -52.51 9.85 51.35
C HIS D 58 -50.99 9.68 51.48
N SER D 59 -50.56 8.67 52.25
CA SER D 59 -49.16 8.17 52.20
C SER D 59 -48.80 7.85 50.75
N TRP D 60 -47.51 7.71 50.44
CA TRP D 60 -47.10 7.39 49.03
C TRP D 60 -47.63 6.00 48.64
N ASP D 61 -47.64 5.05 49.58
CA ASP D 61 -48.18 3.68 49.30
C ASP D 61 -49.69 3.74 49.10
N GLY D 62 -50.37 4.63 49.83
CA GLY D 62 -51.80 4.87 49.59
C GLY D 62 -52.06 5.27 48.14
N LEU D 63 -51.28 6.21 47.62
CA LEU D 63 -51.47 6.69 46.23
C LEU D 63 -51.15 5.55 45.25
N ARG D 64 -50.11 4.76 45.53
CA ARG D 64 -49.77 3.62 44.67
C ARG D 64 -50.92 2.62 44.63
N SER D 65 -51.54 2.37 45.80
CA SER D 65 -52.65 1.37 45.88
C SER D 65 -53.92 1.95 45.26
N ILE D 66 -54.11 3.27 45.31
CA ILE D 66 -55.27 3.93 44.63
C ILE D 66 -55.09 3.76 43.13
N ILE D 67 -53.95 4.24 42.59
CA ILE D 67 -53.71 4.20 41.12
C ILE D 67 -53.62 2.76 40.63
N HIS D 68 -53.08 1.85 41.44
CA HIS D 68 -53.10 0.40 41.08
C HIS D 68 -54.55 -0.04 40.89
N GLY D 69 -55.41 0.30 41.85
CA GLY D 69 -56.85 0.00 41.76
C GLY D 69 -57.45 0.51 40.47
N SER D 70 -57.20 1.79 40.14
CA SER D 70 -57.83 2.46 38.96
C SER D 70 -57.65 1.62 37.69
N ARG D 71 -56.52 0.92 37.56
CA ARG D 71 -56.19 0.18 36.31
C ARG D 71 -56.74 -1.24 36.41
N LYS D 72 -57.95 -1.46 35.89
CA LYS D 72 -58.58 -2.80 35.78
C LYS D 72 -58.75 -3.16 34.29
N ALA D 81 -60.16 -3.00 19.64
CA ALA D 81 -61.18 -2.56 18.66
C ALA D 81 -60.80 -3.06 17.26
N PRO D 82 -61.51 -4.07 16.72
CA PRO D 82 -61.23 -4.58 15.38
C PRO D 82 -60.89 -3.49 14.35
N HIS D 83 -59.85 -3.71 13.54
CA HIS D 83 -59.33 -2.64 12.64
C HIS D 83 -58.54 -3.27 11.48
N ASP D 84 -58.14 -2.45 10.50
CA ASP D 84 -57.49 -2.97 9.28
C ASP D 84 -58.42 -4.04 8.69
N PHE D 85 -59.65 -3.66 8.33
CA PHE D 85 -60.68 -4.62 7.83
C PHE D 85 -60.55 -4.82 6.32
N GLN D 86 -60.62 -6.08 5.88
CA GLN D 86 -60.82 -6.38 4.43
C GLN D 86 -62.14 -7.14 4.29
N PHE D 87 -63.07 -6.61 3.49
CA PHE D 87 -64.28 -7.38 3.10
C PHE D 87 -63.96 -8.29 1.89
N VAL D 88 -64.24 -9.59 2.03
CA VAL D 88 -64.10 -10.56 0.90
C VAL D 88 -65.43 -11.32 0.75
N GLN D 89 -66.00 -11.34 -0.46
CA GLN D 89 -67.27 -12.09 -0.72
C GLN D 89 -66.95 -13.58 -0.91
N LYS D 90 -67.96 -14.45 -0.80
CA LYS D 90 -67.75 -15.93 -0.76
C LYS D 90 -68.25 -16.62 -2.05
N THR D 91 -69.27 -16.06 -2.71
CA THR D 91 -69.85 -16.63 -3.96
C THR D 91 -70.25 -18.10 -3.75
N ASP D 92 -71.39 -18.33 -3.07
CA ASP D 92 -71.92 -19.71 -2.83
C ASP D 92 -73.45 -19.67 -2.91
N GLU D 93 -74.01 -20.03 -4.06
CA GLU D 93 -75.49 -20.03 -4.25
C GLU D 93 -76.06 -21.35 -3.71
N GLY D 95 -74.32 -21.67 0.77
CA GLY D 95 -73.53 -21.63 2.02
C GLY D 95 -74.09 -20.62 3.03
N PRO D 96 -73.71 -20.71 4.32
CA PRO D 96 -74.31 -19.89 5.37
C PRO D 96 -73.79 -18.43 5.45
N HIS D 97 -72.53 -18.21 5.05
CA HIS D 97 -71.87 -16.88 5.23
C HIS D 97 -71.74 -16.15 3.89
N SER D 98 -72.17 -14.88 3.86
CA SER D 98 -72.10 -14.03 2.65
C SER D 98 -70.64 -13.62 2.38
N HIS D 99 -69.99 -13.06 3.38
CA HIS D 99 -68.58 -12.57 3.27
C HIS D 99 -67.70 -13.24 4.33
N ARG D 100 -66.40 -12.95 4.28
CA ARG D 100 -65.51 -13.09 5.46
C ARG D 100 -64.88 -11.72 5.72
N LEU D 101 -65.03 -11.19 6.93
CA LEU D 101 -64.42 -9.89 7.30
C LEU D 101 -63.06 -10.15 7.97
N TYR D 102 -61.97 -9.69 7.34
CA TYR D 102 -60.59 -9.90 7.86
C TYR D 102 -60.09 -8.63 8.55
N TYR D 103 -59.46 -8.75 9.72
CA TYR D 103 -59.06 -7.54 10.51
C TYR D 103 -58.00 -7.89 11.55
N LEU D 104 -57.42 -6.86 12.18
CA LEU D 104 -56.44 -7.05 13.28
C LEU D 104 -57.18 -6.92 14.62
N GLY D 105 -56.84 -7.74 15.63
CA GLY D 105 -57.53 -7.63 16.93
C GLY D 105 -56.86 -8.40 18.05
N MET D 106 -57.26 -8.09 19.30
CA MET D 106 -56.80 -8.78 20.55
C MET D 106 -57.97 -9.56 21.15
N PRO D 107 -57.77 -10.39 22.21
CA PRO D 107 -58.89 -11.01 22.93
C PRO D 107 -59.63 -10.03 23.84
N ARG D 111 -54.00 -9.69 25.17
CA ARG D 111 -52.87 -10.61 24.89
C ARG D 111 -51.92 -9.92 23.87
N GLU D 112 -52.35 -9.82 22.60
CA GLU D 112 -51.42 -9.41 21.52
C GLU D 112 -52.24 -9.13 20.25
N ASN D 113 -51.95 -8.02 19.56
CA ASN D 113 -52.65 -7.69 18.29
C ASN D 113 -52.42 -8.84 17.31
N SER D 114 -53.48 -9.27 16.62
CA SER D 114 -53.41 -10.53 15.82
C SER D 114 -54.30 -10.44 14.58
N LEU D 115 -53.91 -11.13 13.51
CA LEU D 115 -54.83 -11.37 12.36
C LEU D 115 -56.00 -12.22 12.86
N LEU D 116 -57.23 -11.78 12.55
CA LEU D 116 -58.44 -12.55 12.91
C LEU D 116 -59.38 -12.58 11.70
N TYR D 117 -60.58 -13.13 11.88
CA TYR D 117 -61.69 -12.93 10.91
C TYR D 117 -63.02 -13.14 11.62
N SER D 118 -64.07 -12.53 11.08
CA SER D 118 -65.46 -12.91 11.45
C SER D 118 -66.11 -13.52 10.21
N GLU D 119 -67.31 -14.09 10.36
CA GLU D 119 -68.01 -14.78 9.26
C GLU D 119 -69.41 -14.17 9.14
N ILE D 120 -69.63 -13.34 8.12
CA ILE D 120 -70.89 -12.53 8.02
C ILE D 120 -72.00 -13.41 7.45
N PRO D 121 -73.08 -13.69 8.23
CA PRO D 121 -74.15 -14.57 7.76
C PRO D 121 -75.22 -13.89 6.88
N LYS D 122 -76.22 -14.66 6.44
CA LYS D 122 -77.29 -14.16 5.52
C LYS D 122 -78.58 -13.94 6.31
N LEU D 130 -77.46 -10.40 17.62
CA LEU D 130 -76.44 -11.49 17.71
C LEU D 130 -75.04 -10.94 17.42
N LEU D 131 -74.01 -11.66 17.87
CA LEU D 131 -72.61 -11.14 17.92
C LEU D 131 -71.69 -12.10 17.15
N LEU D 132 -70.74 -11.56 16.37
CA LEU D 132 -69.85 -12.37 15.52
C LEU D 132 -68.69 -12.95 16.35
N SER D 133 -68.37 -14.23 16.14
CA SER D 133 -67.14 -14.85 16.71
C SER D 133 -65.90 -14.17 16.12
N TRP D 134 -64.84 -14.03 16.93
CA TRP D 134 -63.49 -13.66 16.42
C TRP D 134 -62.66 -14.92 16.22
N LYS D 135 -62.61 -15.41 14.97
CA LYS D 135 -61.86 -16.65 14.63
C LYS D 135 -60.36 -16.31 14.52
N GLN D 136 -59.51 -17.04 15.24
CA GLN D 136 -58.04 -16.89 15.08
C GLN D 136 -57.65 -17.41 13.69
N MET D 137 -56.84 -16.63 12.96
CA MET D 137 -56.32 -17.02 11.62
C MET D 137 -54.92 -17.62 11.79
N LEU D 138 -54.13 -17.11 12.74
CA LEU D 138 -52.80 -17.68 13.07
C LEU D 138 -52.91 -18.48 14.37
N ASP D 139 -52.53 -19.77 14.34
CA ASP D 139 -52.60 -20.66 15.54
C ASP D 139 -51.27 -20.62 16.28
N HIS D 140 -51.33 -20.54 17.63
CA HIS D 140 -50.13 -20.60 18.50
C HIS D 140 -48.96 -19.84 17.86
N PHE D 141 -49.20 -18.58 17.44
CA PHE D 141 -48.15 -17.77 16.76
C PHE D 141 -47.73 -16.58 17.65
N GLN D 142 -46.50 -16.67 18.18
CA GLN D 142 -45.84 -15.54 18.88
C GLN D 142 -45.35 -14.54 17.81
N ALA D 143 -46.13 -13.49 17.56
CA ALA D 143 -45.81 -12.48 16.53
C ALA D 143 -44.98 -11.33 17.13
N THR D 144 -44.75 -11.36 18.46
CA THR D 144 -43.93 -10.32 19.15
C THR D 144 -42.53 -10.89 19.38
N PRO D 145 -41.45 -10.06 19.34
CA PRO D 145 -40.11 -10.52 19.73
C PRO D 145 -39.99 -10.79 21.24
N HIS D 146 -38.94 -11.49 21.67
CA HIS D 146 -38.76 -11.86 23.10
C HIS D 146 -38.91 -10.62 23.99
N HIS D 147 -40.01 -10.58 24.76
CA HIS D 147 -40.36 -9.42 25.64
C HIS D 147 -40.40 -8.11 24.81
N GLY D 148 -40.92 -8.19 23.58
CA GLY D 148 -41.23 -6.99 22.76
C GLY D 148 -40.07 -6.02 22.63
N VAL D 149 -38.83 -6.46 22.87
CA VAL D 149 -37.65 -5.61 22.54
C VAL D 149 -37.44 -5.71 21.02
N TYR D 150 -38.13 -4.84 20.27
CA TYR D 150 -38.01 -4.78 18.79
C TYR D 150 -36.62 -4.28 18.42
N SER D 151 -36.19 -4.49 17.16
CA SER D 151 -34.94 -3.86 16.64
C SER D 151 -35.14 -2.34 16.56
N ARG D 152 -34.03 -1.58 16.52
CA ARG D 152 -34.08 -0.09 16.53
C ARG D 152 -35.04 0.42 15.44
N GLU D 153 -34.93 -0.13 14.23
CA GLU D 153 -35.68 0.39 13.05
C GLU D 153 -37.17 0.12 13.23
N GLU D 154 -37.51 -1.13 13.61
CA GLU D 154 -38.91 -1.58 13.84
C GLU D 154 -39.54 -0.74 14.97
N GLU D 155 -38.76 -0.43 16.02
CA GLU D 155 -39.31 0.17 17.27
C GLU D 155 -39.44 1.70 17.15
N LEU D 156 -38.79 2.32 16.16
CA LEU D 156 -39.02 3.76 15.87
C LEU D 156 -40.17 3.89 14.88
N LEU D 157 -40.25 2.97 13.92
CA LEU D 157 -41.45 2.83 13.05
C LEU D 157 -42.71 2.84 13.93
N ARG D 158 -42.63 2.31 15.16
CA ARG D 158 -43.82 2.20 16.07
C ARG D 158 -43.98 3.47 16.93
N GLU D 159 -42.88 4.19 17.22
CA GLU D 159 -42.99 5.52 17.86
C GLU D 159 -43.64 6.49 16.86
N ARG D 160 -43.13 6.54 15.62
CA ARG D 160 -43.59 7.53 14.60
C ARG D 160 -45.08 7.30 14.27
N LYS D 161 -45.50 6.03 14.18
CA LYS D 161 -46.93 5.69 13.97
C LYS D 161 -47.65 5.74 15.33
N ARG D 162 -46.94 6.07 16.41
CA ARG D 162 -47.53 6.12 17.78
C ARG D 162 -48.31 4.82 18.03
N LEU D 163 -47.62 3.67 17.88
CA LEU D 163 -48.29 2.33 17.95
C LEU D 163 -48.05 1.72 19.33
N GLY D 164 -49.13 1.36 20.04
CA GLY D 164 -49.04 0.90 21.44
C GLY D 164 -49.08 -0.62 21.56
N VAL D 165 -49.75 -1.31 20.64
CA VAL D 165 -50.05 -2.76 20.82
C VAL D 165 -48.81 -3.58 20.44
N PHE D 166 -48.73 -4.82 20.93
CA PHE D 166 -47.70 -5.78 20.44
C PHE D 166 -48.30 -6.75 19.41
N GLY D 167 -47.45 -7.34 18.57
CA GLY D 167 -47.87 -8.35 17.58
C GLY D 167 -47.89 -7.79 16.16
N ILE D 168 -48.87 -8.24 15.35
CA ILE D 168 -49.05 -7.70 13.97
C ILE D 168 -49.84 -6.39 14.07
N THR D 169 -49.20 -5.27 13.74
CA THR D 169 -49.84 -3.93 13.80
C THR D 169 -50.27 -3.49 12.40
N SER D 170 -49.64 -4.07 11.37
CA SER D 170 -49.64 -3.46 10.02
C SER D 170 -49.41 -4.57 8.98
N TYR D 171 -50.46 -4.96 8.24
CA TYR D 171 -50.39 -6.12 7.32
C TYR D 171 -50.87 -5.75 5.91
N ASP D 172 -50.45 -6.55 4.92
CA ASP D 172 -50.76 -6.30 3.49
C ASP D 172 -51.54 -7.48 2.90
N PHE D 173 -52.44 -7.21 1.96
CA PHE D 173 -53.41 -8.22 1.46
C PHE D 173 -53.59 -8.07 -0.06
N HIS D 174 -53.71 -9.21 -0.76
CA HIS D 174 -54.01 -9.22 -2.20
C HIS D 174 -55.32 -9.99 -2.44
N SER D 175 -56.38 -9.27 -2.85
CA SER D 175 -57.73 -9.88 -3.02
C SER D 175 -57.66 -11.14 -3.88
N GLU D 176 -57.14 -11.02 -5.11
CA GLU D 176 -57.27 -12.08 -6.14
C GLU D 176 -56.66 -13.39 -5.64
N SER D 177 -55.47 -13.32 -5.03
CA SER D 177 -54.73 -14.53 -4.57
C SER D 177 -54.89 -14.72 -3.05
N GLY D 178 -55.54 -13.77 -2.37
CA GLY D 178 -55.80 -13.91 -0.92
C GLY D 178 -54.51 -13.99 -0.12
N LEU D 179 -53.54 -13.13 -0.46
CA LEU D 179 -52.15 -13.24 0.07
C LEU D 179 -51.97 -12.25 1.21
N PHE D 180 -51.56 -12.75 2.39
CA PHE D 180 -51.36 -11.90 3.59
C PHE D 180 -49.86 -11.74 3.84
N LEU D 181 -49.36 -10.50 3.83
CA LEU D 181 -47.90 -10.27 4.03
C LEU D 181 -47.71 -9.31 5.20
N PHE D 182 -46.83 -9.63 6.15
CA PHE D 182 -46.72 -8.81 7.38
C PHE D 182 -45.36 -9.00 8.05
N GLN D 183 -45.00 -8.05 8.90
CA GLN D 183 -43.84 -8.20 9.82
C GLN D 183 -44.27 -9.07 11.00
N ALA D 184 -43.40 -9.99 11.42
CA ALA D 184 -43.62 -10.73 12.69
C ALA D 184 -42.27 -11.24 13.20
N SER D 185 -42.11 -11.26 14.53
CA SER D 185 -40.77 -11.31 15.17
C SER D 185 -39.88 -10.22 14.55
N ASN D 186 -38.65 -10.56 14.15
CA ASN D 186 -37.83 -9.68 13.29
C ASN D 186 -37.69 -10.36 11.92
N SER D 187 -38.82 -10.69 11.29
CA SER D 187 -38.80 -11.28 9.92
C SER D 187 -40.15 -11.03 9.22
N LEU D 188 -40.30 -11.56 8.00
CA LEU D 188 -41.55 -11.46 7.19
C LEU D 188 -42.32 -12.79 7.27
N PHE D 189 -43.65 -12.71 7.13
CA PHE D 189 -44.53 -13.90 7.26
C PHE D 189 -45.69 -13.80 6.27
N HIS D 190 -46.26 -14.95 5.90
CA HIS D 190 -47.44 -14.95 5.00
C HIS D 190 -48.28 -16.21 5.22
N CYS D 191 -49.54 -16.13 4.75
CA CYS D 191 -50.52 -17.24 4.82
C CYS D 191 -51.57 -17.01 3.74
N ARG D 192 -52.23 -18.08 3.28
CA ARG D 192 -53.12 -17.99 2.09
C ARG D 192 -54.54 -18.42 2.51
N ASP D 193 -55.55 -17.64 2.10
CA ASP D 193 -56.95 -17.86 2.52
C ASP D 193 -57.83 -16.88 1.75
N GLY D 194 -59.01 -17.33 1.30
CA GLY D 194 -59.95 -16.44 0.59
C GLY D 194 -59.52 -16.20 -0.84
N GLY D 195 -59.46 -17.27 -1.63
CA GLY D 195 -59.19 -17.16 -3.08
C GLY D 195 -59.48 -18.48 -3.76
N LYS D 196 -58.64 -18.86 -4.73
CA LYS D 196 -58.67 -20.23 -5.32
C LYS D 196 -57.96 -21.21 -4.37
N ASN D 197 -57.52 -20.72 -3.21
CA ASN D 197 -56.92 -21.59 -2.15
C ASN D 197 -58.03 -22.26 -1.34
N GLY D 198 -59.18 -21.58 -1.18
CA GLY D 198 -60.26 -22.05 -0.30
C GLY D 198 -60.26 -21.31 1.04
N PHE D 199 -61.30 -21.53 1.85
CA PHE D 199 -61.46 -20.81 3.14
C PHE D 199 -61.11 -21.74 4.32
N MET D 200 -60.25 -21.28 5.24
CA MET D 200 -59.83 -22.10 6.41
C MET D 200 -60.96 -22.12 7.43
N VAL D 201 -61.16 -23.26 8.10
CA VAL D 201 -62.13 -23.38 9.23
C VAL D 201 -61.36 -23.64 10.53
N SER D 202 -60.05 -23.88 10.43
CA SER D 202 -59.15 -23.89 11.62
C SER D 202 -57.89 -23.08 11.31
N PRO D 203 -57.32 -22.35 12.30
CA PRO D 203 -56.19 -21.46 12.05
C PRO D 203 -54.95 -22.18 11.48
N MET D 204 -54.30 -21.58 10.47
CA MET D 204 -53.10 -22.17 9.83
C MET D 204 -51.83 -21.50 10.37
N LYS D 205 -50.71 -22.24 10.42
CA LYS D 205 -49.40 -21.64 10.79
C LYS D 205 -48.96 -20.71 9.66
N PRO D 206 -48.45 -19.49 9.95
CA PRO D 206 -47.98 -18.58 8.92
C PRO D 206 -46.63 -19.03 8.34
N LEU D 207 -46.50 -19.03 7.02
CA LEU D 207 -45.24 -19.52 6.39
C LEU D 207 -44.13 -18.49 6.60
N GLU D 208 -42.90 -18.95 6.88
CA GLU D 208 -41.72 -18.04 7.03
C GLU D 208 -41.06 -17.83 5.66
N ILE D 209 -40.63 -16.59 5.37
CA ILE D 209 -39.94 -16.25 4.09
C ILE D 209 -38.46 -15.98 4.41
N LYS D 210 -37.54 -16.74 3.79
CA LYS D 210 -36.11 -16.67 4.14
C LYS D 210 -35.48 -15.43 3.48
N THR D 211 -34.25 -15.09 3.84
CA THR D 211 -33.59 -13.88 3.28
C THR D 211 -32.07 -13.97 3.36
N GLN D 212 -31.41 -13.80 2.21
CA GLN D 212 -29.93 -13.71 2.11
C GLN D 212 -29.45 -12.52 2.96
N CYS D 213 -30.21 -11.42 2.97
CA CYS D 213 -29.89 -10.25 3.82
C CYS D 213 -30.02 -10.65 5.30
N SER D 214 -29.18 -10.08 6.18
CA SER D 214 -29.21 -10.44 7.62
C SER D 214 -29.68 -9.24 8.47
N GLY D 215 -29.99 -8.11 7.83
CA GLY D 215 -30.69 -7.01 8.52
C GLY D 215 -32.19 -7.30 8.64
N PRO D 216 -32.98 -6.39 9.25
CA PRO D 216 -34.44 -6.49 9.22
C PRO D 216 -35.05 -5.99 7.90
N ARG D 217 -36.18 -6.57 7.49
CA ARG D 217 -36.86 -6.17 6.24
C ARG D 217 -38.08 -5.30 6.59
N MET D 218 -37.97 -3.99 6.30
CA MET D 218 -39.01 -3.01 6.67
C MET D 218 -40.00 -2.89 5.51
N ASP D 219 -41.21 -2.37 5.79
CA ASP D 219 -42.14 -1.86 4.74
C ASP D 219 -42.39 -2.92 3.67
N PRO D 220 -42.81 -4.15 4.02
CA PRO D 220 -43.26 -5.11 3.01
C PRO D 220 -44.54 -4.68 2.26
N LYS D 221 -44.58 -4.91 0.94
CA LYS D 221 -45.81 -4.71 0.12
C LYS D 221 -45.85 -5.73 -1.02
N ILE D 222 -47.01 -6.37 -1.24
CA ILE D 222 -47.19 -7.34 -2.35
C ILE D 222 -47.21 -6.55 -3.66
N CYS D 223 -46.65 -7.12 -4.73
CA CYS D 223 -46.76 -6.52 -6.08
C CYS D 223 -48.21 -6.66 -6.55
N PRO D 224 -48.94 -5.55 -6.81
CA PRO D 224 -50.35 -5.62 -7.17
C PRO D 224 -50.61 -6.42 -8.45
N ALA D 225 -49.80 -6.16 -9.48
CA ALA D 225 -49.97 -6.78 -10.83
C ALA D 225 -49.57 -8.26 -10.82
N ASP D 226 -48.72 -8.68 -9.88
CA ASP D 226 -48.29 -10.11 -9.78
C ASP D 226 -47.99 -10.47 -8.33
N PRO D 227 -48.79 -11.35 -7.69
CA PRO D 227 -48.59 -11.66 -6.26
C PRO D 227 -47.43 -12.62 -5.95
N ALA D 228 -46.82 -13.22 -6.98
CA ALA D 228 -45.60 -14.04 -6.76
C ALA D 228 -44.51 -13.15 -6.15
N PHE D 229 -44.59 -11.83 -6.37
CA PHE D 229 -43.52 -10.88 -5.95
C PHE D 229 -43.95 -10.05 -4.74
N PHE D 230 -42.95 -9.55 -4.02
CA PHE D 230 -43.15 -8.53 -2.96
C PHE D 230 -41.88 -7.68 -2.88
N SER D 231 -41.96 -6.56 -2.14
CA SER D 231 -40.81 -5.63 -1.99
C SER D 231 -40.51 -5.45 -0.50
N PHE D 232 -39.28 -5.04 -0.17
CA PHE D 232 -38.99 -4.58 1.21
C PHE D 232 -37.77 -3.65 1.17
N ILE D 233 -37.62 -2.82 2.21
CA ILE D 233 -36.35 -2.09 2.41
C ILE D 233 -35.45 -2.99 3.26
N ASN D 234 -34.17 -3.10 2.87
CA ASN D 234 -33.12 -3.74 3.71
C ASN D 234 -31.87 -2.87 3.64
N ASN D 235 -31.43 -2.32 4.78
CA ASN D 235 -30.24 -1.43 4.77
C ASN D 235 -30.47 -0.32 3.74
N SER D 236 -31.48 0.53 4.01
CA SER D 236 -31.82 1.74 3.22
C SER D 236 -31.73 1.49 1.71
N ASP D 237 -32.09 0.28 1.25
CA ASP D 237 -32.15 -0.03 -0.20
C ASP D 237 -33.47 -0.74 -0.53
N LEU D 238 -33.89 -0.68 -1.80
CA LEU D 238 -35.10 -1.39 -2.27
C LEU D 238 -34.70 -2.82 -2.65
N TRP D 239 -35.48 -3.80 -2.21
CA TRP D 239 -35.29 -5.21 -2.62
C TRP D 239 -36.58 -5.75 -3.24
N VAL D 240 -36.46 -6.82 -4.04
CA VAL D 240 -37.67 -7.58 -4.48
C VAL D 240 -37.34 -9.07 -4.38
N ALA D 241 -38.27 -9.86 -3.83
CA ALA D 241 -38.14 -11.34 -3.78
C ALA D 241 -39.27 -11.96 -4.60
N ASN D 242 -39.34 -13.30 -4.60
CA ASN D 242 -40.54 -14.03 -5.10
C ASN D 242 -40.91 -15.07 -4.05
N ILE D 243 -42.08 -14.93 -3.38
CA ILE D 243 -42.46 -15.84 -2.26
C ILE D 243 -42.31 -17.29 -2.72
N GLU D 244 -42.70 -17.56 -3.98
CA GLU D 244 -42.75 -18.96 -4.49
C GLU D 244 -41.31 -19.48 -4.66
N THR D 245 -40.42 -18.70 -5.28
CA THR D 245 -39.08 -19.20 -5.67
C THR D 245 -38.03 -18.90 -4.59
N GLY D 246 -38.35 -18.07 -3.60
CA GLY D 246 -37.37 -17.70 -2.55
C GLY D 246 -36.25 -16.82 -3.09
N GLU D 247 -36.29 -16.47 -4.38
CA GLU D 247 -35.26 -15.62 -5.02
C GLU D 247 -35.38 -14.18 -4.50
N GLU D 248 -34.29 -13.65 -3.92
CA GLU D 248 -34.20 -12.21 -3.59
C GLU D 248 -33.49 -11.47 -4.74
N ARG D 249 -33.66 -10.16 -4.82
CA ARG D 249 -32.88 -9.33 -5.77
C ARG D 249 -32.81 -7.89 -5.26
N ARG D 250 -31.62 -7.30 -5.28
CA ARG D 250 -31.45 -5.88 -4.89
C ARG D 250 -31.75 -5.00 -6.10
N LEU D 251 -32.25 -3.78 -5.87
CA LEU D 251 -32.67 -2.87 -6.98
C LEU D 251 -31.97 -1.52 -6.86
N THR D 252 -31.85 -0.98 -5.65
CA THR D 252 -31.25 0.37 -5.43
C THR D 252 -29.89 0.19 -4.73
N PHE D 253 -28.91 1.07 -5.00
CA PHE D 253 -27.56 0.90 -4.40
C PHE D 253 -27.06 2.23 -3.81
N CYS D 254 -27.84 2.83 -2.90
CA CYS D 254 -27.43 4.08 -2.19
C CYS D 254 -26.59 3.77 -0.94
N HIS D 255 -26.34 2.50 -0.63
CA HIS D 255 -25.78 2.10 0.68
C HIS D 255 -24.51 1.26 0.50
N GLN D 256 -23.74 1.07 1.56
CA GLN D 256 -22.50 0.26 1.52
C GLN D 256 -22.45 -0.68 2.75
N VAL D 261 -21.57 4.11 8.11
CA VAL D 261 -22.07 4.49 9.47
C VAL D 261 -22.68 5.89 9.38
N LEU D 262 -21.83 6.93 9.22
CA LEU D 262 -22.27 8.34 9.07
C LEU D 262 -21.88 8.84 7.67
N ASP D 263 -21.05 8.07 6.94
CA ASP D 263 -20.60 8.45 5.58
C ASP D 263 -21.53 7.82 4.53
N ASP D 264 -22.67 7.26 4.94
CA ASP D 264 -23.56 6.50 4.03
C ASP D 264 -24.89 7.25 3.95
N PRO D 265 -24.90 8.55 3.57
CA PRO D 265 -26.05 9.42 3.79
C PRO D 265 -27.14 9.27 2.72
N LYS D 266 -26.83 8.61 1.60
CA LYS D 266 -27.81 8.41 0.51
C LYS D 266 -28.72 7.25 0.90
N SER D 267 -30.03 7.41 0.69
CA SER D 267 -31.06 6.41 1.08
C SER D 267 -32.03 6.20 -0.10
N ALA D 268 -32.66 5.03 -0.20
CA ALA D 268 -33.69 4.79 -1.24
C ALA D 268 -34.84 3.94 -0.68
N GLY D 269 -36.08 4.31 -1.01
CA GLY D 269 -37.28 3.65 -0.47
C GLY D 269 -37.58 4.08 0.95
N VAL D 270 -36.62 4.69 1.66
CA VAL D 270 -36.86 5.10 3.08
C VAL D 270 -37.44 6.52 3.09
N ALA D 271 -38.38 6.76 4.01
CA ALA D 271 -38.87 8.12 4.30
C ALA D 271 -38.09 8.67 5.49
N THR D 272 -37.45 9.84 5.33
CA THR D 272 -36.54 10.41 6.36
C THR D 272 -37.33 10.81 7.63
N PHE D 273 -36.62 11.10 8.72
CA PHE D 273 -37.20 11.25 10.09
C PHE D 273 -38.42 12.19 10.05
N VAL D 274 -38.19 13.48 9.74
CA VAL D 274 -39.25 14.51 9.69
C VAL D 274 -40.45 13.99 8.91
N ILE D 275 -40.20 13.29 7.79
CA ILE D 275 -41.29 12.85 6.88
C ILE D 275 -42.20 11.87 7.63
N GLN D 276 -41.61 10.92 8.36
CA GLN D 276 -42.43 10.01 9.22
C GLN D 276 -43.16 10.83 10.29
N GLU D 277 -42.51 11.86 10.84
CA GLU D 277 -42.99 12.54 12.08
C GLU D 277 -43.93 13.71 11.79
N GLU D 278 -43.82 14.38 10.63
CA GLU D 278 -44.58 15.65 10.43
C GLU D 278 -45.42 15.62 9.14
N PHE D 279 -45.29 14.57 8.33
CA PHE D 279 -46.11 14.45 7.10
C PHE D 279 -46.87 13.11 7.10
N ASP D 280 -46.75 12.32 8.16
CA ASP D 280 -47.56 11.08 8.29
C ASP D 280 -47.36 10.17 7.06
N ARG D 281 -46.17 10.23 6.46
CA ARG D 281 -45.79 9.26 5.39
C ARG D 281 -44.69 8.34 5.96
N PHE D 282 -44.90 7.03 5.85
CA PHE D 282 -43.94 6.02 6.39
C PHE D 282 -43.50 5.06 5.28
N THR D 283 -43.38 5.57 4.04
CA THR D 283 -42.90 4.72 2.92
C THR D 283 -42.45 5.56 1.73
N GLY D 284 -41.22 5.33 1.23
CA GLY D 284 -40.64 6.11 0.12
C GLY D 284 -40.53 5.32 -1.17
N TYR D 285 -41.47 4.39 -1.42
CA TYR D 285 -41.54 3.64 -2.70
C TYR D 285 -43.00 3.21 -2.95
N TRP D 286 -43.34 3.03 -4.23
CA TRP D 286 -44.74 2.80 -4.64
C TRP D 286 -44.77 1.88 -5.87
N TRP D 287 -45.39 0.70 -5.73
CA TRP D 287 -45.51 -0.29 -6.85
C TRP D 287 -46.31 0.32 -8.00
N CYS D 288 -45.95 0.00 -9.24
CA CYS D 288 -46.92 0.17 -10.35
C CYS D 288 -48.07 -0.80 -10.10
N PRO D 289 -49.34 -0.48 -10.45
CA PRO D 289 -50.44 -1.43 -10.30
C PRO D 289 -50.51 -2.44 -11.47
N THR D 290 -49.80 -2.15 -12.57
CA THR D 290 -49.90 -2.91 -13.84
C THR D 290 -48.52 -3.45 -14.25
N ALA D 291 -48.46 -4.19 -15.35
CA ALA D 291 -47.21 -4.80 -15.83
C ALA D 291 -47.00 -4.48 -17.31
N SER D 292 -45.74 -4.37 -17.74
CA SER D 292 -45.38 -3.96 -19.13
C SER D 292 -44.76 -5.13 -19.90
N TRP D 293 -44.67 -4.99 -21.23
CA TRP D 293 -44.07 -6.02 -22.12
C TRP D 293 -43.43 -5.30 -23.31
N GLU D 294 -42.34 -4.57 -23.07
CA GLU D 294 -41.69 -3.77 -24.16
C GLU D 294 -40.47 -4.53 -24.67
N GLY D 295 -40.42 -4.79 -25.99
CA GLY D 295 -39.29 -5.51 -26.62
C GLY D 295 -38.64 -4.68 -27.72
N LEU D 299 -40.76 -11.46 -21.79
CA LEU D 299 -40.25 -10.84 -20.54
C LEU D 299 -41.29 -9.84 -20.01
N LYS D 300 -42.15 -10.28 -19.07
CA LYS D 300 -43.02 -9.37 -18.28
C LYS D 300 -42.14 -8.44 -17.43
N THR D 301 -42.50 -7.15 -17.31
CA THR D 301 -41.66 -6.19 -16.54
C THR D 301 -42.52 -5.42 -15.53
N LEU D 302 -41.93 -5.06 -14.39
CA LEU D 302 -42.67 -4.45 -13.26
C LEU D 302 -41.91 -3.21 -12.78
N ARG D 303 -42.63 -2.16 -12.36
CA ARG D 303 -41.97 -0.87 -11.97
C ARG D 303 -42.28 -0.53 -10.51
N ILE D 304 -41.30 0.06 -9.83
CA ILE D 304 -41.55 0.79 -8.56
C ILE D 304 -41.07 2.24 -8.73
N LEU D 305 -41.94 3.20 -8.46
CA LEU D 305 -41.51 4.60 -8.21
C LEU D 305 -40.87 4.63 -6.82
N TYR D 306 -39.81 5.41 -6.60
CA TYR D 306 -39.21 5.50 -5.24
C TYR D 306 -38.54 6.84 -5.04
N GLU D 307 -38.43 7.24 -3.78
CA GLU D 307 -37.75 8.51 -3.40
C GLU D 307 -36.31 8.19 -3.02
N GLU D 308 -35.36 8.59 -3.86
CA GLU D 308 -33.92 8.52 -3.49
C GLU D 308 -33.60 9.74 -2.62
N VAL D 309 -32.85 9.52 -1.53
CA VAL D 309 -32.67 10.59 -0.50
C VAL D 309 -31.18 10.75 -0.21
N ASP D 310 -30.72 12.00 -0.10
CA ASP D 310 -29.31 12.33 0.26
C ASP D 310 -29.31 13.14 1.58
N GLU D 311 -29.16 12.45 2.71
CA GLU D 311 -29.21 13.10 4.06
C GLU D 311 -27.81 13.58 4.49
N SER D 312 -26.92 13.89 3.54
CA SER D 312 -25.52 14.28 3.89
C SER D 312 -25.51 15.67 4.57
N GLU D 313 -26.28 16.62 4.04
CA GLU D 313 -26.20 18.03 4.51
C GLU D 313 -27.15 18.25 5.70
N VAL D 314 -27.63 17.14 6.30
CA VAL D 314 -28.61 17.21 7.43
C VAL D 314 -27.85 17.03 8.75
N GLU D 315 -28.12 17.90 9.73
CA GLU D 315 -27.46 17.83 11.05
C GLU D 315 -27.63 16.44 11.68
N VAL D 316 -26.56 15.96 12.33
CA VAL D 316 -26.57 14.67 13.09
C VAL D 316 -26.62 15.01 14.58
N ILE D 317 -27.59 14.45 15.30
CA ILE D 317 -27.67 14.65 16.77
C ILE D 317 -27.74 13.26 17.42
N HIS D 318 -27.17 13.14 18.61
CA HIS D 318 -27.03 11.83 19.32
C HIS D 318 -28.09 11.73 20.43
N VAL D 319 -28.92 10.69 20.36
CA VAL D 319 -29.92 10.40 21.43
C VAL D 319 -29.48 9.13 22.13
N PRO D 320 -29.55 9.08 23.49
CA PRO D 320 -29.30 7.84 24.24
C PRO D 320 -30.08 6.61 23.74
N SER D 321 -29.39 5.46 23.68
CA SER D 321 -30.02 4.17 23.30
C SER D 321 -30.88 3.67 24.46
N PRO D 322 -31.87 2.78 24.22
CA PRO D 322 -32.56 2.09 25.30
C PRO D 322 -31.70 1.09 26.08
N ALA D 323 -30.56 0.66 25.53
CA ALA D 323 -29.64 -0.26 26.27
C ALA D 323 -28.73 0.54 27.21
N LEU D 324 -29.28 1.01 28.33
CA LEU D 324 -28.57 1.97 29.22
C LEU D 324 -27.22 1.36 29.63
N GLU D 325 -27.22 0.06 29.94
CA GLU D 325 -25.98 -0.65 30.37
C GLU D 325 -24.88 -0.47 29.31
N GLU D 326 -25.25 -0.48 28.03
CA GLU D 326 -24.26 -0.34 26.92
C GLU D 326 -23.67 1.08 26.92
N ARG D 327 -24.43 2.07 27.41
CA ARG D 327 -23.95 3.47 27.55
C ARG D 327 -23.53 4.04 26.19
N LYS D 328 -24.14 3.56 25.10
CA LYS D 328 -23.91 4.18 23.77
C LYS D 328 -25.18 4.95 23.38
N THR D 329 -25.09 5.76 22.32
CA THR D 329 -26.26 6.55 21.82
C THR D 329 -26.62 6.02 20.44
N ASP D 330 -27.64 6.62 19.81
CA ASP D 330 -27.91 6.39 18.35
C ASP D 330 -27.80 7.74 17.64
N SER D 331 -27.17 7.76 16.45
CA SER D 331 -27.09 9.02 15.65
C SER D 331 -28.36 9.16 14.81
N TYR D 332 -28.83 10.39 14.64
CA TYR D 332 -30.14 10.69 14.01
C TYR D 332 -29.97 11.89 13.07
N ARG D 333 -30.29 11.73 11.79
CA ARG D 333 -30.24 12.91 10.86
C ARG D 333 -31.42 13.83 11.15
N TYR D 334 -31.29 14.75 12.13
CA TYR D 334 -32.43 15.59 12.61
C TYR D 334 -32.37 16.99 11.99
N PRO D 335 -33.19 17.36 10.97
CA PRO D 335 -33.13 18.72 10.44
C PRO D 335 -33.86 19.63 11.43
N ARG D 336 -33.12 20.47 12.15
CA ARG D 336 -33.76 21.46 13.06
C ARG D 336 -34.28 22.64 12.22
N THR D 337 -35.33 23.31 12.66
CA THR D 337 -35.95 24.41 11.88
C THR D 337 -34.87 25.36 11.34
N GLY D 338 -35.01 25.83 10.10
CA GLY D 338 -34.03 26.75 9.50
C GLY D 338 -32.77 26.02 9.05
N SER D 339 -32.80 24.70 9.10
CA SER D 339 -31.63 23.83 8.78
C SER D 339 -31.91 23.10 7.46
N LYS D 340 -30.88 22.52 6.85
CA LYS D 340 -31.03 21.82 5.55
C LYS D 340 -31.89 20.58 5.72
N ASN D 341 -33.01 20.49 5.01
CA ASN D 341 -33.79 19.23 4.93
C ASN D 341 -33.12 18.29 3.94
N PRO D 342 -33.26 16.94 4.08
CA PRO D 342 -32.74 16.00 3.08
C PRO D 342 -33.00 16.36 1.61
N LYS D 343 -31.95 16.28 0.78
CA LYS D 343 -32.08 16.30 -0.71
C LYS D 343 -32.91 15.09 -1.17
N ILE D 344 -33.84 15.31 -2.10
CA ILE D 344 -34.82 14.23 -2.48
C ILE D 344 -34.89 14.10 -4.00
N ALA D 345 -35.52 13.03 -4.48
CA ALA D 345 -35.72 12.79 -5.93
C ALA D 345 -36.63 11.58 -6.14
N LEU D 346 -37.46 11.62 -7.19
CA LEU D 346 -38.30 10.46 -7.55
C LEU D 346 -37.59 9.69 -8.68
N LYS D 347 -37.14 8.47 -8.39
CA LYS D 347 -36.43 7.62 -9.37
C LYS D 347 -37.36 6.49 -9.80
N LEU D 348 -37.08 5.84 -10.94
CA LEU D 348 -37.89 4.69 -11.39
C LEU D 348 -37.00 3.44 -11.41
N ALA D 349 -37.29 2.43 -10.58
CA ALA D 349 -36.53 1.16 -10.61
C ALA D 349 -37.33 0.05 -11.30
N GLU D 350 -37.01 -0.26 -12.57
CA GLU D 350 -37.72 -1.32 -13.33
C GLU D 350 -37.11 -2.69 -13.03
N PHE D 351 -37.81 -3.77 -13.40
CA PHE D 351 -37.20 -5.12 -13.42
C PHE D 351 -38.12 -6.06 -14.22
N GLN D 352 -37.53 -7.10 -14.82
CA GLN D 352 -38.29 -8.01 -15.73
C GLN D 352 -38.27 -9.44 -15.16
N THR D 353 -39.35 -10.18 -15.41
CA THR D 353 -39.50 -11.59 -15.00
C THR D 353 -39.92 -12.42 -16.22
N ASP D 354 -39.48 -13.67 -16.33
CA ASP D 354 -39.92 -14.54 -17.45
C ASP D 354 -41.08 -15.40 -16.97
N SER D 355 -41.50 -16.38 -17.78
CA SER D 355 -42.72 -17.20 -17.51
C SER D 355 -42.59 -17.96 -16.18
N GLN D 356 -41.38 -18.37 -15.80
CA GLN D 356 -41.18 -19.17 -14.57
C GLN D 356 -41.04 -18.26 -13.35
N GLY D 357 -41.34 -16.96 -13.48
CA GLY D 357 -41.23 -16.02 -12.36
C GLY D 357 -39.78 -15.85 -11.91
N LYS D 358 -38.86 -15.73 -12.87
CA LYS D 358 -37.41 -15.55 -12.58
C LYS D 358 -37.02 -14.09 -12.85
N ILE D 359 -36.46 -13.39 -11.86
CA ILE D 359 -36.02 -11.97 -12.01
C ILE D 359 -34.82 -11.95 -12.97
N VAL D 360 -35.06 -11.55 -14.21
CA VAL D 360 -34.06 -11.69 -15.32
C VAL D 360 -33.02 -10.57 -15.22
N SER D 361 -33.49 -9.34 -14.97
CA SER D 361 -32.65 -8.14 -15.20
C SER D 361 -33.26 -6.96 -14.44
N THR D 362 -32.42 -6.07 -13.93
CA THR D 362 -32.88 -4.94 -13.10
C THR D 362 -32.34 -3.65 -13.72
N GLN D 363 -32.92 -2.50 -13.33
CA GLN D 363 -32.63 -1.21 -14.00
C GLN D 363 -32.91 -0.05 -13.02
N GLU D 364 -31.90 0.77 -12.72
CA GLU D 364 -32.12 2.09 -12.06
C GLU D 364 -32.49 3.14 -13.13
N LYS D 365 -33.59 3.86 -12.94
CA LYS D 365 -33.89 4.99 -13.87
C LYS D 365 -34.04 6.28 -13.06
N GLU D 366 -33.93 7.42 -13.74
CA GLU D 366 -34.00 8.73 -13.08
C GLU D 366 -34.55 9.75 -14.08
N LEU D 367 -35.09 10.85 -13.56
CA LEU D 367 -35.77 11.89 -14.38
C LEU D 367 -34.80 12.43 -15.44
N VAL D 368 -35.27 12.47 -16.69
CA VAL D 368 -34.45 12.92 -17.87
C VAL D 368 -33.51 14.03 -17.41
N GLN D 369 -34.07 15.14 -16.90
CA GLN D 369 -33.25 16.19 -16.23
C GLN D 369 -33.40 15.98 -14.72
N PRO D 370 -32.53 16.59 -13.88
CA PRO D 370 -32.61 16.41 -12.43
C PRO D 370 -33.96 16.84 -11.85
N PHE D 371 -34.37 16.17 -10.78
CA PHE D 371 -35.58 16.55 -10.00
C PHE D 371 -35.40 17.97 -9.44
N SER D 372 -34.23 18.27 -8.89
CA SER D 372 -33.98 19.58 -8.22
C SER D 372 -34.07 20.74 -9.20
N SER D 373 -34.06 20.49 -10.51
CA SER D 373 -34.16 21.57 -11.53
C SER D 373 -35.47 21.48 -12.32
N LEU D 374 -35.94 20.26 -12.62
CA LEU D 374 -37.28 20.08 -13.26
C LEU D 374 -38.35 20.59 -12.28
N PHE D 375 -38.06 20.61 -10.98
CA PHE D 375 -39.02 21.10 -9.97
C PHE D 375 -38.31 21.95 -8.92
N PRO D 376 -37.84 23.17 -9.26
CA PRO D 376 -37.20 24.04 -8.28
C PRO D 376 -38.24 24.42 -7.22
N LYS D 377 -37.80 24.66 -5.98
CA LYS D 377 -38.70 25.11 -4.87
C LYS D 377 -39.52 23.95 -4.29
N VAL D 378 -39.34 22.70 -4.76
CA VAL D 378 -40.05 21.54 -4.12
C VAL D 378 -39.17 21.04 -2.96
N GLU D 379 -39.65 21.17 -1.72
CA GLU D 379 -38.83 20.86 -0.52
C GLU D 379 -39.13 19.46 0.01
N TYR D 380 -40.37 18.98 -0.07
CA TYR D 380 -40.70 17.61 0.43
C TYR D 380 -41.63 16.89 -0.56
N ILE D 381 -41.39 15.60 -0.76
CA ILE D 381 -42.38 14.75 -1.48
C ILE D 381 -43.41 14.31 -0.44
N ALA D 382 -44.42 15.15 -0.22
CA ALA D 382 -45.54 14.83 0.68
C ALA D 382 -45.99 13.39 0.42
N ARG D 383 -46.45 13.09 -0.81
CA ARG D 383 -47.02 11.74 -1.13
C ARG D 383 -46.73 11.39 -2.58
N ALA D 384 -47.11 10.17 -3.00
CA ALA D 384 -46.93 9.72 -4.40
C ALA D 384 -47.76 8.46 -4.66
N GLY D 385 -47.86 8.06 -5.93
CA GLY D 385 -48.65 6.87 -6.31
C GLY D 385 -48.73 6.69 -7.81
N TRP D 386 -49.72 5.92 -8.28
CA TRP D 386 -49.88 5.69 -9.74
C TRP D 386 -51.36 5.83 -10.11
N THR D 387 -51.61 6.13 -11.39
CA THR D 387 -52.97 6.03 -11.98
C THR D 387 -53.40 4.56 -11.94
N ARG D 388 -54.70 4.28 -12.12
CA ARG D 388 -55.20 2.88 -11.99
C ARG D 388 -54.53 2.00 -13.07
N ASP D 389 -54.40 2.53 -14.30
CA ASP D 389 -53.86 1.72 -15.43
C ASP D 389 -52.34 1.87 -15.50
N GLY D 390 -51.76 2.91 -14.89
CA GLY D 390 -50.29 3.09 -14.84
C GLY D 390 -49.78 4.05 -15.90
N LYS D 391 -50.68 4.73 -16.61
CA LYS D 391 -50.29 5.72 -17.66
C LYS D 391 -49.45 6.83 -17.04
N TYR D 392 -49.59 7.05 -15.72
CA TYR D 392 -48.74 8.02 -14.99
C TYR D 392 -48.56 7.57 -13.53
N ALA D 393 -47.34 7.78 -13.00
CA ALA D 393 -47.15 7.89 -11.54
C ALA D 393 -47.45 9.33 -11.13
N TRP D 394 -47.83 9.56 -9.89
CA TRP D 394 -48.15 10.95 -9.44
C TRP D 394 -47.43 11.23 -8.13
N ALA D 395 -47.49 12.48 -7.67
CA ALA D 395 -46.76 12.89 -6.47
C ALA D 395 -47.30 14.24 -5.97
N MET D 396 -47.58 14.34 -4.66
CA MET D 396 -47.77 15.66 -4.01
C MET D 396 -46.39 16.26 -3.66
N PHE D 397 -46.17 17.51 -4.08
CA PHE D 397 -44.91 18.23 -3.80
C PHE D 397 -45.24 19.45 -2.94
N LEU D 398 -44.27 19.92 -2.13
CA LEU D 398 -44.52 21.06 -1.20
C LEU D 398 -43.27 21.90 -1.03
N ASP D 399 -43.47 23.22 -0.86
CA ASP D 399 -42.36 24.20 -0.65
C ASP D 399 -41.98 24.24 0.83
N ARG D 400 -40.82 24.83 1.16
CA ARG D 400 -40.32 24.96 2.57
C ARG D 400 -41.36 25.64 3.46
N PRO D 401 -41.86 26.83 3.08
CA PRO D 401 -42.89 27.50 3.86
C PRO D 401 -44.07 26.55 4.06
N GLN D 402 -44.24 25.64 3.10
CA GLN D 402 -45.47 24.79 2.99
C GLN D 402 -46.65 25.74 2.79
N GLN D 403 -46.69 26.41 1.63
CA GLN D 403 -47.83 27.29 1.26
C GLN D 403 -48.01 27.28 -0.26
N TRP D 404 -47.71 26.13 -0.90
CA TRP D 404 -47.66 26.00 -2.38
C TRP D 404 -47.54 24.50 -2.72
N LEU D 405 -48.56 23.72 -2.37
CA LEU D 405 -48.58 22.27 -2.70
C LEU D 405 -49.01 22.10 -4.16
N GLN D 406 -48.59 21.01 -4.81
CA GLN D 406 -49.14 20.69 -6.16
C GLN D 406 -48.94 19.22 -6.53
N LEU D 407 -50.02 18.60 -7.03
CA LEU D 407 -50.00 17.22 -7.57
C LEU D 407 -49.49 17.26 -9.01
N VAL D 408 -48.52 16.40 -9.33
CA VAL D 408 -47.97 16.33 -10.72
C VAL D 408 -48.06 14.88 -11.18
N LEU D 409 -48.24 14.66 -12.49
CA LEU D 409 -48.12 13.31 -13.12
C LEU D 409 -46.69 13.14 -13.66
N LEU D 410 -46.08 11.97 -13.41
CA LEU D 410 -44.74 11.62 -13.95
C LEU D 410 -44.88 10.40 -14.85
N PRO D 411 -45.04 10.58 -16.19
CA PRO D 411 -45.22 9.44 -17.09
C PRO D 411 -43.90 8.68 -17.24
N PRO D 412 -43.93 7.32 -17.18
CA PRO D 412 -42.72 6.52 -17.02
C PRO D 412 -41.65 6.63 -18.12
N ALA D 413 -42.01 7.14 -19.30
CA ALA D 413 -41.02 7.50 -20.35
C ALA D 413 -40.45 8.89 -20.06
N LEU D 414 -40.62 9.41 -18.85
CA LEU D 414 -39.93 10.63 -18.39
C LEU D 414 -38.63 10.21 -17.68
N PHE D 415 -38.42 8.91 -17.52
CA PHE D 415 -37.29 8.37 -16.71
C PHE D 415 -36.38 7.53 -17.61
N ILE D 416 -35.09 7.91 -17.69
CA ILE D 416 -34.11 7.21 -18.57
C ILE D 416 -33.22 6.32 -17.71
N PRO D 417 -32.63 5.23 -18.26
CA PRO D 417 -31.58 4.50 -17.55
C PRO D 417 -30.42 5.43 -17.18
N SER D 418 -30.27 5.72 -15.89
CA SER D 418 -29.13 6.53 -15.38
C SER D 418 -27.80 5.80 -15.60
N THR D 419 -26.73 6.56 -15.79
CA THR D 419 -25.38 5.97 -16.03
C THR D 419 -24.34 7.05 -15.79
N GLU D 420 -23.13 6.66 -15.36
CA GLU D 420 -22.07 7.64 -14.97
C GLU D 420 -21.43 8.25 -16.23
N ASN D 421 -21.87 7.81 -17.42
CA ASN D 421 -21.36 8.32 -18.72
C ASN D 421 -22.28 9.45 -19.22
N GLU D 422 -21.80 10.70 -19.18
CA GLU D 422 -22.56 11.84 -19.74
C GLU D 422 -22.89 11.54 -21.21
N GLU D 423 -21.93 11.00 -21.97
CA GLU D 423 -22.18 10.56 -23.37
C GLU D 423 -23.44 9.68 -23.40
N GLN D 424 -23.52 8.65 -22.55
CA GLN D 424 -24.71 7.76 -22.52
C GLN D 424 -25.93 8.56 -22.02
N ARG D 425 -25.71 9.55 -21.14
CA ARG D 425 -26.82 10.37 -20.57
C ARG D 425 -27.52 11.18 -21.69
N LEU D 426 -26.76 12.01 -22.41
CA LEU D 426 -27.34 12.85 -23.51
C LEU D 426 -28.00 11.94 -24.55
N ALA D 427 -27.39 10.79 -24.86
CA ALA D 427 -27.91 9.89 -25.91
C ALA D 427 -29.40 9.58 -25.66
N SER D 428 -29.72 8.96 -24.51
CA SER D 428 -31.12 8.53 -24.22
C SER D 428 -31.93 9.69 -23.61
N ALA D 429 -31.29 10.84 -23.35
CA ALA D 429 -32.02 12.10 -23.06
C ALA D 429 -32.53 12.70 -24.37
N ARG D 430 -31.83 12.41 -25.46
CA ARG D 430 -32.21 12.86 -26.83
C ARG D 430 -33.25 11.88 -27.41
N ALA D 431 -33.24 10.64 -26.91
CA ALA D 431 -34.12 9.57 -27.46
C ALA D 431 -35.51 9.60 -26.81
N VAL D 432 -35.89 10.67 -26.10
CA VAL D 432 -37.21 10.71 -25.42
C VAL D 432 -38.17 11.57 -26.25
N PRO D 433 -39.37 11.03 -26.60
CA PRO D 433 -40.40 11.82 -27.26
C PRO D 433 -40.56 13.26 -26.73
N ARG D 434 -40.49 14.22 -27.65
CA ARG D 434 -40.56 15.69 -27.35
C ARG D 434 -41.90 16.00 -26.64
N ASN D 435 -42.96 15.21 -26.90
CA ASN D 435 -44.32 15.47 -26.35
C ASN D 435 -44.51 14.80 -24.97
N VAL D 436 -43.60 13.92 -24.55
CA VAL D 436 -43.65 13.33 -23.18
C VAL D 436 -43.27 14.42 -22.17
N GLN D 437 -43.83 14.38 -20.95
CA GLN D 437 -43.48 15.39 -19.91
C GLN D 437 -44.25 15.15 -18.62
N PRO D 438 -43.86 15.83 -17.51
CA PRO D 438 -44.68 15.89 -16.31
C PRO D 438 -45.74 17.00 -16.42
N TYR D 439 -47.00 16.64 -16.15
CA TYR D 439 -48.16 17.57 -16.15
C TYR D 439 -48.53 17.94 -14.72
N VAL D 440 -48.18 19.17 -14.30
CA VAL D 440 -48.68 19.73 -13.01
C VAL D 440 -50.20 19.82 -13.07
N VAL D 441 -50.87 19.07 -12.20
CA VAL D 441 -52.35 18.97 -12.21
C VAL D 441 -52.94 20.07 -11.30
N TYR D 442 -52.85 19.90 -9.97
CA TYR D 442 -53.57 20.79 -9.02
C TYR D 442 -52.57 21.75 -8.35
N GLU D 443 -53.00 22.96 -8.00
CA GLU D 443 -52.08 23.97 -7.39
C GLU D 443 -52.80 24.64 -6.23
N GLU D 444 -52.41 24.27 -5.00
CA GLU D 444 -53.05 24.77 -3.77
C GLU D 444 -52.17 25.89 -3.19
N VAL D 445 -52.75 27.08 -2.97
CA VAL D 445 -52.01 28.23 -2.38
C VAL D 445 -52.74 28.68 -1.10
N THR D 446 -51.98 29.06 -0.07
CA THR D 446 -52.60 29.48 1.21
C THR D 446 -51.69 30.49 1.93
N ASN D 447 -52.28 31.52 2.53
CA ASN D 447 -51.52 32.53 3.32
C ASN D 447 -51.37 32.03 4.77
N VAL D 448 -51.95 30.87 5.05
CA VAL D 448 -51.89 30.20 6.39
C VAL D 448 -50.76 29.17 6.35
N TRP D 449 -51.11 27.91 6.05
CA TRP D 449 -50.17 26.80 5.76
C TRP D 449 -50.93 25.69 5.04
N ILE D 450 -50.23 24.64 4.61
CA ILE D 450 -50.87 23.56 3.82
C ILE D 450 -50.89 22.28 4.64
N ASN D 451 -51.94 22.06 5.44
CA ASN D 451 -52.27 20.68 5.88
C ASN D 451 -52.24 19.78 4.63
N VAL D 452 -51.44 18.72 4.67
CA VAL D 452 -51.42 17.67 3.60
C VAL D 452 -52.66 16.79 3.78
N HIS D 453 -53.47 16.61 2.75
CA HIS D 453 -54.66 15.72 2.85
C HIS D 453 -54.44 14.50 1.95
N ASP D 454 -54.71 13.29 2.44
CA ASP D 454 -54.41 12.01 1.75
C ASP D 454 -55.17 11.86 0.43
N ILE D 455 -56.43 12.32 0.36
CA ILE D 455 -57.42 11.96 -0.71
C ILE D 455 -57.01 12.49 -2.11
N PHE D 456 -56.82 11.57 -3.08
CA PHE D 456 -56.46 11.94 -4.47
C PHE D 456 -56.90 10.83 -5.44
N TYR D 457 -58.21 10.66 -5.64
CA TYR D 457 -58.74 9.55 -6.49
C TYR D 457 -58.82 9.99 -7.96
N PRO D 458 -57.89 9.54 -8.84
CA PRO D 458 -58.00 9.79 -10.27
C PRO D 458 -58.75 8.66 -10.98
N PHE D 459 -59.60 9.01 -11.94
CA PHE D 459 -60.45 8.04 -12.67
C PHE D 459 -59.66 7.53 -13.87
N PRO D 460 -60.15 6.50 -14.60
CA PRO D 460 -59.61 6.19 -15.91
C PRO D 460 -59.89 7.43 -16.77
N GLN D 461 -59.04 7.65 -17.77
CA GLN D 461 -59.22 8.76 -18.75
C GLN D 461 -60.06 8.24 -19.92
N SER D 462 -61.31 7.85 -19.63
CA SER D 462 -62.14 7.06 -20.58
C SER D 462 -62.30 7.80 -21.92
N GLU D 465 -57.26 10.20 -22.79
CA GLU D 465 -55.78 10.29 -22.87
C GLU D 465 -55.33 11.75 -22.77
N ASP D 466 -56.03 12.66 -23.47
CA ASP D 466 -55.65 14.09 -23.57
C ASP D 466 -56.31 14.90 -22.44
N GLU D 467 -56.65 14.25 -21.31
CA GLU D 467 -57.23 14.93 -20.11
C GLU D 467 -57.16 13.97 -18.90
N LEU D 468 -57.40 14.49 -17.69
CA LEU D 468 -57.59 13.59 -16.52
C LEU D 468 -58.57 14.22 -15.51
N CYS D 469 -59.69 13.51 -15.28
CA CYS D 469 -60.65 13.80 -14.17
C CYS D 469 -60.17 13.08 -12.91
N PHE D 470 -60.42 13.65 -11.73
CA PHE D 470 -60.02 13.04 -10.44
C PHE D 470 -60.65 13.79 -9.27
N LEU D 471 -60.75 13.13 -8.11
CA LEU D 471 -61.28 13.75 -6.87
C LEU D 471 -60.12 14.19 -5.95
N ARG D 472 -60.32 15.31 -5.24
CA ARG D 472 -59.24 15.87 -4.39
C ARG D 472 -59.88 16.67 -3.24
N ALA D 473 -59.43 16.41 -2.01
CA ALA D 473 -59.84 17.22 -0.83
C ALA D 473 -59.04 18.53 -0.83
N ASN D 474 -59.70 19.66 -0.61
CA ASN D 474 -59.05 21.00 -0.77
C ASN D 474 -59.53 21.91 0.36
N GLU D 475 -58.70 22.08 1.39
CA GLU D 475 -59.03 23.00 2.52
C GLU D 475 -58.68 24.45 2.12
N CYS D 476 -57.61 24.66 1.37
CA CYS D 476 -57.13 26.03 1.06
C CYS D 476 -58.19 26.83 0.26
N LYS D 477 -59.03 26.15 -0.52
CA LYS D 477 -59.98 26.88 -1.40
C LYS D 477 -60.95 27.68 -0.52
N THR D 478 -61.66 26.98 0.37
CA THR D 478 -62.77 27.54 1.20
C THR D 478 -62.28 27.95 2.60
N GLY D 479 -61.42 27.12 3.21
CA GLY D 479 -61.11 27.20 4.66
C GLY D 479 -61.45 25.88 5.36
N PHE D 480 -62.28 25.05 4.72
CA PHE D 480 -62.66 23.71 5.26
C PHE D 480 -62.32 22.64 4.21
N CYS D 481 -61.85 21.47 4.67
CA CYS D 481 -61.48 20.34 3.78
C CYS D 481 -62.73 19.78 3.08
N HIS D 482 -62.91 20.11 1.79
CA HIS D 482 -64.10 19.67 1.02
C HIS D 482 -63.66 18.92 -0.24
N LEU D 483 -64.55 18.08 -0.79
CA LEU D 483 -64.20 17.24 -1.95
C LEU D 483 -64.61 17.95 -3.25
N TYR D 484 -63.73 17.89 -4.24
CA TYR D 484 -63.95 18.52 -5.56
C TYR D 484 -63.82 17.45 -6.66
N LYS D 485 -64.56 17.62 -7.76
CA LYS D 485 -64.25 16.89 -9.02
C LYS D 485 -63.39 17.82 -9.89
N VAL D 486 -62.22 17.35 -10.31
CA VAL D 486 -61.30 18.21 -11.12
C VAL D 486 -60.91 17.48 -12.42
N THR D 487 -61.25 18.09 -13.55
CA THR D 487 -60.67 17.71 -14.87
C THR D 487 -59.43 18.59 -15.09
N ALA D 488 -58.25 17.99 -15.34
CA ALA D 488 -57.11 18.77 -15.91
C ALA D 488 -57.03 18.48 -17.42
N VAL D 489 -56.49 19.43 -18.19
CA VAL D 489 -56.28 19.21 -19.65
C VAL D 489 -54.79 19.00 -19.88
N LEU D 490 -54.40 17.77 -20.27
CA LEU D 490 -52.97 17.48 -20.60
C LEU D 490 -52.75 17.82 -22.08
N LYS D 491 -52.24 19.02 -22.35
CA LYS D 491 -51.73 19.35 -23.72
C LYS D 491 -50.21 19.58 -23.60
N SER D 492 -49.41 18.66 -24.17
CA SER D 492 -47.93 18.73 -24.11
C SER D 492 -47.39 19.87 -24.98
N GLN D 493 -46.43 20.65 -24.45
CA GLN D 493 -45.89 21.85 -25.15
C GLN D 493 -44.68 21.42 -26.01
N GLY D 494 -44.17 20.19 -25.81
CA GLY D 494 -43.05 19.66 -26.62
C GLY D 494 -41.72 20.17 -26.12
N TYR D 495 -40.81 19.29 -25.69
CA TYR D 495 -39.59 19.72 -24.96
C TYR D 495 -38.32 19.06 -25.51
N ASP D 496 -37.25 19.86 -25.62
CA ASP D 496 -35.93 19.39 -26.12
C ASP D 496 -35.18 18.74 -24.95
N TRP D 497 -35.52 17.49 -24.63
CA TRP D 497 -35.09 16.87 -23.33
C TRP D 497 -33.59 16.56 -23.33
N SER D 498 -32.96 16.48 -24.50
CA SER D 498 -31.49 16.31 -24.59
C SER D 498 -30.77 17.48 -23.89
N GLU D 499 -31.21 18.72 -24.19
CA GLU D 499 -30.54 19.95 -23.66
C GLU D 499 -31.16 20.34 -22.32
N PRO D 500 -30.35 20.70 -21.30
CA PRO D 500 -30.89 21.15 -20.00
C PRO D 500 -31.63 22.50 -20.10
N PHE D 501 -32.46 22.79 -19.09
CA PHE D 501 -33.22 24.07 -19.03
C PHE D 501 -33.80 24.29 -17.63
N SER D 502 -34.13 25.55 -17.33
CA SER D 502 -34.80 25.95 -16.07
C SER D 502 -36.23 26.39 -16.39
N PRO D 503 -37.28 25.65 -15.93
CA PRO D 503 -38.66 26.01 -16.23
C PRO D 503 -39.09 27.41 -15.73
N GLY D 504 -40.20 27.94 -16.29
CA GLY D 504 -40.71 29.28 -15.97
C GLY D 504 -41.66 29.30 -14.77
N GLU D 505 -42.39 30.40 -14.58
CA GLU D 505 -43.22 30.59 -13.35
C GLU D 505 -44.25 29.46 -13.27
N ASP D 506 -45.17 29.36 -14.24
CA ASP D 506 -46.14 28.23 -14.27
C ASP D 506 -45.87 27.41 -15.54
N GLU D 507 -44.86 26.53 -15.47
CA GLU D 507 -44.33 25.84 -16.68
C GLU D 507 -45.23 24.68 -17.08
N PHE D 508 -45.53 23.79 -16.12
CA PHE D 508 -46.27 22.53 -16.41
C PHE D 508 -47.68 22.60 -15.84
N LYS D 509 -48.05 23.71 -15.18
CA LYS D 509 -49.44 23.90 -14.64
C LYS D 509 -50.47 23.67 -15.76
N CYS D 510 -51.19 22.54 -15.68
CA CYS D 510 -52.25 22.21 -16.67
C CYS D 510 -53.39 23.21 -16.51
N PRO D 511 -54.02 23.63 -17.64
CA PRO D 511 -55.26 24.40 -17.56
C PRO D 511 -56.37 23.47 -17.03
N ILE D 512 -56.97 23.84 -15.89
CA ILE D 512 -58.10 23.07 -15.30
C ILE D 512 -59.30 23.24 -16.26
N LYS D 513 -60.08 22.20 -16.48
CA LYS D 513 -61.26 22.28 -17.40
C LYS D 513 -62.51 22.61 -16.58
N GLU D 514 -62.66 22.00 -15.39
CA GLU D 514 -63.70 22.40 -14.40
C GLU D 514 -63.26 21.94 -13.00
N GLU D 515 -63.99 22.39 -11.97
CA GLU D 515 -63.63 22.11 -10.55
C GLU D 515 -64.93 22.16 -9.72
N ILE D 516 -65.83 21.20 -9.94
CA ILE D 516 -67.12 21.18 -9.20
C ILE D 516 -66.78 21.00 -7.73
N ALA D 517 -67.41 21.80 -6.86
CA ALA D 517 -67.33 21.61 -5.39
C ALA D 517 -68.45 20.66 -4.98
N LEU D 518 -68.11 19.41 -4.64
CA LEU D 518 -69.12 18.36 -4.31
C LEU D 518 -69.64 18.53 -2.87
N THR D 519 -68.77 18.92 -1.93
CA THR D 519 -69.19 19.27 -0.54
C THR D 519 -68.87 20.73 -0.27
N SER D 520 -69.64 21.36 0.62
CA SER D 520 -69.35 22.74 1.06
C SER D 520 -69.88 22.89 2.48
N GLY D 521 -69.43 23.93 3.19
CA GLY D 521 -69.92 24.22 4.56
C GLY D 521 -68.80 24.59 5.51
N GLU D 522 -69.16 24.87 6.75
CA GLU D 522 -68.17 25.18 7.82
C GLU D 522 -67.94 23.89 8.63
N TRP D 523 -67.88 22.78 7.91
CA TRP D 523 -67.63 21.42 8.47
C TRP D 523 -66.64 20.76 7.52
N GLU D 524 -65.93 19.73 7.96
CA GLU D 524 -64.87 19.23 7.03
C GLU D 524 -64.89 17.71 6.85
N VAL D 525 -64.44 17.31 5.66
CA VAL D 525 -64.29 15.89 5.27
C VAL D 525 -62.97 15.41 5.87
N LEU D 526 -62.98 14.36 6.68
CA LEU D 526 -61.69 13.87 7.25
C LEU D 526 -60.83 13.39 6.09
N ALA D 527 -59.56 13.81 6.02
CA ALA D 527 -58.64 13.36 4.94
C ALA D 527 -57.20 13.22 5.47
N ARG D 528 -57.00 13.24 6.79
CA ARG D 528 -55.65 13.04 7.39
C ARG D 528 -55.71 11.82 8.32
N HIS D 529 -54.55 11.25 8.65
CA HIS D 529 -54.48 10.18 9.67
C HIS D 529 -55.35 8.99 9.26
N GLY D 530 -55.38 8.66 7.97
CA GLY D 530 -55.95 7.37 7.53
C GLY D 530 -57.41 7.51 7.15
N SER D 531 -58.06 8.57 7.63
CA SER D 531 -59.31 9.06 6.99
C SER D 531 -59.14 8.98 5.47
N LYS D 532 -60.19 8.55 4.77
CA LYS D 532 -60.08 8.20 3.33
C LYS D 532 -61.48 8.15 2.73
N ILE D 533 -61.59 8.26 1.41
CA ILE D 533 -62.91 8.13 0.73
C ILE D 533 -62.99 6.76 0.06
N TRP D 534 -64.22 6.29 -0.19
CA TRP D 534 -64.44 5.08 -1.03
C TRP D 534 -65.33 5.51 -2.20
N VAL D 535 -64.88 5.26 -3.44
CA VAL D 535 -65.60 5.77 -4.64
C VAL D 535 -66.24 4.58 -5.37
N ASN D 536 -67.56 4.57 -5.51
CA ASN D 536 -68.29 3.50 -6.27
C ASN D 536 -68.58 4.01 -7.69
N GLU D 537 -67.72 3.63 -8.64
CA GLU D 537 -67.80 4.10 -10.05
C GLU D 537 -69.05 3.55 -10.76
N GLU D 538 -69.53 2.36 -10.35
CA GLU D 538 -70.77 1.78 -10.94
C GLU D 538 -71.93 2.75 -10.68
N THR D 539 -72.00 3.30 -9.47
CA THR D 539 -73.14 4.13 -9.01
C THR D 539 -72.82 5.63 -9.10
N LYS D 540 -71.53 5.97 -9.23
CA LYS D 540 -71.03 7.37 -9.22
C LYS D 540 -71.31 8.02 -7.86
N LEU D 541 -71.08 7.27 -6.77
CA LEU D 541 -71.16 7.86 -5.40
C LEU D 541 -69.75 7.94 -4.80
N VAL D 542 -69.47 9.01 -4.05
CA VAL D 542 -68.20 9.10 -3.26
C VAL D 542 -68.58 9.05 -1.79
N TYR D 543 -68.13 8.00 -1.09
CA TYR D 543 -68.43 7.80 0.34
C TYR D 543 -67.33 8.48 1.16
N PHE D 544 -67.69 9.33 2.11
CA PHE D 544 -66.65 10.03 2.92
C PHE D 544 -67.06 10.07 4.40
N GLN D 545 -66.11 10.40 5.27
CA GLN D 545 -66.40 10.61 6.71
C GLN D 545 -66.19 12.11 7.03
N GLY D 546 -67.00 12.70 7.91
CA GLY D 546 -66.87 14.16 8.11
C GLY D 546 -67.45 14.68 9.41
N THR D 547 -67.31 16.01 9.59
CA THR D 547 -67.79 16.77 10.78
C THR D 547 -69.13 17.46 10.48
N LYS D 548 -69.67 17.29 9.28
CA LYS D 548 -70.84 18.09 8.81
C LYS D 548 -71.91 18.16 9.91
N ASP D 549 -72.29 17.01 10.46
CA ASP D 549 -73.34 17.02 11.51
C ASP D 549 -72.83 17.85 12.70
N THR D 550 -71.61 17.58 13.17
CA THR D 550 -71.09 18.27 14.37
C THR D 550 -69.58 18.12 14.42
N PRO D 551 -68.81 19.15 14.85
CA PRO D 551 -67.35 19.03 14.98
C PRO D 551 -66.96 18.10 16.13
N LEU D 552 -67.94 17.77 16.99
CA LEU D 552 -67.72 16.82 18.11
C LEU D 552 -67.95 15.37 17.68
N GLU D 553 -68.34 15.10 16.43
CA GLU D 553 -68.66 13.70 16.01
C GLU D 553 -68.24 13.47 14.55
N HIS D 554 -67.29 12.56 14.33
CA HIS D 554 -67.04 12.02 12.97
C HIS D 554 -68.24 11.20 12.47
N HIS D 555 -68.78 11.53 11.30
CA HIS D 555 -69.91 10.74 10.72
C HIS D 555 -69.62 10.30 9.29
N LEU D 556 -70.13 9.11 8.94
CA LEU D 556 -70.06 8.61 7.54
C LEU D 556 -71.16 9.27 6.70
N TYR D 557 -70.79 9.88 5.57
CA TYR D 557 -71.77 10.46 4.60
C TYR D 557 -71.57 9.82 3.22
N VAL D 558 -72.59 9.93 2.37
CA VAL D 558 -72.47 9.57 0.93
C VAL D 558 -72.82 10.82 0.11
N VAL D 559 -72.27 10.94 -1.09
CA VAL D 559 -72.72 11.99 -2.06
C VAL D 559 -72.39 11.48 -3.46
N SER D 560 -73.10 11.95 -4.48
CA SER D 560 -72.77 11.60 -5.89
C SER D 560 -71.61 12.49 -6.36
N TYR D 561 -70.62 11.93 -7.06
CA TYR D 561 -69.56 12.80 -7.65
C TYR D 561 -70.05 13.29 -9.02
N GLU D 562 -71.09 12.64 -9.59
CA GLU D 562 -71.67 13.05 -10.89
C GLU D 562 -72.55 14.27 -10.71
N ALA D 563 -73.29 14.34 -9.60
CA ALA D 563 -74.10 15.53 -9.26
C ALA D 563 -73.87 15.87 -7.78
N ALA D 564 -73.19 17.00 -7.51
CA ALA D 564 -73.15 17.56 -6.14
C ALA D 564 -74.57 17.91 -5.70
N GLY D 565 -75.14 17.14 -4.76
CA GLY D 565 -76.53 17.34 -4.34
C GLY D 565 -76.74 16.95 -2.88
N GLU D 566 -77.85 16.28 -2.59
CA GLU D 566 -78.20 15.83 -1.21
C GLU D 566 -77.07 14.94 -0.67
N ILE D 567 -76.62 15.24 0.54
CA ILE D 567 -75.59 14.40 1.24
C ILE D 567 -76.33 13.55 2.28
N VAL D 568 -76.38 12.23 2.07
CA VAL D 568 -77.08 11.31 3.03
C VAL D 568 -76.08 10.83 4.10
N ARG D 569 -76.34 11.14 5.37
CA ARG D 569 -75.52 10.61 6.49
C ARG D 569 -75.94 9.16 6.76
N LEU D 570 -74.97 8.29 7.07
CA LEU D 570 -75.19 6.83 7.17
C LEU D 570 -74.95 6.32 8.59
N THR D 571 -74.56 7.20 9.53
CA THR D 571 -74.17 6.75 10.89
C THR D 571 -75.05 7.47 11.93
N THR D 572 -75.61 6.73 12.89
CA THR D 572 -76.50 7.29 13.95
C THR D 572 -75.87 8.52 14.60
N PRO D 573 -76.59 9.65 14.78
CA PRO D 573 -76.07 10.75 15.58
C PRO D 573 -75.99 10.38 17.08
N GLY D 574 -75.32 11.21 17.88
CA GLY D 574 -75.14 10.95 19.33
C GLY D 574 -73.79 10.29 19.64
N PHE D 575 -73.29 9.45 18.72
CA PHE D 575 -71.94 8.85 18.83
C PHE D 575 -71.03 9.41 17.73
N SER D 576 -69.73 9.15 17.84
CA SER D 576 -68.71 9.53 16.83
C SER D 576 -68.10 8.27 16.21
N HIS D 577 -67.87 8.25 14.90
CA HIS D 577 -67.67 6.98 14.17
C HIS D 577 -66.35 6.98 13.36
N SER D 578 -65.59 5.88 13.46
CA SER D 578 -64.58 5.56 12.42
C SER D 578 -65.08 4.36 11.62
N CYS D 579 -65.04 4.45 10.27
CA CYS D 579 -65.82 3.53 9.41
C CYS D 579 -64.94 3.01 8.26
N SER D 580 -65.32 1.87 7.70
CA SER D 580 -64.60 1.25 6.53
C SER D 580 -65.61 0.54 5.63
N MET D 581 -65.51 0.78 4.31
CA MET D 581 -66.51 0.25 3.32
C MET D 581 -66.01 -1.07 2.72
N SER D 582 -66.93 -1.97 2.42
CA SER D 582 -66.63 -3.16 1.57
C SER D 582 -66.24 -2.66 0.17
N GLN D 583 -65.18 -3.22 -0.41
CA GLN D 583 -64.78 -2.85 -1.81
C GLN D 583 -65.96 -3.08 -2.77
N ASN D 584 -66.84 -4.03 -2.42
CA ASN D 584 -68.11 -4.30 -3.15
C ASN D 584 -69.25 -3.42 -2.60
N PHE D 585 -68.92 -2.36 -1.84
CA PHE D 585 -69.89 -1.30 -1.41
C PHE D 585 -71.26 -1.90 -1.06
N ASP D 586 -71.29 -2.89 -0.15
CA ASP D 586 -72.55 -3.59 0.22
C ASP D 586 -72.73 -3.56 1.75
N MET D 587 -71.67 -3.90 2.48
CA MET D 587 -71.67 -3.81 3.97
C MET D 587 -70.62 -2.77 4.39
N PHE D 588 -70.86 -2.00 5.46
CA PHE D 588 -69.78 -1.17 6.08
C PHE D 588 -69.63 -1.51 7.56
N VAL D 589 -68.40 -1.38 8.08
CA VAL D 589 -68.16 -1.44 9.55
C VAL D 589 -68.25 -0.02 10.10
N SER D 590 -68.69 0.13 11.35
CA SER D 590 -68.45 1.40 12.09
C SER D 590 -68.06 1.06 13.53
N HIS D 591 -66.89 1.56 13.97
CA HIS D 591 -66.42 1.43 15.37
C HIS D 591 -66.62 2.78 16.07
N TYR D 592 -67.57 2.86 17.02
CA TYR D 592 -68.09 4.18 17.50
C TYR D 592 -68.20 4.19 19.02
N SER D 593 -68.54 5.36 19.57
CA SER D 593 -68.56 5.60 21.03
C SER D 593 -69.08 7.02 21.34
N SER D 594 -69.55 7.23 22.57
CA SER D 594 -69.96 8.58 23.04
C SER D 594 -69.11 8.98 24.24
N VAL D 595 -69.24 10.23 24.71
CA VAL D 595 -68.56 10.67 25.97
C VAL D 595 -68.99 9.76 27.14
N SER D 596 -70.19 9.18 27.06
CA SER D 596 -70.77 8.37 28.16
C SER D 596 -70.64 6.88 27.88
N THR D 597 -70.96 6.42 26.67
CA THR D 597 -71.02 4.96 26.37
C THR D 597 -69.66 4.43 25.93
N PRO D 598 -69.26 3.21 26.34
CA PRO D 598 -68.03 2.60 25.84
C PRO D 598 -68.11 2.32 24.33
N PRO D 599 -67.01 1.83 23.70
CA PRO D 599 -66.99 1.62 22.24
C PRO D 599 -67.66 0.33 21.74
N CYS D 600 -68.40 0.45 20.64
CA CYS D 600 -68.96 -0.71 19.88
C CYS D 600 -68.27 -0.83 18.52
N VAL D 601 -68.31 -2.01 17.92
CA VAL D 601 -67.98 -2.20 16.47
C VAL D 601 -69.11 -2.99 15.84
N HIS D 602 -70.15 -2.29 15.36
CA HIS D 602 -71.32 -2.94 14.70
C HIS D 602 -71.07 -3.01 13.20
N VAL D 603 -71.49 -4.11 12.57
CA VAL D 603 -71.39 -4.27 11.08
C VAL D 603 -72.76 -3.90 10.49
N TYR D 604 -72.77 -3.01 9.50
CA TYR D 604 -74.04 -2.54 8.89
C TYR D 604 -74.13 -3.08 7.45
N LYS D 605 -75.35 -3.31 6.96
CA LYS D 605 -75.59 -3.68 5.54
C LYS D 605 -76.28 -2.50 4.86
N LEU D 606 -75.96 -2.26 3.58
CA LEU D 606 -76.66 -1.19 2.80
C LEU D 606 -77.71 -1.84 1.91
N SER D 607 -79.00 -1.72 2.27
CA SER D 607 -80.11 -2.31 1.47
C SER D 607 -81.03 -1.20 0.98
N GLY D 608 -81.62 -1.40 -0.20
CA GLY D 608 -82.56 -0.45 -0.82
C GLY D 608 -82.75 -0.77 -2.30
N PRO D 609 -83.82 -0.24 -2.95
CA PRO D 609 -83.93 -0.35 -4.41
C PRO D 609 -82.60 0.07 -5.07
N ASP D 610 -82.09 -0.76 -6.00
CA ASP D 610 -80.78 -0.49 -6.65
C ASP D 610 -80.92 0.60 -7.74
N ASP D 611 -82.15 1.06 -8.03
CA ASP D 611 -82.36 2.18 -8.98
C ASP D 611 -82.07 3.51 -8.27
N ASP D 612 -82.16 3.52 -6.93
CA ASP D 612 -82.00 4.75 -6.10
C ASP D 612 -80.90 4.49 -5.07
N PRO D 613 -79.61 4.52 -5.47
CA PRO D 613 -78.53 4.00 -4.64
C PRO D 613 -77.97 4.98 -3.60
N LEU D 614 -78.14 6.29 -3.82
CA LEU D 614 -77.71 7.32 -2.84
C LEU D 614 -78.43 7.08 -1.52
N HIS D 615 -79.65 6.53 -1.57
CA HIS D 615 -80.54 6.42 -0.39
C HIS D 615 -80.60 4.98 0.16
N LYS D 616 -79.60 4.13 -0.13
CA LYS D 616 -79.61 2.74 0.41
C LYS D 616 -79.47 2.79 1.94
N GLN D 617 -80.54 2.47 2.68
CA GLN D 617 -80.55 2.65 4.16
C GLN D 617 -79.60 1.65 4.82
N PRO D 618 -78.78 2.10 5.80
CA PRO D 618 -77.94 1.17 6.57
C PRO D 618 -78.78 0.36 7.57
N ARG D 619 -78.90 -0.95 7.35
CA ARG D 619 -79.54 -1.88 8.33
C ARG D 619 -78.46 -2.42 9.27
N PHE D 620 -78.70 -2.38 10.58
CA PHE D 620 -77.84 -3.10 11.55
C PHE D 620 -77.81 -4.59 11.19
N TRP D 621 -76.62 -5.17 11.01
CA TRP D 621 -76.52 -6.61 10.67
C TRP D 621 -76.01 -7.40 11.88
N ALA D 622 -74.87 -7.00 12.47
CA ALA D 622 -74.27 -7.80 13.55
C ALA D 622 -73.28 -6.95 14.35
N SER D 623 -73.12 -7.29 15.64
CA SER D 623 -72.14 -6.63 16.53
C SER D 623 -70.86 -7.46 16.60
N MET D 624 -69.71 -6.79 16.83
CA MET D 624 -68.40 -7.48 16.96
C MET D 624 -67.79 -7.17 18.34
N MET D 625 -67.70 -5.89 18.68
CA MET D 625 -67.36 -5.47 20.06
C MET D 625 -68.61 -4.84 20.68
N GLU D 626 -68.71 -4.82 22.00
CA GLU D 626 -69.95 -4.30 22.66
C GLU D 626 -69.63 -3.89 24.11
N ALA D 627 -69.55 -2.58 24.37
CA ALA D 627 -69.60 -2.02 25.75
C ALA D 627 -68.38 -2.49 26.56
N ALA D 628 -68.47 -2.40 27.90
CA ALA D 628 -67.49 -2.99 28.83
C ALA D 628 -68.05 -2.95 30.26
N ASP D 633 -65.04 2.79 39.62
CA ASP D 633 -66.24 3.30 38.88
C ASP D 633 -65.85 4.54 38.09
N TYR D 634 -66.23 4.60 36.81
CA TYR D 634 -65.90 5.74 35.91
C TYR D 634 -67.15 6.58 35.62
N VAL D 635 -67.12 7.88 35.96
CA VAL D 635 -68.20 8.83 35.61
C VAL D 635 -67.74 9.70 34.45
N PRO D 636 -68.37 9.59 33.25
CA PRO D 636 -67.94 10.37 32.08
C PRO D 636 -68.18 11.88 32.20
N PRO D 637 -67.35 12.71 31.52
CA PRO D 637 -67.40 14.16 31.67
C PRO D 637 -68.49 14.86 30.83
N GLU D 638 -68.88 16.08 31.23
CA GLU D 638 -69.93 16.84 30.50
C GLU D 638 -69.27 17.66 29.40
N ILE D 639 -69.78 17.58 28.17
CA ILE D 639 -69.31 18.49 27.09
C ILE D 639 -70.13 19.77 27.18
N PHE D 640 -69.43 20.91 27.31
CA PHE D 640 -70.08 22.25 27.22
C PHE D 640 -69.50 22.97 26.00
N HIS D 641 -69.96 24.20 25.77
CA HIS D 641 -69.31 25.14 24.84
C HIS D 641 -69.51 26.55 25.37
N PHE D 642 -68.72 27.51 24.91
CA PHE D 642 -68.95 28.92 25.33
C PHE D 642 -68.43 29.83 24.21
N HIS D 643 -68.74 31.13 24.30
CA HIS D 643 -68.20 32.11 23.32
C HIS D 643 -67.12 32.94 24.00
N THR D 644 -66.04 33.22 23.28
CA THR D 644 -64.92 34.05 23.82
C THR D 644 -65.30 35.52 23.64
N ARG D 645 -64.55 36.43 24.24
CA ARG D 645 -64.82 37.89 24.10
C ARG D 645 -64.60 38.30 22.63
N SER D 646 -63.76 37.54 21.90
CA SER D 646 -63.59 37.71 20.43
C SER D 646 -64.85 37.23 19.67
N ASP D 647 -65.74 36.50 20.34
CA ASP D 647 -67.03 36.00 19.78
C ASP D 647 -66.82 34.62 19.14
N VAL D 648 -65.62 34.05 19.31
CA VAL D 648 -65.28 32.68 18.79
C VAL D 648 -65.90 31.62 19.73
N ARG D 649 -66.50 30.57 19.16
CA ARG D 649 -67.08 29.50 20.01
C ARG D 649 -66.03 28.43 20.32
N LEU D 650 -65.84 28.11 21.59
CA LEU D 650 -64.88 27.07 22.03
C LEU D 650 -65.66 25.97 22.75
N TYR D 651 -65.32 24.70 22.53
CA TYR D 651 -65.90 23.57 23.30
C TYR D 651 -64.92 23.17 24.40
N GLY D 652 -65.41 22.48 25.43
CA GLY D 652 -64.56 22.06 26.55
C GLY D 652 -65.20 20.90 27.27
N MET D 653 -64.42 20.12 28.03
CA MET D 653 -64.99 19.04 28.87
C MET D 653 -64.78 19.38 30.34
N ILE D 654 -65.58 18.76 31.21
CA ILE D 654 -65.33 18.86 32.68
C ILE D 654 -65.56 17.47 33.30
N TYR D 655 -64.63 17.03 34.15
CA TYR D 655 -64.91 15.91 35.08
C TYR D 655 -65.41 16.51 36.40
N LYS D 656 -66.63 16.17 36.82
CA LYS D 656 -67.18 16.69 38.10
C LYS D 656 -66.46 15.96 39.23
N PRO D 657 -66.14 16.63 40.35
CA PRO D 657 -65.63 15.93 41.52
C PRO D 657 -66.64 14.84 41.94
N HIS D 658 -66.19 13.59 42.08
CA HIS D 658 -67.09 12.47 42.48
C HIS D 658 -67.74 12.78 43.84
N ALA D 659 -69.02 12.42 44.01
CA ALA D 659 -69.78 12.76 45.24
C ALA D 659 -69.72 14.28 45.49
N LEU D 660 -70.10 15.05 44.46
CA LEU D 660 -70.01 16.54 44.48
C LEU D 660 -71.01 17.08 45.49
N GLN D 661 -70.55 17.83 46.51
CA GLN D 661 -71.48 18.51 47.46
C GLN D 661 -71.68 19.95 47.03
N PRO D 662 -72.76 20.29 46.30
CA PRO D 662 -72.91 21.63 45.72
C PRO D 662 -72.77 22.71 46.78
N GLY D 663 -71.97 23.74 46.49
CA GLY D 663 -71.61 24.78 47.49
C GLY D 663 -70.18 24.62 47.95
N LYS D 664 -69.61 23.43 47.79
CA LYS D 664 -68.16 23.20 48.07
C LYS D 664 -67.35 23.63 46.83
N LYS D 665 -66.17 24.21 47.04
CA LYS D 665 -65.23 24.53 45.93
C LYS D 665 -64.05 23.55 45.97
N HIS D 666 -63.75 22.89 44.85
CA HIS D 666 -62.69 21.84 44.80
C HIS D 666 -61.45 22.37 44.08
N PRO D 667 -60.23 21.84 44.36
CA PRO D 667 -59.06 22.23 43.59
C PRO D 667 -59.17 21.73 42.15
N THR D 668 -58.63 22.48 41.19
CA THR D 668 -58.92 22.26 39.75
C THR D 668 -57.63 21.90 39.03
N VAL D 669 -57.70 20.91 38.11
CA VAL D 669 -56.56 20.50 37.24
C VAL D 669 -56.94 20.87 35.81
N LEU D 670 -56.47 22.00 35.30
CA LEU D 670 -56.64 22.33 33.86
C LEU D 670 -55.70 21.41 33.07
N PHE D 671 -56.23 20.33 32.50
CA PHE D 671 -55.43 19.45 31.61
C PHE D 671 -55.42 20.05 30.20
N VAL D 672 -54.29 19.99 29.51
CA VAL D 672 -54.15 20.78 28.25
C VAL D 672 -53.31 20.04 27.22
N TYR D 673 -53.59 20.34 25.95
CA TYR D 673 -52.60 20.14 24.87
C TYR D 673 -52.51 21.46 24.09
N GLY D 674 -53.56 21.80 23.32
CA GLY D 674 -53.69 23.13 22.69
C GLY D 674 -52.99 23.23 21.34
N GLY D 675 -51.97 22.38 21.09
CA GLY D 675 -51.24 22.40 19.81
C GLY D 675 -52.11 22.06 18.60
N PRO D 676 -51.57 22.19 17.37
CA PRO D 676 -52.30 21.84 16.15
C PRO D 676 -52.29 20.32 15.89
N GLN D 677 -53.15 19.87 14.95
CA GLN D 677 -53.27 18.45 14.56
C GLN D 677 -53.92 17.66 15.69
N VAL D 678 -54.60 18.33 16.64
CA VAL D 678 -55.22 17.61 17.78
C VAL D 678 -56.53 18.30 18.19
N GLN D 679 -57.61 17.50 18.30
CA GLN D 679 -58.88 17.88 18.97
C GLN D 679 -59.01 17.02 20.22
N LEU D 680 -59.07 17.60 21.41
CA LEU D 680 -59.25 16.76 22.64
C LEU D 680 -60.73 16.67 22.97
N VAL D 681 -61.48 17.78 22.87
CA VAL D 681 -62.92 17.81 23.22
C VAL D 681 -63.73 17.32 22.02
N ASN D 682 -64.20 16.07 22.10
CA ASN D 682 -65.12 15.50 21.08
C ASN D 682 -66.01 14.47 21.78
N ASN D 683 -66.99 13.92 21.07
CA ASN D 683 -68.00 13.02 21.68
C ASN D 683 -67.59 11.57 21.38
N SER D 684 -66.58 11.07 22.11
CA SER D 684 -66.29 9.61 22.11
C SER D 684 -65.63 9.24 23.44
N PHE D 685 -65.56 7.93 23.74
CA PHE D 685 -65.23 7.49 25.12
C PHE D 685 -63.84 7.99 25.46
N LYS D 686 -63.72 8.65 26.61
CA LYS D 686 -62.41 9.22 27.02
C LYS D 686 -61.81 8.35 28.13
N GLY D 687 -62.56 7.33 28.60
CA GLY D 687 -62.18 6.60 29.83
C GLY D 687 -60.95 5.72 29.67
N ILE D 688 -60.29 5.74 28.51
CA ILE D 688 -59.14 4.82 28.26
C ILE D 688 -57.83 5.60 28.40
N LYS D 689 -57.62 6.59 27.53
CA LYS D 689 -56.36 7.38 27.49
C LYS D 689 -56.34 8.36 28.67
N TYR D 690 -57.51 8.75 29.18
CA TYR D 690 -57.61 9.73 30.29
C TYR D 690 -58.34 9.07 31.46
N LEU D 691 -58.16 7.76 31.64
CA LEU D 691 -58.59 7.06 32.88
C LEU D 691 -58.02 7.83 34.08
N ARG D 692 -56.76 8.25 33.93
CA ARG D 692 -56.05 9.17 34.85
C ARG D 692 -56.94 10.37 35.21
N LEU D 693 -57.62 10.94 34.22
CA LEU D 693 -58.42 12.19 34.44
C LEU D 693 -59.72 11.88 35.19
N ASN D 694 -60.20 10.63 35.17
CA ASN D 694 -61.28 10.22 36.11
C ASN D 694 -60.65 9.98 37.50
N THR D 695 -59.56 9.22 37.56
CA THR D 695 -58.86 8.95 38.86
C THR D 695 -58.65 10.28 39.59
N LEU D 696 -58.21 11.30 38.86
CA LEU D 696 -58.16 12.68 39.42
C LEU D 696 -59.53 13.04 39.98
N ALA D 697 -60.57 13.01 39.13
CA ALA D 697 -61.93 13.38 39.57
C ALA D 697 -62.31 12.58 40.83
N SER D 698 -62.07 11.27 40.84
CA SER D 698 -62.54 10.40 41.94
C SER D 698 -62.00 10.87 43.31
N LEU D 699 -60.82 11.50 43.34
CA LEU D 699 -60.21 11.97 44.62
C LEU D 699 -60.79 13.33 45.05
N GLY D 700 -61.45 14.06 44.15
CA GLY D 700 -62.07 15.34 44.51
C GLY D 700 -61.58 16.49 43.64
N TYR D 701 -60.54 16.25 42.84
CA TYR D 701 -60.07 17.31 41.90
C TYR D 701 -61.16 17.54 40.84
N ALA D 702 -61.35 18.79 40.42
CA ALA D 702 -62.09 19.05 39.16
C ALA D 702 -61.10 18.91 38.01
N VAL D 703 -61.46 18.21 36.94
CA VAL D 703 -60.55 18.15 35.75
C VAL D 703 -61.28 18.81 34.57
N VAL D 704 -60.67 19.88 34.04
CA VAL D 704 -61.30 20.76 33.02
C VAL D 704 -60.45 20.68 31.75
N VAL D 705 -61.06 20.32 30.62
CA VAL D 705 -60.33 20.17 29.32
C VAL D 705 -60.94 21.16 28.31
N ILE D 706 -60.12 22.02 27.73
CA ILE D 706 -60.60 23.10 26.81
C ILE D 706 -59.84 23.00 25.49
N ASP D 707 -60.53 23.08 24.35
CA ASP D 707 -59.88 23.07 23.02
C ASP D 707 -59.59 24.52 22.59
N GLY D 708 -58.51 25.10 23.08
CA GLY D 708 -58.13 26.47 22.67
C GLY D 708 -57.99 26.59 21.16
N ARG D 709 -58.15 27.80 20.62
CA ARG D 709 -57.93 28.08 19.17
C ARG D 709 -56.56 27.54 18.75
N GLY D 710 -56.44 27.11 17.49
CA GLY D 710 -55.26 26.36 17.03
C GLY D 710 -55.55 24.88 16.85
N SER D 711 -56.58 24.36 17.53
CA SER D 711 -56.89 22.90 17.56
C SER D 711 -57.57 22.45 16.26
N CYS D 712 -57.71 21.12 16.07
CA CYS D 712 -58.04 20.52 14.74
C CYS D 712 -59.56 20.35 14.55
N GLN D 713 -59.97 19.76 13.40
CA GLN D 713 -61.39 19.49 13.01
C GLN D 713 -62.26 20.74 13.19
N ARG D 714 -61.70 21.93 12.89
CA ARG D 714 -62.47 23.20 12.99
C ARG D 714 -62.03 24.17 11.88
N GLY D 715 -61.17 23.73 10.96
CA GLY D 715 -60.84 24.55 9.77
C GLY D 715 -59.55 25.33 9.92
N LEU D 716 -59.07 25.87 8.79
CA LEU D 716 -57.72 26.50 8.68
C LEU D 716 -57.62 27.76 9.54
N ARG D 717 -58.60 28.67 9.44
CA ARG D 717 -58.50 29.98 10.16
C ARG D 717 -58.53 29.77 11.68
N PHE D 718 -59.33 28.81 12.17
CA PHE D 718 -59.39 28.46 13.62
C PHE D 718 -58.05 27.87 14.08
N GLU D 719 -57.47 26.99 13.24
CA GLU D 719 -56.08 26.50 13.43
C GLU D 719 -55.13 27.69 13.29
N GLY D 720 -55.36 28.50 12.26
CA GLY D 720 -54.48 29.64 11.89
C GLY D 720 -54.26 30.64 13.01
N ALA D 721 -55.04 30.58 14.10
CA ALA D 721 -54.89 31.55 15.20
C ALA D 721 -53.49 31.44 15.82
N LEU D 722 -52.84 30.28 15.67
CA LEU D 722 -51.45 30.06 16.17
C LEU D 722 -50.41 30.69 15.24
N LYS D 723 -50.72 30.90 13.97
CA LYS D 723 -49.69 31.23 12.96
C LYS D 723 -48.70 32.24 13.53
N ASN D 724 -47.45 31.79 13.75
CA ASN D 724 -46.26 32.66 13.99
C ASN D 724 -46.18 33.13 15.46
N GLN D 725 -47.12 32.73 16.32
CA GLN D 725 -47.05 33.10 17.76
C GLN D 725 -47.52 31.92 18.61
N MET D 726 -46.84 30.77 18.51
CA MET D 726 -47.25 29.55 19.25
C MET D 726 -47.03 29.80 20.76
N GLY D 727 -48.05 29.49 21.55
CA GLY D 727 -48.04 29.75 23.01
C GLY D 727 -48.34 31.20 23.36
N GLN D 728 -48.87 32.00 22.43
CA GLN D 728 -49.20 33.43 22.72
C GLN D 728 -50.71 33.64 22.76
N VAL D 729 -51.50 32.68 22.29
CA VAL D 729 -52.98 32.84 22.15
C VAL D 729 -53.67 31.65 22.85
N GLU D 730 -52.88 30.68 23.32
CA GLU D 730 -53.43 29.41 23.84
C GLU D 730 -53.95 29.61 25.26
N ILE D 731 -53.08 30.10 26.13
CA ILE D 731 -53.34 30.23 27.61
C ILE D 731 -54.49 31.21 27.85
N GLU D 732 -54.62 32.24 27.00
CA GLU D 732 -55.75 33.21 27.10
C GLU D 732 -57.08 32.46 27.05
N ASP D 733 -57.25 31.60 26.02
CA ASP D 733 -58.49 30.81 25.87
C ASP D 733 -58.60 29.79 27.01
N GLN D 734 -57.47 29.20 27.43
CA GLN D 734 -57.51 28.23 28.57
C GLN D 734 -58.00 28.95 29.83
N VAL D 735 -57.54 30.18 30.05
CA VAL D 735 -58.08 31.06 31.13
C VAL D 735 -59.58 31.31 30.91
N GLU D 736 -59.97 31.81 29.71
CA GLU D 736 -61.39 32.20 29.44
C GLU D 736 -62.34 31.04 29.76
N GLY D 737 -62.01 29.82 29.31
CA GLY D 737 -62.85 28.64 29.58
C GLY D 737 -62.74 28.18 31.03
N LEU D 738 -61.61 28.50 31.66
CA LEU D 738 -61.42 28.30 33.13
C LEU D 738 -62.43 29.17 33.90
N GLN D 739 -62.50 30.46 33.56
CA GLN D 739 -63.42 31.43 34.24
C GLN D 739 -64.88 31.10 33.90
N PHE D 740 -65.12 30.57 32.68
CA PHE D 740 -66.49 30.19 32.26
C PHE D 740 -66.97 29.00 33.10
N VAL D 741 -66.19 27.92 33.06
CA VAL D 741 -66.52 26.66 33.81
C VAL D 741 -66.84 27.02 35.27
N ALA D 742 -66.10 27.98 35.83
CA ALA D 742 -66.31 28.42 37.22
C ALA D 742 -67.69 29.07 37.35
N GLU D 743 -68.07 29.90 36.37
CA GLU D 743 -69.38 30.59 36.42
C GLU D 743 -70.50 29.56 36.20
N LYS D 744 -70.34 28.64 35.23
CA LYS D 744 -71.42 27.66 34.92
C LYS D 744 -71.62 26.72 36.10
N TYR D 745 -70.60 25.93 36.44
CA TYR D 745 -70.79 24.73 37.30
C TYR D 745 -70.78 25.10 38.80
N GLY D 746 -69.92 26.04 39.19
CA GLY D 746 -69.95 26.59 40.55
C GLY D 746 -69.38 25.65 41.61
N PHE D 747 -68.44 24.78 41.22
CA PHE D 747 -67.67 23.98 42.22
C PHE D 747 -66.17 24.20 42.02
N ILE D 748 -65.77 25.12 41.15
CA ILE D 748 -64.32 25.34 40.83
C ILE D 748 -63.73 26.32 41.86
N ASP D 749 -62.54 26.01 42.39
CA ASP D 749 -61.82 26.97 43.27
C ASP D 749 -60.69 27.60 42.46
N LEU D 750 -60.87 28.85 42.01
CA LEU D 750 -59.90 29.49 41.08
C LEU D 750 -58.61 29.84 41.82
N SER D 751 -58.59 29.65 43.15
CA SER D 751 -57.41 29.93 44.01
C SER D 751 -56.45 28.73 44.04
N ARG D 752 -56.91 27.56 43.56
CA ARG D 752 -56.08 26.33 43.56
C ARG D 752 -56.19 25.66 42.19
N VAL D 753 -55.71 26.32 41.13
CA VAL D 753 -55.77 25.70 39.78
C VAL D 753 -54.37 25.18 39.39
N ALA D 754 -54.31 23.94 38.91
CA ALA D 754 -53.04 23.35 38.42
C ALA D 754 -53.13 23.13 36.90
N ILE D 755 -52.17 23.67 36.15
CA ILE D 755 -52.08 23.42 34.68
C ILE D 755 -51.13 22.24 34.46
N HIS D 756 -51.54 21.27 33.64
CA HIS D 756 -50.73 20.03 33.47
C HIS D 756 -51.02 19.44 32.08
N GLY D 757 -49.96 18.99 31.40
CA GLY D 757 -50.07 18.39 30.07
C GLY D 757 -48.76 17.77 29.63
N TRP D 758 -48.81 16.83 28.69
CA TRP D 758 -47.59 16.20 28.13
C TRP D 758 -47.32 16.76 26.73
N SER D 759 -46.10 16.61 26.24
CA SER D 759 -45.69 17.09 24.89
C SER D 759 -46.00 18.59 24.75
N TYR D 760 -46.78 19.00 23.71
CA TYR D 760 -47.22 20.41 23.56
C TYR D 760 -47.90 20.87 24.86
N GLY D 761 -48.66 19.96 25.48
CA GLY D 761 -49.30 20.25 26.79
C GLY D 761 -48.28 20.76 27.78
N GLY D 762 -47.14 20.07 27.89
CA GLY D 762 -46.03 20.53 28.75
C GLY D 762 -45.60 21.93 28.37
N PHE D 763 -45.34 22.16 27.08
CA PHE D 763 -44.99 23.51 26.57
C PHE D 763 -46.04 24.54 27.03
N LEU D 764 -47.33 24.17 26.94
CA LEU D 764 -48.43 25.08 27.37
C LEU D 764 -48.42 25.28 28.88
N SER D 765 -48.25 24.20 29.66
CA SER D 765 -48.19 24.32 31.14
C SER D 765 -47.22 25.43 31.57
N LEU D 766 -46.07 25.54 30.90
CA LEU D 766 -44.99 26.51 31.26
C LEU D 766 -45.31 27.92 30.74
N MET D 767 -46.11 28.06 29.68
CA MET D 767 -46.64 29.40 29.31
C MET D 767 -47.62 29.85 30.39
N GLY D 768 -48.57 28.98 30.75
CA GLY D 768 -49.47 29.23 31.88
C GLY D 768 -48.72 29.85 33.05
N LEU D 769 -47.63 29.21 33.48
CA LEU D 769 -46.92 29.62 34.72
C LEU D 769 -46.13 30.92 34.48
N ILE D 770 -45.82 31.24 33.22
CA ILE D 770 -45.07 32.49 32.92
C ILE D 770 -46.07 33.65 32.82
N HIS D 771 -47.03 33.58 31.88
CA HIS D 771 -47.91 34.72 31.53
C HIS D 771 -49.13 34.80 32.45
N LYS D 772 -49.36 33.79 33.30
CA LYS D 772 -50.58 33.76 34.16
C LYS D 772 -50.27 33.10 35.50
N PRO D 773 -49.26 33.56 36.27
CA PRO D 773 -48.93 32.98 37.57
C PRO D 773 -49.95 33.29 38.69
N GLN D 774 -50.82 34.27 38.46
CA GLN D 774 -51.95 34.55 39.40
C GLN D 774 -53.13 33.63 39.05
N VAL D 775 -53.13 32.99 37.88
CA VAL D 775 -54.18 31.98 37.53
C VAL D 775 -53.74 30.61 38.03
N PHE D 776 -52.55 30.16 37.62
CA PHE D 776 -52.10 28.76 37.87
C PHE D 776 -51.08 28.72 39.01
N LYS D 777 -51.42 28.00 40.08
CA LYS D 777 -50.58 27.91 41.30
C LYS D 777 -49.41 26.98 41.04
N VAL D 778 -49.67 25.78 40.51
CA VAL D 778 -48.57 24.83 40.16
C VAL D 778 -48.69 24.49 38.67
N ALA D 779 -47.56 24.15 38.05
CA ALA D 779 -47.54 23.55 36.69
C ALA D 779 -46.85 22.20 36.76
N ILE D 780 -47.38 21.19 36.07
CA ILE D 780 -46.62 19.94 35.76
C ILE D 780 -46.49 19.85 34.23
N ALA D 781 -45.32 20.20 33.69
CA ALA D 781 -45.06 20.14 32.23
C ALA D 781 -44.42 18.81 31.86
N GLY D 782 -45.00 18.10 30.89
CA GLY D 782 -44.42 16.85 30.36
C GLY D 782 -43.86 17.03 28.96
N ALA D 783 -42.60 16.64 28.76
CA ALA D 783 -41.97 16.59 27.41
C ALA D 783 -42.12 17.92 26.69
N PRO D 784 -41.71 19.06 27.29
CA PRO D 784 -41.95 20.36 26.67
C PRO D 784 -40.92 20.70 25.59
N VAL D 785 -41.38 21.38 24.53
CA VAL D 785 -40.47 22.18 23.65
C VAL D 785 -40.16 23.49 24.39
N THR D 786 -38.99 23.54 25.02
CA THR D 786 -38.51 24.73 25.75
C THR D 786 -37.80 25.67 24.78
N VAL D 787 -37.36 25.14 23.64
CA VAL D 787 -36.59 25.92 22.62
C VAL D 787 -37.14 25.52 21.24
N TRP D 788 -37.78 26.48 20.54
CA TRP D 788 -38.32 26.18 19.20
C TRP D 788 -37.17 26.00 18.19
N MET D 789 -36.11 26.81 18.31
CA MET D 789 -34.94 26.72 17.39
C MET D 789 -34.32 25.33 17.41
N ALA D 790 -34.54 24.54 18.47
CA ALA D 790 -33.96 23.18 18.58
C ALA D 790 -34.95 22.12 18.10
N TYR D 791 -36.04 22.52 17.44
CA TYR D 791 -37.09 21.56 16.99
C TYR D 791 -37.08 21.46 15.46
N ASP D 792 -37.72 20.43 14.91
CA ASP D 792 -37.53 20.11 13.47
C ASP D 792 -38.24 21.16 12.59
N THR D 793 -37.86 21.14 11.30
CA THR D 793 -38.39 22.04 10.26
C THR D 793 -39.89 21.76 10.04
N GLY D 794 -40.20 20.58 9.51
CA GLY D 794 -41.56 20.25 9.07
C GLY D 794 -42.63 20.78 10.01
N TYR D 795 -42.46 20.57 11.32
CA TYR D 795 -43.47 21.03 12.31
C TYR D 795 -43.28 22.53 12.57
N THR D 796 -42.08 22.93 12.99
CA THR D 796 -41.84 24.34 13.38
C THR D 796 -42.08 25.31 12.22
N GLU D 797 -41.45 25.06 11.06
CA GLU D 797 -41.51 25.97 9.88
C GLU D 797 -42.97 26.17 9.45
N ARG D 798 -43.73 25.08 9.34
CA ARG D 798 -45.13 25.11 8.86
C ARG D 798 -45.99 26.04 9.74
N TYR D 799 -45.68 26.13 11.04
CA TYR D 799 -46.53 26.92 11.99
C TYR D 799 -45.84 28.23 12.38
N MET D 800 -44.51 28.23 12.46
CA MET D 800 -43.75 29.35 13.09
C MET D 800 -42.87 30.08 12.08
N ASP D 801 -42.52 29.45 10.94
CA ASP D 801 -41.67 30.09 9.90
C ASP D 801 -40.19 29.77 10.18
N VAL D 802 -39.27 30.44 9.47
CA VAL D 802 -37.80 30.30 9.66
C VAL D 802 -37.37 31.19 10.82
N PRO D 803 -36.35 30.86 11.66
CA PRO D 803 -36.00 31.76 12.76
C PRO D 803 -35.58 33.15 12.25
N GLU D 804 -35.03 33.17 11.02
CA GLU D 804 -34.55 34.40 10.32
C GLU D 804 -35.71 35.35 9.93
N ASN D 805 -36.94 34.84 9.83
CA ASN D 805 -38.10 35.67 9.38
C ASN D 805 -39.10 35.86 10.53
N ASN D 806 -39.00 35.06 11.59
CA ASN D 806 -39.92 35.19 12.75
C ASN D 806 -39.08 35.17 14.03
N GLN D 807 -38.22 36.18 14.22
CA GLN D 807 -37.36 36.26 15.43
C GLN D 807 -38.27 36.48 16.65
N HIS D 808 -39.16 37.48 16.55
CA HIS D 808 -40.05 37.88 17.67
C HIS D 808 -40.85 36.66 18.16
N GLY D 809 -41.41 35.88 17.22
CA GLY D 809 -42.33 34.77 17.56
C GLY D 809 -41.59 33.58 18.14
N TYR D 810 -40.41 33.24 17.60
CA TYR D 810 -39.56 32.17 18.17
C TYR D 810 -39.13 32.54 19.60
N GLU D 811 -38.84 33.83 19.83
CA GLU D 811 -38.26 34.29 21.11
C GLU D 811 -39.37 34.43 22.16
N ALA D 812 -40.61 34.77 21.76
CA ALA D 812 -41.70 34.99 22.73
C ALA D 812 -42.31 33.64 23.18
N GLY D 813 -42.29 32.64 22.30
CA GLY D 813 -42.95 31.34 22.56
C GLY D 813 -41.95 30.27 22.94
N SER D 814 -40.74 30.65 23.34
CA SER D 814 -39.70 29.68 23.81
C SER D 814 -39.58 29.77 25.34
N VAL D 815 -40.25 28.86 26.07
CA VAL D 815 -40.40 29.02 27.55
C VAL D 815 -39.01 29.00 28.23
N ALA D 816 -37.98 28.45 27.58
CA ALA D 816 -36.62 28.44 28.17
C ALA D 816 -36.08 29.88 28.26
N LEU D 817 -36.42 30.74 27.30
CA LEU D 817 -35.84 32.12 27.24
C LEU D 817 -36.56 33.06 28.21
N HIS D 818 -37.59 32.59 28.93
CA HIS D 818 -38.37 33.46 29.86
C HIS D 818 -38.36 32.85 31.26
N VAL D 819 -37.20 32.36 31.71
CA VAL D 819 -37.12 31.62 33.00
C VAL D 819 -37.26 32.62 34.15
N GLU D 820 -36.83 33.88 33.96
CA GLU D 820 -36.94 34.89 35.04
C GLU D 820 -38.41 35.16 35.39
N LYS D 821 -39.36 34.79 34.51
CA LYS D 821 -40.81 34.99 34.78
C LYS D 821 -41.41 33.77 35.51
N LEU D 822 -40.60 32.75 35.81
CA LEU D 822 -41.09 31.55 36.56
C LEU D 822 -41.02 31.85 38.05
N PRO D 823 -41.80 31.13 38.90
CA PRO D 823 -41.90 31.47 40.31
C PRO D 823 -40.55 31.50 41.05
N ASN D 824 -40.40 32.44 41.97
CA ASN D 824 -39.33 32.42 43.01
C ASN D 824 -39.72 31.43 44.12
N GLU D 825 -41.01 31.08 44.19
CA GLU D 825 -41.54 30.10 45.17
C GLU D 825 -41.26 28.68 44.66
N PRO D 826 -40.75 27.76 45.51
CA PRO D 826 -40.65 26.34 45.14
C PRO D 826 -41.96 25.56 45.29
N ASN D 827 -42.00 24.34 44.74
CA ASN D 827 -43.19 23.43 44.80
C ASN D 827 -44.27 23.87 43.80
N ARG D 828 -43.98 24.91 43.00
CA ARG D 828 -44.97 25.47 42.02
C ARG D 828 -44.68 24.96 40.60
N LEU D 829 -43.65 24.12 40.40
CA LEU D 829 -43.25 23.72 39.02
C LEU D 829 -42.62 22.32 39.01
N LEU D 830 -43.27 21.36 38.33
CA LEU D 830 -42.73 19.98 38.21
C LEU D 830 -42.45 19.67 36.74
N ILE D 831 -41.22 19.24 36.44
CA ILE D 831 -40.78 18.94 35.05
C ILE D 831 -40.67 17.41 34.90
N LEU D 832 -41.22 16.83 33.84
CA LEU D 832 -41.04 15.38 33.56
C LEU D 832 -40.40 15.26 32.19
N HIS D 833 -39.62 14.19 31.95
CA HIS D 833 -39.09 13.97 30.59
C HIS D 833 -38.58 12.52 30.46
N GLY D 834 -38.98 11.83 29.39
CA GLY D 834 -38.33 10.56 29.00
C GLY D 834 -36.92 10.80 28.51
N PHE D 835 -35.98 9.90 28.85
CA PHE D 835 -34.54 10.13 28.58
C PHE D 835 -34.19 9.77 27.13
N LEU D 836 -35.02 8.95 26.48
CA LEU D 836 -34.73 8.48 25.09
C LEU D 836 -35.65 9.22 24.12
N ASP D 837 -36.27 10.33 24.55
CA ASP D 837 -37.22 11.09 23.68
C ASP D 837 -36.45 11.63 22.46
N GLU D 838 -36.58 10.93 21.32
CA GLU D 838 -35.95 11.35 20.03
C GLU D 838 -36.86 12.39 19.34
N ASN D 839 -38.10 12.54 19.82
CA ASN D 839 -39.04 13.58 19.29
C ASN D 839 -38.65 14.93 19.90
N VAL D 840 -38.90 15.05 21.21
CA VAL D 840 -38.47 16.23 22.00
C VAL D 840 -37.16 15.83 22.69
N HIS D 841 -36.04 16.36 22.22
CA HIS D 841 -34.74 15.94 22.78
C HIS D 841 -34.75 16.27 24.27
N PHE D 842 -34.24 15.36 25.13
CA PHE D 842 -34.12 15.67 26.59
C PHE D 842 -33.41 17.02 26.76
N PHE D 843 -32.53 17.38 25.81
CA PHE D 843 -31.90 18.73 25.76
C PHE D 843 -32.91 19.83 26.14
N HIS D 844 -34.16 19.73 25.64
CA HIS D 844 -35.18 20.78 25.90
C HIS D 844 -35.26 21.05 27.40
N THR D 845 -35.59 20.01 28.18
CA THR D 845 -35.64 20.07 29.66
C THR D 845 -34.23 20.38 30.18
N ASN D 846 -33.24 19.64 29.70
CA ASN D 846 -31.83 19.89 30.11
C ASN D 846 -31.49 21.38 29.96
N PHE D 847 -32.02 22.03 28.91
CA PHE D 847 -31.69 23.45 28.64
C PHE D 847 -32.54 24.36 29.54
N LEU D 848 -33.76 23.96 29.85
CA LEU D 848 -34.58 24.73 30.82
C LEU D 848 -33.91 24.64 32.20
N VAL D 849 -33.51 23.43 32.62
CA VAL D 849 -32.80 23.24 33.91
C VAL D 849 -31.53 24.11 33.91
N SER D 850 -30.87 24.24 32.74
CA SER D 850 -29.72 25.16 32.61
C SER D 850 -30.16 26.60 32.93
N GLN D 851 -31.25 27.06 32.32
CA GLN D 851 -31.68 28.49 32.42
C GLN D 851 -32.37 28.76 33.75
N LEU D 852 -33.14 27.79 34.28
CA LEU D 852 -33.74 27.90 35.66
C LEU D 852 -32.65 28.22 36.68
N ILE D 853 -31.56 27.43 36.65
CA ILE D 853 -30.36 27.59 37.54
C ILE D 853 -29.73 28.98 37.34
N ARG D 854 -29.61 29.44 36.10
CA ARG D 854 -28.91 30.72 35.79
C ARG D 854 -29.77 31.91 36.26
N ALA D 855 -31.08 31.71 36.43
CA ALA D 855 -31.96 32.77 36.99
C ALA D 855 -32.19 32.54 38.48
N GLY D 856 -31.78 31.37 38.99
CA GLY D 856 -31.91 31.06 40.43
C GLY D 856 -33.34 30.71 40.79
N LYS D 857 -34.07 30.07 39.87
CA LYS D 857 -35.47 29.64 40.17
C LYS D 857 -35.41 28.19 40.60
N PRO D 858 -36.28 27.77 41.57
CA PRO D 858 -36.32 26.38 42.00
C PRO D 858 -36.98 25.48 40.95
N TYR D 859 -36.85 24.16 41.10
CA TYR D 859 -37.60 23.23 40.22
C TYR D 859 -37.66 21.86 40.89
N GLN D 860 -38.71 21.09 40.57
CA GLN D 860 -38.66 19.63 40.79
C GLN D 860 -38.48 18.99 39.42
N LEU D 861 -38.08 17.72 39.37
CA LEU D 861 -37.75 17.07 38.09
C LEU D 861 -37.87 15.55 38.23
N GLN D 862 -38.44 14.91 37.20
CA GLN D 862 -38.59 13.43 37.13
C GLN D 862 -38.11 12.97 35.75
N ILE D 863 -37.19 11.99 35.71
CA ILE D 863 -36.70 11.41 34.42
C ILE D 863 -37.49 10.11 34.16
N TYR D 864 -37.66 9.75 32.89
CA TYR D 864 -38.12 8.37 32.57
C TYR D 864 -37.01 7.73 31.75
N PRO D 865 -36.01 7.09 32.42
CA PRO D 865 -34.80 6.59 31.76
C PRO D 865 -35.00 5.59 30.63
N ASN D 866 -36.21 5.00 30.56
CA ASN D 866 -36.54 3.98 29.54
C ASN D 866 -37.80 4.42 28.77
N GLU D 867 -37.90 5.71 28.44
CA GLU D 867 -39.15 6.21 27.80
C GLU D 867 -38.81 7.31 26.80
N ARG D 868 -39.49 7.31 25.66
CA ARG D 868 -39.36 8.40 24.67
C ARG D 868 -40.50 9.41 24.91
N HIS D 869 -41.32 9.71 23.90
CA HIS D 869 -42.33 10.80 24.03
C HIS D 869 -43.57 10.31 24.77
N SER D 870 -44.00 9.06 24.51
CA SER D 870 -45.11 8.44 25.28
C SER D 870 -44.52 7.75 26.52
N ILE D 871 -45.37 7.19 27.38
CA ILE D 871 -44.85 6.32 28.49
C ILE D 871 -45.38 4.88 28.28
N ARG D 872 -44.60 4.06 27.57
CA ARG D 872 -45.03 2.67 27.22
C ARG D 872 -45.14 1.85 28.51
N CYS D 873 -44.03 1.66 29.22
CA CYS D 873 -43.94 0.71 30.36
C CYS D 873 -44.80 1.20 31.54
N PRO D 874 -45.72 0.34 32.05
CA PRO D 874 -46.68 0.77 33.08
C PRO D 874 -46.03 1.06 34.44
N GLU D 875 -45.04 0.28 34.84
CA GLU D 875 -44.27 0.61 36.06
C GLU D 875 -44.00 2.12 36.10
N SER D 876 -43.57 2.70 34.98
CA SER D 876 -43.43 4.18 34.85
C SER D 876 -44.81 4.85 34.91
N GLY D 877 -45.74 4.43 34.03
CA GLY D 877 -47.09 5.00 34.00
C GLY D 877 -47.63 5.23 35.40
N GLU D 878 -47.59 4.19 36.25
CA GLU D 878 -48.14 4.26 37.63
C GLU D 878 -47.38 5.34 38.40
N HIS D 879 -46.06 5.18 38.45
CA HIS D 879 -45.17 6.15 39.15
C HIS D 879 -45.56 7.58 38.73
N TYR D 880 -45.61 7.81 37.41
CA TYR D 880 -45.97 9.15 36.87
C TYR D 880 -47.26 9.62 37.53
N GLU D 881 -48.33 8.80 37.43
CA GLU D 881 -49.65 9.18 38.00
C GLU D 881 -49.51 9.35 39.51
N VAL D 882 -48.76 8.46 40.18
CA VAL D 882 -48.61 8.59 41.66
C VAL D 882 -47.96 9.94 41.97
N THR D 883 -46.87 10.27 41.27
CA THR D 883 -46.15 11.56 41.47
C THR D 883 -47.08 12.75 41.19
N LEU D 884 -47.99 12.60 40.22
CA LEU D 884 -48.97 13.68 39.92
C LEU D 884 -49.86 13.89 41.15
N LEU D 885 -50.41 12.80 41.70
CA LEU D 885 -51.35 12.89 42.85
C LEU D 885 -50.62 13.45 44.09
N HIS D 886 -49.38 13.02 44.31
CA HIS D 886 -48.58 13.51 45.46
C HIS D 886 -48.27 15.01 45.27
N PHE D 887 -47.73 15.38 44.10
CA PHE D 887 -47.34 16.79 43.86
C PHE D 887 -48.55 17.72 44.07
N LEU D 888 -49.75 17.32 43.59
CA LEU D 888 -50.96 18.18 43.71
C LEU D 888 -51.42 18.22 45.17
N GLN D 889 -51.44 17.04 45.82
CA GLN D 889 -51.91 16.91 47.22
C GLN D 889 -51.09 17.80 48.17
N GLU D 890 -49.76 17.79 48.06
CA GLU D 890 -48.89 18.49 49.05
C GLU D 890 -48.74 19.97 48.67
N TYR D 891 -48.98 20.35 47.40
CA TYR D 891 -48.64 21.72 46.93
C TYR D 891 -49.81 22.43 46.25
N LEU D 892 -51.03 21.87 46.30
CA LEU D 892 -52.24 22.56 45.76
C LEU D 892 -53.43 22.36 46.71
N MET E 1 47.70 -14.40 -14.81
CA MET E 1 47.97 -14.72 -16.26
C MET E 1 46.71 -14.38 -17.06
N PRO E 2 46.77 -13.87 -18.33
CA PRO E 2 45.53 -13.66 -19.06
C PRO E 2 45.04 -15.08 -19.38
N MET F 1 9.11 -10.11 -41.73
CA MET F 1 10.10 -10.89 -42.54
C MET F 1 11.23 -11.35 -41.61
N PRO F 2 12.10 -12.31 -42.02
CA PRO F 2 13.30 -12.63 -41.26
C PRO F 2 14.21 -11.39 -41.16
N MET G 1 -9.77 7.53 42.58
CA MET G 1 -10.87 8.37 43.14
C MET G 1 -12.06 8.30 42.17
N PRO G 2 -13.33 8.19 42.64
CA PRO G 2 -14.48 8.38 41.77
C PRO G 2 -14.36 9.76 41.09
N MET H 1 -47.25 16.83 14.66
CA MET H 1 -47.38 16.51 16.12
C MET H 1 -46.01 16.55 16.78
N PRO H 2 -45.78 17.38 17.84
CA PRO H 2 -44.59 17.25 18.67
C PRO H 2 -44.62 15.86 19.30
#